data_7PG8
#
_entry.id   7PG8
#
_cell.length_a   127.175
_cell.length_b   127.175
_cell.length_c   445.206
_cell.angle_alpha   90.000
_cell.angle_beta   90.000
_cell.angle_gamma   90.000
#
_symmetry.space_group_name_H-M   'P 43'
#
loop_
_entity.id
_entity.type
_entity.pdbx_description
1 polymer 'ANT05 H12 fab fragment, light chain'
2 polymer 'ANT05 H12 fab fragment, heavy chain'
3 polymer 'Ion transport protein,Voltage-gated sodium channel'
#
loop_
_entity_poly.entity_id
_entity_poly.type
_entity_poly.pdbx_seq_one_letter_code
_entity_poly.pdbx_strand_id
1 'polypeptide(L)'
;SDIQMTQSPSSLSASVGDRVTITCRASQSVSSAVAWYQQKPGKAPKLLIYSASSLYSGVPSRFSGSRSGTDFTLTISSLQ
PEDFATYYCQQYISYHEPITFGQGTKVEIKRTVAAPSVFIFPPSDSQLKSGTASVVCLLNNFYPREAKVQWKVDNALQSG
NSQESVTEQDSKDSTYSLSSTLTLSKADYEKHKVYACEVTHQGLSSPVTKSFNRGEC
;
P,M,V,S,G,D,J,A
2 'polypeptide(L)'
;EISEVQLVESGGGLVQPGGSLRLSCAASGFNLYSSSIHWVRQAPGKGLEWVASISPSSGSTYYADSVKGRFTISADTSKN
TAYLQMNSLRAEDTAVYYCARTSRGWISYGSGLDYWGQGTLVTVFNQIKGPSVFPLAPSSKSTSGGTAALGCLVKDYFPE
PVTVSWNSGALTSGVHTFPAVLQSSGLYSLSSVVTVPSSSLGTQTYICNVNHKPSNTKVDKKVEPKSCDKTHT
;
B,F,I,L,N,R,U,X
3 'polypeptide(L)'
;GPSSPSLLRAIPGIAWIALLLLVIFYVFAVMGTKLFAQSFPEWFGTLGASMYTLFQVMTLESWSMGIARPVIEAYPWAWI
YFVSFILVSSFTVLNLFIGIIIESMQSAHHAEDGERTDAYRDEVLARLEQIDQRLNALGETKK
;
C,E,H,K,O,Q,T,W
#
# COMPACT_ATOMS: atom_id res chain seq x y z
N SER A 1 -1.70 -55.50 -32.73
CA SER A 1 -2.34 -56.83 -33.01
C SER A 1 -1.45 -57.96 -32.46
N ASP A 2 -1.88 -59.20 -32.65
CA ASP A 2 -1.10 -60.43 -32.32
C ASP A 2 -1.66 -61.60 -33.13
N ILE A 3 -0.81 -62.57 -33.47
CA ILE A 3 -1.16 -63.77 -34.28
C ILE A 3 -0.52 -65.01 -33.65
N GLN A 4 -1.21 -66.14 -33.68
CA GLN A 4 -0.76 -67.42 -33.08
C GLN A 4 -1.24 -68.58 -33.95
N MET A 5 -0.66 -68.73 -35.15
CA MET A 5 -0.98 -69.82 -36.11
C MET A 5 -0.72 -71.18 -35.44
N THR A 6 -1.74 -71.71 -34.75
CA THR A 6 -1.70 -73.04 -34.06
C THR A 6 -1.96 -74.14 -35.09
N GLN A 7 -0.89 -74.73 -35.64
CA GLN A 7 -0.94 -75.82 -36.65
C GLN A 7 -1.13 -77.16 -35.92
N SER A 8 -1.85 -78.09 -36.54
CA SER A 8 -2.18 -79.44 -36.00
C SER A 8 -2.21 -80.45 -37.14
N PRO A 9 -1.92 -81.76 -36.89
CA PRO A 9 -1.56 -82.26 -35.56
C PRO A 9 -0.05 -82.24 -35.28
N SER A 10 0.36 -82.77 -34.12
CA SER A 10 1.78 -82.86 -33.67
C SER A 10 2.53 -83.90 -34.51
N SER A 11 2.34 -85.19 -34.20
CA SER A 11 2.88 -86.33 -34.97
C SER A 11 1.85 -86.79 -36.01
N LEU A 12 2.22 -86.74 -37.29
CA LEU A 12 1.35 -87.14 -38.43
C LEU A 12 2.07 -88.21 -39.27
N SER A 13 1.92 -89.48 -38.88
CA SER A 13 2.42 -90.67 -39.60
C SER A 13 1.29 -91.21 -40.49
N ALA A 14 1.58 -91.47 -41.78
CA ALA A 14 0.61 -91.95 -42.79
C ALA A 14 1.30 -92.84 -43.84
N SER A 15 0.52 -93.62 -44.58
CA SER A 15 0.97 -94.45 -45.74
C SER A 15 0.99 -93.59 -47.00
N VAL A 16 1.80 -93.97 -48.00
CA VAL A 16 1.90 -93.25 -49.31
C VAL A 16 0.56 -93.38 -50.04
N GLY A 17 0.30 -92.49 -51.00
CA GLY A 17 -0.93 -92.49 -51.83
C GLY A 17 -2.15 -91.95 -51.09
N ASP A 18 -2.16 -92.01 -49.74
CA ASP A 18 -3.31 -91.61 -48.90
C ASP A 18 -3.49 -90.09 -48.94
N ARG A 19 -4.68 -89.61 -48.58
CA ARG A 19 -5.03 -88.16 -48.51
C ARG A 19 -4.78 -87.64 -47.09
N VAL A 20 -4.03 -86.54 -46.96
CA VAL A 20 -3.60 -85.95 -45.67
C VAL A 20 -3.96 -84.47 -45.67
N THR A 21 -4.47 -83.96 -44.54
CA THR A 21 -4.89 -82.56 -44.33
C THR A 21 -4.11 -81.96 -43.16
N ILE A 22 -3.35 -80.90 -43.41
CA ILE A 22 -2.60 -80.10 -42.38
C ILE A 22 -3.43 -78.87 -42.04
N THR A 23 -3.99 -78.85 -40.82
CA THR A 23 -4.89 -77.76 -40.32
C THR A 23 -4.09 -76.81 -39.42
N CYS A 24 -4.46 -75.52 -39.42
CA CYS A 24 -3.88 -74.47 -38.55
C CYS A 24 -4.97 -73.48 -38.12
N ARG A 25 -5.00 -73.15 -36.82
CA ARG A 25 -6.04 -72.30 -36.17
C ARG A 25 -5.52 -70.88 -36.02
N ALA A 26 -6.29 -69.88 -36.45
CA ALA A 26 -5.97 -68.44 -36.31
C ALA A 26 -6.58 -67.92 -35.00
N SER A 27 -5.78 -67.20 -34.22
CA SER A 27 -6.21 -66.49 -32.98
C SER A 27 -7.21 -65.39 -33.33
N GLN A 28 -6.75 -64.34 -34.02
CA GLN A 28 -7.57 -63.16 -34.44
C GLN A 28 -7.91 -63.28 -35.93
N SER A 29 -8.67 -62.31 -36.46
CA SER A 29 -9.18 -62.26 -37.85
C SER A 29 -8.02 -62.25 -38.85
N VAL A 30 -7.42 -63.43 -39.12
CA VAL A 30 -6.42 -63.64 -40.20
C VAL A 30 -7.17 -63.71 -41.53
N SER A 31 -6.73 -62.94 -42.52
CA SER A 31 -7.44 -62.73 -43.81
C SER A 31 -7.08 -63.86 -44.79
N SER A 32 -7.47 -63.70 -46.06
CA SER A 32 -7.16 -64.62 -47.18
C SER A 32 -5.65 -64.73 -47.39
N ALA A 33 -4.90 -63.67 -47.06
CA ALA A 33 -3.42 -63.61 -47.21
C ALA A 33 -2.75 -64.56 -46.20
N VAL A 34 -2.98 -65.86 -46.36
CA VAL A 34 -2.38 -66.95 -45.55
C VAL A 34 -1.31 -67.63 -46.41
N ALA A 35 -0.22 -68.08 -45.79
CA ALA A 35 0.90 -68.79 -46.47
C ALA A 35 1.25 -70.05 -45.68
N TRP A 36 1.52 -71.16 -46.39
CA TRP A 36 2.05 -72.44 -45.84
C TRP A 36 3.25 -72.87 -46.68
N TYR A 37 4.29 -73.44 -46.06
CA TYR A 37 5.54 -73.91 -46.71
C TYR A 37 6.02 -75.21 -46.05
N GLN A 38 6.72 -76.05 -46.84
CA GLN A 38 7.22 -77.39 -46.42
C GLN A 38 8.68 -77.55 -46.88
N GLN A 39 9.54 -78.09 -46.01
CA GLN A 39 11.00 -78.24 -46.27
C GLN A 39 11.51 -79.58 -45.70
N LYS A 40 12.34 -80.29 -46.47
CA LYS A 40 13.06 -81.52 -46.05
C LYS A 40 14.04 -81.16 -44.93
N PRO A 41 14.53 -82.14 -44.15
CA PRO A 41 15.47 -81.87 -43.05
C PRO A 41 16.82 -81.35 -43.59
N GLY A 42 17.34 -80.28 -42.98
CA GLY A 42 18.55 -79.56 -43.43
C GLY A 42 18.39 -78.99 -44.83
N LYS A 43 17.15 -78.75 -45.26
CA LYS A 43 16.80 -78.23 -46.60
C LYS A 43 16.10 -76.88 -46.46
N ALA A 44 16.18 -76.04 -47.50
CA ALA A 44 15.68 -74.65 -47.54
C ALA A 44 14.16 -74.64 -47.47
N PRO A 45 13.53 -73.57 -46.92
CA PRO A 45 12.09 -73.34 -47.08
C PRO A 45 11.62 -73.47 -48.54
N LYS A 46 10.45 -74.09 -48.74
CA LYS A 46 9.73 -74.16 -50.06
C LYS A 46 8.30 -73.68 -49.83
N LEU A 47 8.02 -72.40 -50.16
CA LEU A 47 6.68 -71.79 -50.10
C LEU A 47 5.70 -72.67 -50.90
N LEU A 48 4.73 -73.29 -50.20
CA LEU A 48 3.79 -74.30 -50.76
C LEU A 48 2.58 -73.57 -51.35
N ILE A 49 1.80 -72.89 -50.51
CA ILE A 49 0.50 -72.23 -50.89
C ILE A 49 0.63 -70.71 -50.69
N TYR A 50 0.42 -69.94 -51.77
CA TYR A 50 0.35 -68.44 -51.78
C TYR A 50 -1.12 -68.02 -51.81
N SER A 51 -1.46 -66.95 -51.09
CA SER A 51 -2.83 -66.40 -50.92
C SER A 51 -3.82 -67.54 -50.59
N ALA A 52 -3.34 -68.59 -49.92
CA ALA A 52 -4.13 -69.72 -49.36
C ALA A 52 -4.75 -70.60 -50.46
N SER A 53 -4.42 -70.37 -51.74
CA SER A 53 -4.98 -71.12 -52.90
C SER A 53 -3.95 -71.23 -54.02
N SER A 54 -3.19 -70.16 -54.28
CA SER A 54 -2.20 -70.04 -55.38
C SER A 54 -0.94 -70.89 -55.10
N LEU A 55 -0.73 -71.94 -55.91
CA LEU A 55 0.51 -72.76 -55.89
C LEU A 55 1.61 -71.95 -56.59
N TYR A 56 2.79 -71.84 -55.96
CA TYR A 56 3.96 -71.09 -56.51
C TYR A 56 4.36 -71.71 -57.86
N SER A 57 4.79 -70.88 -58.82
CA SER A 57 5.18 -71.30 -60.19
C SER A 57 6.16 -72.46 -60.12
N GLY A 58 5.68 -73.68 -60.41
CA GLY A 58 6.48 -74.92 -60.36
C GLY A 58 5.98 -75.88 -59.28
N VAL A 59 5.20 -75.38 -58.32
CA VAL A 59 4.58 -76.18 -57.22
C VAL A 59 3.62 -77.19 -57.84
N PRO A 60 3.76 -78.51 -57.54
CA PRO A 60 2.82 -79.52 -58.03
C PRO A 60 1.39 -79.33 -57.53
N SER A 61 0.40 -79.79 -58.31
CA SER A 61 -1.05 -79.70 -58.04
C SER A 61 -1.46 -80.70 -56.95
N ARG A 62 -0.58 -81.65 -56.62
CA ARG A 62 -0.81 -82.77 -55.66
C ARG A 62 -1.37 -82.26 -54.32
N PHE A 63 -1.01 -81.04 -53.93
CA PHE A 63 -1.41 -80.40 -52.64
C PHE A 63 -2.24 -79.15 -52.90
N SER A 64 -3.06 -78.78 -51.92
CA SER A 64 -3.97 -77.60 -51.97
C SER A 64 -4.35 -77.16 -50.56
N GLY A 65 -4.58 -75.85 -50.39
CA GLY A 65 -4.99 -75.21 -49.12
C GLY A 65 -6.41 -74.67 -49.20
N SER A 66 -7.16 -74.80 -48.10
CA SER A 66 -8.55 -74.28 -47.95
C SER A 66 -8.59 -73.31 -46.77
N ARG A 67 -9.58 -72.40 -46.79
CA ARG A 67 -9.81 -71.36 -45.75
C ARG A 67 -11.22 -71.52 -45.17
N SER A 68 -11.32 -71.52 -43.82
CA SER A 68 -12.59 -71.53 -43.05
C SER A 68 -12.46 -70.55 -41.88
N GLY A 69 -12.48 -69.25 -42.19
CA GLY A 69 -12.30 -68.14 -41.22
C GLY A 69 -11.07 -68.35 -40.35
N THR A 70 -11.30 -68.65 -39.07
CA THR A 70 -10.26 -68.94 -38.05
C THR A 70 -9.45 -70.17 -38.46
N ASP A 71 -10.13 -71.22 -38.93
CA ASP A 71 -9.51 -72.48 -39.41
C ASP A 71 -8.93 -72.24 -40.81
N PHE A 72 -7.62 -72.45 -40.99
CA PHE A 72 -6.95 -72.52 -42.31
C PHE A 72 -6.28 -73.89 -42.43
N THR A 73 -6.53 -74.62 -43.53
CA THR A 73 -6.10 -76.03 -43.71
C THR A 73 -5.50 -76.25 -45.10
N LEU A 74 -4.33 -76.91 -45.14
CA LEU A 74 -3.67 -77.42 -46.36
C LEU A 74 -3.90 -78.94 -46.45
N THR A 75 -3.92 -79.50 -47.66
CA THR A 75 -4.19 -80.93 -47.91
C THR A 75 -3.49 -81.41 -49.19
N ILE A 76 -2.96 -82.63 -49.16
CA ILE A 76 -2.43 -83.38 -50.34
C ILE A 76 -3.05 -84.78 -50.34
N SER A 77 -3.47 -85.26 -51.52
CA SER A 77 -4.24 -86.51 -51.71
C SER A 77 -3.33 -87.65 -52.20
N SER A 78 -2.27 -87.34 -52.95
CA SER A 78 -1.33 -88.32 -53.54
C SER A 78 0.09 -88.09 -52.98
N LEU A 79 0.65 -89.10 -52.31
CA LEU A 79 2.04 -89.05 -51.76
C LEU A 79 3.02 -88.92 -52.93
N GLN A 80 3.67 -87.76 -53.03
CA GLN A 80 4.83 -87.50 -53.92
C GLN A 80 6.07 -88.10 -53.27
N PRO A 81 7.18 -88.34 -54.02
CA PRO A 81 8.41 -88.84 -53.42
C PRO A 81 8.82 -88.06 -52.16
N GLU A 82 8.54 -86.76 -52.13
CA GLU A 82 8.69 -85.88 -50.93
C GLU A 82 7.57 -86.20 -49.93
N ASP A 83 7.42 -87.48 -49.56
CA ASP A 83 6.38 -87.96 -48.61
C ASP A 83 6.70 -87.41 -47.22
N PHE A 84 7.82 -87.86 -46.64
CA PHE A 84 8.42 -87.28 -45.41
C PHE A 84 8.65 -85.78 -45.65
N ALA A 85 7.94 -84.94 -44.88
CA ALA A 85 7.94 -83.46 -45.01
C ALA A 85 7.59 -82.82 -43.68
N THR A 86 7.65 -81.48 -43.61
CA THR A 86 7.15 -80.65 -42.49
C THR A 86 6.10 -79.67 -43.03
N TYR A 87 5.30 -79.08 -42.15
CA TYR A 87 4.20 -78.14 -42.52
C TYR A 87 4.06 -77.05 -41.45
N TYR A 88 4.30 -75.79 -41.82
CA TYR A 88 4.05 -74.61 -40.97
C TYR A 88 3.43 -73.49 -41.81
N CYS A 89 2.39 -72.86 -41.27
CA CYS A 89 1.68 -71.69 -41.85
C CYS A 89 2.56 -70.43 -41.78
N GLN A 90 2.06 -69.32 -42.33
CA GLN A 90 2.68 -67.98 -42.22
C GLN A 90 1.56 -66.93 -42.37
N GLN A 91 1.34 -66.16 -41.29
CA GLN A 91 0.30 -65.12 -41.16
C GLN A 91 0.92 -63.75 -41.43
N TYR A 92 0.37 -63.00 -42.40
CA TYR A 92 0.94 -61.74 -42.92
C TYR A 92 -0.02 -60.57 -42.67
N ILE A 93 0.54 -59.38 -42.47
CA ILE A 93 -0.14 -58.07 -42.77
C ILE A 93 0.53 -57.52 -44.03
N SER A 94 -0.24 -56.94 -44.95
CA SER A 94 0.25 -56.35 -46.24
C SER A 94 1.51 -55.53 -45.94
N TYR A 95 1.42 -54.70 -44.90
CA TYR A 95 2.55 -54.03 -44.21
C TYR A 95 2.02 -53.44 -42.90
N HIS A 96 2.24 -54.13 -41.78
CA HIS A 96 1.73 -53.75 -40.44
C HIS A 96 2.54 -54.42 -39.32
N GLU A 97 2.18 -54.13 -38.07
CA GLU A 97 2.92 -54.52 -36.84
C GLU A 97 3.15 -56.02 -36.79
N PRO A 98 2.11 -56.88 -36.91
CA PRO A 98 2.24 -58.30 -36.58
C PRO A 98 2.81 -59.19 -37.70
N ILE A 99 3.80 -60.03 -37.35
CA ILE A 99 4.47 -61.05 -38.22
C ILE A 99 4.46 -62.38 -37.46
N THR A 100 4.11 -63.48 -38.12
CA THR A 100 4.01 -64.84 -37.51
C THR A 100 4.10 -65.92 -38.59
N PHE A 101 4.81 -67.01 -38.30
CA PHE A 101 4.82 -68.29 -39.06
C PHE A 101 4.45 -69.44 -38.12
N GLY A 102 4.08 -70.59 -38.70
CA GLY A 102 3.40 -71.71 -38.01
C GLY A 102 4.30 -72.40 -37.00
N GLN A 103 3.68 -73.09 -36.04
CA GLN A 103 4.36 -73.86 -34.95
C GLN A 103 4.84 -75.22 -35.50
N GLY A 104 4.60 -75.51 -36.79
CA GLY A 104 5.16 -76.67 -37.50
C GLY A 104 4.31 -77.92 -37.32
N THR A 105 4.17 -78.70 -38.40
CA THR A 105 3.44 -80.00 -38.45
C THR A 105 4.36 -81.05 -39.07
N LYS A 106 4.90 -81.95 -38.23
CA LYS A 106 5.76 -83.09 -38.66
C LYS A 106 4.90 -84.06 -39.48
N VAL A 107 5.21 -84.19 -40.78
CA VAL A 107 4.51 -85.09 -41.75
C VAL A 107 5.39 -86.33 -41.97
N GLU A 108 5.19 -87.36 -41.15
CA GLU A 108 5.98 -88.63 -41.16
C GLU A 108 5.29 -89.64 -42.05
N ILE A 109 6.08 -90.52 -42.70
CA ILE A 109 5.60 -91.66 -43.54
C ILE A 109 5.51 -92.90 -42.64
N LYS A 110 4.27 -93.35 -42.33
CA LYS A 110 3.99 -94.53 -41.48
C LYS A 110 4.38 -95.81 -42.22
N ARG A 111 5.29 -96.59 -41.64
CA ARG A 111 5.77 -97.88 -42.17
C ARG A 111 5.27 -99.03 -41.29
N THR A 112 5.67 -100.26 -41.61
CA THR A 112 5.32 -101.52 -40.88
C THR A 112 5.64 -101.35 -39.39
N VAL A 113 4.82 -101.97 -38.54
CA VAL A 113 5.03 -102.03 -37.05
C VAL A 113 6.12 -103.06 -36.76
N ALA A 114 7.38 -102.61 -36.75
CA ALA A 114 8.59 -103.46 -36.67
C ALA A 114 9.06 -103.59 -35.22
N ALA A 115 9.46 -104.80 -34.81
CA ALA A 115 10.03 -105.12 -33.49
C ALA A 115 11.34 -104.37 -33.30
N PRO A 116 11.43 -103.38 -32.38
CA PRO A 116 12.64 -102.59 -32.21
C PRO A 116 13.79 -103.41 -31.58
N SER A 117 14.85 -103.67 -32.35
CA SER A 117 16.08 -104.37 -31.88
C SER A 117 16.67 -103.59 -30.70
N VAL A 118 17.01 -104.29 -29.62
CA VAL A 118 17.45 -103.68 -28.34
C VAL A 118 18.75 -104.35 -27.87
N PHE A 119 19.63 -103.58 -27.22
CA PHE A 119 20.93 -104.03 -26.65
C PHE A 119 21.27 -103.14 -25.44
N ILE A 120 22.33 -103.52 -24.71
CA ILE A 120 22.84 -102.82 -23.49
C ILE A 120 24.26 -102.30 -23.76
N PHE A 121 24.62 -101.19 -23.13
CA PHE A 121 25.96 -100.55 -23.21
C PHE A 121 26.39 -100.13 -21.80
N PRO A 122 27.10 -101.01 -21.04
CA PRO A 122 27.55 -100.67 -19.70
C PRO A 122 28.80 -99.79 -19.75
N PRO A 123 29.03 -98.91 -18.74
CA PRO A 123 30.18 -98.02 -18.75
C PRO A 123 31.51 -98.77 -18.67
N SER A 124 32.50 -98.33 -19.44
CA SER A 124 33.90 -98.85 -19.43
C SER A 124 34.63 -98.29 -18.21
N ASP A 125 35.59 -99.05 -17.67
CA ASP A 125 36.50 -98.61 -16.59
C ASP A 125 37.18 -97.32 -17.04
N SER A 126 37.77 -97.33 -18.25
CA SER A 126 38.41 -96.18 -18.93
C SER A 126 37.49 -94.95 -18.87
N GLN A 127 36.22 -95.13 -19.27
CA GLN A 127 35.16 -94.08 -19.23
C GLN A 127 34.94 -93.65 -17.78
N LEU A 128 34.71 -94.62 -16.89
CA LEU A 128 34.43 -94.40 -15.44
C LEU A 128 35.61 -93.70 -14.75
N LYS A 129 36.83 -93.94 -15.23
CA LYS A 129 38.11 -93.47 -14.61
C LYS A 129 38.05 -91.98 -14.27
N SER A 130 37.44 -91.17 -15.13
CA SER A 130 37.40 -89.68 -15.06
C SER A 130 36.53 -89.20 -13.89
N GLY A 131 35.69 -90.08 -13.32
CA GLY A 131 34.79 -89.76 -12.20
C GLY A 131 33.38 -89.45 -12.66
N THR A 132 33.11 -89.62 -13.96
CA THR A 132 31.75 -89.56 -14.59
C THR A 132 31.44 -90.92 -15.20
N ALA A 133 30.24 -91.46 -14.93
CA ALA A 133 29.81 -92.83 -15.32
C ALA A 133 28.42 -92.77 -15.99
N SER A 134 28.27 -93.48 -17.11
CA SER A 134 27.02 -93.54 -17.93
C SER A 134 26.78 -94.96 -18.45
N VAL A 135 25.57 -95.48 -18.22
CA VAL A 135 25.04 -96.74 -18.82
C VAL A 135 24.07 -96.36 -19.94
N VAL A 136 24.21 -96.99 -21.11
CA VAL A 136 23.34 -96.77 -22.30
C VAL A 136 22.62 -98.08 -22.64
N CYS A 137 21.33 -97.99 -22.95
CA CYS A 137 20.48 -99.09 -23.46
C CYS A 137 20.14 -98.82 -24.93
N LEU A 138 20.50 -99.76 -25.82
CA LEU A 138 20.35 -99.65 -27.29
C LEU A 138 18.92 -99.98 -27.70
N LEU A 139 18.33 -99.17 -28.58
CA LEU A 139 17.02 -99.40 -29.23
C LEU A 139 17.12 -98.95 -30.70
N ASN A 140 17.51 -99.85 -31.61
CA ASN A 140 17.76 -99.56 -33.04
C ASN A 140 16.66 -100.20 -33.90
N ASN A 141 16.46 -99.67 -35.11
CA ASN A 141 15.50 -100.19 -36.13
C ASN A 141 14.13 -100.40 -35.46
N PHE A 142 13.49 -99.30 -35.06
CA PHE A 142 12.24 -99.26 -34.25
C PHE A 142 11.09 -98.71 -35.09
N TYR A 143 9.88 -99.20 -34.83
CA TYR A 143 8.59 -98.72 -35.40
C TYR A 143 7.44 -99.26 -34.56
N PRO A 144 6.53 -98.41 -34.04
CA PRO A 144 6.57 -96.97 -34.23
C PRO A 144 7.48 -96.23 -33.24
N ARG A 145 7.48 -94.89 -33.29
CA ARG A 145 8.29 -93.98 -32.43
C ARG A 145 7.81 -94.06 -30.98
N GLU A 146 6.50 -94.18 -30.76
CA GLU A 146 5.89 -94.29 -29.41
C GLU A 146 6.50 -95.48 -28.65
N ALA A 147 7.35 -95.19 -27.66
CA ALA A 147 8.03 -96.18 -26.79
C ALA A 147 8.23 -95.58 -25.40
N LYS A 148 8.37 -96.44 -24.38
CA LYS A 148 8.50 -96.06 -22.95
C LYS A 148 9.90 -96.47 -22.45
N VAL A 149 10.71 -95.48 -22.07
CA VAL A 149 12.06 -95.69 -21.44
C VAL A 149 11.86 -95.87 -19.93
N GLN A 150 12.26 -97.02 -19.39
CA GLN A 150 12.14 -97.38 -17.95
C GLN A 150 13.41 -98.11 -17.50
N TRP A 151 14.23 -97.45 -16.67
CA TRP A 151 15.52 -97.97 -16.15
C TRP A 151 15.36 -98.33 -14.67
N LYS A 152 16.09 -99.35 -14.21
CA LYS A 152 16.09 -99.84 -12.79
C LYS A 152 17.55 -100.07 -12.33
N VAL A 153 17.99 -99.32 -11.32
CA VAL A 153 19.33 -99.43 -10.68
C VAL A 153 19.22 -100.35 -9.46
N ASP A 154 19.84 -101.53 -9.54
CA ASP A 154 19.71 -102.62 -8.52
C ASP A 154 18.22 -103.00 -8.41
N ASN A 155 17.53 -103.08 -9.56
CA ASN A 155 16.08 -103.40 -9.68
C ASN A 155 15.22 -102.19 -9.27
N ALA A 156 15.84 -101.10 -8.81
CA ALA A 156 15.16 -99.87 -8.30
C ALA A 156 15.19 -98.78 -9.38
N LEU A 157 14.01 -98.37 -9.86
CA LEU A 157 13.83 -97.31 -10.89
C LEU A 157 14.39 -95.98 -10.36
N GLN A 158 15.06 -95.21 -11.23
CA GLN A 158 15.64 -93.87 -10.91
C GLN A 158 14.86 -92.81 -11.70
N SER A 159 15.21 -91.54 -11.51
CA SER A 159 14.61 -90.36 -12.20
C SER A 159 15.67 -89.25 -12.35
N GLY A 160 15.75 -88.65 -13.54
CA GLY A 160 16.56 -87.44 -13.82
C GLY A 160 17.99 -87.76 -14.23
N ASN A 161 18.38 -89.03 -14.19
CA ASN A 161 19.78 -89.50 -14.47
C ASN A 161 19.86 -90.13 -15.86
N SER A 162 19.02 -89.69 -16.81
CA SER A 162 18.96 -90.24 -18.20
C SER A 162 18.60 -89.13 -19.20
N GLN A 163 19.20 -89.20 -20.40
CA GLN A 163 18.84 -88.37 -21.58
C GLN A 163 18.41 -89.31 -22.72
N GLU A 164 17.33 -88.97 -23.43
CA GLU A 164 16.71 -89.81 -24.49
C GLU A 164 16.92 -89.15 -25.86
N SER A 165 17.35 -89.93 -26.86
CA SER A 165 17.58 -89.50 -28.27
C SER A 165 17.00 -90.56 -29.22
N VAL A 166 16.51 -90.14 -30.39
CA VAL A 166 15.83 -91.01 -31.38
C VAL A 166 16.18 -90.58 -32.80
N THR A 167 16.78 -91.49 -33.58
CA THR A 167 17.18 -91.30 -35.00
C THR A 167 15.94 -91.14 -35.88
N GLU A 168 16.12 -91.06 -37.20
CA GLU A 168 15.02 -91.05 -38.21
C GLU A 168 14.81 -92.48 -38.74
N GLN A 169 13.72 -92.72 -39.46
CA GLN A 169 13.41 -94.02 -40.11
C GLN A 169 14.56 -94.37 -41.07
N ASP A 170 15.00 -95.63 -41.07
CA ASP A 170 16.15 -96.14 -41.87
C ASP A 170 15.91 -95.87 -43.36
N SER A 171 16.98 -95.68 -44.12
CA SER A 171 16.95 -95.45 -45.59
C SER A 171 16.42 -96.68 -46.32
N LYS A 172 16.64 -97.88 -45.75
CA LYS A 172 16.22 -99.19 -46.30
C LYS A 172 15.10 -99.80 -45.43
N ASP A 173 15.37 -100.03 -44.14
CA ASP A 173 14.48 -100.73 -43.18
C ASP A 173 13.31 -99.83 -42.77
N SER A 174 13.37 -98.54 -43.08
CA SER A 174 12.34 -97.52 -42.72
C SER A 174 12.12 -97.51 -41.20
N THR A 175 13.05 -98.10 -40.45
CA THR A 175 12.99 -98.31 -38.97
C THR A 175 13.96 -97.36 -38.29
N TYR A 176 13.57 -96.78 -37.16
CA TYR A 176 14.32 -95.71 -36.45
C TYR A 176 15.13 -96.31 -35.28
N SER A 177 16.21 -95.63 -34.90
CA SER A 177 17.05 -95.97 -33.72
C SER A 177 16.76 -94.98 -32.59
N LEU A 178 16.80 -95.47 -31.35
CA LEU A 178 16.54 -94.69 -30.10
C LEU A 178 17.72 -94.89 -29.14
N SER A 179 18.25 -93.79 -28.63
CA SER A 179 19.43 -93.70 -27.73
C SER A 179 18.97 -93.25 -26.34
N SER A 180 19.21 -94.06 -25.31
CA SER A 180 18.84 -93.78 -23.90
C SER A 180 20.02 -94.12 -22.99
N THR A 181 20.72 -93.09 -22.49
CA THR A 181 21.93 -93.22 -21.64
C THR A 181 21.60 -92.82 -20.20
N LEU A 182 21.59 -93.79 -19.28
CA LEU A 182 21.51 -93.58 -17.81
C LEU A 182 22.91 -93.18 -17.32
N THR A 183 23.02 -92.03 -16.64
CA THR A 183 24.31 -91.42 -16.23
C THR A 183 24.18 -90.83 -14.82
N LEU A 184 25.09 -91.20 -13.91
CA LEU A 184 25.10 -90.73 -12.51
C LEU A 184 26.55 -90.64 -12.00
N SER A 185 26.71 -90.21 -10.75
CA SER A 185 28.02 -90.07 -10.04
C SER A 185 28.71 -91.43 -9.96
N LYS A 186 30.04 -91.43 -10.01
CA LYS A 186 30.90 -92.64 -9.94
C LYS A 186 30.53 -93.44 -8.67
N ALA A 187 30.36 -92.75 -7.55
CA ALA A 187 29.92 -93.30 -6.25
C ALA A 187 28.68 -94.18 -6.45
N ASP A 188 27.69 -93.66 -7.17
CA ASP A 188 26.40 -94.35 -7.47
C ASP A 188 26.66 -95.63 -8.27
N TYR A 189 27.57 -95.56 -9.26
CA TYR A 189 27.98 -96.70 -10.12
C TYR A 189 28.44 -97.88 -9.25
N GLU A 190 29.26 -97.59 -8.24
CA GLU A 190 29.78 -98.58 -7.26
C GLU A 190 28.69 -98.93 -6.25
N LYS A 191 27.81 -97.97 -5.92
CA LYS A 191 26.73 -98.09 -4.89
C LYS A 191 25.66 -99.11 -5.34
N HIS A 192 25.57 -99.39 -6.64
CA HIS A 192 24.64 -100.39 -7.22
C HIS A 192 25.43 -101.46 -7.98
N LYS A 193 24.95 -102.71 -7.98
CA LYS A 193 25.56 -103.86 -8.68
C LYS A 193 24.68 -104.23 -9.89
N VAL A 194 23.45 -104.68 -9.63
CA VAL A 194 22.43 -105.01 -10.67
C VAL A 194 22.10 -103.72 -11.45
N TYR A 195 22.37 -103.73 -12.75
CA TYR A 195 22.04 -102.64 -13.71
C TYR A 195 21.14 -103.22 -14.80
N ALA A 196 19.90 -102.71 -14.91
CA ALA A 196 18.85 -103.22 -15.82
C ALA A 196 17.97 -102.06 -16.33
N CYS A 197 17.22 -102.32 -17.41
CA CYS A 197 16.27 -101.36 -18.05
C CYS A 197 15.10 -102.12 -18.67
N GLU A 198 13.88 -101.59 -18.51
CA GLU A 198 12.62 -102.13 -19.05
C GLU A 198 12.17 -101.27 -20.24
N VAL A 199 12.07 -101.87 -21.43
CA VAL A 199 11.65 -101.19 -22.69
C VAL A 199 10.21 -101.59 -23.03
N THR A 200 9.33 -100.62 -23.22
CA THR A 200 7.89 -100.81 -23.56
C THR A 200 7.62 -100.26 -24.96
N HIS A 201 7.24 -101.12 -25.90
CA HIS A 201 6.84 -100.76 -27.28
C HIS A 201 5.91 -101.84 -27.87
N GLN A 202 5.07 -101.45 -28.84
CA GLN A 202 4.05 -102.31 -29.49
C GLN A 202 4.72 -103.56 -30.07
N GLY A 203 5.89 -103.39 -30.72
CA GLY A 203 6.71 -104.48 -31.26
C GLY A 203 7.09 -105.49 -30.19
N LEU A 204 7.31 -105.01 -28.95
CA LEU A 204 7.59 -105.85 -27.76
C LEU A 204 6.26 -106.38 -27.20
N SER A 205 5.72 -107.43 -27.83
CA SER A 205 4.49 -108.15 -27.40
C SER A 205 4.69 -108.61 -25.96
N SER A 206 5.68 -109.48 -25.74
CA SER A 206 6.38 -109.66 -24.45
C SER A 206 7.46 -108.59 -24.35
N PRO A 207 7.31 -107.54 -23.50
CA PRO A 207 8.38 -106.59 -23.27
C PRO A 207 9.62 -107.29 -22.69
N VAL A 208 10.78 -107.09 -23.32
CA VAL A 208 12.08 -107.73 -22.92
C VAL A 208 12.90 -106.72 -22.10
N THR A 209 13.66 -107.22 -21.12
CA THR A 209 14.58 -106.43 -20.26
C THR A 209 15.88 -107.22 -20.07
N LYS A 210 17.03 -106.62 -20.40
CA LYS A 210 18.39 -107.19 -20.20
C LYS A 210 19.02 -106.54 -18.98
N SER A 211 19.88 -107.27 -18.27
CA SER A 211 20.52 -106.86 -16.99
C SER A 211 22.03 -107.14 -17.01
N PHE A 212 22.77 -106.46 -16.13
CA PHE A 212 24.22 -106.65 -15.88
C PHE A 212 24.53 -106.28 -14.43
N ASN A 213 25.38 -107.09 -13.78
CA ASN A 213 25.87 -106.86 -12.38
C ASN A 213 27.22 -106.15 -12.45
N ARG A 214 27.50 -105.27 -11.49
CA ARG A 214 28.73 -104.42 -11.43
C ARG A 214 29.96 -105.34 -11.38
N GLY A 215 30.86 -105.22 -12.36
CA GLY A 215 32.05 -106.08 -12.52
C GLY A 215 31.83 -107.16 -13.58
N SER B 1 -20.42 -13.83 -15.45
CA SER B 1 -21.74 -13.99 -14.78
C SER B 1 -21.63 -13.57 -13.31
N ASP B 2 -22.74 -13.68 -12.57
CA ASP B 2 -22.78 -13.48 -11.09
C ASP B 2 -24.02 -14.19 -10.53
N ILE B 3 -23.93 -14.66 -9.28
CA ILE B 3 -24.97 -15.50 -8.62
C ILE B 3 -25.12 -15.01 -7.17
N GLN B 4 -26.34 -15.06 -6.65
CA GLN B 4 -26.68 -14.64 -5.25
C GLN B 4 -27.78 -15.55 -4.72
N MET B 5 -27.45 -16.81 -4.44
CA MET B 5 -28.38 -17.83 -3.86
C MET B 5 -28.90 -17.31 -2.52
N THR B 6 -30.00 -16.55 -2.53
CA THR B 6 -30.66 -15.97 -1.33
C THR B 6 -31.57 -17.04 -0.71
N GLN B 7 -31.06 -17.77 0.30
CA GLN B 7 -31.79 -18.82 1.04
C GLN B 7 -32.63 -18.15 2.15
N SER B 8 -33.81 -18.72 2.44
CA SER B 8 -34.77 -18.23 3.47
C SER B 8 -35.46 -19.42 4.14
N PRO B 9 -35.92 -19.30 5.41
CA PRO B 9 -35.79 -18.07 6.21
C PRO B 9 -34.50 -18.03 7.05
N SER B 10 -34.36 -16.98 7.87
CA SER B 10 -33.22 -16.77 8.80
C SER B 10 -33.27 -17.79 9.94
N SER B 11 -34.12 -17.54 10.95
CA SER B 11 -34.38 -18.45 12.10
C SER B 11 -35.58 -19.35 11.78
N LEU B 12 -35.36 -20.67 11.76
CA LEU B 12 -36.40 -21.69 11.45
C LEU B 12 -36.48 -22.70 12.61
N SER B 13 -37.28 -22.38 13.63
CA SER B 13 -37.61 -23.25 14.78
C SER B 13 -38.90 -23.99 14.49
N ALA B 14 -38.93 -25.32 14.67
CA ALA B 14 -40.10 -26.20 14.40
C ALA B 14 -40.12 -27.40 15.36
N SER B 15 -41.28 -28.06 15.47
CA SER B 15 -41.49 -29.31 16.24
C SER B 15 -41.11 -30.52 15.37
N VAL B 16 -40.76 -31.65 16.00
CA VAL B 16 -40.39 -32.91 15.29
C VAL B 16 -41.63 -33.43 14.56
N GLY B 17 -41.44 -34.28 13.55
CA GLY B 17 -42.51 -34.91 12.76
C GLY B 17 -43.14 -33.96 11.75
N ASP B 18 -43.07 -32.65 11.97
CA ASP B 18 -43.72 -31.60 11.13
C ASP B 18 -42.99 -31.51 9.78
N ARG B 19 -43.65 -30.93 8.78
CA ARG B 19 -43.09 -30.71 7.41
C ARG B 19 -42.47 -29.32 7.35
N VAL B 20 -41.22 -29.22 6.88
CA VAL B 20 -40.43 -27.97 6.79
C VAL B 20 -39.89 -27.83 5.37
N THR B 21 -39.95 -26.61 4.82
CA THR B 21 -39.48 -26.25 3.45
C THR B 21 -38.41 -25.16 3.54
N ILE B 22 -37.20 -25.46 3.06
CA ILE B 22 -36.06 -24.50 2.94
C ILE B 22 -36.03 -23.96 1.50
N THR B 23 -36.37 -22.67 1.33
CA THR B 23 -36.46 -21.98 0.02
C THR B 23 -35.19 -21.15 -0.21
N CYS B 24 -34.78 -21.03 -1.48
CA CYS B 24 -33.62 -20.20 -1.93
C CYS B 24 -33.92 -19.57 -3.30
N ARG B 25 -33.65 -18.26 -3.42
CA ARG B 25 -33.98 -17.42 -4.60
C ARG B 25 -32.73 -17.25 -5.47
N ALA B 26 -32.85 -17.51 -6.77
CA ALA B 26 -31.78 -17.34 -7.78
C ALA B 26 -31.87 -15.93 -8.37
N SER B 27 -30.74 -15.21 -8.42
CA SER B 27 -30.62 -13.88 -9.07
C SER B 27 -30.82 -14.03 -10.59
N GLN B 28 -29.88 -14.70 -11.26
CA GLN B 28 -29.88 -14.92 -12.73
C GLN B 28 -30.31 -16.36 -13.03
N SER B 29 -30.36 -16.72 -14.32
CA SER B 29 -30.83 -18.03 -14.85
C SER B 29 -29.96 -19.17 -14.30
N VAL B 30 -30.21 -19.58 -13.05
CA VAL B 30 -29.61 -20.79 -12.43
C VAL B 30 -30.32 -22.03 -12.99
N SER B 31 -29.57 -23.01 -13.49
CA SER B 31 -30.09 -24.18 -14.25
C SER B 31 -30.57 -25.27 -13.28
N SER B 32 -30.95 -26.42 -13.82
CA SER B 32 -31.40 -27.62 -13.07
C SER B 32 -30.28 -28.13 -12.14
N ALA B 33 -29.02 -27.92 -12.53
CA ALA B 33 -27.82 -28.35 -11.77
C ALA B 33 -27.69 -27.50 -10.49
N VAL B 34 -28.65 -27.66 -9.58
CA VAL B 34 -28.71 -26.96 -8.26
C VAL B 34 -28.34 -27.98 -7.18
N ALA B 35 -27.64 -27.55 -6.13
CA ALA B 35 -27.18 -28.41 -5.02
C ALA B 35 -27.53 -27.75 -3.68
N TRP B 36 -28.00 -28.55 -2.71
CA TRP B 36 -28.21 -28.16 -1.30
C TRP B 36 -27.52 -29.19 -0.39
N TYR B 37 -26.92 -28.74 0.72
CA TYR B 37 -26.21 -29.61 1.70
C TYR B 37 -26.46 -29.10 3.13
N GLN B 38 -26.43 -30.03 4.09
CA GLN B 38 -26.75 -29.79 5.53
C GLN B 38 -25.68 -30.46 6.41
N GLN B 39 -25.20 -29.76 7.44
CA GLN B 39 -24.08 -30.21 8.33
C GLN B 39 -24.36 -29.78 9.78
N LYS B 40 -24.09 -30.68 10.74
CA LYS B 40 -24.14 -30.41 12.20
C LYS B 40 -23.06 -29.40 12.55
N PRO B 41 -23.14 -28.73 13.72
CA PRO B 41 -22.14 -27.73 14.11
C PRO B 41 -20.76 -28.37 14.35
N GLY B 42 -19.70 -27.77 13.81
CA GLY B 42 -18.33 -28.31 13.81
C GLY B 42 -18.24 -29.65 13.10
N LYS B 43 -19.16 -29.92 12.17
CA LYS B 43 -19.25 -31.19 11.40
C LYS B 43 -19.09 -30.89 9.91
N ALA B 44 -18.64 -31.87 9.14
CA ALA B 44 -18.29 -31.77 7.70
C ALA B 44 -19.55 -31.52 6.87
N PRO B 45 -19.45 -30.82 5.71
CA PRO B 45 -20.52 -30.79 4.73
C PRO B 45 -21.09 -32.18 4.39
N LYS B 46 -22.41 -32.28 4.25
CA LYS B 46 -23.13 -33.49 3.75
C LYS B 46 -24.05 -33.07 2.59
N LEU B 47 -23.59 -33.27 1.36
CA LEU B 47 -24.37 -32.99 0.12
C LEU B 47 -25.73 -33.69 0.22
N LEU B 48 -26.81 -32.90 0.30
CA LEU B 48 -28.20 -33.38 0.56
C LEU B 48 -28.87 -33.76 -0.77
N ILE B 49 -29.06 -32.77 -1.65
CA ILE B 49 -29.81 -32.91 -2.94
C ILE B 49 -28.86 -32.64 -4.12
N TYR B 50 -28.72 -33.62 -5.02
CA TYR B 50 -27.96 -33.54 -6.30
C TYR B 50 -28.94 -33.32 -7.46
N SER B 51 -28.54 -32.52 -8.44
CA SER B 51 -29.35 -32.12 -9.63
C SER B 51 -30.76 -31.69 -9.21
N ALA B 52 -30.89 -31.15 -7.99
CA ALA B 52 -32.12 -30.52 -7.42
C ALA B 52 -33.24 -31.55 -7.17
N SER B 53 -32.96 -32.84 -7.32
CA SER B 53 -33.96 -33.94 -7.15
C SER B 53 -33.28 -35.21 -6.61
N SER B 54 -32.08 -35.54 -7.12
CA SER B 54 -31.32 -36.78 -6.82
C SER B 54 -30.74 -36.74 -5.40
N LEU B 55 -31.22 -37.61 -4.51
CA LEU B 55 -30.61 -37.83 -3.17
C LEU B 55 -29.32 -38.66 -3.35
N TYR B 56 -28.22 -38.20 -2.74
CA TYR B 56 -26.88 -38.87 -2.81
C TYR B 56 -27.01 -40.29 -2.26
N SER B 57 -26.29 -41.25 -2.84
CA SER B 57 -26.28 -42.68 -2.44
C SER B 57 -26.07 -42.78 -0.92
N GLY B 58 -27.14 -43.08 -0.18
CA GLY B 58 -27.13 -43.18 1.30
C GLY B 58 -28.00 -42.11 1.96
N VAL B 59 -28.30 -41.04 1.23
CA VAL B 59 -29.18 -39.92 1.69
C VAL B 59 -30.59 -40.48 1.93
N PRO B 60 -31.19 -40.28 3.13
CA PRO B 60 -32.57 -40.69 3.37
C PRO B 60 -33.59 -39.98 2.48
N SER B 61 -34.72 -40.65 2.22
CA SER B 61 -35.84 -40.15 1.37
C SER B 61 -36.66 -39.08 2.12
N ARG B 62 -36.44 -38.95 3.43
CA ARG B 62 -37.18 -38.05 4.36
C ARG B 62 -37.24 -36.61 3.82
N PHE B 63 -36.22 -36.18 3.05
CA PHE B 63 -36.09 -34.82 2.49
C PHE B 63 -36.09 -34.88 0.96
N SER B 64 -36.47 -33.77 0.33
CA SER B 64 -36.60 -33.61 -1.15
C SER B 64 -36.56 -32.13 -1.55
N GLY B 65 -36.02 -31.84 -2.74
CA GLY B 65 -35.90 -30.49 -3.32
C GLY B 65 -36.79 -30.33 -4.54
N SER B 66 -37.43 -29.16 -4.68
CA SER B 66 -38.31 -28.78 -5.82
C SER B 66 -37.77 -27.52 -6.49
N ARG B 67 -38.15 -27.31 -7.76
CA ARG B 67 -37.67 -26.19 -8.62
C ARG B 67 -38.88 -25.37 -9.10
N SER B 68 -38.79 -24.04 -9.01
CA SER B 68 -39.74 -23.06 -9.58
C SER B 68 -38.95 -21.90 -10.20
N GLY B 69 -38.29 -22.16 -11.34
CA GLY B 69 -37.42 -21.21 -12.05
C GLY B 69 -36.41 -20.56 -11.13
N THR B 70 -36.59 -19.27 -10.84
CA THR B 70 -35.75 -18.45 -9.92
C THR B 70 -35.81 -19.03 -8.51
N ASP B 71 -37.00 -19.41 -8.05
CA ASP B 71 -37.23 -20.04 -6.72
C ASP B 71 -36.79 -21.51 -6.78
N PHE B 72 -35.85 -21.92 -5.94
CA PHE B 72 -35.47 -23.34 -5.71
C PHE B 72 -35.66 -23.65 -4.22
N THR B 73 -36.38 -24.72 -3.89
CA THR B 73 -36.82 -25.05 -2.51
C THR B 73 -36.57 -26.53 -2.18
N LEU B 74 -35.96 -26.77 -1.02
CA LEU B 74 -35.80 -28.11 -0.40
C LEU B 74 -36.83 -28.26 0.73
N THR B 75 -37.26 -29.48 1.01
CA THR B 75 -38.31 -29.79 2.03
C THR B 75 -38.08 -31.17 2.63
N ILE B 76 -38.33 -31.30 3.94
CA ILE B 76 -38.39 -32.59 4.69
C ILE B 76 -39.70 -32.60 5.50
N SER B 77 -40.42 -33.72 5.48
CA SER B 77 -41.79 -33.87 6.04
C SER B 77 -41.76 -34.57 7.41
N SER B 78 -40.78 -35.47 7.63
CA SER B 78 -40.63 -36.27 8.87
C SER B 78 -39.29 -35.92 9.54
N LEU B 79 -39.34 -35.41 10.79
CA LEU B 79 -38.13 -35.07 11.58
C LEU B 79 -37.35 -36.35 11.86
N GLN B 80 -36.16 -36.48 11.24
CA GLN B 80 -35.14 -37.51 11.55
C GLN B 80 -34.40 -37.07 12.81
N PRO B 81 -33.68 -37.99 13.51
CA PRO B 81 -32.90 -37.60 14.69
C PRO B 81 -32.02 -36.38 14.42
N GLU B 82 -31.51 -36.24 13.19
CA GLU B 82 -30.78 -35.03 12.71
C GLU B 82 -31.79 -33.90 12.47
N ASP B 83 -32.60 -33.57 13.49
CA ASP B 83 -33.64 -32.51 13.44
C ASP B 83 -32.93 -31.15 13.35
N PHE B 84 -32.21 -30.78 14.42
CA PHE B 84 -31.28 -29.63 14.45
C PHE B 84 -30.27 -29.81 13.30
N ALA B 85 -30.30 -28.90 12.33
CA ALA B 85 -29.47 -28.93 11.10
C ALA B 85 -29.29 -27.51 10.56
N THR B 86 -28.48 -27.36 9.50
CA THR B 86 -28.35 -26.12 8.70
C THR B 86 -28.71 -26.45 7.24
N TYR B 87 -28.96 -25.42 6.42
CA TYR B 87 -29.34 -25.55 5.00
C TYR B 87 -28.73 -24.41 4.19
N TYR B 88 -27.85 -24.72 3.24
CA TYR B 88 -27.34 -23.76 2.23
C TYR B 88 -27.32 -24.44 0.85
N CYS B 89 -27.80 -23.72 -0.17
CA CYS B 89 -27.79 -24.12 -1.60
C CYS B 89 -26.36 -24.08 -2.17
N GLN B 90 -26.19 -24.49 -3.42
CA GLN B 90 -24.91 -24.41 -4.18
C GLN B 90 -25.25 -24.34 -5.68
N GLN B 91 -24.88 -23.23 -6.32
CA GLN B 91 -25.10 -22.93 -7.76
C GLN B 91 -23.81 -23.24 -8.53
N TYR B 92 -23.90 -24.11 -9.54
CA TYR B 92 -22.76 -24.59 -10.35
C TYR B 92 -22.90 -24.15 -11.82
N ILE B 93 -21.77 -23.96 -12.50
CA ILE B 93 -21.67 -23.99 -13.99
C ILE B 93 -20.97 -25.30 -14.35
N SER B 94 -21.42 -26.01 -15.40
CA SER B 94 -20.85 -27.29 -15.88
C SER B 94 -19.32 -27.18 -15.90
N TYR B 95 -18.84 -26.07 -16.45
CA TYR B 95 -17.46 -25.55 -16.33
C TYR B 95 -17.44 -24.10 -16.86
N HIS B 96 -17.50 -23.11 -15.97
CA HIS B 96 -17.59 -21.67 -16.32
C HIS B 96 -17.14 -20.79 -15.14
N GLU B 97 -17.14 -19.48 -15.36
CA GLU B 97 -16.60 -18.44 -14.44
C GLU B 97 -17.20 -18.57 -13.04
N PRO B 98 -18.54 -18.56 -12.88
CA PRO B 98 -19.14 -18.38 -11.56
C PRO B 98 -19.26 -19.65 -10.70
N ILE B 99 -18.85 -19.54 -9.43
CA ILE B 99 -19.03 -20.55 -8.33
C ILE B 99 -19.70 -19.83 -7.15
N THR B 100 -20.72 -20.43 -6.55
CA THR B 100 -21.54 -19.82 -5.46
C THR B 100 -22.28 -20.90 -4.65
N PHE B 101 -22.32 -20.73 -3.33
CA PHE B 101 -23.09 -21.56 -2.36
C PHE B 101 -23.99 -20.65 -1.52
N GLY B 102 -24.97 -21.25 -0.83
CA GLY B 102 -26.09 -20.56 -0.16
C GLY B 102 -25.63 -19.73 1.03
N GLN B 103 -26.45 -18.75 1.42
CA GLN B 103 -26.20 -17.83 2.58
C GLN B 103 -26.55 -18.53 3.90
N GLY B 104 -27.01 -19.79 3.85
CA GLY B 104 -27.24 -20.65 5.02
C GLY B 104 -28.62 -20.43 5.64
N THR B 105 -29.28 -21.52 6.04
CA THR B 105 -30.63 -21.53 6.68
C THR B 105 -30.56 -22.36 7.97
N LYS B 106 -30.54 -21.68 9.12
CA LYS B 106 -30.52 -22.31 10.47
C LYS B 106 -31.84 -23.06 10.68
N VAL B 107 -31.78 -24.39 10.77
CA VAL B 107 -32.94 -25.30 11.00
C VAL B 107 -32.93 -25.74 12.48
N GLU B 108 -33.60 -24.96 13.35
CA GLU B 108 -33.66 -25.19 14.81
C GLU B 108 -34.87 -26.05 15.15
N ILE B 109 -34.77 -26.87 16.20
CA ILE B 109 -35.88 -27.70 16.74
C ILE B 109 -36.57 -26.90 17.86
N LYS B 110 -37.80 -26.44 17.61
CA LYS B 110 -38.61 -25.63 18.55
C LYS B 110 -39.06 -26.53 19.71
N ARG B 111 -38.71 -26.14 20.93
CA ARG B 111 -39.18 -26.76 22.21
C ARG B 111 -40.13 -25.79 22.93
N THR B 112 -40.57 -26.16 24.14
CA THR B 112 -41.52 -25.41 25.00
C THR B 112 -41.05 -23.96 25.17
N VAL B 113 -41.99 -23.02 25.24
CA VAL B 113 -41.73 -21.56 25.48
C VAL B 113 -41.45 -21.39 26.98
N ALA B 114 -40.18 -21.52 27.37
CA ALA B 114 -39.72 -21.58 28.78
C ALA B 114 -39.30 -20.18 29.25
N ALA B 115 -39.66 -19.83 30.49
CA ALA B 115 -39.23 -18.61 31.22
C ALA B 115 -37.71 -18.63 31.38
N PRO B 116 -36.96 -17.71 30.73
CA PRO B 116 -35.50 -17.69 30.84
C PRO B 116 -35.05 -17.25 32.25
N SER B 117 -34.42 -18.16 32.99
CA SER B 117 -33.83 -17.89 34.34
C SER B 117 -32.79 -16.78 34.20
N VAL B 118 -32.83 -15.78 35.08
CA VAL B 118 -32.00 -14.55 34.98
C VAL B 118 -31.31 -14.30 36.33
N PHE B 119 -30.08 -13.75 36.27
CA PHE B 119 -29.25 -13.38 37.44
C PHE B 119 -28.36 -12.20 37.08
N ILE B 120 -27.65 -11.65 38.07
CA ILE B 120 -26.72 -10.49 37.94
C ILE B 120 -25.29 -10.93 38.29
N PHE B 121 -24.29 -10.31 37.66
CA PHE B 121 -22.85 -10.54 37.89
C PHE B 121 -22.14 -9.20 37.97
N PRO B 122 -22.00 -8.59 39.18
CA PRO B 122 -21.29 -7.33 39.34
C PRO B 122 -19.77 -7.54 39.30
N PRO B 123 -18.97 -6.55 38.85
CA PRO B 123 -17.52 -6.71 38.75
C PRO B 123 -16.87 -6.89 40.13
N SER B 124 -15.90 -7.81 40.20
CA SER B 124 -15.08 -8.08 41.42
C SER B 124 -14.01 -7.00 41.56
N ASP B 125 -13.62 -6.69 42.81
CA ASP B 125 -12.51 -5.77 43.13
C ASP B 125 -11.26 -6.26 42.38
N SER B 126 -10.92 -7.54 42.54
CA SER B 126 -9.82 -8.26 41.85
C SER B 126 -9.85 -7.95 40.35
N GLN B 127 -11.02 -8.14 39.72
CA GLN B 127 -11.26 -7.84 38.27
C GLN B 127 -11.04 -6.34 38.03
N LEU B 128 -11.69 -5.50 38.83
CA LEU B 128 -11.64 -4.01 38.73
C LEU B 128 -10.21 -3.49 38.91
N LYS B 129 -9.41 -4.18 39.72
CA LYS B 129 -8.03 -3.77 40.14
C LYS B 129 -7.18 -3.32 38.94
N SER B 130 -7.31 -4.00 37.80
CA SER B 130 -6.48 -3.80 36.58
C SER B 130 -6.79 -2.45 35.90
N GLY B 131 -7.92 -1.84 36.23
CA GLY B 131 -8.38 -0.56 35.63
C GLY B 131 -9.38 -0.79 34.50
N THR B 132 -9.82 -2.04 34.31
CA THR B 132 -10.92 -2.43 33.39
C THR B 132 -12.05 -3.06 34.22
N ALA B 133 -13.31 -2.65 33.98
CA ALA B 133 -14.49 -3.03 34.77
C ALA B 133 -15.63 -3.49 33.85
N SER B 134 -16.29 -4.60 34.19
CA SER B 134 -17.41 -5.21 33.43
C SER B 134 -18.49 -5.74 34.38
N VAL B 135 -19.74 -5.34 34.14
CA VAL B 135 -20.97 -5.89 34.81
C VAL B 135 -21.65 -6.83 33.81
N VAL B 136 -22.01 -8.03 34.26
CA VAL B 136 -22.70 -9.08 33.44
C VAL B 136 -24.07 -9.37 34.06
N CYS B 137 -25.10 -9.50 33.20
CA CYS B 137 -26.47 -9.94 33.56
C CYS B 137 -26.70 -11.33 32.98
N LEU B 138 -27.03 -12.30 33.84
CA LEU B 138 -27.22 -13.73 33.50
C LEU B 138 -28.60 -13.95 32.89
N LEU B 139 -28.68 -14.71 31.80
CA LEU B 139 -29.94 -15.20 31.16
C LEU B 139 -29.70 -16.64 30.69
N ASN B 140 -29.98 -17.62 31.56
CA ASN B 140 -29.71 -19.07 31.32
C ASN B 140 -31.04 -19.82 31.11
N ASN B 141 -30.99 -20.97 30.44
CA ASN B 141 -32.14 -21.88 30.21
C ASN B 141 -33.31 -21.06 29.64
N PHE B 142 -33.15 -20.54 28.42
CA PHE B 142 -34.07 -19.59 27.74
C PHE B 142 -34.74 -20.28 26.54
N TYR B 143 -35.99 -19.90 26.26
CA TYR B 143 -36.77 -20.31 25.06
C TYR B 143 -37.93 -19.35 24.86
N PRO B 144 -38.09 -18.72 23.67
CA PRO B 144 -37.19 -18.91 22.53
C PRO B 144 -35.94 -18.02 22.57
N ARG B 145 -35.10 -18.11 21.53
CA ARG B 145 -33.76 -17.47 21.43
C ARG B 145 -33.92 -15.95 21.31
N GLU B 146 -34.95 -15.50 20.58
CA GLU B 146 -35.24 -14.06 20.34
C GLU B 146 -35.38 -13.34 21.69
N ALA B 147 -34.38 -12.52 22.03
CA ALA B 147 -34.37 -11.70 23.27
C ALA B 147 -33.71 -10.33 23.01
N LYS B 148 -34.08 -9.32 23.81
CA LYS B 148 -33.64 -7.91 23.67
C LYS B 148 -32.79 -7.52 24.89
N VAL B 149 -31.52 -7.20 24.65
CA VAL B 149 -30.55 -6.75 25.69
C VAL B 149 -30.70 -5.22 25.87
N GLN B 150 -31.05 -4.78 27.07
CA GLN B 150 -31.21 -3.34 27.44
C GLN B 150 -30.63 -3.10 28.83
N TRP B 151 -29.51 -2.38 28.91
CA TRP B 151 -28.78 -2.04 30.18
C TRP B 151 -29.03 -0.57 30.53
N LYS B 152 -29.06 -0.25 31.83
CA LYS B 152 -29.26 1.14 32.37
C LYS B 152 -28.25 1.40 33.50
N VAL B 153 -27.36 2.38 33.30
CA VAL B 153 -26.34 2.84 34.29
C VAL B 153 -26.92 4.02 35.09
N ASP B 154 -27.19 3.82 36.38
CA ASP B 154 -27.89 4.79 37.25
C ASP B 154 -29.28 5.07 36.65
N ASN B 155 -29.94 4.02 36.15
CA ASN B 155 -31.27 4.05 35.50
C ASN B 155 -31.16 4.62 34.07
N ALA B 156 -29.97 5.05 33.65
CA ALA B 156 -29.71 5.70 32.34
C ALA B 156 -29.08 4.68 31.39
N LEU B 157 -29.76 4.36 30.28
CA LEU B 157 -29.30 3.42 29.23
C LEU B 157 -28.01 3.94 28.60
N GLN B 158 -27.07 3.03 28.32
CA GLN B 158 -25.76 3.33 27.66
C GLN B 158 -25.77 2.71 26.25
N SER B 159 -24.69 2.93 25.49
CA SER B 159 -24.53 2.45 24.09
C SER B 159 -23.05 2.18 23.79
N GLY B 160 -22.75 1.00 23.23
CA GLY B 160 -21.40 0.58 22.81
C GLY B 160 -20.62 -0.12 23.92
N ASN B 161 -21.15 -0.11 25.15
CA ASN B 161 -20.43 -0.59 26.37
C ASN B 161 -20.95 -1.97 26.79
N SER B 162 -21.48 -2.77 25.85
CA SER B 162 -22.02 -4.12 26.10
C SER B 162 -21.78 -5.04 24.88
N GLN B 163 -21.47 -6.31 25.14
CA GLN B 163 -21.38 -7.40 24.13
C GLN B 163 -22.38 -8.49 24.52
N GLU B 164 -23.13 -9.03 23.54
CA GLU B 164 -24.20 -10.04 23.75
C GLU B 164 -23.76 -11.39 23.17
N SER B 165 -23.95 -12.47 23.94
CA SER B 165 -23.64 -13.88 23.57
C SER B 165 -24.79 -14.79 23.98
N VAL B 166 -25.01 -15.88 23.25
CA VAL B 166 -26.14 -16.83 23.46
C VAL B 166 -25.69 -18.27 23.17
N THR B 167 -25.80 -19.14 24.17
CA THR B 167 -25.46 -20.59 24.11
C THR B 167 -26.44 -21.31 23.17
N GLU B 168 -26.34 -22.65 23.08
CA GLU B 168 -27.28 -23.52 22.34
C GLU B 168 -28.32 -24.08 23.32
N GLN B 169 -29.39 -24.69 22.81
CA GLN B 169 -30.45 -25.35 23.62
C GLN B 169 -29.79 -26.45 24.48
N ASP B 170 -30.19 -26.55 25.74
CA ASP B 170 -29.61 -27.48 26.76
C ASP B 170 -29.75 -28.92 26.25
N SER B 171 -28.82 -29.79 26.65
CA SER B 171 -28.80 -31.24 26.31
C SER B 171 -30.00 -31.96 26.93
N LYS B 172 -30.49 -31.45 28.07
CA LYS B 172 -31.65 -32.00 28.83
C LYS B 172 -32.84 -31.05 28.74
N ASP B 173 -32.68 -29.80 29.21
CA ASP B 173 -33.75 -28.79 29.36
C ASP B 173 -34.14 -28.20 27.99
N SER B 174 -33.35 -28.47 26.94
CA SER B 174 -33.55 -27.94 25.56
C SER B 174 -33.62 -26.41 25.58
N THR B 175 -33.17 -25.80 26.67
CA THR B 175 -33.25 -24.34 26.94
C THR B 175 -31.85 -23.74 26.81
N TYR B 176 -31.75 -22.54 26.23
CA TYR B 176 -30.46 -21.88 25.87
C TYR B 176 -30.09 -20.85 26.94
N SER B 177 -28.79 -20.57 27.06
CA SER B 177 -28.23 -19.50 27.94
C SER B 177 -27.81 -18.31 27.08
N LEU B 178 -27.98 -17.09 27.62
CA LEU B 178 -27.63 -15.80 26.99
C LEU B 178 -26.73 -15.00 27.93
N SER B 179 -25.60 -14.52 27.39
CA SER B 179 -24.54 -13.77 28.09
C SER B 179 -24.52 -12.32 27.62
N SER B 180 -24.72 -11.36 28.54
CA SER B 180 -24.74 -9.91 28.26
C SER B 180 -23.91 -9.17 29.31
N THR B 181 -22.71 -8.75 28.94
CA THR B 181 -21.71 -8.07 29.84
C THR B 181 -21.62 -6.58 29.48
N LEU B 182 -22.10 -5.71 30.38
CA LEU B 182 -21.87 -4.24 30.33
C LEU B 182 -20.46 -3.96 30.86
N THR B 183 -19.63 -3.27 30.09
CA THR B 183 -18.18 -3.03 30.37
C THR B 183 -17.80 -1.60 29.99
N LEU B 184 -17.18 -0.86 30.91
CA LEU B 184 -16.74 0.54 30.71
C LEU B 184 -15.48 0.83 31.54
N SER B 185 -14.96 2.05 31.45
CA SER B 185 -13.77 2.55 32.20
C SER B 185 -14.04 2.45 33.71
N LYS B 186 -13.00 2.18 34.51
CA LYS B 186 -13.06 2.05 35.98
C LYS B 186 -13.71 3.30 36.57
N ALA B 187 -13.28 4.47 36.08
CA ALA B 187 -13.83 5.81 36.44
C ALA B 187 -15.36 5.79 36.36
N ASP B 188 -15.89 5.28 35.25
CA ASP B 188 -17.36 5.18 34.97
C ASP B 188 -18.03 4.29 36.03
N TYR B 189 -17.39 3.17 36.38
CA TYR B 189 -17.88 2.20 37.41
C TYR B 189 -18.14 2.93 38.73
N GLU B 190 -17.20 3.79 39.14
CA GLU B 190 -17.30 4.63 40.37
C GLU B 190 -18.26 5.81 40.13
N LYS B 191 -18.31 6.31 38.89
CA LYS B 191 -19.10 7.51 38.49
C LYS B 191 -20.61 7.23 38.58
N HIS B 192 -21.01 5.95 38.56
CA HIS B 192 -22.42 5.51 38.70
C HIS B 192 -22.55 4.57 39.92
N LYS B 193 -23.70 4.63 40.59
CA LYS B 193 -24.03 3.81 41.79
C LYS B 193 -25.05 2.73 41.41
N VAL B 194 -26.26 3.15 41.02
CA VAL B 194 -27.35 2.25 40.56
C VAL B 194 -26.90 1.56 39.27
N TYR B 195 -26.81 0.23 39.29
CA TYR B 195 -26.45 -0.63 38.13
C TYR B 195 -27.61 -1.62 37.90
N ALA B 196 -28.25 -1.55 36.73
CA ALA B 196 -29.45 -2.35 36.36
C ALA B 196 -29.45 -2.69 34.87
N CYS B 197 -30.27 -3.68 34.49
CA CYS B 197 -30.46 -4.14 33.09
C CYS B 197 -31.91 -4.61 32.89
N GLU B 198 -32.51 -4.25 31.75
CA GLU B 198 -33.90 -4.62 31.35
C GLU B 198 -33.84 -5.69 30.25
N VAL B 199 -34.41 -6.87 30.54
CA VAL B 199 -34.43 -8.05 29.63
C VAL B 199 -35.83 -8.19 29.03
N THR B 200 -35.91 -8.26 27.69
CA THR B 200 -37.18 -8.45 26.92
C THR B 200 -37.14 -9.82 26.23
N HIS B 201 -38.07 -10.71 26.59
CA HIS B 201 -38.28 -12.03 25.93
C HIS B 201 -39.73 -12.48 26.13
N GLN B 202 -40.23 -13.31 25.21
CA GLN B 202 -41.63 -13.84 25.19
C GLN B 202 -41.93 -14.55 26.51
N GLY B 203 -40.98 -15.35 27.02
CA GLY B 203 -41.06 -16.02 28.32
C GLY B 203 -41.29 -15.05 29.46
N LEU B 204 -40.72 -13.85 29.35
CA LEU B 204 -40.91 -12.71 30.30
C LEU B 204 -42.23 -12.00 29.98
N SER B 205 -43.35 -12.59 30.40
CA SER B 205 -44.72 -12.02 30.27
C SER B 205 -44.72 -10.64 30.92
N SER B 206 -44.47 -10.58 32.22
CA SER B 206 -43.92 -9.40 32.93
C SER B 206 -42.40 -9.42 32.75
N PRO B 207 -41.81 -8.52 31.93
CA PRO B 207 -40.36 -8.40 31.84
C PRO B 207 -39.75 -8.04 33.20
N VAL B 208 -38.77 -8.82 33.66
CA VAL B 208 -38.10 -8.65 34.98
C VAL B 208 -36.77 -7.91 34.77
N THR B 209 -36.40 -7.06 35.73
CA THR B 209 -35.12 -6.30 35.76
C THR B 209 -34.57 -6.32 37.20
N LYS B 210 -33.33 -6.78 37.38
CA LYS B 210 -32.61 -6.81 38.68
C LYS B 210 -31.61 -5.65 38.70
N SER B 211 -31.35 -5.09 39.89
CA SER B 211 -30.50 -3.87 40.10
C SER B 211 -29.52 -4.10 41.25
N PHE B 212 -28.46 -3.28 41.28
CA PHE B 212 -27.44 -3.22 42.37
C PHE B 212 -26.87 -1.80 42.43
N ASN B 213 -26.67 -1.29 43.65
CA ASN B 213 -26.04 0.04 43.92
C ASN B 213 -24.55 -0.20 44.21
N ARG B 214 -23.69 0.73 43.79
CA ARG B 214 -22.21 0.64 43.93
C ARG B 214 -21.85 0.55 45.42
N GLY B 215 -21.18 -0.54 45.81
CA GLY B 215 -20.84 -0.85 47.22
C GLY B 215 -21.79 -1.87 47.82
N SER C 1 -11.39 12.21 -52.62
CA SER C 1 -12.55 12.86 -53.31
C SER C 1 -12.43 14.39 -53.21
N ASP C 2 -13.41 15.11 -53.77
CA ASP C 2 -13.48 16.59 -53.75
C ASP C 2 -14.93 17.02 -54.04
N ILE C 3 -15.33 18.18 -53.51
CA ILE C 3 -16.71 18.74 -53.66
C ILE C 3 -16.58 20.24 -53.95
N GLN C 4 -17.50 20.79 -54.75
CA GLN C 4 -17.54 22.24 -55.10
C GLN C 4 -18.99 22.69 -55.18
N MET C 5 -19.67 22.79 -54.03
CA MET C 5 -21.08 23.26 -53.89
C MET C 5 -21.19 24.67 -54.47
N THR C 6 -21.44 24.79 -55.78
CA THR C 6 -21.63 26.07 -56.52
C THR C 6 -23.06 26.56 -56.31
N GLN C 7 -23.27 27.45 -55.32
CA GLN C 7 -24.58 28.06 -54.99
C GLN C 7 -24.83 29.26 -55.92
N SER C 8 -26.10 29.49 -56.28
CA SER C 8 -26.56 30.63 -57.12
C SER C 8 -27.92 31.12 -56.63
N PRO C 9 -28.29 32.40 -56.84
CA PRO C 9 -27.46 33.39 -57.54
C PRO C 9 -26.54 34.18 -56.59
N SER C 10 -25.81 35.16 -57.12
CA SER C 10 -24.89 36.06 -56.38
C SER C 10 -25.70 37.03 -55.52
N SER C 11 -26.22 38.10 -56.12
CA SER C 11 -27.08 39.13 -55.47
C SER C 11 -28.55 38.77 -55.68
N LEU C 12 -29.28 38.54 -54.59
CA LEU C 12 -30.72 38.14 -54.61
C LEU C 12 -31.54 39.12 -53.78
N SER C 13 -31.98 40.21 -54.40
CA SER C 13 -32.91 41.22 -53.82
C SER C 13 -34.34 40.87 -54.22
N ALA C 14 -35.26 40.82 -53.24
CA ALA C 14 -36.68 40.45 -53.44
C ALA C 14 -37.60 41.20 -52.45
N SER C 15 -38.90 41.23 -52.76
CA SER C 15 -39.97 41.80 -51.90
C SER C 15 -40.43 40.75 -50.88
N VAL C 16 -40.98 41.19 -49.75
CA VAL C 16 -41.51 40.29 -48.67
C VAL C 16 -42.71 39.52 -49.23
N GLY C 17 -43.05 38.38 -48.62
CA GLY C 17 -44.20 37.53 -49.00
C GLY C 17 -43.94 36.71 -50.25
N ASP C 18 -43.01 37.13 -51.12
CA ASP C 18 -42.71 36.48 -52.42
C ASP C 18 -42.00 35.15 -52.18
N ARG C 19 -42.01 34.26 -53.17
CA ARG C 19 -41.34 32.93 -53.14
C ARG C 19 -39.93 33.06 -53.74
N VAL C 20 -38.92 32.59 -53.01
CA VAL C 20 -37.48 32.65 -53.41
C VAL C 20 -36.87 31.25 -53.34
N THR C 21 -36.07 30.88 -54.34
CA THR C 21 -35.40 29.56 -54.48
C THR C 21 -33.88 29.75 -54.55
N ILE C 22 -33.15 29.19 -53.58
CA ILE C 22 -31.66 29.18 -53.52
C ILE C 22 -31.17 27.84 -54.07
N THR C 23 -30.55 27.87 -55.25
CA THR C 23 -30.04 26.68 -56.00
C THR C 23 -28.53 26.53 -55.77
N CYS C 24 -28.04 25.29 -55.73
CA CYS C 24 -26.60 24.95 -55.58
C CYS C 24 -26.26 23.69 -56.40
N ARG C 25 -25.18 23.75 -57.17
CA ARG C 25 -24.74 22.71 -58.14
C ARG C 25 -23.65 21.84 -57.50
N ALA C 26 -23.81 20.52 -57.57
CA ALA C 26 -22.82 19.53 -57.09
C ALA C 26 -21.88 19.15 -58.24
N SER C 27 -20.56 19.18 -57.98
CA SER C 27 -19.50 18.76 -58.93
C SER C 27 -19.63 17.25 -59.20
N GLN C 28 -19.36 16.43 -58.18
CA GLN C 28 -19.39 14.94 -58.24
C GLN C 28 -20.68 14.42 -57.58
N SER C 29 -20.87 13.10 -57.60
CA SER C 29 -22.08 12.39 -57.12
C SER C 29 -22.32 12.67 -55.63
N VAL C 30 -22.88 13.83 -55.31
CA VAL C 30 -23.34 14.20 -53.93
C VAL C 30 -24.67 13.48 -53.69
N SER C 31 -24.79 12.78 -52.56
CA SER C 31 -25.96 11.94 -52.18
C SER C 31 -27.07 12.82 -51.58
N SER C 32 -28.10 12.18 -51.02
CA SER C 32 -29.25 12.82 -50.33
C SER C 32 -28.76 13.63 -49.11
N ALA C 33 -27.64 13.22 -48.50
CA ALA C 33 -27.02 13.88 -47.33
C ALA C 33 -26.46 15.25 -47.72
N VAL C 34 -27.35 16.18 -48.10
CA VAL C 34 -27.05 17.60 -48.41
C VAL C 34 -27.53 18.45 -47.21
N ALA C 35 -26.80 19.51 -46.89
CA ALA C 35 -27.14 20.44 -45.80
C ALA C 35 -27.05 21.89 -46.30
N TRP C 36 -28.01 22.74 -45.89
CA TRP C 36 -28.02 24.21 -46.13
C TRP C 36 -28.27 24.91 -44.79
N TYR C 37 -27.63 26.06 -44.55
CA TYR C 37 -27.76 26.87 -43.32
C TYR C 37 -27.74 28.36 -43.66
N GLN C 38 -28.41 29.18 -42.83
CA GLN C 38 -28.59 30.65 -43.02
C GLN C 38 -28.30 31.37 -41.69
N GLN C 39 -27.56 32.49 -41.76
CA GLN C 39 -27.04 33.23 -40.58
C GLN C 39 -27.08 34.74 -40.83
N LYS C 40 -27.50 35.51 -39.81
CA LYS C 40 -27.46 37.00 -39.81
C LYS C 40 -26.01 37.46 -39.87
N PRO C 41 -25.73 38.74 -40.24
CA PRO C 41 -24.36 39.24 -40.34
C PRO C 41 -23.69 39.31 -38.97
N GLY C 42 -22.45 38.81 -38.87
CA GLY C 42 -21.69 38.67 -37.61
C GLY C 42 -22.39 37.73 -36.63
N LYS C 43 -23.23 36.82 -37.14
CA LYS C 43 -24.04 35.86 -36.34
C LYS C 43 -23.63 34.43 -36.71
N ALA C 44 -23.84 33.50 -35.78
CA ALA C 44 -23.44 32.08 -35.86
C ALA C 44 -24.23 31.36 -36.96
N PRO C 45 -23.67 30.31 -37.60
CA PRO C 45 -24.44 29.39 -38.44
C PRO C 45 -25.74 28.91 -37.78
N LYS C 46 -26.83 28.83 -38.55
CA LYS C 46 -28.12 28.20 -38.16
C LYS C 46 -28.50 27.15 -39.22
N LEU C 47 -28.20 25.87 -38.94
CA LEU C 47 -28.50 24.72 -39.84
C LEU C 47 -29.99 24.77 -40.22
N LEU C 48 -30.28 25.00 -41.50
CA LEU C 48 -31.65 25.22 -42.05
C LEU C 48 -32.27 23.86 -42.40
N ILE C 49 -31.70 23.16 -43.38
CA ILE C 49 -32.25 21.90 -43.97
C ILE C 49 -31.28 20.74 -43.71
N TYR C 50 -31.75 19.69 -43.02
CA TYR C 50 -31.04 18.41 -42.77
C TYR C 50 -31.53 17.35 -43.75
N SER C 51 -30.62 16.49 -44.22
CA SER C 51 -30.87 15.42 -45.22
C SER C 51 -31.67 15.99 -46.42
N ALA C 52 -31.50 17.28 -46.72
CA ALA C 52 -32.04 17.99 -47.91
C ALA C 52 -33.56 18.12 -47.87
N SER C 53 -34.22 17.75 -46.76
CA SER C 53 -35.70 17.78 -46.61
C SER C 53 -36.08 18.07 -45.14
N SER C 54 -35.37 17.47 -44.19
CA SER C 54 -35.64 17.52 -42.72
C SER C 54 -35.29 18.91 -42.15
N LEU C 55 -36.31 19.66 -41.70
CA LEU C 55 -36.11 20.93 -40.95
C LEU C 55 -35.69 20.58 -39.52
N TYR C 56 -34.62 21.20 -39.02
CA TYR C 56 -34.08 21.01 -37.65
C TYR C 56 -35.18 21.34 -36.63
N SER C 57 -35.25 20.59 -35.52
CA SER C 57 -36.24 20.77 -34.43
C SER C 57 -36.28 22.25 -34.01
N GLY C 58 -37.32 22.97 -34.42
CA GLY C 58 -37.50 24.41 -34.14
C GLY C 58 -37.46 25.25 -35.40
N VAL C 59 -36.91 24.70 -36.49
CA VAL C 59 -36.84 25.36 -37.84
C VAL C 59 -38.26 25.57 -38.35
N PRO C 60 -38.65 26.81 -38.72
CA PRO C 60 -39.97 27.06 -39.33
C PRO C 60 -40.19 26.33 -40.66
N SER C 61 -41.46 26.02 -40.97
CA SER C 61 -41.90 25.32 -42.21
C SER C 61 -41.83 26.25 -43.43
N ARG C 62 -41.66 27.56 -43.19
CA ARG C 62 -41.67 28.64 -44.22
C ARG C 62 -40.70 28.31 -45.37
N PHE C 63 -39.62 27.58 -45.11
CA PHE C 63 -38.58 27.22 -46.10
C PHE C 63 -38.51 25.69 -46.26
N SER C 64 -38.01 25.25 -47.43
CA SER C 64 -37.91 23.82 -47.82
C SER C 64 -36.85 23.64 -48.93
N GLY C 65 -36.20 22.48 -48.95
CA GLY C 65 -35.16 22.12 -49.93
C GLY C 65 -35.60 20.96 -50.81
N SER C 66 -35.25 21.02 -52.10
CA SER C 66 -35.55 19.98 -53.13
C SER C 66 -34.24 19.48 -53.75
N ARG C 67 -34.28 18.28 -54.34
CA ARG C 67 -33.11 17.57 -54.93
C ARG C 67 -33.39 17.27 -56.41
N SER C 68 -32.42 17.55 -57.29
CA SER C 68 -32.38 17.14 -58.71
C SER C 68 -30.96 16.67 -59.06
N GLY C 69 -30.59 15.48 -58.55
CA GLY C 69 -29.25 14.88 -58.70
C GLY C 69 -28.14 15.87 -58.35
N THR C 70 -27.40 16.34 -59.36
CA THR C 70 -26.30 17.33 -59.26
C THR C 70 -26.84 18.65 -58.71
N ASP C 71 -28.01 19.09 -59.21
CA ASP C 71 -28.70 20.32 -58.76
C ASP C 71 -29.40 20.03 -57.43
N PHE C 72 -29.06 20.79 -56.38
CA PHE C 72 -29.77 20.80 -55.06
C PHE C 72 -30.24 22.22 -54.79
N THR C 73 -31.53 22.41 -54.47
CA THR C 73 -32.17 23.74 -54.35
C THR C 73 -33.01 23.84 -53.07
N LEU C 74 -32.82 24.93 -52.33
CA LEU C 74 -33.65 25.34 -51.17
C LEU C 74 -34.59 26.47 -51.60
N THR C 75 -35.74 26.60 -50.96
CA THR C 75 -36.78 27.60 -51.30
C THR C 75 -37.57 27.99 -50.05
N ILE C 76 -37.93 29.27 -49.95
CA ILE C 76 -38.92 29.82 -48.96
C ILE C 76 -39.94 30.66 -49.74
N SER C 77 -41.23 30.48 -49.42
CA SER C 77 -42.39 31.05 -50.16
C SER C 77 -42.96 32.29 -49.45
N SER C 78 -42.87 32.33 -48.12
CA SER C 78 -43.40 33.43 -47.26
C SER C 78 -42.25 34.11 -46.52
N LEU C 79 -42.04 35.42 -46.76
CA LEU C 79 -40.98 36.22 -46.08
C LEU C 79 -41.32 36.29 -44.59
N GLN C 80 -40.51 35.63 -43.76
CA GLN C 80 -40.48 35.78 -42.29
C GLN C 80 -39.74 37.07 -41.95
N PRO C 81 -39.88 37.62 -40.71
CA PRO C 81 -39.13 38.81 -40.32
C PRO C 81 -37.64 38.69 -40.64
N GLU C 82 -37.08 37.48 -40.54
CA GLU C 82 -35.70 37.14 -40.99
C GLU C 82 -35.66 37.10 -42.52
N ASP C 83 -36.10 38.17 -43.18
CA ASP C 83 -36.14 38.32 -44.66
C ASP C 83 -34.70 38.41 -45.17
N PHE C 84 -34.00 39.50 -44.81
CA PHE C 84 -32.54 39.65 -45.00
C PHE C 84 -31.84 38.45 -44.33
N ALA C 85 -31.18 37.62 -45.14
CA ALA C 85 -30.50 36.37 -44.73
C ALA C 85 -29.37 36.04 -45.72
N THR C 86 -28.60 34.99 -45.41
CA THR C 86 -27.59 34.39 -46.32
C THR C 86 -27.95 32.92 -46.52
N TYR C 87 -27.38 32.28 -47.56
CA TYR C 87 -27.63 30.87 -47.92
C TYR C 87 -26.35 30.22 -48.45
N TYR C 88 -25.84 29.20 -47.75
CA TYR C 88 -24.72 28.35 -48.22
C TYR C 88 -25.04 26.88 -47.90
N CYS C 89 -24.81 26.01 -48.88
CA CYS C 89 -24.95 24.54 -48.79
C CYS C 89 -23.84 23.95 -47.90
N GLN C 90 -23.89 22.63 -47.68
CA GLN C 90 -22.83 21.84 -46.99
C GLN C 90 -22.91 20.40 -47.51
N GLN C 91 -21.83 19.96 -48.18
CA GLN C 91 -21.68 18.62 -48.81
C GLN C 91 -20.88 17.72 -47.86
N TYR C 92 -21.46 16.57 -47.48
CA TYR C 92 -20.93 15.66 -46.43
C TYR C 92 -20.65 14.29 -47.04
N ILE C 93 -19.69 13.56 -46.47
CA ILE C 93 -19.52 12.09 -46.60
C ILE C 93 -19.94 11.48 -45.26
N SER C 94 -20.66 10.36 -45.28
CA SER C 94 -21.15 9.64 -44.06
C SER C 94 -20.01 9.56 -43.04
N TYR C 95 -18.83 9.18 -43.53
CA TYR C 95 -17.51 9.31 -42.87
C TYR C 95 -16.43 9.02 -43.91
N HIS C 96 -15.83 10.06 -44.50
CA HIS C 96 -14.84 9.96 -45.60
C HIS C 96 -14.00 11.24 -45.71
N GLU C 97 -13.09 11.26 -46.68
CA GLU C 97 -12.05 12.30 -46.89
C GLU C 97 -12.67 13.70 -46.95
N PRO C 98 -13.66 13.96 -47.85
CA PRO C 98 -14.05 15.33 -48.17
C PRO C 98 -15.05 15.97 -47.20
N ILE C 99 -14.76 17.22 -46.79
CA ILE C 99 -15.69 18.16 -46.08
C ILE C 99 -15.72 19.47 -46.87
N THR C 100 -16.91 20.02 -47.13
CA THR C 100 -17.10 21.23 -47.98
C THR C 100 -18.47 21.87 -47.71
N PHE C 101 -18.50 23.20 -47.65
CA PHE C 101 -19.73 24.05 -47.46
C PHE C 101 -19.82 25.08 -48.58
N GLY C 102 -21.00 25.67 -48.75
CA GLY C 102 -21.39 26.46 -49.93
C GLY C 102 -20.62 27.76 -50.07
N GLN C 103 -20.59 28.30 -51.29
CA GLN C 103 -19.90 29.58 -51.64
C GLN C 103 -20.76 30.78 -51.24
N GLY C 104 -21.95 30.53 -50.65
CA GLY C 104 -22.80 31.58 -50.04
C GLY C 104 -23.72 32.25 -51.05
N THR C 105 -24.97 32.51 -50.65
CA THR C 105 -26.03 33.18 -51.47
C THR C 105 -26.63 34.32 -50.64
N LYS C 106 -26.26 35.57 -50.96
CA LYS C 106 -26.77 36.79 -50.31
C LYS C 106 -28.26 36.93 -50.64
N VAL C 107 -29.12 36.82 -49.62
CA VAL C 107 -30.60 36.97 -49.72
C VAL C 107 -30.99 38.36 -49.19
N GLU C 108 -31.01 39.36 -50.07
CA GLU C 108 -31.31 40.78 -49.75
C GLU C 108 -32.81 41.03 -49.91
N ILE C 109 -33.37 41.94 -49.11
CA ILE C 109 -34.80 42.39 -49.17
C ILE C 109 -34.87 43.64 -50.05
N LYS C 110 -35.44 43.50 -51.25
CA LYS C 110 -35.59 44.60 -52.26
C LYS C 110 -36.63 45.59 -51.74
N ARG C 111 -36.24 46.86 -51.56
CA ARG C 111 -37.09 47.95 -50.99
C ARG C 111 -37.37 48.99 -52.07
N THR C 112 -38.12 50.05 -51.72
CA THR C 112 -38.50 51.19 -52.60
C THR C 112 -37.25 51.76 -53.29
N VAL C 113 -37.40 52.21 -54.53
CA VAL C 113 -36.31 52.85 -55.34
C VAL C 113 -36.16 54.30 -54.85
N ALA C 114 -35.30 54.50 -53.83
CA ALA C 114 -35.14 55.77 -53.09
C ALA C 114 -33.99 56.59 -53.69
N ALA C 115 -34.19 57.91 -53.80
CA ALA C 115 -33.16 58.90 -54.19
C ALA C 115 -32.04 58.89 -53.15
N PRO C 116 -30.81 58.46 -53.51
CA PRO C 116 -29.70 58.43 -52.56
C PRO C 116 -29.24 59.85 -52.17
N SER C 117 -29.43 60.23 -50.90
CA SER C 117 -28.98 61.52 -50.32
C SER C 117 -27.46 61.61 -50.47
N VAL C 118 -26.97 62.75 -50.95
CA VAL C 118 -25.54 62.95 -51.33
C VAL C 118 -25.00 64.23 -50.66
N PHE C 119 -23.73 64.21 -50.28
CA PHE C 119 -22.98 65.34 -49.68
C PHE C 119 -21.50 65.26 -50.07
N ILE C 120 -20.73 66.30 -49.73
CA ILE C 120 -19.27 66.43 -50.06
C ILE C 120 -18.48 66.48 -48.74
N PHE C 121 -17.25 65.97 -48.77
CA PHE C 121 -16.28 66.01 -47.64
C PHE C 121 -14.90 66.42 -48.19
N PRO C 122 -14.57 67.73 -48.24
CA PRO C 122 -13.26 68.16 -48.70
C PRO C 122 -12.21 67.98 -47.60
N PRO C 123 -10.92 67.75 -47.94
CA PRO C 123 -9.89 67.50 -46.93
C PRO C 123 -9.65 68.73 -46.04
N SER C 124 -9.50 68.50 -44.74
CA SER C 124 -9.17 69.54 -43.71
C SER C 124 -7.67 69.84 -43.78
N ASP C 125 -7.29 71.08 -43.47
CA ASP C 125 -5.86 71.50 -43.33
C ASP C 125 -5.18 70.54 -42.34
N SER C 126 -5.79 70.39 -41.15
CA SER C 126 -5.37 69.45 -40.08
C SER C 126 -5.07 68.06 -40.67
N GLN C 127 -6.01 67.52 -41.45
CA GLN C 127 -5.88 66.21 -42.14
C GLN C 127 -4.72 66.28 -43.14
N LEU C 128 -4.71 67.32 -43.99
CA LEU C 128 -3.70 67.55 -45.06
C LEU C 128 -2.29 67.72 -44.46
N LYS C 129 -2.22 68.27 -43.23
CA LYS C 129 -0.95 68.65 -42.54
C LYS C 129 0.08 67.52 -42.59
N SER C 130 -0.36 66.27 -42.44
CA SER C 130 0.50 65.05 -42.32
C SER C 130 1.20 64.73 -43.64
N GLY C 131 0.74 65.30 -44.76
CA GLY C 131 1.29 65.06 -46.10
C GLY C 131 0.49 64.03 -46.88
N THR C 132 -0.64 63.56 -46.32
CA THR C 132 -1.65 62.70 -46.99
C THR C 132 -2.98 63.46 -47.05
N ALA C 133 -3.63 63.48 -48.22
CA ALA C 133 -4.84 64.27 -48.51
C ALA C 133 -5.91 63.38 -49.18
N SER C 134 -7.17 63.51 -48.74
CA SER C 134 -8.33 62.74 -49.26
C SER C 134 -9.58 63.61 -49.34
N VAL C 135 -10.25 63.61 -50.50
CA VAL C 135 -11.61 64.19 -50.72
C VAL C 135 -12.61 63.04 -50.73
N VAL C 136 -13.69 63.17 -49.96
CA VAL C 136 -14.77 62.16 -49.84
C VAL C 136 -16.09 62.79 -50.32
N CYS C 137 -16.87 62.03 -51.10
CA CYS C 137 -18.25 62.37 -51.54
C CYS C 137 -19.23 61.44 -50.82
N LEU C 138 -20.18 62.02 -50.09
CA LEU C 138 -21.19 61.28 -49.28
C LEU C 138 -22.33 60.79 -50.18
N LEU C 139 -22.73 59.53 -50.00
CA LEU C 139 -23.93 58.91 -50.63
C LEU C 139 -24.61 58.01 -49.60
N ASN C 140 -25.57 58.57 -48.83
CA ASN C 140 -26.26 57.88 -47.71
C ASN C 140 -27.72 57.60 -48.09
N ASN C 141 -28.33 56.61 -47.45
CA ASN C 141 -29.76 56.24 -47.62
C ASN C 141 -30.05 56.07 -49.12
N PHE C 142 -29.46 55.05 -49.73
CA PHE C 142 -29.47 54.78 -51.19
C PHE C 142 -30.27 53.50 -51.49
N TYR C 143 -30.94 53.49 -52.65
CA TYR C 143 -31.66 52.31 -53.20
C TYR C 143 -31.92 52.53 -54.69
N PRO C 144 -31.50 51.60 -55.59
CA PRO C 144 -30.80 50.38 -55.22
C PRO C 144 -29.28 50.56 -55.06
N ARG C 145 -28.58 49.44 -54.79
CA ARG C 145 -27.11 49.40 -54.50
C ARG C 145 -26.31 49.77 -55.75
N GLU C 146 -26.76 49.34 -56.93
CA GLU C 146 -26.11 49.63 -58.23
C GLU C 146 -25.97 51.15 -58.42
N ALA C 147 -24.74 51.67 -58.29
CA ALA C 147 -24.39 53.10 -58.45
C ALA C 147 -22.98 53.22 -59.01
N LYS C 148 -22.67 54.35 -59.67
CA LYS C 148 -21.37 54.60 -60.36
C LYS C 148 -20.63 55.75 -59.67
N VAL C 149 -19.46 55.44 -59.09
CA VAL C 149 -18.54 56.44 -58.47
C VAL C 149 -17.64 57.02 -59.57
N GLN C 150 -17.72 58.34 -59.78
CA GLN C 150 -16.92 59.08 -60.81
C GLN C 150 -16.45 60.41 -60.21
N TRP C 151 -15.14 60.55 -59.97
CA TRP C 151 -14.49 61.76 -59.38
C TRP C 151 -13.73 62.51 -60.48
N LYS C 152 -13.67 63.85 -60.37
CA LYS C 152 -13.00 64.76 -61.34
C LYS C 152 -12.16 65.81 -60.58
N VAL C 153 -10.84 65.78 -60.78
CA VAL C 153 -9.85 66.73 -60.19
C VAL C 153 -9.62 67.87 -61.19
N ASP C 154 -10.06 69.08 -60.85
CA ASP C 154 -10.06 70.26 -61.75
C ASP C 154 -10.89 69.92 -63.01
N ASN C 155 -12.03 69.23 -62.80
CA ASN C 155 -12.97 68.76 -63.86
C ASN C 155 -12.40 67.54 -64.59
N ALA C 156 -11.16 67.12 -64.26
CA ALA C 156 -10.43 66.01 -64.93
C ALA C 156 -10.51 64.75 -64.06
N LEU C 157 -11.14 63.68 -64.58
CA LEU C 157 -11.29 62.38 -63.89
C LEU C 157 -9.91 61.77 -63.64
N GLN C 158 -9.71 61.14 -62.48
CA GLN C 158 -8.45 60.44 -62.09
C GLN C 158 -8.71 58.94 -62.06
N SER C 159 -7.65 58.15 -61.82
CA SER C 159 -7.68 56.67 -61.78
C SER C 159 -6.66 56.13 -60.77
N GLY C 160 -7.10 55.21 -59.90
CA GLY C 160 -6.29 54.60 -58.83
C GLY C 160 -6.31 55.41 -57.54
N ASN C 161 -6.87 56.63 -57.55
CA ASN C 161 -6.81 57.59 -56.42
C ASN C 161 -8.15 57.66 -55.68
N SER C 162 -8.95 56.58 -55.74
CA SER C 162 -10.27 56.48 -55.06
C SER C 162 -10.54 55.04 -54.61
N GLN C 163 -11.16 54.89 -53.43
CA GLN C 163 -11.70 53.61 -52.91
C GLN C 163 -13.21 53.78 -52.69
N GLU C 164 -14.01 52.79 -53.08
CA GLU C 164 -15.50 52.81 -52.98
C GLU C 164 -15.96 51.80 -51.92
N SER C 165 -16.86 52.23 -51.03
CA SER C 165 -17.43 51.42 -49.90
C SER C 165 -18.93 51.67 -49.82
N VAL C 166 -19.71 50.67 -49.36
CA VAL C 166 -21.20 50.72 -49.34
C VAL C 166 -21.72 49.97 -48.11
N THR C 167 -22.47 50.68 -47.25
CA THR C 167 -23.13 50.15 -46.02
C THR C 167 -24.22 49.15 -46.40
N GLU C 168 -24.98 48.66 -45.40
CA GLU C 168 -26.17 47.79 -45.59
C GLU C 168 -27.43 48.67 -45.58
N GLN C 169 -28.58 48.11 -45.97
CA GLN C 169 -29.90 48.80 -45.95
C GLN C 169 -30.20 49.22 -44.51
N ASP C 170 -30.71 50.45 -44.33
CA ASP C 170 -30.98 51.07 -43.01
C ASP C 170 -31.95 50.19 -42.21
N SER C 171 -31.84 50.23 -40.87
CA SER C 171 -32.71 49.49 -39.92
C SER C 171 -34.16 49.99 -40.01
N LYS C 172 -34.34 51.28 -40.37
CA LYS C 172 -35.66 51.95 -40.49
C LYS C 172 -35.95 52.27 -41.96
N ASP C 173 -35.08 53.05 -42.62
CA ASP C 173 -35.27 53.58 -43.99
C ASP C 173 -35.05 52.49 -45.04
N SER C 174 -34.48 51.33 -44.64
CA SER C 174 -34.15 50.18 -45.52
C SER C 174 -33.23 50.66 -46.67
N THR C 175 -32.61 51.83 -46.50
CA THR C 175 -31.79 52.52 -47.53
C THR C 175 -30.32 52.43 -47.09
N TYR C 176 -29.41 52.22 -48.05
CA TYR C 176 -27.97 51.95 -47.79
C TYR C 176 -27.15 53.23 -47.98
N SER C 177 -26.00 53.30 -47.30
CA SER C 177 -25.00 54.39 -47.44
C SER C 177 -23.82 53.90 -48.27
N LEU C 178 -23.24 54.79 -49.08
CA LEU C 178 -22.09 54.52 -49.99
C LEU C 178 -21.00 55.56 -49.71
N SER C 179 -19.77 55.07 -49.52
CA SER C 179 -18.54 55.85 -49.20
C SER C 179 -17.59 55.83 -50.40
N SER C 180 -17.25 57.00 -50.93
CA SER C 180 -16.30 57.18 -52.07
C SER C 180 -15.33 58.31 -51.74
N THR C 181 -14.08 57.96 -51.38
CA THR C 181 -13.01 58.90 -50.98
C THR C 181 -11.95 58.97 -52.09
N LEU C 182 -11.86 60.11 -52.77
CA LEU C 182 -10.73 60.47 -53.67
C LEU C 182 -9.54 60.90 -52.81
N THR C 183 -8.37 60.28 -52.98
CA THR C 183 -7.18 60.45 -52.10
C THR C 183 -5.91 60.43 -52.96
N LEU C 184 -5.07 61.45 -52.84
CA LEU C 184 -3.81 61.60 -53.62
C LEU C 184 -2.76 62.32 -52.78
N SER C 185 -1.55 62.49 -53.35
CA SER C 185 -0.39 63.19 -52.74
C SER C 185 -0.77 64.64 -52.45
N LYS C 186 -0.20 65.21 -51.37
CA LYS C 186 -0.44 66.60 -50.91
C LYS C 186 -0.16 67.57 -52.07
N ALA C 187 0.94 67.34 -52.80
CA ALA C 187 1.34 68.10 -54.01
C ALA C 187 0.17 68.20 -54.97
N ASP C 188 -0.50 67.07 -55.25
CA ASP C 188 -1.66 66.97 -56.17
C ASP C 188 -2.82 67.82 -55.65
N TYR C 189 -3.07 67.80 -54.35
CA TYR C 189 -4.13 68.58 -53.65
C TYR C 189 -3.97 70.07 -53.98
N GLU C 190 -2.73 70.57 -53.90
CA GLU C 190 -2.37 71.98 -54.23
C GLU C 190 -2.33 72.18 -55.75
N LYS C 191 -1.96 71.13 -56.50
CA LYS C 191 -1.78 71.15 -57.97
C LYS C 191 -3.14 71.36 -58.69
N HIS C 192 -4.25 71.06 -58.02
CA HIS C 192 -5.63 71.26 -58.52
C HIS C 192 -6.41 72.20 -57.59
N LYS C 193 -7.33 72.99 -58.15
CA LYS C 193 -8.20 73.94 -57.41
C LYS C 193 -9.63 73.39 -57.37
N VAL C 194 -10.27 73.26 -58.53
CA VAL C 194 -11.63 72.67 -58.70
C VAL C 194 -11.57 71.20 -58.26
N TYR C 195 -12.34 70.85 -57.22
CA TYR C 195 -12.52 69.48 -56.69
C TYR C 195 -14.00 69.11 -56.76
N ALA C 196 -14.34 68.07 -57.55
CA ALA C 196 -15.73 67.67 -57.85
C ALA C 196 -15.83 66.15 -58.02
N CYS C 197 -17.05 65.61 -57.96
CA CYS C 197 -17.37 64.17 -58.16
C CYS C 197 -18.75 64.04 -58.82
N GLU C 198 -18.87 63.12 -59.78
CA GLU C 198 -20.11 62.81 -60.55
C GLU C 198 -20.68 61.48 -60.06
N VAL C 199 -21.90 61.49 -59.53
CA VAL C 199 -22.63 60.31 -58.98
C VAL C 199 -23.71 59.88 -59.98
N THR C 200 -23.70 58.60 -60.38
CA THR C 200 -24.68 57.98 -61.31
C THR C 200 -25.49 56.93 -60.54
N HIS C 201 -26.81 57.14 -60.42
CA HIS C 201 -27.77 56.17 -59.81
C HIS C 201 -29.18 56.44 -60.36
N GLN C 202 -30.02 55.39 -60.37
CA GLN C 202 -31.42 55.42 -60.89
C GLN C 202 -32.22 56.52 -60.19
N GLY C 203 -32.06 56.64 -58.87
CA GLY C 203 -32.68 57.70 -58.05
C GLY C 203 -32.30 59.09 -58.53
N LEU C 204 -31.07 59.25 -59.05
CA LEU C 204 -30.57 60.50 -59.68
C LEU C 204 -31.09 60.57 -61.13
N SER C 205 -32.35 60.96 -61.29
CA SER C 205 -33.03 61.18 -62.60
C SER C 205 -32.18 62.17 -63.40
N SER C 206 -32.06 63.40 -62.89
CA SER C 206 -30.93 64.33 -63.16
C SER C 206 -29.77 63.95 -62.26
N PRO C 207 -28.69 63.33 -62.77
CA PRO C 207 -27.49 63.08 -61.96
C PRO C 207 -26.91 64.43 -61.45
N VAL C 208 -26.70 64.54 -60.13
CA VAL C 208 -26.18 65.77 -59.47
C VAL C 208 -24.68 65.60 -59.21
N THR C 209 -23.92 66.69 -59.30
CA THR C 209 -22.47 66.77 -58.96
C THR C 209 -22.22 68.06 -58.17
N LYS C 210 -21.64 67.93 -56.97
CA LYS C 210 -21.22 69.06 -56.10
C LYS C 210 -19.72 69.27 -56.23
N SER C 211 -19.26 70.52 -56.12
CA SER C 211 -17.86 70.94 -56.38
C SER C 211 -17.35 71.87 -55.27
N PHE C 212 -16.03 72.00 -55.18
CA PHE C 212 -15.31 72.94 -54.28
C PHE C 212 -13.98 73.32 -54.93
N ASN C 213 -13.60 74.60 -54.82
CA ASN C 213 -12.31 75.17 -55.29
C ASN C 213 -11.32 75.19 -54.11
N ARG C 214 -10.03 74.96 -54.38
CA ARG C 214 -8.96 74.83 -53.34
C ARG C 214 -8.89 76.13 -52.52
N GLY C 215 -9.10 76.03 -51.21
CA GLY C 215 -9.17 77.17 -50.27
C GLY C 215 -10.61 77.51 -49.91
N SER D 1 10.11 -26.95 -78.97
CA SER D 1 9.54 -27.53 -80.22
C SER D 1 10.55 -27.40 -81.37
N ASP D 2 10.15 -27.82 -82.57
CA ASP D 2 10.98 -27.76 -83.81
C ASP D 2 10.06 -27.82 -85.03
N ILE D 3 10.48 -27.24 -86.15
CA ILE D 3 9.73 -27.16 -87.43
C ILE D 3 10.68 -27.48 -88.59
N GLN D 4 10.18 -28.14 -89.63
CA GLN D 4 10.94 -28.46 -90.86
C GLN D 4 10.02 -28.33 -92.08
N MET D 5 9.65 -27.09 -92.43
CA MET D 5 8.78 -26.78 -93.60
C MET D 5 9.44 -27.32 -94.87
N THR D 6 9.15 -28.58 -95.23
CA THR D 6 9.63 -29.28 -96.44
C THR D 6 8.77 -28.87 -97.64
N GLN D 7 9.22 -27.86 -98.41
CA GLN D 7 8.52 -27.33 -99.60
C GLN D 7 8.86 -28.19 -100.82
N SER D 8 7.90 -28.34 -101.74
CA SER D 8 8.06 -29.10 -103.02
C SER D 8 7.26 -28.42 -104.12
N PRO D 9 7.63 -28.55 -105.42
CA PRO D 9 8.81 -29.33 -105.84
C PRO D 9 10.09 -28.50 -105.93
N SER D 10 11.18 -29.11 -106.40
CA SER D 10 12.51 -28.45 -106.59
C SER D 10 12.43 -27.49 -107.79
N SER D 11 12.56 -28.01 -109.00
CA SER D 11 12.57 -27.22 -110.27
C SER D 11 11.15 -27.22 -110.85
N LEU D 12 10.56 -26.02 -111.00
CA LEU D 12 9.18 -25.82 -111.53
C LEU D 12 9.23 -24.85 -112.71
N SER D 13 9.47 -25.37 -113.92
CA SER D 13 9.34 -24.65 -115.21
C SER D 13 7.94 -24.86 -115.78
N ALA D 14 7.23 -23.79 -116.15
CA ALA D 14 5.83 -23.83 -116.64
C ALA D 14 5.57 -22.70 -117.65
N SER D 15 4.50 -22.85 -118.44
CA SER D 15 3.99 -21.84 -119.40
C SER D 15 3.11 -20.83 -118.68
N VAL D 16 2.98 -19.61 -119.23
CA VAL D 16 2.13 -18.52 -118.68
C VAL D 16 0.66 -18.97 -118.73
N GLY D 17 -0.19 -18.34 -117.90
CA GLY D 17 -1.64 -18.61 -117.85
C GLY D 17 -1.99 -19.90 -117.13
N ASP D 18 -1.06 -20.86 -117.04
CA ASP D 18 -1.29 -22.20 -116.44
C ASP D 18 -1.43 -22.07 -114.92
N ARG D 19 -2.02 -23.08 -114.28
CA ARG D 19 -2.22 -23.14 -112.80
C ARG D 19 -1.05 -23.91 -112.18
N VAL D 20 -0.44 -23.33 -111.15
CA VAL D 20 0.71 -23.92 -110.40
C VAL D 20 0.37 -23.96 -108.90
N THR D 21 0.70 -25.07 -108.24
CA THR D 21 0.49 -25.30 -106.78
C THR D 21 1.84 -25.57 -106.10
N ILE D 22 2.22 -24.71 -105.16
CA ILE D 22 3.46 -24.82 -104.32
C ILE D 22 3.07 -25.43 -102.97
N THR D 23 3.46 -26.69 -102.74
CA THR D 23 3.13 -27.48 -101.53
C THR D 23 4.32 -27.47 -100.57
N CYS D 24 4.05 -27.49 -99.25
CA CYS D 24 5.06 -27.59 -98.17
C CYS D 24 4.53 -28.46 -97.02
N ARG D 25 5.35 -29.40 -96.55
CA ARG D 25 5.00 -30.43 -95.55
C ARG D 25 5.49 -29.99 -94.16
N ALA D 26 4.62 -30.03 -93.15
CA ALA D 26 4.93 -29.71 -91.74
C ALA D 26 5.35 -30.99 -91.00
N SER D 27 6.47 -30.93 -90.28
CA SER D 27 6.97 -32.03 -89.41
C SER D 27 5.98 -32.27 -88.25
N GLN D 28 5.88 -31.29 -87.34
CA GLN D 28 5.01 -31.34 -86.14
C GLN D 28 3.76 -30.47 -86.36
N SER D 29 2.87 -30.41 -85.37
CA SER D 29 1.57 -29.70 -85.41
C SER D 29 1.79 -28.20 -85.65
N VAL D 30 2.03 -27.81 -86.91
CA VAL D 30 2.05 -26.40 -87.37
C VAL D 30 0.61 -25.92 -87.49
N SER D 31 0.27 -24.77 -86.89
CA SER D 31 -1.12 -24.26 -86.77
C SER D 31 -1.51 -23.50 -88.04
N SER D 32 -2.68 -22.83 -88.01
CA SER D 32 -3.22 -21.98 -89.11
C SER D 32 -2.26 -20.82 -89.40
N ALA D 33 -1.51 -20.37 -88.40
CA ALA D 33 -0.52 -19.26 -88.49
C ALA D 33 0.67 -19.70 -89.36
N VAL D 34 0.41 -19.94 -90.65
CA VAL D 34 1.42 -20.30 -91.68
C VAL D 34 1.64 -19.05 -92.55
N ALA D 35 2.87 -18.85 -93.03
CA ALA D 35 3.24 -17.73 -93.92
C ALA D 35 4.03 -18.25 -95.12
N TRP D 36 3.75 -17.71 -96.31
CA TRP D 36 4.52 -17.93 -97.57
C TRP D 36 4.88 -16.57 -98.18
N TYR D 37 6.08 -16.44 -98.76
CA TYR D 37 6.58 -15.19 -99.39
C TYR D 37 7.38 -15.52 -100.65
N GLN D 38 7.37 -14.60 -101.62
CA GLN D 38 7.99 -14.76 -102.97
C GLN D 38 8.77 -13.49 -103.32
N GLN D 39 9.98 -13.64 -103.88
CA GLN D 39 10.98 -12.55 -104.08
C GLN D 39 11.72 -12.75 -105.41
N LYS D 40 11.94 -11.66 -106.15
CA LYS D 40 12.77 -11.62 -107.38
C LYS D 40 14.23 -11.94 -107.02
N PRO D 41 15.08 -12.32 -107.99
CA PRO D 41 16.47 -12.67 -107.70
C PRO D 41 17.28 -11.44 -107.23
N GLY D 42 18.05 -11.60 -106.15
CA GLY D 42 18.77 -10.51 -105.46
C GLY D 42 17.82 -9.44 -104.93
N LYS D 43 16.57 -9.81 -104.67
CA LYS D 43 15.50 -8.88 -104.20
C LYS D 43 15.00 -9.34 -102.82
N ALA D 44 14.46 -8.40 -102.05
CA ALA D 44 13.98 -8.58 -100.66
C ALA D 44 12.77 -9.53 -100.63
N PRO D 45 12.55 -10.26 -99.51
CA PRO D 45 11.28 -10.95 -99.28
C PRO D 45 10.04 -10.06 -99.52
N LYS D 46 9.00 -10.63 -100.12
CA LYS D 46 7.64 -10.04 -100.25
C LYS D 46 6.60 -11.03 -99.68
N LEU D 47 6.18 -10.81 -98.44
CA LEU D 47 5.19 -11.66 -97.71
C LEU D 47 3.94 -11.81 -98.60
N LEU D 48 3.68 -13.03 -99.06
CA LEU D 48 2.60 -13.36 -100.03
C LEU D 48 1.30 -13.63 -99.29
N ILE D 49 1.26 -14.68 -98.47
CA ILE D 49 0.03 -15.18 -97.76
C ILE D 49 0.23 -15.05 -96.24
N TYR D 50 -0.68 -14.31 -95.59
CA TYR D 50 -0.78 -14.15 -94.11
C TYR D 50 -1.89 -15.08 -93.58
N SER D 51 -1.66 -15.68 -92.41
CA SER D 51 -2.58 -16.65 -91.75
C SER D 51 -3.05 -17.72 -92.75
N ALA D 52 -2.21 -18.03 -93.74
CA ALA D 52 -2.37 -19.13 -94.73
C ALA D 52 -3.55 -18.89 -95.69
N SER D 53 -4.17 -17.71 -95.65
CA SER D 53 -5.35 -17.37 -96.48
C SER D 53 -5.36 -15.87 -96.82
N SER D 54 -5.02 -15.00 -95.85
CA SER D 54 -5.06 -13.52 -95.94
C SER D 54 -3.94 -12.99 -96.84
N LEU D 55 -4.29 -12.43 -98.00
CA LEU D 55 -3.35 -11.73 -98.91
C LEU D 55 -3.05 -10.35 -98.31
N TYR D 56 -1.78 -9.97 -98.20
CA TYR D 56 -1.31 -8.66 -97.69
C TYR D 56 -1.94 -7.53 -98.51
N SER D 57 -2.31 -6.43 -97.86
CA SER D 57 -2.99 -5.26 -98.50
C SER D 57 -2.19 -4.82 -99.74
N GLY D 58 -2.68 -5.15 -100.94
CA GLY D 58 -2.02 -4.85 -102.22
C GLY D 58 -1.57 -6.11 -102.97
N VAL D 59 -1.50 -7.24 -102.26
CA VAL D 59 -1.19 -8.59 -102.84
C VAL D 59 -2.30 -8.96 -103.83
N PRO D 60 -1.97 -9.28 -105.10
CA PRO D 60 -2.97 -9.69 -106.09
C PRO D 60 -3.71 -10.98 -105.72
N SER D 61 -4.96 -11.12 -106.19
CA SER D 61 -5.86 -12.28 -105.96
C SER D 61 -5.41 -13.48 -106.78
N ARG D 62 -4.52 -13.27 -107.76
CA ARG D 62 -4.01 -14.27 -108.73
C ARG D 62 -3.54 -15.55 -108.02
N PHE D 63 -3.05 -15.44 -106.79
CA PHE D 63 -2.50 -16.56 -105.97
C PHE D 63 -3.34 -16.74 -104.70
N SER D 64 -3.29 -17.95 -104.14
CA SER D 64 -4.04 -18.36 -102.91
C SER D 64 -3.37 -19.58 -102.26
N GLY D 65 -3.45 -19.64 -100.92
CA GLY D 65 -2.89 -20.73 -100.10
C GLY D 65 -3.99 -21.53 -99.42
N SER D 66 -3.81 -22.85 -99.36
CA SER D 66 -4.76 -23.83 -98.74
C SER D 66 -4.03 -24.61 -97.65
N ARG D 67 -4.80 -25.19 -96.72
CA ARG D 67 -4.30 -25.97 -95.56
C ARG D 67 -4.89 -27.38 -95.59
N SER D 68 -4.05 -28.40 -95.39
CA SER D 68 -4.43 -29.83 -95.20
C SER D 68 -3.57 -30.41 -94.06
N GLY D 69 -3.87 -30.01 -92.82
CA GLY D 69 -3.13 -30.40 -91.60
C GLY D 69 -1.63 -30.20 -91.77
N THR D 70 -0.89 -31.32 -91.86
CA THR D 70 0.58 -31.36 -92.06
C THR D 70 0.94 -30.70 -93.40
N ASP D 71 0.17 -31.01 -94.45
CA ASP D 71 0.36 -30.41 -95.81
C ASP D 71 -0.21 -28.99 -95.81
N PHE D 72 0.62 -28.00 -96.13
CA PHE D 72 0.21 -26.59 -96.40
C PHE D 72 0.67 -26.22 -97.81
N THR D 73 -0.24 -25.70 -98.65
CA THR D 73 -0.03 -25.52 -100.11
C THR D 73 -0.53 -24.14 -100.56
N LEU D 74 0.31 -23.44 -101.34
CA LEU D 74 -0.02 -22.19 -102.07
C LEU D 74 -0.24 -22.54 -103.54
N THR D 75 -1.06 -21.75 -104.25
CA THR D 75 -1.39 -21.95 -105.68
C THR D 75 -1.69 -20.61 -106.36
N ILE D 76 -1.24 -20.46 -107.61
CA ILE D 76 -1.62 -19.36 -108.53
C ILE D 76 -2.06 -19.98 -109.86
N SER D 77 -3.18 -19.49 -110.42
CA SER D 77 -3.88 -20.09 -111.59
C SER D 77 -3.59 -19.30 -112.87
N SER D 78 -3.36 -17.99 -112.76
CA SER D 78 -3.09 -17.06 -113.88
C SER D 78 -1.69 -16.45 -113.75
N LEU D 79 -0.82 -16.68 -114.72
CA LEU D 79 0.56 -16.12 -114.76
C LEU D 79 0.47 -14.60 -114.84
N GLN D 80 0.85 -13.91 -113.76
CA GLN D 80 1.05 -12.44 -113.69
C GLN D 80 2.41 -12.13 -114.33
N PRO D 81 2.70 -10.85 -114.71
CA PRO D 81 4.01 -10.50 -115.24
C PRO D 81 5.15 -11.02 -114.35
N GLU D 82 4.94 -11.06 -113.03
CA GLU D 82 5.85 -11.70 -112.04
C GLU D 82 5.73 -13.22 -112.16
N ASP D 83 5.92 -13.76 -113.36
CA ASP D 83 5.84 -15.22 -113.67
C ASP D 83 7.02 -15.91 -113.00
N PHE D 84 8.25 -15.59 -113.45
CA PHE D 84 9.51 -15.98 -112.78
C PHE D 84 9.46 -15.48 -111.33
N ALA D 85 9.46 -16.40 -110.37
CA ALA D 85 9.34 -16.12 -108.92
C ALA D 85 9.97 -17.27 -108.12
N THR D 86 10.07 -17.10 -106.80
CA THR D 86 10.46 -18.14 -105.82
C THR D 86 9.31 -18.31 -104.81
N TYR D 87 9.30 -19.42 -104.09
CA TYR D 87 8.26 -19.75 -103.08
C TYR D 87 8.88 -20.50 -101.89
N TYR D 88 8.83 -19.90 -100.71
CA TYR D 88 9.22 -20.55 -99.43
C TYR D 88 8.20 -20.18 -98.35
N CYS D 89 7.78 -21.18 -97.56
CA CYS D 89 6.87 -21.06 -96.40
C CYS D 89 7.59 -20.36 -95.23
N GLN D 90 6.86 -20.12 -94.14
CA GLN D 90 7.39 -19.60 -92.85
C GLN D 90 6.48 -20.09 -91.73
N GLN D 91 7.02 -20.92 -90.84
CA GLN D 91 6.32 -21.58 -89.71
C GLN D 91 6.61 -20.78 -88.43
N TYR D 92 5.55 -20.32 -87.75
CA TYR D 92 5.64 -19.42 -86.57
C TYR D 92 5.05 -20.11 -85.33
N ILE D 93 5.60 -19.77 -84.16
CA ILE D 93 4.92 -19.94 -82.84
C ILE D 93 4.49 -18.55 -82.37
N SER D 94 3.27 -18.40 -81.83
CA SER D 94 2.69 -17.12 -81.36
C SER D 94 3.76 -16.37 -80.55
N TYR D 95 4.41 -17.11 -79.65
CA TYR D 95 5.68 -16.75 -78.96
C TYR D 95 6.23 -18.02 -78.29
N HIS D 96 7.20 -18.68 -78.92
CA HIS D 96 7.81 -19.96 -78.45
C HIS D 96 9.19 -20.17 -79.07
N GLU D 97 9.83 -21.29 -78.71
CA GLU D 97 11.24 -21.64 -79.06
C GLU D 97 11.48 -21.55 -80.57
N PRO D 98 10.69 -22.25 -81.42
CA PRO D 98 11.05 -22.42 -82.83
C PRO D 98 10.67 -21.25 -83.76
N ILE D 99 11.62 -20.83 -84.60
CA ILE D 99 11.41 -19.96 -85.80
C ILE D 99 11.99 -20.68 -87.02
N THR D 100 11.25 -20.73 -88.13
CA THR D 100 11.62 -21.55 -89.33
C THR D 100 10.89 -21.06 -90.57
N PHE D 101 11.60 -21.01 -91.71
CA PHE D 101 11.09 -20.63 -93.05
C PHE D 101 11.40 -21.74 -94.05
N GLY D 102 10.74 -21.70 -95.22
CA GLY D 102 10.68 -22.80 -96.20
C GLY D 102 12.02 -23.05 -96.87
N GLN D 103 12.19 -24.27 -97.42
CA GLN D 103 13.41 -24.72 -98.14
C GLN D 103 13.42 -24.17 -99.58
N GLY D 104 12.39 -23.40 -99.96
CA GLY D 104 12.35 -22.65 -101.23
C GLY D 104 11.82 -23.49 -102.38
N THR D 105 11.00 -22.88 -103.24
CA THR D 105 10.43 -23.48 -104.48
C THR D 105 10.69 -22.56 -105.66
N LYS D 106 11.67 -22.90 -106.50
CA LYS D 106 12.03 -22.18 -107.74
C LYS D 106 10.86 -22.29 -108.72
N VAL D 107 10.22 -21.14 -109.03
CA VAL D 107 9.11 -21.03 -110.01
C VAL D 107 9.66 -20.41 -111.30
N GLU D 108 10.14 -21.26 -112.22
CA GLU D 108 10.73 -20.83 -113.53
C GLU D 108 9.61 -20.79 -114.59
N ILE D 109 9.74 -19.87 -115.55
CA ILE D 109 8.79 -19.73 -116.71
C ILE D 109 9.37 -20.53 -117.88
N LYS D 110 8.73 -21.66 -118.23
CA LYS D 110 9.16 -22.57 -119.33
C LYS D 110 8.89 -21.89 -120.67
N ARG D 111 9.95 -21.68 -121.48
CA ARG D 111 9.92 -20.83 -122.70
C ARG D 111 10.18 -21.71 -123.93
N THR D 112 10.19 -21.10 -125.12
CA THR D 112 10.41 -21.76 -126.44
C THR D 112 11.68 -22.62 -126.39
N VAL D 113 11.68 -23.76 -127.09
CA VAL D 113 12.85 -24.67 -127.23
C VAL D 113 13.81 -24.04 -128.26
N ALA D 114 14.73 -23.19 -127.78
CA ALA D 114 15.62 -22.34 -128.61
C ALA D 114 16.96 -23.03 -128.82
N ALA D 115 17.49 -22.95 -130.04
CA ALA D 115 18.84 -23.42 -130.43
C ALA D 115 19.89 -22.65 -129.64
N PRO D 116 20.65 -23.30 -128.72
CA PRO D 116 21.64 -22.61 -127.91
C PRO D 116 22.85 -22.17 -128.74
N SER D 117 23.03 -20.85 -128.91
CA SER D 117 24.18 -20.23 -129.64
C SER D 117 25.47 -20.66 -128.94
N VAL D 118 26.46 -21.11 -129.72
CA VAL D 118 27.73 -21.71 -129.20
C VAL D 118 28.91 -21.02 -129.87
N PHE D 119 30.02 -20.87 -129.12
CA PHE D 119 31.30 -20.28 -129.58
C PHE D 119 32.46 -20.91 -128.80
N ILE D 120 33.70 -20.58 -129.20
CA ILE D 120 34.96 -21.09 -128.58
C ILE D 120 35.73 -19.91 -128.00
N PHE D 121 36.49 -20.16 -126.92
CA PHE D 121 37.39 -19.19 -126.25
C PHE D 121 38.73 -19.88 -125.96
N PRO D 122 39.70 -19.83 -126.88
CA PRO D 122 41.02 -20.44 -126.65
C PRO D 122 41.88 -19.58 -125.74
N PRO D 123 42.81 -20.17 -124.96
CA PRO D 123 43.63 -19.41 -124.03
C PRO D 123 44.56 -18.40 -124.74
N SER D 124 44.67 -17.21 -124.17
CA SER D 124 45.58 -16.12 -124.64
C SER D 124 47.01 -16.43 -124.22
N ASP D 125 47.99 -15.99 -125.02
CA ASP D 125 49.44 -16.09 -124.70
C ASP D 125 49.66 -15.47 -123.33
N SER D 126 49.19 -14.23 -123.14
CA SER D 126 49.21 -13.45 -121.88
C SER D 126 48.73 -14.33 -120.71
N GLN D 127 47.56 -14.98 -120.88
CA GLN D 127 46.97 -15.91 -119.88
C GLN D 127 47.92 -17.10 -119.69
N LEU D 128 48.33 -17.73 -120.78
CA LEU D 128 49.21 -18.95 -120.81
C LEU D 128 50.57 -18.63 -120.18
N LYS D 129 51.04 -17.39 -120.28
CA LYS D 129 52.39 -16.93 -119.87
C LYS D 129 52.73 -17.41 -118.45
N SER D 130 51.76 -17.39 -117.53
CA SER D 130 51.93 -17.67 -116.08
C SER D 130 52.24 -19.16 -115.84
N GLY D 131 51.99 -20.03 -116.82
CA GLY D 131 52.17 -21.49 -116.71
C GLY D 131 50.88 -22.21 -116.33
N THR D 132 49.76 -21.48 -116.33
CA THR D 132 48.37 -22.02 -116.19
C THR D 132 47.59 -21.71 -117.47
N ALA D 133 46.88 -22.70 -118.03
CA ALA D 133 46.18 -22.61 -119.33
C ALA D 133 44.73 -23.10 -119.19
N SER D 134 43.77 -22.35 -119.76
CA SER D 134 42.32 -22.66 -119.74
C SER D 134 41.68 -22.33 -121.10
N VAL D 135 40.96 -23.31 -121.66
CA VAL D 135 40.11 -23.18 -122.88
C VAL D 135 38.66 -23.13 -122.42
N VAL D 136 37.88 -22.17 -122.93
CA VAL D 136 36.43 -22.02 -122.63
C VAL D 136 35.63 -22.21 -123.93
N CYS D 137 34.51 -22.95 -123.85
CA CYS D 137 33.52 -23.14 -124.94
C CYS D 137 32.23 -22.41 -124.57
N LEU D 138 31.80 -21.47 -125.42
CA LEU D 138 30.63 -20.59 -125.18
C LEU D 138 29.34 -21.33 -125.52
N LEU D 139 28.33 -21.22 -124.64
CA LEU D 139 26.94 -21.72 -124.86
C LEU D 139 25.97 -20.68 -124.29
N ASN D 140 25.56 -19.71 -125.11
CA ASN D 140 24.70 -18.55 -124.70
C ASN D 140 23.30 -18.70 -125.30
N ASN D 141 22.31 -18.05 -124.68
CA ASN D 141 20.90 -18.01 -125.15
C ASN D 141 20.42 -19.44 -125.45
N PHE D 142 20.31 -20.25 -124.40
CA PHE D 142 20.02 -21.71 -124.45
C PHE D 142 18.63 -22.00 -123.87
N TYR D 143 17.95 -23.01 -124.43
CA TYR D 143 16.65 -23.53 -123.94
C TYR D 143 16.39 -24.91 -124.58
N PRO D 144 16.13 -25.97 -123.78
CA PRO D 144 16.07 -25.89 -122.32
C PRO D 144 17.46 -26.03 -121.64
N ARG D 145 17.46 -26.06 -120.30
CA ARG D 145 18.68 -26.12 -119.45
C ARG D 145 19.38 -27.47 -119.61
N GLU D 146 18.61 -28.56 -119.75
CA GLU D 146 19.13 -29.93 -119.93
C GLU D 146 20.03 -29.98 -121.17
N ALA D 147 21.35 -30.07 -120.96
CA ALA D 147 22.39 -30.15 -122.02
C ALA D 147 23.55 -31.01 -121.52
N LYS D 148 24.34 -31.56 -122.44
CA LYS D 148 25.51 -32.43 -122.16
C LYS D 148 26.81 -31.73 -122.59
N VAL D 149 27.68 -31.42 -121.62
CA VAL D 149 29.02 -30.81 -121.84
C VAL D 149 30.02 -31.93 -122.12
N GLN D 150 30.65 -31.92 -123.30
CA GLN D 150 31.64 -32.94 -123.74
C GLN D 150 32.78 -32.24 -124.48
N TRP D 151 33.98 -32.23 -123.89
CA TRP D 151 35.22 -31.62 -124.45
C TRP D 151 36.16 -32.71 -124.95
N LYS D 152 36.90 -32.45 -126.04
CA LYS D 152 37.82 -33.39 -126.70
C LYS D 152 39.15 -32.70 -127.03
N VAL D 153 40.26 -33.17 -126.44
CA VAL D 153 41.65 -32.68 -126.65
C VAL D 153 42.30 -33.53 -127.75
N ASP D 154 42.57 -32.93 -128.92
CA ASP D 154 43.04 -33.63 -130.14
C ASP D 154 42.01 -34.71 -130.51
N ASN D 155 40.72 -34.37 -130.41
CA ASN D 155 39.57 -35.27 -130.69
C ASN D 155 39.36 -36.28 -129.54
N ALA D 156 40.24 -36.28 -128.53
CA ALA D 156 40.24 -37.24 -127.40
C ALA D 156 39.64 -36.55 -126.15
N LEU D 157 38.51 -37.07 -125.66
CA LEU D 157 37.80 -36.55 -124.46
C LEU D 157 38.70 -36.67 -123.23
N GLN D 158 38.67 -35.66 -122.36
CA GLN D 158 39.40 -35.62 -121.05
C GLN D 158 38.37 -35.69 -119.92
N SER D 159 38.84 -35.70 -118.67
CA SER D 159 38.01 -35.79 -117.44
C SER D 159 38.67 -35.02 -116.29
N GLY D 160 37.89 -34.21 -115.57
CA GLY D 160 38.31 -33.53 -114.32
C GLY D 160 38.94 -32.17 -114.56
N ASN D 161 39.19 -31.81 -115.83
CA ASN D 161 39.93 -30.57 -116.23
C ASN D 161 38.96 -29.50 -116.72
N SER D 162 37.72 -29.49 -116.23
CA SER D 162 36.65 -28.54 -116.64
C SER D 162 35.73 -28.21 -115.46
N GLN D 163 35.26 -26.96 -115.39
CA GLN D 163 34.18 -26.48 -114.48
C GLN D 163 33.03 -25.94 -115.34
N GLU D 164 31.79 -26.28 -115.00
CA GLU D 164 30.56 -25.92 -115.76
C GLU D 164 29.74 -24.89 -114.95
N SER D 165 29.27 -23.83 -115.63
CA SER D 165 28.43 -22.74 -115.07
C SER D 165 27.31 -22.41 -116.05
N VAL D 166 26.15 -21.97 -115.55
CA VAL D 166 24.92 -21.70 -116.36
C VAL D 166 24.17 -20.49 -115.80
N THR D 167 23.99 -19.46 -116.64
CA THR D 167 23.27 -18.20 -116.33
C THR D 167 21.77 -18.49 -116.12
N GLU D 168 20.97 -17.44 -115.94
CA GLU D 168 19.47 -17.52 -115.88
C GLU D 168 18.90 -17.22 -117.27
N GLN D 169 17.60 -17.46 -117.47
CA GLN D 169 16.87 -17.14 -118.73
C GLN D 169 16.99 -15.63 -118.98
N ASP D 170 17.25 -15.23 -120.23
CA ASP D 170 17.51 -13.83 -120.65
C ASP D 170 16.30 -12.95 -120.28
N SER D 171 16.54 -11.67 -120.00
CA SER D 171 15.51 -10.65 -119.67
C SER D 171 14.59 -10.42 -120.86
N LYS D 172 15.10 -10.61 -122.09
CA LYS D 172 14.37 -10.41 -123.37
C LYS D 172 14.14 -11.77 -124.06
N ASP D 173 15.24 -12.49 -124.37
CA ASP D 173 15.23 -13.75 -125.17
C ASP D 173 14.71 -14.92 -124.33
N SER D 174 14.58 -14.76 -123.01
CA SER D 174 14.14 -15.80 -122.05
C SER D 174 15.05 -17.03 -122.16
N THR D 175 16.23 -16.87 -122.78
CA THR D 175 17.19 -17.96 -123.11
C THR D 175 18.40 -17.81 -122.18
N TYR D 176 18.96 -18.93 -121.71
CA TYR D 176 20.04 -18.95 -120.68
C TYR D 176 21.40 -19.14 -121.36
N SER D 177 22.46 -18.67 -120.68
CA SER D 177 23.88 -18.87 -121.09
C SER D 177 24.52 -19.93 -120.20
N LEU D 178 25.42 -20.72 -120.79
CA LEU D 178 26.19 -21.81 -120.12
C LEU D 178 27.68 -21.60 -120.36
N SER D 179 28.46 -21.63 -119.28
CA SER D 179 29.93 -21.41 -119.23
C SER D 179 30.64 -22.73 -118.92
N SER D 180 31.51 -23.19 -119.81
CA SER D 180 32.29 -24.45 -119.66
C SER D 180 33.75 -24.18 -120.04
N THR D 181 34.64 -24.09 -119.05
CA THR D 181 36.08 -23.78 -119.21
C THR D 181 36.92 -25.04 -118.93
N LEU D 182 37.53 -25.59 -119.99
CA LEU D 182 38.55 -26.67 -119.92
C LEU D 182 39.89 -26.03 -119.52
N THR D 183 40.51 -26.52 -118.44
CA THR D 183 41.75 -25.95 -117.85
C THR D 183 42.69 -27.08 -117.42
N LEU D 184 43.94 -27.05 -117.90
CA LEU D 184 44.97 -28.09 -117.62
C LEU D 184 46.36 -27.44 -117.60
N SER D 185 47.40 -28.24 -117.34
CA SER D 185 48.83 -27.83 -117.28
C SER D 185 49.25 -27.24 -118.63
N LYS D 186 50.16 -26.26 -118.60
CA LYS D 186 50.74 -25.62 -119.81
C LYS D 186 51.29 -26.69 -120.75
N ALA D 187 52.01 -27.68 -120.19
CA ALA D 187 52.55 -28.87 -120.89
C ALA D 187 51.46 -29.51 -121.76
N ASP D 188 50.28 -29.74 -121.17
CA ASP D 188 49.11 -30.37 -121.83
C ASP D 188 48.65 -29.49 -123.01
N TYR D 189 48.62 -28.17 -122.83
CA TYR D 189 48.24 -27.17 -123.86
C TYR D 189 49.10 -27.36 -125.11
N GLU D 190 50.41 -27.53 -124.93
CA GLU D 190 51.40 -27.78 -126.02
C GLU D 190 51.30 -29.24 -126.49
N LYS D 191 50.95 -30.17 -125.58
CA LYS D 191 50.89 -31.63 -125.83
C LYS D 191 49.76 -31.98 -126.82
N HIS D 192 48.76 -31.09 -126.95
CA HIS D 192 47.63 -31.23 -127.91
C HIS D 192 47.61 -30.05 -128.87
N LYS D 193 47.19 -30.27 -130.13
CA LYS D 193 47.05 -29.23 -131.18
C LYS D 193 45.56 -28.97 -131.43
N VAL D 194 44.83 -29.97 -131.93
CA VAL D 194 43.36 -29.93 -132.14
C VAL D 194 42.68 -29.76 -130.78
N TYR D 195 41.95 -28.65 -130.59
CA TYR D 195 41.16 -28.33 -129.37
C TYR D 195 39.71 -28.13 -129.79
N ALA D 196 38.80 -28.97 -129.29
CA ALA D 196 37.38 -29.04 -129.69
C ALA D 196 36.49 -29.41 -128.50
N CYS D 197 35.18 -29.19 -128.64
CA CYS D 197 34.13 -29.55 -127.64
C CYS D 197 32.84 -29.97 -128.36
N GLU D 198 32.20 -31.03 -127.88
CA GLU D 198 30.94 -31.61 -128.41
C GLU D 198 29.78 -31.25 -127.48
N VAL D 199 28.79 -30.51 -127.99
CA VAL D 199 27.60 -30.01 -127.25
C VAL D 199 26.38 -30.85 -127.66
N THR D 200 25.69 -31.43 -126.68
CA THR D 200 24.44 -32.23 -126.86
C THR D 200 23.26 -31.48 -126.22
N HIS D 201 22.29 -31.07 -127.03
CA HIS D 201 21.06 -30.33 -126.59
C HIS D 201 19.95 -30.51 -127.63
N GLN D 202 18.70 -30.41 -127.18
CA GLN D 202 17.46 -30.60 -128.01
C GLN D 202 17.51 -29.66 -129.21
N GLY D 203 17.90 -28.40 -128.99
CA GLY D 203 18.10 -27.38 -130.05
C GLY D 203 19.08 -27.85 -131.12
N LEU D 204 20.09 -28.61 -130.72
CA LEU D 204 21.11 -29.24 -131.62
C LEU D 204 20.52 -30.54 -132.20
N SER D 205 19.64 -30.41 -133.20
CA SER D 205 19.05 -31.54 -133.96
C SER D 205 20.19 -32.39 -134.52
N SER D 206 21.01 -31.80 -135.40
CA SER D 206 22.40 -32.21 -135.66
C SER D 206 23.29 -31.57 -134.59
N PRO D 207 23.81 -32.33 -133.62
CA PRO D 207 24.78 -31.79 -132.66
C PRO D 207 26.03 -31.26 -133.38
N VAL D 208 26.40 -30.00 -133.13
CA VAL D 208 27.54 -29.29 -133.78
C VAL D 208 28.73 -29.31 -132.82
N THR D 209 29.95 -29.34 -133.35
CA THR D 209 31.22 -29.18 -132.60
C THR D 209 32.16 -28.24 -133.36
N LYS D 210 32.61 -27.17 -132.71
CA LYS D 210 33.60 -26.18 -133.25
C LYS D 210 34.97 -26.47 -132.65
N SER D 211 36.04 -26.22 -133.41
CA SER D 211 37.43 -26.67 -133.12
C SER D 211 38.43 -25.53 -133.35
N PHE D 212 39.63 -25.68 -132.79
CA PHE D 212 40.82 -24.82 -133.01
C PHE D 212 42.09 -25.67 -132.84
N ASN D 213 43.08 -25.45 -133.72
CA ASN D 213 44.41 -26.10 -133.69
C ASN D 213 45.39 -25.18 -132.95
N ARG D 214 46.34 -25.76 -132.20
CA ARG D 214 47.31 -25.01 -131.34
C ARG D 214 48.15 -24.08 -132.24
N GLY D 215 48.09 -22.76 -131.98
CA GLY D 215 48.75 -21.72 -132.78
C GLY D 215 47.77 -21.03 -133.73
N SER E 1 6.62 49.65 20.70
CA SER E 1 7.57 50.79 20.58
C SER E 1 7.24 51.61 19.32
N ASP E 2 8.05 52.63 19.02
CA ASP E 2 7.89 53.52 17.84
C ASP E 2 9.24 54.20 17.55
N ILE E 3 9.47 54.57 16.29
CA ILE E 3 10.75 55.17 15.79
C ILE E 3 10.41 56.32 14.84
N GLN E 4 11.22 57.38 14.86
CA GLN E 4 11.06 58.54 13.95
C GLN E 4 12.45 59.06 13.56
N MET E 5 13.18 58.31 12.73
CA MET E 5 14.53 58.67 12.22
C MET E 5 14.45 60.01 11.48
N THR E 6 14.61 61.11 12.21
CA THR E 6 14.62 62.51 11.68
C THR E 6 16.01 62.81 11.08
N GLN E 7 16.16 62.64 9.76
CA GLN E 7 17.42 62.86 9.02
C GLN E 7 17.53 64.35 8.66
N SER E 8 18.77 64.89 8.64
CA SER E 8 19.09 66.29 8.27
C SER E 8 20.43 66.34 7.53
N PRO E 9 20.68 67.34 6.66
CA PRO E 9 19.72 68.41 6.36
C PRO E 9 18.80 68.08 5.17
N SER E 10 17.96 69.05 4.76
CA SER E 10 17.03 68.94 3.62
C SER E 10 17.82 68.96 2.30
N SER E 11 18.20 70.15 1.82
CA SER E 11 18.94 70.36 0.55
C SER E 11 20.43 70.45 0.85
N LEU E 12 21.22 69.54 0.27
CA LEU E 12 22.70 69.46 0.47
C LEU E 12 23.38 69.50 -0.90
N SER E 13 23.65 70.71 -1.42
CA SER E 13 24.49 70.95 -2.63
C SER E 13 25.93 71.22 -2.19
N ALA E 14 26.91 70.51 -2.78
CA ALA E 14 28.34 70.60 -2.42
C ALA E 14 29.23 70.34 -3.64
N SER E 15 30.52 70.74 -3.54
CA SER E 15 31.58 70.51 -4.54
C SER E 15 32.18 69.11 -4.34
N VAL E 16 32.76 68.53 -5.39
CA VAL E 16 33.42 67.19 -5.35
C VAL E 16 34.63 67.28 -4.43
N GLY E 17 35.10 66.12 -3.93
CA GLY E 17 36.28 66.01 -3.06
C GLY E 17 36.03 66.46 -1.63
N ASP E 18 35.01 67.29 -1.39
CA ASP E 18 34.70 67.89 -0.06
C ASP E 18 34.13 66.80 0.86
N ARG E 19 34.19 67.04 2.19
CA ARG E 19 33.66 66.12 3.23
C ARG E 19 32.22 66.51 3.56
N VAL E 20 31.30 65.53 3.55
CA VAL E 20 29.86 65.72 3.85
C VAL E 20 29.45 64.74 4.96
N THR E 21 28.65 65.21 5.93
CA THR E 21 28.12 64.41 7.06
C THR E 21 26.59 64.45 7.03
N ILE E 22 25.96 63.27 6.87
CA ILE E 22 24.47 63.08 6.87
C ILE E 22 24.06 62.59 8.27
N THR E 23 23.39 63.46 9.04
CA THR E 23 22.95 63.21 10.44
C THR E 23 21.48 62.80 10.47
N CYS E 24 21.10 61.94 11.41
CA CYS E 24 19.70 61.51 11.67
C CYS E 24 19.48 61.34 13.19
N ARG E 25 18.37 61.89 13.69
CA ARG E 25 18.01 61.96 15.13
C ARG E 25 17.02 60.84 15.47
N ALA E 26 17.30 60.07 16.52
CA ALA E 26 16.43 58.97 17.03
C ALA E 26 15.50 59.54 18.10
N SER E 27 14.20 59.24 17.99
CA SER E 27 13.15 59.59 18.98
C SER E 27 13.43 58.86 20.30
N GLN E 28 13.28 57.52 20.30
CA GLN E 28 13.46 56.64 21.48
C GLN E 28 14.81 55.91 21.37
N SER E 29 15.13 55.07 22.36
CA SER E 29 16.42 54.33 22.49
C SER E 29 16.62 53.40 21.29
N VAL E 30 17.06 53.96 20.15
CA VAL E 30 17.50 53.19 18.95
C VAL E 30 18.90 52.66 19.23
N SER E 31 19.13 51.36 19.03
CA SER E 31 20.37 50.63 19.44
C SER E 31 21.44 50.79 18.35
N SER E 32 22.54 50.05 18.49
CA SER E 32 23.68 50.00 17.51
C SER E 32 23.19 49.50 16.15
N ALA E 33 22.15 48.66 16.13
CA ALA E 33 21.53 48.08 14.92
C ALA E 33 20.83 49.18 14.10
N VAL E 34 21.61 50.12 13.59
CA VAL E 34 21.16 51.24 12.71
C VAL E 34 21.60 50.91 11.28
N ALA E 35 20.80 51.29 10.29
CA ALA E 35 21.10 51.09 8.85
C ALA E 35 20.88 52.39 8.09
N TRP E 36 21.78 52.70 7.14
CA TRP E 36 21.65 53.81 6.16
C TRP E 36 21.89 53.26 4.75
N TYR E 37 21.15 53.75 3.75
CA TYR E 37 21.25 53.31 2.34
C TYR E 37 21.07 54.52 1.40
N GLN E 38 21.69 54.44 0.22
CA GLN E 38 21.75 55.53 -0.81
C GLN E 38 21.45 54.94 -2.19
N GLN E 39 20.62 55.63 -2.98
CA GLN E 39 20.08 55.14 -4.29
C GLN E 39 19.99 56.28 -5.30
N LYS E 40 20.38 56.03 -6.55
CA LYS E 40 20.23 56.96 -7.70
C LYS E 40 18.73 57.16 -7.98
N PRO E 41 18.34 58.23 -8.72
CA PRO E 41 16.93 58.49 -9.00
C PRO E 41 16.32 57.41 -9.90
N GLY E 42 15.13 56.90 -9.53
CA GLY E 42 14.45 55.77 -10.19
C GLY E 42 15.28 54.50 -10.11
N LYS E 43 16.16 54.39 -9.11
CA LYS E 43 17.08 53.24 -8.92
C LYS E 43 16.80 52.58 -7.57
N ALA E 44 17.14 51.30 -7.45
CA ALA E 44 16.86 50.42 -6.28
C ALA E 44 17.66 50.91 -5.06
N PRO E 45 17.16 50.68 -3.83
CA PRO E 45 17.98 50.81 -2.62
C PRO E 45 19.35 50.12 -2.72
N LYS E 46 20.39 50.77 -2.20
CA LYS E 46 21.75 50.19 -1.99
C LYS E 46 22.15 50.40 -0.52
N LEU E 47 21.98 49.35 0.30
CA LEU E 47 22.34 49.35 1.75
C LEU E 47 23.80 49.80 1.89
N LEU E 48 24.01 50.96 2.51
CA LEU E 48 25.33 51.64 2.63
C LEU E 48 26.07 51.13 3.86
N ILE E 49 25.52 51.37 5.06
CA ILE E 49 26.15 51.06 6.37
C ILE E 49 25.30 50.02 7.12
N TYR E 50 25.90 48.87 7.47
CA TYR E 50 25.33 47.80 8.31
C TYR E 50 25.87 47.93 9.74
N SER E 51 25.01 47.67 10.74
CA SER E 51 25.31 47.80 12.19
C SER E 51 25.99 49.15 12.48
N ALA E 52 25.68 50.18 11.68
CA ALA E 52 26.08 51.60 11.87
C ALA E 52 27.59 51.81 11.67
N SER E 53 28.33 50.78 11.24
CA SER E 53 29.82 50.82 11.06
C SER E 53 30.25 49.92 9.89
N SER E 54 29.65 48.73 9.78
CA SER E 54 30.00 47.68 8.79
C SER E 54 29.55 48.07 7.37
N LEU E 55 30.49 48.32 6.47
CA LEU E 55 30.24 48.55 5.02
C LEU E 55 29.95 47.20 4.38
N TYR E 56 28.86 47.10 3.60
CA TYR E 56 28.44 45.87 2.88
C TYR E 56 29.57 45.43 1.94
N SER E 57 29.78 44.11 1.80
CA SER E 57 30.87 43.53 0.96
C SER E 57 30.82 44.14 -0.44
N GLY E 58 31.75 45.04 -0.76
CA GLY E 58 31.82 45.77 -2.04
C GLY E 58 31.56 47.25 -1.89
N VAL E 59 30.99 47.68 -0.76
CA VAL E 59 30.75 49.11 -0.40
C VAL E 59 32.11 49.80 -0.27
N PRO E 60 32.36 50.92 -1.00
CA PRO E 60 33.62 51.65 -0.87
C PRO E 60 33.86 52.24 0.53
N SER E 61 35.14 52.40 0.90
CA SER E 61 35.58 52.95 2.22
C SER E 61 35.38 54.47 2.27
N ARG E 62 35.10 55.10 1.12
CA ARG E 62 34.93 56.57 0.93
C ARG E 62 33.96 57.16 1.97
N PHE E 63 32.98 56.37 2.42
CA PHE E 63 31.91 56.79 3.37
C PHE E 63 32.00 55.96 4.65
N SER E 64 31.47 56.51 5.75
CA SER E 64 31.46 55.91 7.10
C SER E 64 30.35 56.52 7.96
N GLY E 65 29.77 55.71 8.86
CA GLY E 65 28.71 56.10 9.80
C GLY E 65 29.20 56.07 11.24
N SER E 66 28.79 57.06 12.03
CA SER E 66 29.14 57.22 13.47
C SER E 66 27.85 57.23 14.31
N ARG E 67 27.98 56.92 15.60
CA ARG E 67 26.86 56.86 16.58
C ARG E 67 27.14 57.82 17.75
N SER E 68 26.13 58.62 18.13
CA SER E 68 26.11 59.50 19.34
C SER E 68 24.75 59.38 20.01
N GLY E 69 24.48 58.23 20.65
CA GLY E 69 23.21 57.89 21.30
C GLY E 69 22.02 58.15 20.38
N THR E 70 21.23 59.18 20.69
CA THR E 70 20.03 59.62 19.91
C THR E 70 20.47 60.05 18.50
N ASP E 71 21.59 60.79 18.40
CA ASP E 71 22.17 61.25 17.11
C ASP E 71 22.90 60.07 16.46
N PHE E 72 22.52 59.69 15.24
CA PHE E 72 23.25 58.73 14.38
C PHE E 72 23.57 59.44 13.06
N THR E 73 24.85 59.40 12.63
CA THR E 73 25.38 60.23 11.52
C THR E 73 26.27 59.40 10.59
N LEU E 74 26.03 59.54 9.29
CA LEU E 74 26.89 59.00 8.19
C LEU E 74 27.70 60.15 7.60
N THR E 75 28.88 59.85 7.05
CA THR E 75 29.81 60.85 6.46
C THR E 75 30.62 60.22 5.32
N ILE E 76 30.85 60.98 4.26
CA ILE E 76 31.82 60.67 3.16
C ILE E 76 32.70 61.90 2.95
N SER E 77 34.03 61.69 2.82
CA SER E 77 35.07 62.74 2.79
C SER E 77 35.55 63.00 1.36
N SER E 78 35.52 61.99 0.49
CA SER E 78 35.95 62.07 -0.94
C SER E 78 34.77 61.79 -1.86
N LEU E 79 34.42 62.75 -2.72
CA LEU E 79 33.35 62.61 -3.74
C LEU E 79 33.74 61.51 -4.73
N GLN E 80 33.03 60.39 -4.67
CA GLN E 80 33.08 59.28 -5.68
C GLN E 80 32.27 59.71 -6.90
N PRO E 81 32.43 59.06 -8.08
CA PRO E 81 31.62 59.38 -9.25
C PRO E 81 30.12 59.43 -8.91
N GLU E 82 29.67 58.58 -7.98
CA GLU E 82 28.30 58.60 -7.40
C GLU E 82 28.18 59.79 -6.43
N ASP E 83 28.49 61.00 -6.91
CA ASP E 83 28.45 62.26 -6.13
C ASP E 83 26.98 62.58 -5.81
N PHE E 84 26.19 62.87 -6.85
CA PHE E 84 24.72 62.98 -6.77
C PHE E 84 24.16 61.67 -6.19
N ALA E 85 23.56 61.74 -5.00
CA ALA E 85 23.04 60.59 -4.23
C ALA E 85 21.92 61.05 -3.29
N THR E 86 21.26 60.10 -2.63
CA THR E 86 20.29 60.34 -1.53
C THR E 86 20.80 59.61 -0.29
N TYR E 87 20.26 59.97 0.89
CA TYR E 87 20.64 59.38 2.20
C TYR E 87 19.42 59.30 3.11
N TYR E 88 19.02 58.07 3.48
CA TYR E 88 17.97 57.82 4.50
C TYR E 88 18.42 56.66 5.40
N CYS E 89 18.22 56.83 6.71
CA CYS E 89 18.50 55.82 7.77
C CYS E 89 17.45 54.69 7.69
N GLN E 90 17.62 53.67 8.54
CA GLN E 90 16.66 52.57 8.77
C GLN E 90 16.85 52.04 10.19
N GLN E 91 15.81 52.21 11.02
CA GLN E 91 15.77 51.86 12.46
C GLN E 91 15.07 50.52 12.62
N TYR E 92 15.74 49.54 13.24
CA TYR E 92 15.28 48.13 13.36
C TYR E 92 15.10 47.76 14.83
N ILE E 93 14.16 46.85 15.10
CA ILE E 93 14.10 46.03 16.34
C ILE E 93 14.54 44.61 15.95
N SER E 94 15.36 43.96 16.79
CA SER E 94 15.89 42.58 16.56
C SER E 94 14.74 41.69 16.08
N TYR E 95 13.61 41.80 16.78
CA TYR E 95 12.27 41.30 16.38
C TYR E 95 11.23 41.92 17.33
N HIS E 96 10.55 42.98 16.89
CA HIS E 96 9.57 43.75 17.70
C HIS E 96 8.61 44.53 16.78
N GLU E 97 7.68 45.27 17.40
CA GLU E 97 6.56 45.98 16.73
C GLU E 97 7.07 46.91 15.62
N PRO E 98 8.02 47.85 15.90
CA PRO E 98 8.32 48.93 14.97
C PRO E 98 9.31 48.56 13.84
N ILE E 99 8.96 48.94 12.60
CA ILE E 99 9.87 49.01 11.41
C ILE E 99 9.78 50.43 10.84
N THR E 100 10.93 51.07 10.56
CA THR E 100 11.00 52.51 10.18
C THR E 100 12.31 52.82 9.45
N PHE E 101 12.22 53.64 8.39
CA PHE E 101 13.37 54.11 7.55
C PHE E 101 13.35 55.65 7.50
N GLY E 102 14.48 56.24 7.07
CA GLY E 102 14.76 57.68 7.21
C GLY E 102 13.87 58.55 6.34
N GLN E 103 13.75 59.83 6.69
CA GLN E 103 12.95 60.85 5.97
C GLN E 103 13.72 61.37 4.74
N GLY E 104 14.94 60.86 4.50
CA GLY E 104 15.72 61.11 3.28
C GLY E 104 16.54 62.38 3.35
N THR E 105 17.77 62.33 2.82
CA THR E 105 18.73 63.47 2.72
C THR E 105 19.23 63.58 1.28
N LYS E 106 18.70 64.56 0.53
CA LYS E 106 19.10 64.87 -0.86
C LYS E 106 20.56 65.35 -0.85
N VAL E 107 21.45 64.57 -1.47
CA VAL E 107 22.90 64.89 -1.64
C VAL E 107 23.13 65.36 -3.08
N GLU E 108 23.00 66.67 -3.32
CA GLU E 108 23.18 67.29 -4.66
C GLU E 108 24.64 67.72 -4.83
N ILE E 109 25.16 67.66 -6.06
CA ILE E 109 26.53 68.11 -6.44
C ILE E 109 26.44 69.56 -6.93
N LYS E 110 26.95 70.51 -6.12
CA LYS E 110 26.93 71.97 -6.41
C LYS E 110 27.91 72.27 -7.56
N ARG E 111 27.41 72.80 -8.68
CA ARG E 111 28.16 72.93 -9.96
C ARG E 111 28.34 74.41 -10.29
N THR E 112 29.01 74.71 -11.42
CA THR E 112 29.31 76.07 -11.92
C THR E 112 28.03 76.92 -11.96
N VAL E 113 28.15 78.22 -11.68
CA VAL E 113 27.03 79.21 -11.73
C VAL E 113 26.78 79.56 -13.20
N ALA E 114 25.93 78.78 -13.86
CA ALA E 114 25.69 78.82 -15.33
C ALA E 114 24.49 79.73 -15.64
N ALA E 115 24.61 80.54 -16.70
CA ALA E 115 23.53 81.38 -17.25
C ALA E 115 22.38 80.50 -17.74
N PRO E 116 21.20 80.55 -17.11
CA PRO E 116 20.09 79.67 -17.50
C PRO E 116 19.49 80.09 -18.86
N SER E 117 19.66 79.24 -19.88
CA SER E 117 19.10 79.44 -21.25
C SER E 117 17.58 79.56 -21.14
N VAL E 118 17.00 80.57 -21.79
CA VAL E 118 15.55 80.92 -21.66
C VAL E 118 14.95 81.06 -23.06
N PHE E 119 13.67 80.67 -23.21
CA PHE E 119 12.88 80.76 -24.45
C PHE E 119 11.40 80.95 -24.09
N ILE E 120 10.57 81.21 -25.11
CA ILE E 120 9.10 81.43 -24.98
C ILE E 120 8.35 80.32 -25.75
N PHE E 121 7.15 79.96 -25.27
CA PHE E 121 6.23 78.99 -25.90
C PHE E 121 4.82 79.57 -25.88
N PRO E 122 4.39 80.31 -26.92
CA PRO E 122 3.04 80.86 -26.98
C PRO E 122 2.03 79.79 -27.38
N PRO E 123 0.75 79.89 -26.94
CA PRO E 123 -0.25 78.87 -27.24
C PRO E 123 -0.55 78.76 -28.74
N SER E 124 -0.69 77.52 -29.22
CA SER E 124 -1.06 77.18 -30.62
C SER E 124 -2.57 77.39 -30.80
N ASP E 125 -2.98 77.75 -32.02
CA ASP E 125 -4.41 77.87 -32.43
C ASP E 125 -5.11 76.56 -32.08
N SER E 126 -4.53 75.44 -32.54
CA SER E 126 -4.97 74.04 -32.27
C SER E 126 -5.25 73.86 -30.77
N GLN E 127 -4.28 74.24 -29.93
CA GLN E 127 -4.38 74.19 -28.45
C GLN E 127 -5.52 75.11 -27.99
N LEU E 128 -5.51 76.37 -28.45
CA LEU E 128 -6.49 77.43 -28.08
C LEU E 128 -7.91 77.02 -28.50
N LYS E 129 -8.03 76.25 -29.60
CA LYS E 129 -9.31 75.87 -30.25
C LYS E 129 -10.34 75.38 -29.21
N SER E 130 -9.89 74.60 -28.22
CA SER E 130 -10.75 73.90 -27.22
C SER E 130 -11.42 74.89 -26.25
N GLY E 131 -10.91 76.14 -26.19
CA GLY E 131 -11.40 77.19 -25.26
C GLY E 131 -10.58 77.25 -23.99
N THR E 132 -9.46 76.52 -23.94
CA THR E 132 -8.42 76.60 -22.87
C THR E 132 -7.10 77.05 -23.51
N ALA E 133 -6.41 78.02 -22.90
CA ALA E 133 -5.20 78.67 -23.44
C ALA E 133 -4.09 78.69 -22.39
N SER E 134 -2.86 78.33 -22.79
CA SER E 134 -1.66 78.28 -21.91
C SER E 134 -0.42 78.80 -22.66
N VAL E 135 0.28 79.76 -22.05
CA VAL E 135 1.61 80.29 -22.49
C VAL E 135 2.67 79.69 -21.58
N VAL E 136 3.76 79.16 -22.15
CA VAL E 136 4.91 78.57 -21.42
C VAL E 136 6.17 79.39 -21.72
N CYS E 137 6.97 79.67 -20.69
CA CYS E 137 8.30 80.33 -20.78
C CYS E 137 9.38 79.29 -20.43
N LEU E 138 10.32 79.07 -21.36
CA LEU E 138 11.39 78.04 -21.26
C LEU E 138 12.53 78.58 -20.39
N LEU E 139 13.03 77.75 -19.46
CA LEU E 139 14.24 78.00 -18.63
C LEU E 139 15.01 76.69 -18.49
N ASN E 140 15.94 76.41 -19.43
CA ASN E 140 16.70 75.14 -19.52
C ASN E 140 18.16 75.38 -19.14
N ASN E 141 18.85 74.33 -18.71
CA ASN E 141 20.31 74.34 -18.39
C ASN E 141 20.59 75.51 -17.43
N PHE E 142 20.06 75.43 -16.20
CA PHE E 142 20.07 76.51 -15.19
C PHE E 142 20.95 76.11 -14.00
N TYR E 143 21.61 77.10 -13.39
CA TYR E 143 22.42 76.96 -12.15
C TYR E 143 22.68 78.35 -11.56
N PRO E 144 22.33 78.61 -10.28
CA PRO E 144 21.71 77.61 -9.39
C PRO E 144 20.19 77.54 -9.53
N ARG E 145 19.55 76.72 -8.68
CA ARG E 145 18.08 76.46 -8.67
C ARG E 145 17.31 77.72 -8.24
N GLU E 146 17.86 78.49 -7.30
CA GLU E 146 17.25 79.74 -6.78
C GLU E 146 17.03 80.71 -7.95
N ALA E 147 15.77 80.89 -8.35
CA ALA E 147 15.33 81.81 -9.43
C ALA E 147 13.94 82.36 -9.10
N LYS E 148 13.57 83.49 -9.70
CA LYS E 148 12.26 84.17 -9.52
C LYS E 148 11.45 84.13 -10.82
N VAL E 149 10.32 83.43 -10.80
CA VAL E 149 9.36 83.32 -11.94
C VAL E 149 8.40 84.52 -11.87
N GLN E 150 8.39 85.36 -12.92
CA GLN E 150 7.54 86.58 -13.00
C GLN E 150 7.01 86.72 -14.42
N TRP E 151 5.69 86.53 -14.61
CA TRP E 151 4.98 86.64 -15.92
C TRP E 151 4.17 87.95 -15.97
N LYS E 152 4.07 88.56 -17.15
CA LYS E 152 3.40 89.87 -17.38
C LYS E 152 2.52 89.79 -18.63
N VAL E 153 1.21 89.97 -18.47
CA VAL E 153 0.17 89.99 -19.55
C VAL E 153 -0.04 91.45 -19.98
N ASP E 154 0.37 91.79 -21.21
CA ASP E 154 0.39 93.18 -21.75
C ASP E 154 1.26 94.04 -20.81
N ASN E 155 2.40 93.48 -20.37
CA ASN E 155 3.38 94.13 -19.45
C ASN E 155 2.85 94.12 -18.00
N ALA E 156 1.63 93.64 -17.78
CA ALA E 156 0.93 93.62 -16.46
C ALA E 156 1.01 92.22 -15.86
N LEU E 157 1.67 92.08 -14.69
CA LEU E 157 1.84 90.80 -13.96
C LEU E 157 0.46 90.27 -13.54
N GLN E 158 0.26 88.95 -13.63
CA GLN E 158 -0.96 88.23 -13.17
C GLN E 158 -0.60 87.38 -11.94
N SER E 159 -1.58 86.67 -11.37
CA SER E 159 -1.43 85.83 -10.15
C SER E 159 -2.38 84.62 -10.22
N GLY E 160 -1.86 83.43 -9.92
CA GLY E 160 -2.64 82.18 -9.76
C GLY E 160 -2.82 81.42 -11.06
N ASN E 161 -2.38 81.99 -12.19
CA ASN E 161 -2.63 81.46 -13.56
C ASN E 161 -1.37 80.78 -14.11
N SER E 162 -0.52 80.23 -13.24
CA SER E 162 0.78 79.59 -13.62
C SER E 162 1.08 78.40 -12.69
N GLN E 163 1.70 77.35 -13.25
CA GLN E 163 2.32 76.22 -12.50
C GLN E 163 3.82 76.18 -12.85
N GLU E 164 4.67 75.99 -11.85
CA GLU E 164 6.16 76.00 -11.97
C GLU E 164 6.70 74.57 -11.75
N SER E 165 7.60 74.13 -12.63
CA SER E 165 8.27 72.79 -12.60
C SER E 165 9.77 72.98 -12.90
N VAL E 166 10.62 72.11 -12.33
CA VAL E 166 12.11 72.22 -12.44
C VAL E 166 12.72 70.82 -12.52
N THR E 167 13.45 70.55 -13.61
CA THR E 167 14.17 69.27 -13.90
C THR E 167 15.32 69.09 -12.89
N GLU E 168 16.14 68.04 -13.08
CA GLU E 168 17.39 67.80 -12.31
C GLU E 168 18.58 68.36 -13.09
N GLN E 169 19.75 68.43 -12.47
CA GLN E 169 21.03 68.87 -13.11
C GLN E 169 21.32 67.92 -14.29
N ASP E 170 21.73 68.47 -15.43
CA ASP E 170 21.98 67.73 -16.70
C ASP E 170 23.01 66.62 -16.47
N SER E 171 22.92 65.54 -17.24
CA SER E 171 23.85 64.38 -17.19
C SER E 171 25.24 64.80 -17.65
N LYS E 172 25.33 65.81 -18.53
CA LYS E 172 26.58 66.36 -19.10
C LYS E 172 26.84 67.78 -18.56
N ASP E 173 25.90 68.71 -18.79
CA ASP E 173 26.04 70.15 -18.49
C ASP E 173 25.88 70.42 -16.98
N SER E 174 25.42 69.42 -16.22
CA SER E 174 25.16 69.51 -14.75
C SER E 174 24.20 70.66 -14.46
N THR E 175 23.50 71.15 -15.49
CA THR E 175 22.61 72.34 -15.44
C THR E 175 21.15 71.85 -15.53
N TYR E 176 20.24 72.48 -14.78
CA TYR E 176 18.84 72.04 -14.62
C TYR E 176 17.92 72.85 -15.54
N SER E 177 16.78 72.26 -15.91
CA SER E 177 15.71 72.92 -16.71
C SER E 177 14.54 73.26 -15.77
N LEU E 178 13.88 74.39 -16.05
CA LEU E 178 12.72 74.91 -15.29
C LEU E 178 11.56 75.18 -16.26
N SER E 179 10.37 74.65 -15.93
CA SER E 179 9.12 74.72 -16.71
C SER E 179 8.11 75.64 -16.00
N SER E 180 7.68 76.71 -16.66
CA SER E 180 6.70 77.70 -16.13
C SER E 180 5.66 78.00 -17.20
N THR E 181 4.44 77.46 -17.06
CA THR E 181 3.32 77.61 -18.01
C THR E 181 2.25 78.53 -17.42
N LEU E 182 2.10 79.73 -17.98
CA LEU E 182 0.98 80.67 -17.71
C LEU E 182 -0.24 80.18 -18.48
N THR E 183 -1.38 79.97 -17.80
CA THR E 183 -2.62 79.40 -18.38
C THR E 183 -3.84 80.14 -17.81
N LEU E 184 -4.70 80.65 -18.69
CA LEU E 184 -5.92 81.42 -18.33
C LEU E 184 -7.02 81.18 -19.38
N SER E 185 -8.18 81.83 -19.17
CA SER E 185 -9.38 81.72 -20.04
C SER E 185 -9.03 82.20 -21.46
N LYS E 186 -9.68 81.61 -22.47
CA LYS E 186 -9.53 82.01 -23.90
C LYS E 186 -9.79 83.51 -24.04
N ALA E 187 -10.84 84.01 -23.37
CA ALA E 187 -11.21 85.44 -23.28
C ALA E 187 -9.99 86.29 -22.93
N ASP E 188 -9.24 85.87 -21.90
CA ASP E 188 -8.02 86.56 -21.39
C ASP E 188 -6.95 86.59 -22.48
N TYR E 189 -6.78 85.47 -23.21
CA TYR E 189 -5.80 85.32 -24.33
C TYR E 189 -6.03 86.42 -25.36
N GLU E 190 -7.31 86.67 -25.72
CA GLU E 190 -7.73 87.72 -26.68
C GLU E 190 -7.69 89.10 -25.99
N LYS E 191 -7.95 89.14 -24.68
CA LYS E 191 -8.04 90.39 -23.86
C LYS E 191 -6.67 91.07 -23.74
N HIS E 192 -5.57 90.33 -23.96
CA HIS E 192 -4.17 90.85 -23.96
C HIS E 192 -3.52 90.57 -25.33
N LYS E 193 -2.62 91.46 -25.76
CA LYS E 193 -1.83 91.32 -27.02
C LYS E 193 -0.37 90.99 -26.66
N VAL E 194 0.31 91.92 -26.00
CA VAL E 194 1.71 91.74 -25.48
C VAL E 194 1.69 90.62 -24.44
N TYR E 195 2.43 89.53 -24.70
CA TYR E 195 2.61 88.36 -23.79
C TYR E 195 4.11 88.21 -23.51
N ALA E 196 4.52 88.35 -22.25
CA ALA E 196 5.94 88.40 -21.82
C ALA E 196 6.10 87.78 -20.43
N CYS E 197 7.35 87.48 -20.06
CA CYS E 197 7.75 86.93 -18.73
C CYS E 197 9.12 87.49 -18.33
N GLU E 198 9.27 87.85 -17.06
CA GLU E 198 10.51 88.42 -16.44
C GLU E 198 11.17 87.34 -15.57
N VAL E 199 12.40 86.94 -15.91
CA VAL E 199 13.19 85.90 -15.20
C VAL E 199 14.28 86.58 -14.37
N THR E 200 14.34 86.29 -13.07
CA THR E 200 15.36 86.80 -12.12
C THR E 200 16.23 85.62 -11.64
N HIS E 201 17.53 85.65 -11.96
CA HIS E 201 18.54 84.61 -11.58
C HIS E 201 19.94 85.22 -11.60
N GLN E 202 20.85 84.65 -10.80
CA GLN E 202 22.26 85.11 -10.64
C GLN E 202 22.95 85.17 -12.01
N GLY E 203 22.74 84.13 -12.83
CA GLY E 203 23.25 84.05 -14.22
C GLY E 203 22.80 85.23 -15.06
N LEU E 204 21.58 85.73 -14.80
CA LEU E 204 21.00 86.93 -15.45
C LEU E 204 21.53 88.19 -14.75
N SER E 205 22.77 88.58 -15.06
CA SER E 205 23.43 89.82 -14.56
C SER E 205 22.52 91.01 -14.92
N SER E 206 22.33 91.24 -16.22
CA SER E 206 21.15 91.95 -16.78
C SER E 206 20.02 90.93 -16.90
N PRO E 207 18.96 90.99 -16.05
CA PRO E 207 17.78 90.14 -16.23
C PRO E 207 17.13 90.40 -17.58
N VAL E 208 16.92 89.34 -18.37
CA VAL E 208 16.36 89.39 -19.76
C VAL E 208 14.87 89.00 -19.69
N THR E 209 14.05 89.58 -20.58
CA THR E 209 12.62 89.22 -20.77
C THR E 209 12.32 89.16 -22.27
N LYS E 210 11.79 88.02 -22.74
CA LYS E 210 11.36 87.79 -24.14
C LYS E 210 9.82 87.90 -24.20
N SER E 211 9.29 88.37 -25.33
CA SER E 211 7.86 88.78 -25.48
C SER E 211 7.29 88.24 -26.80
N PHE E 212 5.96 88.23 -26.90
CA PHE E 212 5.18 87.95 -28.13
C PHE E 212 3.85 88.74 -28.07
N ASN E 213 3.45 89.32 -29.20
CA ASN E 213 2.16 90.06 -29.37
C ASN E 213 1.12 89.10 -29.96
N ARG E 214 -0.14 89.23 -29.56
CA ARG E 214 -1.26 88.33 -29.95
C ARG E 214 -1.42 88.38 -31.48
N GLY E 215 -1.27 87.24 -32.16
CA GLY E 215 -1.30 87.12 -33.64
C GLY E 215 0.11 87.03 -34.21
N SER F 1 -10.01 39.78 73.10
CA SER F 1 -9.59 40.84 74.06
C SER F 1 -10.82 41.50 74.70
N ASP F 2 -10.60 42.48 75.57
CA ASP F 2 -11.65 43.34 76.17
C ASP F 2 -11.00 44.63 76.69
N ILE F 3 -11.75 45.73 76.71
CA ILE F 3 -11.26 47.08 77.14
C ILE F 3 -12.34 47.73 78.01
N GLN F 4 -11.91 48.46 79.05
CA GLN F 4 -12.82 49.14 80.01
C GLN F 4 -12.19 50.48 80.43
N MET F 5 -12.17 51.45 79.51
CA MET F 5 -11.63 52.81 79.74
C MET F 5 -12.39 53.46 80.91
N THR F 6 -11.92 53.26 82.14
CA THR F 6 -12.48 53.83 83.39
C THR F 6 -11.96 55.26 83.56
N GLN F 7 -12.75 56.24 83.11
CA GLN F 7 -12.43 57.70 83.19
C GLN F 7 -12.83 58.22 84.57
N SER F 8 -12.06 59.17 85.11
CA SER F 8 -12.27 59.81 86.43
C SER F 8 -11.89 61.29 86.37
N PRO F 9 -12.48 62.17 87.20
CA PRO F 9 -13.50 61.80 88.19
C PRO F 9 -14.94 61.87 87.65
N SER F 10 -15.92 61.61 88.51
CA SER F 10 -17.38 61.63 88.19
C SER F 10 -17.85 63.07 87.97
N SER F 11 -18.08 63.82 89.06
CA SER F 11 -18.42 65.27 89.05
C SER F 11 -17.14 66.10 89.18
N LEU F 12 -16.86 66.93 88.18
CA LEU F 12 -15.65 67.80 88.12
C LEU F 12 -16.09 69.26 87.93
N SER F 13 -16.37 69.95 89.04
CA SER F 13 -16.68 71.40 89.11
C SER F 13 -15.39 72.16 89.41
N ALA F 14 -15.09 73.20 88.64
CA ALA F 14 -13.86 74.03 88.77
C ALA F 14 -14.11 75.49 88.35
N SER F 15 -13.22 76.40 88.74
CA SER F 15 -13.23 77.84 88.33
C SER F 15 -12.49 77.97 86.99
N VAL F 16 -12.79 79.03 86.23
CA VAL F 16 -12.14 79.32 84.92
C VAL F 16 -10.66 79.63 85.16
N GLY F 17 -9.83 79.51 84.13
CA GLY F 17 -8.38 79.81 84.17
C GLY F 17 -7.57 78.72 84.87
N ASP F 18 -8.20 77.92 85.74
CA ASP F 18 -7.52 76.88 86.56
C ASP F 18 -7.06 75.72 85.67
N ARG F 19 -6.10 74.92 86.14
CA ARG F 19 -5.56 73.73 85.43
C ARG F 19 -6.34 72.48 85.88
N VAL F 20 -6.84 71.71 84.93
CA VAL F 20 -7.70 70.51 85.15
C VAL F 20 -7.10 69.32 84.39
N THR F 21 -7.08 68.15 85.02
CA THR F 21 -6.56 66.87 84.45
C THR F 21 -7.68 65.83 84.45
N ILE F 22 -8.06 65.33 83.27
CA ILE F 22 -9.05 64.22 83.07
C ILE F 22 -8.28 62.91 82.87
N THR F 23 -8.35 62.03 83.87
CA THR F 23 -7.61 60.73 83.92
C THR F 23 -8.57 59.59 83.51
N CYS F 24 -8.04 58.55 82.85
CA CYS F 24 -8.76 57.32 82.47
C CYS F 24 -7.84 56.10 82.61
N ARG F 25 -8.37 55.03 83.23
CA ARG F 25 -7.61 53.80 83.58
C ARG F 25 -7.91 52.71 82.54
N ALA F 26 -6.87 52.08 81.99
CA ALA F 26 -6.96 50.97 81.02
C ALA F 26 -6.94 49.64 81.78
N SER F 27 -7.88 48.75 81.46
CA SER F 27 -7.95 47.36 81.98
C SER F 27 -6.73 46.56 81.52
N GLN F 28 -6.63 46.29 80.21
CA GLN F 28 -5.52 45.52 79.58
C GLN F 28 -4.56 46.48 78.86
N SER F 29 -3.50 45.94 78.26
CA SER F 29 -2.41 46.69 77.58
C SER F 29 -2.97 47.52 76.42
N VAL F 30 -3.57 48.68 76.74
CA VAL F 30 -3.99 49.71 75.75
C VAL F 30 -2.73 50.47 75.31
N SER F 31 -2.50 50.60 74.00
CA SER F 31 -1.25 51.11 73.39
C SER F 31 -1.28 52.65 73.33
N SER F 32 -0.32 53.24 72.63
CA SER F 32 -0.20 54.71 72.37
C SER F 32 -1.44 55.21 71.61
N ALA F 33 -2.07 54.35 70.79
CA ALA F 33 -3.27 54.68 69.98
C ALA F 33 -4.47 54.88 70.90
N VAL F 34 -4.43 55.92 71.73
CA VAL F 34 -5.51 56.34 72.68
C VAL F 34 -6.16 57.60 72.09
N ALA F 35 -7.48 57.74 72.25
CA ALA F 35 -8.26 58.91 71.77
C ALA F 35 -9.17 59.42 72.90
N TRP F 36 -9.27 60.75 73.03
CA TRP F 36 -10.23 61.46 73.93
C TRP F 36 -10.95 62.53 73.10
N TYR F 37 -12.25 62.74 73.37
CA TYR F 37 -13.11 63.74 72.67
C TYR F 37 -14.08 64.38 73.67
N GLN F 38 -14.47 65.63 73.38
CA GLN F 38 -15.35 66.48 74.25
C GLN F 38 -16.44 67.14 73.37
N GLN F 39 -17.68 67.14 73.85
CA GLN F 39 -18.88 67.64 73.12
C GLN F 39 -19.84 68.35 74.08
N LYS F 40 -20.38 69.51 73.64
CA LYS F 40 -21.44 70.27 74.35
C LYS F 40 -22.71 69.42 74.37
N PRO F 41 -23.69 69.73 75.26
CA PRO F 41 -24.92 68.95 75.34
C PRO F 41 -25.77 69.10 74.07
N GLY F 42 -26.27 67.98 73.54
CA GLY F 42 -26.99 67.90 72.26
C GLY F 42 -26.13 68.34 71.09
N LYS F 43 -24.80 68.25 71.25
CA LYS F 43 -23.80 68.68 70.22
C LYS F 43 -22.98 67.45 69.80
N ALA F 44 -22.41 67.51 68.58
CA ALA F 44 -21.68 66.40 67.92
C ALA F 44 -20.37 66.13 68.66
N PRO F 45 -19.86 64.87 68.63
CA PRO F 45 -18.48 64.59 69.05
C PRO F 45 -17.45 65.54 68.43
N LYS F 46 -16.46 65.97 69.23
CA LYS F 46 -15.27 66.73 68.78
C LYS F 46 -14.01 66.01 69.28
N LEU F 47 -13.39 65.20 68.41
CA LEU F 47 -12.13 64.47 68.69
C LEU F 47 -11.08 65.47 69.22
N LEU F 48 -10.69 65.33 70.49
CA LEU F 48 -9.80 66.27 71.21
C LEU F 48 -8.34 65.90 70.96
N ILE F 49 -7.92 64.71 71.43
CA ILE F 49 -6.51 64.22 71.38
C ILE F 49 -6.41 62.97 70.50
N TYR F 50 -5.60 63.03 69.44
CA TYR F 50 -5.27 61.91 68.52
C TYR F 50 -3.90 61.33 68.90
N SER F 51 -3.76 60.00 68.81
CA SER F 51 -2.55 59.24 69.19
C SER F 51 -2.03 59.69 70.57
N ALA F 52 -2.93 60.15 71.44
CA ALA F 52 -2.69 60.50 72.86
C ALA F 52 -1.78 61.73 73.03
N SER F 53 -1.45 62.43 71.93
CA SER F 53 -0.56 63.61 71.94
C SER F 53 -0.96 64.61 70.85
N SER F 54 -1.33 64.12 69.66
CA SER F 54 -1.67 64.92 68.45
C SER F 54 -3.03 65.62 68.61
N LEU F 55 -3.04 66.95 68.69
CA LEU F 55 -4.27 67.78 68.64
C LEU F 55 -4.74 67.82 67.18
N TYR F 56 -6.04 67.56 66.94
CA TYR F 56 -6.66 67.56 65.58
C TYR F 56 -6.47 68.94 64.95
N SER F 57 -6.23 69.00 63.63
CA SER F 57 -6.00 70.25 62.87
C SER F 57 -7.10 71.26 63.18
N GLY F 58 -6.78 72.28 63.98
CA GLY F 58 -7.73 73.33 64.42
C GLY F 58 -7.99 73.29 65.92
N VAL F 59 -7.67 72.15 66.57
CA VAL F 59 -7.77 71.96 68.06
C VAL F 59 -6.82 72.93 68.73
N PRO F 60 -7.29 73.78 69.69
CA PRO F 60 -6.40 74.66 70.44
C PRO F 60 -5.36 73.91 71.29
N SER F 61 -4.21 74.56 71.54
CA SER F 61 -3.07 74.02 72.33
C SER F 61 -3.38 74.02 73.83
N ARG F 62 -4.46 74.71 74.23
CA ARG F 62 -4.89 74.91 75.64
C ARG F 62 -4.96 73.57 76.40
N PHE F 63 -5.25 72.47 75.71
CA PHE F 63 -5.40 71.12 76.29
C PHE F 63 -4.35 70.16 75.70
N SER F 64 -4.01 69.11 76.47
CA SER F 64 -2.99 68.10 76.12
C SER F 64 -3.22 66.81 76.90
N GLY F 65 -2.87 65.67 76.29
CA GLY F 65 -2.99 64.32 76.87
C GLY F 65 -1.63 63.70 77.14
N SER F 66 -1.50 62.97 78.25
CA SER F 66 -0.28 62.22 78.65
C SER F 66 -0.63 60.73 78.79
N ARG F 67 0.40 59.87 78.66
CA ARG F 67 0.28 58.40 78.75
C ARG F 67 1.20 57.88 79.87
N SER F 68 0.66 57.02 80.74
CA SER F 68 1.40 56.29 81.81
C SER F 68 0.91 54.84 81.86
N GLY F 69 1.30 54.05 80.84
CA GLY F 69 0.88 52.65 80.66
C GLY F 69 -0.62 52.49 80.77
N THR F 70 -1.08 51.86 81.86
CA THR F 70 -2.51 51.62 82.19
C THR F 70 -3.23 52.97 82.35
N ASP F 71 -2.60 53.93 83.04
CA ASP F 71 -3.14 55.29 83.24
C ASP F 71 -2.94 56.11 81.96
N PHE F 72 -4.03 56.63 81.39
CA PHE F 72 -4.01 57.64 80.29
C PHE F 72 -4.77 58.88 80.77
N THR F 73 -4.16 60.06 80.68
CA THR F 73 -4.69 61.32 81.26
C THR F 73 -4.60 62.48 80.27
N LEU F 74 -5.71 63.22 80.13
CA LEU F 74 -5.79 64.50 79.38
C LEU F 74 -5.83 65.66 80.39
N THR F 75 -5.35 66.84 79.99
CA THR F 75 -5.24 68.03 80.87
C THR F 75 -5.36 69.32 80.04
N ILE F 76 -6.04 70.32 80.60
CA ILE F 76 -6.09 71.72 80.07
C ILE F 76 -5.81 72.67 81.25
N SER F 77 -4.98 73.70 81.02
CA SER F 77 -4.46 74.64 82.05
C SER F 77 -5.24 75.97 82.03
N SER F 78 -5.76 76.39 80.87
CA SER F 78 -6.49 77.66 80.68
C SER F 78 -7.94 77.38 80.23
N LEU F 79 -8.92 77.81 81.02
CA LEU F 79 -10.37 77.68 80.69
C LEU F 79 -10.66 78.50 79.43
N GLN F 80 -10.96 77.80 78.32
CA GLN F 80 -11.51 78.37 77.06
C GLN F 80 -13.00 78.66 77.28
N PRO F 81 -13.65 79.51 76.44
CA PRO F 81 -15.09 79.75 76.56
C PRO F 81 -15.88 78.44 76.67
N GLU F 82 -15.42 77.38 76.00
CA GLU F 82 -15.97 76.00 76.12
C GLU F 82 -15.52 75.40 77.46
N ASP F 83 -15.78 76.10 78.57
CA ASP F 83 -15.41 75.69 79.95
C ASP F 83 -16.26 74.46 80.31
N PHE F 84 -17.57 74.65 80.44
CA PHE F 84 -18.57 73.56 80.56
C PHE F 84 -18.40 72.60 79.37
N ALA F 85 -18.00 71.36 79.64
CA ALA F 85 -17.69 70.33 78.62
C ALA F 85 -17.90 68.93 79.23
N THR F 86 -17.77 67.90 78.39
CA THR F 86 -17.70 66.47 78.81
C THR F 86 -16.36 65.88 78.33
N TYR F 87 -15.95 64.75 78.88
CA TYR F 87 -14.65 64.08 78.55
C TYR F 87 -14.83 62.55 78.62
N TYR F 88 -14.64 61.87 77.48
CA TYR F 88 -14.61 60.39 77.40
C TYR F 88 -13.47 59.97 76.46
N CYS F 89 -12.71 58.96 76.88
CA CYS F 89 -11.60 58.32 76.11
C CYS F 89 -12.18 57.49 74.96
N GLN F 90 -11.29 56.91 74.15
CA GLN F 90 -11.63 55.93 73.08
C GLN F 90 -10.41 55.03 72.84
N GLN F 91 -10.59 53.74 73.13
CA GLN F 91 -9.55 52.67 73.04
C GLN F 91 -9.72 51.92 71.72
N TYR F 92 -8.66 51.88 70.89
CA TYR F 92 -8.70 51.35 69.50
C TYR F 92 -7.73 50.16 69.38
N ILE F 93 -8.06 49.22 68.50
CA ILE F 93 -7.10 48.30 67.82
C ILE F 93 -6.98 48.81 66.38
N SER F 94 -5.75 48.81 65.82
CA SER F 94 -5.47 49.27 64.42
C SER F 94 -6.53 48.69 63.48
N TYR F 95 -6.78 47.39 63.65
CA TYR F 95 -7.94 46.64 63.10
C TYR F 95 -7.99 45.28 63.81
N HIS F 96 -8.86 45.13 64.82
CA HIS F 96 -8.98 43.92 65.66
C HIS F 96 -10.34 43.87 66.38
N GLU F 97 -10.58 42.81 67.14
CA GLU F 97 -11.86 42.47 67.79
C GLU F 97 -12.38 43.63 68.64
N PRO F 98 -11.59 44.16 69.61
CA PRO F 98 -12.14 45.06 70.63
C PRO F 98 -12.28 46.53 70.21
N ILE F 99 -13.45 47.12 70.47
CA ILE F 99 -13.80 48.56 70.27
C ILE F 99 -14.41 49.07 71.58
N THR F 100 -14.01 50.24 72.06
CA THR F 100 -14.45 50.83 73.35
C THR F 100 -14.19 52.35 73.37
N PHE F 101 -15.14 53.11 73.92
CA PHE F 101 -15.02 54.56 74.25
C PHE F 101 -15.33 54.78 75.74
N GLY F 102 -14.94 55.93 76.27
CA GLY F 102 -14.87 56.22 77.72
C GLY F 102 -16.24 56.27 78.38
N GLN F 103 -16.28 56.08 79.70
CA GLN F 103 -17.50 56.11 80.55
C GLN F 103 -17.90 57.56 80.84
N GLY F 104 -17.15 58.55 80.33
CA GLY F 104 -17.52 59.97 80.36
C GLY F 104 -17.08 60.65 81.64
N THR F 105 -16.60 61.90 81.52
CA THR F 105 -16.17 62.78 82.64
C THR F 105 -16.88 64.14 82.49
N LYS F 106 -17.90 64.38 83.32
CA LYS F 106 -18.64 65.66 83.39
C LYS F 106 -17.70 66.76 83.87
N VAL F 107 -17.39 67.73 83.01
CA VAL F 107 -16.50 68.89 83.29
C VAL F 107 -17.37 70.13 83.52
N GLU F 108 -17.77 70.36 84.78
CA GLU F 108 -18.67 71.47 85.18
C GLU F 108 -17.83 72.69 85.58
N ILE F 109 -18.37 73.89 85.36
CA ILE F 109 -17.75 75.19 85.78
C ILE F 109 -18.31 75.56 87.15
N LYS F 110 -17.49 75.48 88.20
CA LYS F 110 -17.85 75.79 89.61
C LYS F 110 -18.07 77.29 89.76
N ARG F 111 -19.27 77.69 90.19
CA ARG F 111 -19.66 79.09 90.46
C ARG F 111 -19.88 79.27 91.97
N THR F 112 -20.32 80.47 92.38
CA THR F 112 -20.58 80.87 93.79
C THR F 112 -21.49 79.85 94.47
N VAL F 113 -21.26 79.62 95.77
CA VAL F 113 -22.11 78.75 96.64
C VAL F 113 -23.39 79.52 96.99
N ALA F 114 -24.42 79.39 96.14
CA ALA F 114 -25.67 80.18 96.19
C ALA F 114 -26.74 79.43 96.98
N ALA F 115 -27.49 80.15 97.82
CA ALA F 115 -28.64 79.64 98.60
C ALA F 115 -29.74 79.19 97.64
N PRO F 116 -30.05 77.87 97.57
CA PRO F 116 -31.06 77.37 96.62
C PRO F 116 -32.47 77.79 97.03
N SER F 117 -33.12 78.65 96.24
CA SER F 117 -34.53 79.08 96.43
C SER F 117 -35.43 77.84 96.42
N VAL F 118 -36.34 77.74 97.38
CA VAL F 118 -37.20 76.52 97.59
C VAL F 118 -38.66 76.96 97.74
N PHE F 119 -39.58 76.13 97.23
CA PHE F 119 -41.05 76.35 97.28
C PHE F 119 -41.75 74.98 97.30
N ILE F 120 -43.08 75.00 97.48
CA ILE F 120 -43.97 73.80 97.51
C ILE F 120 -44.96 73.86 96.34
N PHE F 121 -45.37 72.70 95.84
CA PHE F 121 -46.35 72.54 94.74
C PHE F 121 -47.34 71.43 95.11
N PRO F 122 -48.47 71.75 95.78
CA PRO F 122 -49.45 70.73 96.15
C PRO F 122 -50.32 70.34 94.97
N PRO F 123 -50.84 69.09 94.93
CA PRO F 123 -51.67 68.63 93.81
C PRO F 123 -52.98 69.42 93.70
N SER F 124 -53.38 69.77 92.48
CA SER F 124 -54.68 70.41 92.15
C SER F 124 -55.81 69.38 92.20
N ASP F 125 -57.01 69.82 92.57
CA ASP F 125 -58.25 68.99 92.53
C ASP F 125 -58.39 68.41 91.12
N SER F 126 -58.33 69.28 90.11
CA SER F 126 -58.34 68.95 88.65
C SER F 126 -57.37 67.80 88.37
N GLN F 127 -56.12 67.93 88.82
CA GLN F 127 -55.05 66.91 88.69
C GLN F 127 -55.47 65.64 89.42
N LEU F 128 -55.88 65.78 90.69
CA LEU F 128 -56.28 64.67 91.60
C LEU F 128 -57.51 63.93 91.04
N LYS F 129 -58.38 64.64 90.31
CA LYS F 129 -59.69 64.15 89.80
C LYS F 129 -59.55 62.78 89.11
N SER F 130 -58.47 62.58 88.35
CA SER F 130 -58.22 61.40 87.49
C SER F 130 -57.95 60.14 88.34
N GLY F 131 -57.65 60.30 89.63
CA GLY F 131 -57.35 59.19 90.56
C GLY F 131 -55.84 58.98 90.73
N THR F 132 -55.02 59.86 90.14
CA THR F 132 -53.55 59.94 90.35
C THR F 132 -53.22 61.30 90.97
N ALA F 133 -52.39 61.31 92.02
CA ALA F 133 -52.07 62.51 92.83
C ALA F 133 -50.55 62.62 93.02
N SER F 134 -50.00 63.84 92.84
CA SER F 134 -48.55 64.14 92.97
C SER F 134 -48.34 65.49 93.67
N VAL F 135 -47.50 65.51 94.71
CA VAL F 135 -47.00 66.72 95.40
C VAL F 135 -45.56 66.96 94.94
N VAL F 136 -45.23 68.20 94.57
CA VAL F 136 -43.87 68.62 94.13
C VAL F 136 -43.33 69.67 95.12
N CYS F 137 -42.05 69.54 95.49
CA CYS F 137 -41.28 70.53 96.29
C CYS F 137 -40.24 71.21 95.39
N LEU F 138 -40.31 72.53 95.28
CA LEU F 138 -39.48 73.36 94.36
C LEU F 138 -38.10 73.60 94.99
N LEU F 139 -37.05 73.44 94.18
CA LEU F 139 -35.64 73.81 94.52
C LEU F 139 -34.99 74.42 93.26
N ASN F 140 -35.09 75.74 93.10
CA ASN F 140 -34.62 76.49 91.89
C ASN F 140 -33.40 77.33 92.24
N ASN F 141 -32.58 77.67 91.24
CA ASN F 141 -31.39 78.55 91.36
C ASN F 141 -30.52 78.05 92.52
N PHE F 142 -29.94 76.86 92.37
CA PHE F 142 -29.19 76.11 93.41
C PHE F 142 -27.71 76.05 93.04
N TYR F 143 -26.85 76.05 94.07
CA TYR F 143 -25.38 75.81 93.98
C TYR F 143 -24.85 75.48 95.38
N PRO F 144 -24.15 74.34 95.57
CA PRO F 144 -23.86 73.37 94.52
C PRO F 144 -24.99 72.36 94.28
N ARG F 145 -24.75 71.38 93.40
CA ARG F 145 -25.70 70.29 93.02
C ARG F 145 -25.95 69.36 94.20
N GLU F 146 -24.92 69.08 95.01
CA GLU F 146 -25.00 68.22 96.22
C GLU F 146 -26.08 68.75 97.16
N ALA F 147 -27.22 68.06 97.24
CA ALA F 147 -28.36 68.37 98.11
C ALA F 147 -29.08 67.06 98.51
N LYS F 148 -29.82 67.09 99.62
CA LYS F 148 -30.53 65.92 100.20
C LYS F 148 -32.04 66.16 100.13
N VAL F 149 -32.75 65.33 99.35
CA VAL F 149 -34.24 65.32 99.24
C VAL F 149 -34.81 64.48 100.38
N GLN F 150 -35.62 65.08 101.25
CA GLN F 150 -36.28 64.41 102.40
C GLN F 150 -37.72 64.92 102.53
N TRP F 151 -38.70 64.07 102.21
CA TRP F 151 -40.15 64.37 102.24
C TRP F 151 -40.80 63.68 103.44
N LYS F 152 -41.83 64.30 104.02
CA LYS F 152 -42.60 63.78 105.18
C LYS F 152 -44.11 63.95 104.94
N VAL F 153 -44.84 62.83 104.88
CA VAL F 153 -46.33 62.76 104.72
C VAL F 153 -46.98 62.69 106.10
N ASP F 154 -47.68 63.74 106.51
CA ASP F 154 -48.24 63.92 107.88
C ASP F 154 -47.08 63.85 108.88
N ASN F 155 -45.95 64.48 108.55
CA ASN F 155 -44.70 64.53 109.36
C ASN F 155 -43.94 63.21 109.26
N ALA F 156 -44.49 62.20 108.57
CA ALA F 156 -43.93 60.83 108.43
C ALA F 156 -43.25 60.68 107.06
N LEU F 157 -41.93 60.44 107.07
CA LEU F 157 -41.11 60.26 105.84
C LEU F 157 -41.59 59.02 105.08
N GLN F 158 -41.63 59.10 103.74
CA GLN F 158 -42.06 57.99 102.84
C GLN F 158 -40.84 57.50 102.05
N SER F 159 -41.02 56.48 101.22
CA SER F 159 -39.98 55.86 100.35
C SER F 159 -40.64 55.30 99.08
N GLY F 160 -40.05 55.58 97.91
CA GLY F 160 -40.41 54.97 96.61
C GLY F 160 -41.49 55.73 95.87
N ASN F 161 -42.10 56.73 96.50
CA ASN F 161 -43.24 57.53 95.95
C ASN F 161 -42.76 58.90 95.46
N SER F 162 -41.51 59.00 95.01
CA SER F 162 -40.88 60.28 94.56
C SER F 162 -39.87 60.02 93.43
N GLN F 163 -39.81 60.95 92.46
CA GLN F 163 -38.78 61.01 91.39
C GLN F 163 -38.05 62.35 91.51
N GLU F 164 -36.72 62.35 91.37
CA GLU F 164 -35.84 63.54 91.54
C GLU F 164 -35.26 63.94 90.18
N SER F 165 -35.29 65.24 89.86
CA SER F 165 -34.79 65.85 88.60
C SER F 165 -34.04 67.14 88.93
N VAL F 166 -33.02 67.50 88.14
CA VAL F 166 -32.13 68.68 88.38
C VAL F 166 -31.74 69.31 87.04
N THR F 167 -32.08 70.59 86.87
CA THR F 167 -31.77 71.42 85.67
C THR F 167 -30.26 71.65 85.58
N GLU F 168 -29.81 72.47 84.61
CA GLU F 168 -28.41 72.92 84.45
C GLU F 168 -28.24 74.29 85.13
N GLN F 169 -27.01 74.75 85.31
CA GLN F 169 -26.68 76.10 85.86
C GLN F 169 -27.32 77.16 84.98
N ASP F 170 -27.92 78.19 85.58
CA ASP F 170 -28.67 79.27 84.88
C ASP F 170 -27.74 79.98 83.88
N SER F 171 -28.30 80.51 82.79
CA SER F 171 -27.58 81.26 81.73
C SER F 171 -27.01 82.56 82.30
N LYS F 172 -27.66 83.13 83.33
CA LYS F 172 -27.27 84.39 83.99
C LYS F 172 -26.79 84.10 85.43
N ASP F 173 -27.65 83.50 86.26
CA ASP F 173 -27.41 83.28 87.72
C ASP F 173 -26.42 82.14 87.93
N SER F 174 -26.10 81.37 86.89
CA SER F 174 -25.19 80.19 86.93
C SER F 174 -25.68 79.18 87.98
N THR F 175 -26.94 79.31 88.41
CA THR F 175 -27.58 78.53 89.50
C THR F 175 -28.56 77.54 88.88
N TYR F 176 -28.62 76.31 89.41
CA TYR F 176 -29.41 75.18 88.84
C TYR F 176 -30.73 75.03 89.60
N SER F 177 -31.74 74.46 88.92
CA SER F 177 -33.05 74.10 89.50
C SER F 177 -33.11 72.59 89.73
N LEU F 178 -33.79 72.17 90.80
CA LEU F 178 -33.98 70.75 91.20
C LEU F 178 -35.49 70.49 91.40
N SER F 179 -35.98 69.44 90.75
CA SER F 179 -37.40 69.00 90.72
C SER F 179 -37.56 67.69 91.51
N SER F 180 -38.39 67.71 92.57
CA SER F 180 -38.68 66.53 93.42
C SER F 180 -40.20 66.42 93.64
N THR F 181 -40.85 65.48 92.94
CA THR F 181 -42.31 65.27 92.95
C THR F 181 -42.65 63.99 93.72
N LEU F 182 -43.27 64.13 94.90
CA LEU F 182 -43.88 63.04 95.68
C LEU F 182 -45.24 62.69 95.05
N THR F 183 -45.45 61.42 94.68
CA THR F 183 -46.65 60.95 93.94
C THR F 183 -47.10 59.60 94.49
N LEU F 184 -48.38 59.49 94.86
CA LEU F 184 -48.98 58.27 95.46
C LEU F 184 -50.46 58.18 95.07
N SER F 185 -51.12 57.10 95.51
CA SER F 185 -52.56 56.81 95.26
C SER F 185 -53.42 57.94 95.83
N LYS F 186 -54.55 58.23 95.18
CA LYS F 186 -55.54 59.27 95.59
C LYS F 186 -55.95 59.02 97.05
N ALA F 187 -56.20 57.75 97.40
CA ALA F 187 -56.53 57.30 98.78
C ALA F 187 -55.51 57.86 99.77
N ASP F 188 -54.22 57.73 99.45
CA ASP F 188 -53.07 58.21 100.29
C ASP F 188 -53.15 59.73 100.45
N TYR F 189 -53.46 60.45 99.38
CA TYR F 189 -53.61 61.93 99.35
C TYR F 189 -54.63 62.38 100.42
N GLU F 190 -55.77 61.68 100.50
CA GLU F 190 -56.84 61.92 101.50
C GLU F 190 -56.42 61.36 102.86
N LYS F 191 -55.64 60.26 102.87
CA LYS F 191 -55.22 59.52 104.09
C LYS F 191 -54.26 60.37 104.94
N HIS F 192 -53.62 61.39 104.34
CA HIS F 192 -52.70 62.34 105.03
C HIS F 192 -53.23 63.77 104.84
N LYS F 193 -53.03 64.62 105.86
CA LYS F 193 -53.43 66.06 105.85
C LYS F 193 -52.16 66.92 105.73
N VAL F 194 -51.28 66.87 106.74
CA VAL F 194 -49.97 67.58 106.77
C VAL F 194 -49.11 67.02 105.63
N TYR F 195 -48.72 67.89 104.70
CA TYR F 195 -47.78 67.61 103.59
C TYR F 195 -46.58 68.55 103.70
N ALA F 196 -45.38 68.00 103.90
CA ALA F 196 -44.13 68.76 104.15
C ALA F 196 -42.93 68.05 103.54
N CYS F 197 -41.81 68.77 103.39
CA CYS F 197 -40.52 68.27 102.85
C CYS F 197 -39.36 69.01 103.53
N GLU F 198 -38.30 68.27 103.88
CA GLU F 198 -37.04 68.78 104.50
C GLU F 198 -35.93 68.78 103.46
N VAL F 199 -35.39 69.97 103.16
CA VAL F 199 -34.30 70.19 102.14
C VAL F 199 -32.97 70.44 102.88
N THR F 200 -31.94 69.66 102.55
CA THR F 200 -30.58 69.75 103.13
C THR F 200 -29.60 70.19 102.03
N HIS F 201 -28.98 71.37 102.17
CA HIS F 201 -27.93 71.90 101.27
C HIS F 201 -27.05 72.91 102.01
N GLN F 202 -25.81 73.07 101.56
CA GLN F 202 -24.77 73.98 102.16
C GLN F 202 -25.33 75.41 102.26
N GLY F 203 -26.01 75.88 101.20
CA GLY F 203 -26.67 77.19 101.17
C GLY F 203 -27.70 77.34 102.30
N LEU F 204 -28.36 76.25 102.67
CA LEU F 204 -29.30 76.17 103.81
C LEU F 204 -28.51 75.99 105.11
N SER F 205 -27.94 77.09 105.62
CA SER F 205 -27.20 77.16 106.92
C SER F 205 -28.13 76.64 108.01
N SER F 206 -29.25 77.34 108.23
CA SER F 206 -30.49 76.78 108.83
C SER F 206 -31.27 76.09 107.71
N PRO F 207 -31.34 74.74 107.67
CA PRO F 207 -32.19 74.04 106.71
C PRO F 207 -33.67 74.43 106.93
N VAL F 208 -34.35 74.89 105.87
CA VAL F 208 -35.77 75.34 105.90
C VAL F 208 -36.67 74.21 105.40
N THR F 209 -37.88 74.11 105.96
CA THR F 209 -38.94 73.15 105.53
C THR F 209 -40.29 73.87 105.53
N LYS F 210 -41.00 73.85 104.39
CA LYS F 210 -42.36 74.42 104.21
C LYS F 210 -43.37 73.28 104.24
N SER F 211 -44.59 73.56 104.73
CA SER F 211 -45.67 72.55 104.93
C SER F 211 -47.01 73.07 104.40
N PHE F 212 -47.95 72.14 104.15
CA PHE F 212 -49.35 72.41 103.75
C PHE F 212 -50.24 71.28 104.26
N ASN F 213 -51.43 71.64 104.76
CA ASN F 213 -52.47 70.70 105.27
C ASN F 213 -53.48 70.45 104.14
N ARG F 214 -54.02 69.22 104.06
CA ARG F 214 -54.96 68.78 103.00
C ARG F 214 -56.20 69.68 103.03
N GLY F 215 -56.50 70.37 101.93
CA GLY F 215 -57.60 71.35 101.81
C GLY F 215 -57.10 72.77 101.92
N SER G 1 20.06 -0.33 22.22
CA SER G 1 21.49 -0.61 21.92
C SER G 1 21.60 -1.74 20.88
N ASP G 2 22.83 -2.11 20.51
CA ASP G 2 23.13 -3.26 19.61
C ASP G 2 24.59 -3.68 19.84
N ILE G 3 24.89 -4.96 19.63
CA ILE G 3 26.24 -5.57 19.82
C ILE G 3 26.52 -6.50 18.65
N GLN G 4 27.78 -6.59 18.22
CA GLN G 4 28.23 -7.45 17.10
C GLN G 4 29.62 -8.01 17.42
N MET G 5 29.70 -8.93 18.38
CA MET G 5 30.95 -9.61 18.82
C MET G 5 31.58 -10.33 17.61
N THR G 6 32.42 -9.61 16.84
CA THR G 6 33.16 -10.15 15.67
C THR G 6 34.40 -10.89 16.14
N GLN G 7 34.30 -12.22 16.30
CA GLN G 7 35.41 -13.11 16.72
C GLN G 7 36.27 -13.47 15.50
N SER G 8 37.58 -13.63 15.70
CA SER G 8 38.58 -14.02 14.67
C SER G 8 39.63 -14.93 15.29
N PRO G 9 40.30 -15.82 14.51
CA PRO G 9 40.07 -15.98 13.08
C PRO G 9 39.00 -17.03 12.74
N SER G 10 38.79 -17.28 11.44
CA SER G 10 37.81 -18.27 10.91
C SER G 10 38.31 -19.69 11.20
N SER G 11 39.24 -20.20 10.37
CA SER G 11 39.87 -21.54 10.53
C SER G 11 41.18 -21.38 11.30
N LEU G 12 41.29 -22.04 12.47
CA LEU G 12 42.47 -21.96 13.38
C LEU G 12 42.99 -23.38 13.65
N SER G 13 43.86 -23.88 12.77
CA SER G 13 44.59 -25.17 12.91
C SER G 13 45.95 -24.90 13.55
N ALA G 14 46.31 -25.65 14.61
CA ALA G 14 47.55 -25.49 15.38
C ALA G 14 48.03 -26.84 15.95
N SER G 15 49.30 -26.91 16.34
CA SER G 15 49.94 -28.07 17.02
C SER G 15 49.68 -27.99 18.52
N VAL G 16 49.70 -29.13 19.22
CA VAL G 16 49.49 -29.22 20.69
C VAL G 16 50.66 -28.50 21.39
N GLY G 17 50.47 -28.09 22.65
CA GLY G 17 51.50 -27.42 23.47
C GLY G 17 51.71 -25.96 23.10
N ASP G 18 51.37 -25.57 21.87
CA ASP G 18 51.60 -24.19 21.32
C ASP G 18 50.62 -23.23 22.00
N ARG G 19 50.92 -21.92 21.94
CA ARG G 19 50.07 -20.83 22.50
C ARG G 19 49.14 -20.31 21.40
N VAL G 20 47.83 -20.25 21.68
CA VAL G 20 46.77 -19.82 20.72
C VAL G 20 45.93 -18.72 21.37
N THR G 21 45.61 -17.67 20.59
CA THR G 21 44.86 -16.46 21.04
C THR G 21 43.60 -16.30 20.18
N ILE G 22 42.43 -16.35 20.82
CA ILE G 22 41.09 -16.11 20.20
C ILE G 22 40.68 -14.66 20.46
N THR G 23 40.70 -13.82 19.41
CA THR G 23 40.37 -12.37 19.47
C THR G 23 38.93 -12.14 19.01
N CYS G 24 38.25 -11.15 19.60
CA CYS G 24 36.85 -10.73 19.24
C CYS G 24 36.70 -9.22 19.38
N ARG G 25 36.10 -8.58 18.36
CA ARG G 25 35.97 -7.11 18.22
C ARG G 25 34.56 -6.68 18.67
N ALA G 26 34.47 -5.69 19.54
CA ALA G 26 33.20 -5.08 20.01
C ALA G 26 32.83 -3.90 19.10
N SER G 27 31.58 -3.86 18.63
CA SER G 27 31.02 -2.74 17.82
C SER G 27 30.95 -1.48 18.70
N GLN G 28 30.08 -1.49 19.71
CA GLN G 28 29.85 -0.35 20.65
C GLN G 28 30.56 -0.61 21.98
N SER G 29 30.47 0.34 22.91
CA SER G 29 31.19 0.38 24.21
C SER G 29 30.79 -0.83 25.06
N VAL G 30 31.37 -2.01 24.78
CA VAL G 30 31.24 -3.24 25.61
C VAL G 30 32.17 -3.07 26.82
N SER G 31 31.65 -3.30 28.03
CA SER G 31 32.36 -3.10 29.32
C SER G 31 33.22 -4.32 29.64
N SER G 32 33.76 -4.37 30.87
CA SER G 32 34.56 -5.49 31.42
C SER G 32 33.74 -6.78 31.45
N ALA G 33 32.41 -6.68 31.59
CA ALA G 33 31.46 -7.82 31.62
C ALA G 33 31.41 -8.50 30.25
N VAL G 34 32.52 -9.10 29.83
CA VAL G 34 32.66 -9.91 28.59
C VAL G 34 32.70 -11.39 29.00
N ALA G 35 32.12 -12.26 28.18
CA ALA G 35 32.07 -13.73 28.43
C ALA G 35 32.49 -14.47 27.16
N TRP G 36 33.29 -15.53 27.30
CA TRP G 36 33.66 -16.50 26.23
C TRP G 36 33.39 -17.93 26.74
N TYR G 37 32.93 -18.82 25.85
CA TYR G 37 32.62 -20.24 26.16
C TYR G 37 33.03 -21.13 24.98
N GLN G 38 33.38 -22.39 25.29
CA GLN G 38 33.91 -23.39 24.33
C GLN G 38 33.18 -24.74 24.55
N GLN G 39 32.78 -25.40 23.45
CA GLN G 39 31.94 -26.62 23.47
C GLN G 39 32.37 -27.58 22.34
N LYS G 40 32.44 -28.88 22.65
CA LYS G 40 32.68 -29.98 21.67
C LYS G 40 31.50 -30.04 20.69
N PRO G 41 31.66 -30.68 19.51
CA PRO G 41 30.57 -30.76 18.53
C PRO G 41 29.40 -31.61 19.05
N GLY G 42 28.17 -31.10 18.90
CA GLY G 42 26.94 -31.69 19.45
C GLY G 42 26.97 -31.77 20.97
N LYS G 43 27.76 -30.90 21.61
CA LYS G 43 27.95 -30.85 23.08
C LYS G 43 27.49 -29.48 23.61
N ALA G 44 27.12 -29.43 24.89
CA ALA G 44 26.52 -28.26 25.57
C ALA G 44 27.56 -27.14 25.69
N PRO G 45 27.13 -25.85 25.71
CA PRO G 45 28.00 -24.76 26.12
C PRO G 45 28.75 -25.03 27.42
N LYS G 46 30.03 -24.63 27.48
CA LYS G 46 30.88 -24.61 28.71
C LYS G 46 31.48 -23.21 28.87
N LEU G 47 30.86 -22.38 29.72
CA LEU G 47 31.31 -20.99 30.04
C LEU G 47 32.79 -21.04 30.45
N LEU G 48 33.66 -20.44 29.63
CA LEU G 48 35.14 -20.50 29.77
C LEU G 48 35.61 -19.37 30.71
N ILE G 49 35.43 -18.12 30.28
CA ILE G 49 35.96 -16.90 30.97
C ILE G 49 34.79 -16.02 31.43
N TYR G 50 34.70 -15.75 32.74
CA TYR G 50 33.72 -14.84 33.38
C TYR G 50 34.41 -13.49 33.67
N SER G 51 33.66 -12.38 33.51
CA SER G 51 34.14 -10.99 33.69
C SER G 51 35.48 -10.79 32.97
N ALA G 52 35.71 -11.52 31.87
CA ALA G 52 36.86 -11.39 30.93
C ALA G 52 38.21 -11.75 31.59
N SER G 53 38.19 -12.32 32.79
CA SER G 53 39.41 -12.70 33.56
C SER G 53 39.14 -13.92 34.45
N SER G 54 37.97 -13.97 35.10
CA SER G 54 37.55 -15.00 36.09
C SER G 54 37.24 -16.33 35.41
N LEU G 55 38.06 -17.37 35.65
CA LEU G 55 37.78 -18.76 35.22
C LEU G 55 36.70 -19.35 36.15
N TYR G 56 35.65 -19.94 35.58
CA TYR G 56 34.52 -20.57 36.31
C TYR G 56 35.07 -21.66 37.23
N SER G 57 34.49 -21.80 38.43
CA SER G 57 34.89 -22.80 39.45
C SER G 57 35.01 -24.19 38.81
N GLY G 58 36.23 -24.65 38.57
CA GLY G 58 36.52 -25.95 37.92
C GLY G 58 37.22 -25.77 36.57
N VAL G 59 37.13 -24.57 35.99
CA VAL G 59 37.82 -24.20 34.70
C VAL G 59 39.33 -24.27 34.92
N PRO G 60 40.09 -25.03 34.10
CA PRO G 60 41.55 -25.04 34.18
C PRO G 60 42.20 -23.67 33.91
N SER G 61 43.38 -23.44 34.51
CA SER G 61 44.18 -22.19 34.39
C SER G 61 44.85 -22.09 33.01
N ARG G 62 44.86 -23.19 32.25
CA ARG G 62 45.51 -23.35 30.92
C ARG G 62 45.14 -22.20 29.97
N PHE G 63 43.94 -21.62 30.11
CA PHE G 63 43.42 -20.54 29.24
C PHE G 63 43.17 -19.27 30.07
N SER G 64 43.17 -18.12 29.39
CA SER G 64 43.02 -16.77 29.99
C SER G 64 42.56 -15.75 28.93
N GLY G 65 41.79 -14.75 29.35
CA GLY G 65 41.26 -13.67 28.49
C GLY G 65 41.83 -12.32 28.88
N SER G 66 42.11 -11.48 27.87
CA SER G 66 42.62 -10.09 28.03
C SER G 66 41.65 -9.11 27.37
N ARG G 67 41.70 -7.84 27.80
CA ARG G 67 40.81 -6.74 27.34
C ARG G 67 41.65 -5.60 26.76
N SER G 68 41.26 -5.09 25.59
CA SER G 68 41.78 -3.85 24.95
C SER G 68 40.61 -3.04 24.39
N GLY G 69 39.81 -2.43 25.28
CA GLY G 69 38.59 -1.66 24.95
C GLY G 69 37.68 -2.44 24.03
N THR G 70 37.58 -2.01 22.76
CA THR G 70 36.77 -2.63 21.68
C THR G 70 37.26 -4.06 21.43
N ASP G 71 38.59 -4.26 21.39
CA ASP G 71 39.23 -5.58 21.20
C ASP G 71 39.18 -6.34 22.53
N PHE G 72 38.57 -7.53 22.54
CA PHE G 72 38.60 -8.50 23.66
C PHE G 72 39.16 -9.83 23.13
N THR G 73 40.18 -10.37 23.81
CA THR G 73 40.94 -11.56 23.33
C THR G 73 41.13 -12.59 24.46
N LEU G 74 40.82 -13.86 24.14
CA LEU G 74 41.08 -15.05 24.99
C LEU G 74 42.29 -15.79 24.42
N THR G 75 43.04 -16.49 25.28
CA THR G 75 44.27 -17.22 24.91
C THR G 75 44.45 -18.45 25.81
N ILE G 76 44.96 -19.55 25.22
CA ILE G 76 45.49 -20.74 25.96
C ILE G 76 46.88 -21.06 25.42
N SER G 77 47.83 -21.34 26.32
CA SER G 77 49.29 -21.49 26.03
C SER G 77 49.70 -22.96 25.95
N SER G 78 49.02 -23.83 26.72
CA SER G 78 49.29 -25.30 26.79
C SER G 78 48.05 -26.07 26.30
N LEU G 79 48.21 -26.85 25.22
CA LEU G 79 47.13 -27.69 24.65
C LEU G 79 46.75 -28.76 25.68
N GLN G 80 45.55 -28.65 26.25
CA GLN G 80 44.88 -29.70 27.05
C GLN G 80 44.32 -30.76 26.11
N PRO G 81 43.98 -31.98 26.60
CA PRO G 81 43.37 -33.00 25.75
C PRO G 81 42.19 -32.44 24.92
N GLU G 82 41.44 -31.49 25.49
CA GLU G 82 40.39 -30.71 24.78
C GLU G 82 41.05 -29.70 23.84
N ASP G 83 41.95 -30.17 22.96
CA ASP G 83 42.68 -29.35 21.97
C ASP G 83 41.68 -28.85 20.92
N PHE G 84 41.12 -29.77 20.14
CA PHE G 84 39.96 -29.53 19.24
C PHE G 84 38.82 -28.93 20.08
N ALA G 85 38.45 -27.69 19.78
CA ALA G 85 37.42 -26.90 20.52
C ALA G 85 36.83 -25.83 19.60
N THR G 86 35.82 -25.11 20.07
CA THR G 86 35.25 -23.89 19.44
C THR G 86 35.38 -22.73 20.42
N TYR G 87 35.25 -21.49 19.92
CA TYR G 87 35.35 -20.25 20.73
C TYR G 87 34.36 -19.21 20.20
N TYR G 88 33.40 -18.81 21.05
CA TYR G 88 32.48 -17.68 20.79
C TYR G 88 32.35 -16.83 22.07
N CYS G 89 32.43 -15.51 21.91
CA CYS G 89 32.25 -14.49 22.98
C CYS G 89 30.78 -14.41 23.39
N GLN G 90 30.48 -13.58 24.38
CA GLN G 90 29.11 -13.24 24.84
C GLN G 90 29.16 -11.84 25.47
N GLN G 91 28.43 -10.90 24.85
CA GLN G 91 28.33 -9.47 25.28
C GLN G 91 27.04 -9.29 26.08
N TYR G 92 27.15 -8.81 27.32
CA TYR G 92 26.07 -8.73 28.34
C TYR G 92 25.87 -7.27 28.75
N ILE G 93 24.64 -6.93 29.14
CA ILE G 93 24.31 -5.72 29.94
C ILE G 93 23.94 -6.21 31.34
N SER G 94 24.37 -5.52 32.40
CA SER G 94 24.07 -5.85 33.82
C SER G 94 22.59 -6.24 33.94
N TYR G 95 21.74 -5.40 33.34
CA TYR G 95 20.31 -5.67 33.04
C TYR G 95 19.81 -4.55 32.10
N HIS G 96 19.75 -4.82 30.79
CA HIS G 96 19.42 -3.82 29.74
C HIS G 96 19.00 -4.52 28.44
N GLU G 97 18.68 -3.72 27.42
CA GLU G 97 18.08 -4.14 26.12
C GLU G 97 18.89 -5.25 25.47
N PRO G 98 20.22 -5.07 25.23
CA PRO G 98 20.95 -5.96 24.33
C PRO G 98 21.45 -7.27 24.96
N ILE G 99 21.22 -8.39 24.26
CA ILE G 99 21.83 -9.74 24.50
C ILE G 99 22.45 -10.22 23.19
N THR G 100 23.69 -10.71 23.22
CA THR G 100 24.47 -11.10 22.01
C THR G 100 25.64 -12.01 22.39
N PHE G 101 25.88 -13.06 21.59
CA PHE G 101 27.00 -14.03 21.73
C PHE G 101 27.78 -14.11 20.41
N GLY G 102 29.00 -14.67 20.46
CA GLY G 102 30.02 -14.59 19.40
C GLY G 102 29.63 -15.33 18.15
N GLN G 103 30.25 -14.97 17.01
CA GLN G 103 30.03 -15.60 15.68
C GLN G 103 30.83 -16.91 15.57
N GLY G 104 31.56 -17.29 16.62
CA GLY G 104 32.22 -18.61 16.74
C GLY G 104 33.60 -18.63 16.09
N THR G 105 34.58 -19.27 16.75
CA THR G 105 35.99 -19.43 16.30
C THR G 105 36.38 -20.91 16.37
N LYS G 106 36.44 -21.58 15.21
CA LYS G 106 36.82 -23.00 15.08
C LYS G 106 38.30 -23.15 15.47
N VAL G 107 38.55 -23.86 16.58
CA VAL G 107 39.91 -24.18 17.11
C VAL G 107 40.27 -25.62 16.73
N GLU G 108 40.88 -25.82 15.56
CA GLU G 108 41.25 -27.13 15.00
C GLU G 108 42.68 -27.48 15.43
N ILE G 109 42.96 -28.78 15.62
CA ILE G 109 44.31 -29.32 15.96
C ILE G 109 45.01 -29.72 14.65
N LYS G 110 46.03 -28.97 14.25
CA LYS G 110 46.81 -29.19 13.00
C LYS G 110 47.67 -30.44 13.17
N ARG G 111 47.48 -31.44 12.30
CA ARG G 111 48.13 -32.78 12.39
C ARG G 111 49.07 -32.96 11.19
N THR G 112 49.75 -34.11 11.11
CA THR G 112 50.71 -34.49 10.03
C THR G 112 50.06 -34.28 8.66
N VAL G 113 50.86 -33.87 7.66
CA VAL G 113 50.41 -33.63 6.26
C VAL G 113 50.30 -34.99 5.57
N ALA G 114 49.13 -35.62 5.67
CA ALA G 114 48.87 -37.02 5.23
C ALA G 114 48.29 -37.02 3.81
N ALA G 115 48.75 -37.98 2.99
CA ALA G 115 48.22 -38.27 1.64
C ALA G 115 46.77 -38.72 1.77
N PRO G 116 45.78 -37.95 1.25
CA PRO G 116 44.37 -38.33 1.35
C PRO G 116 44.05 -39.55 0.47
N SER G 117 43.70 -40.67 1.10
CA SER G 117 43.28 -41.93 0.42
C SER G 117 42.04 -41.62 -0.43
N VAL G 118 42.04 -42.08 -1.68
CA VAL G 118 41.00 -41.72 -2.70
C VAL G 118 40.47 -43.00 -3.35
N PHE G 119 39.17 -43.00 -3.68
CA PHE G 119 38.45 -44.11 -4.37
C PHE G 119 37.33 -43.53 -5.22
N ILE G 120 36.67 -44.39 -6.01
CA ILE G 120 35.58 -44.03 -6.95
C ILE G 120 34.29 -44.75 -6.52
N PHE G 121 33.14 -44.13 -6.78
CA PHE G 121 31.78 -44.70 -6.56
C PHE G 121 30.92 -44.42 -7.78
N PRO G 122 30.89 -45.31 -8.80
CA PRO G 122 30.04 -45.12 -9.97
C PRO G 122 28.60 -45.48 -9.67
N PRO G 123 27.59 -44.85 -10.33
CA PRO G 123 26.18 -45.12 -10.03
C PRO G 123 25.79 -46.57 -10.37
N SER G 124 25.01 -47.20 -9.48
CA SER G 124 24.44 -48.56 -9.65
C SER G 124 23.24 -48.49 -10.58
N ASP G 125 22.98 -49.55 -11.35
CA ASP G 125 21.77 -49.71 -12.19
C ASP G 125 20.54 -49.47 -11.31
N SER G 126 20.48 -50.21 -10.18
CA SER G 126 19.44 -50.10 -9.12
C SER G 126 19.20 -48.63 -8.77
N GLN G 127 20.27 -47.89 -8.46
CA GLN G 127 20.25 -46.45 -8.15
C GLN G 127 19.72 -45.67 -9.35
N LEU G 128 20.30 -45.91 -10.54
CA LEU G 128 19.98 -45.24 -11.82
C LEU G 128 18.52 -45.50 -12.22
N LYS G 129 17.98 -46.67 -11.84
CA LYS G 129 16.63 -47.17 -12.24
C LYS G 129 15.55 -46.08 -12.05
N SER G 130 15.63 -45.31 -10.97
CA SER G 130 14.61 -44.31 -10.55
C SER G 130 14.56 -43.11 -11.50
N GLY G 131 15.60 -42.92 -12.33
CA GLY G 131 15.71 -41.80 -13.27
C GLY G 131 16.56 -40.67 -12.72
N THR G 132 17.19 -40.88 -11.55
CA THR G 132 18.21 -39.99 -10.94
C THR G 132 19.53 -40.77 -10.84
N ALA G 133 20.65 -40.15 -11.25
CA ALA G 133 21.98 -40.78 -11.36
C ALA G 133 23.04 -39.88 -10.72
N SER G 134 23.94 -40.47 -9.91
CA SER G 134 25.04 -39.78 -9.20
C SER G 134 26.32 -40.61 -9.22
N VAL G 135 27.44 -39.99 -9.62
CA VAL G 135 28.82 -40.54 -9.50
C VAL G 135 29.50 -39.84 -8.31
N VAL G 136 30.10 -40.63 -7.41
CA VAL G 136 30.81 -40.12 -6.20
C VAL G 136 32.28 -40.54 -6.29
N CYS G 137 33.20 -39.62 -5.96
CA CYS G 137 34.65 -39.85 -5.82
C CYS G 137 35.03 -39.77 -4.33
N LEU G 138 35.62 -40.84 -3.80
CA LEU G 138 35.99 -40.97 -2.36
C LEU G 138 37.31 -40.24 -2.10
N LEU G 139 37.36 -39.48 -0.99
CA LEU G 139 38.58 -38.83 -0.44
C LEU G 139 38.53 -38.95 1.09
N ASN G 140 39.09 -40.03 1.64
CA ASN G 140 39.04 -40.36 3.09
C ASN G 140 40.43 -40.18 3.71
N ASN G 141 40.48 -39.96 5.03
CA ASN G 141 41.75 -39.83 5.82
C ASN G 141 42.66 -38.80 5.14
N PHE G 142 42.24 -37.54 5.14
CA PHE G 142 42.88 -36.41 4.41
C PHE G 142 43.48 -35.42 5.41
N TYR G 143 44.60 -34.80 5.03
CA TYR G 143 45.28 -33.72 5.78
C TYR G 143 46.24 -32.97 4.85
N PRO G 144 46.13 -31.63 4.71
CA PRO G 144 45.13 -30.82 5.42
C PRO G 144 43.77 -30.77 4.71
N ARG G 145 42.83 -30.00 5.28
CA ARG G 145 41.40 -29.92 4.85
C ARG G 145 41.30 -29.22 3.49
N GLU G 146 42.14 -28.21 3.24
CA GLU G 146 42.17 -27.44 1.97
C GLU G 146 42.41 -28.41 0.80
N ALA G 147 41.38 -28.66 -0.01
CA ALA G 147 41.42 -29.54 -1.20
C ALA G 147 40.48 -29.00 -2.28
N LYS G 148 40.75 -29.36 -3.54
CA LYS G 148 40.01 -28.86 -4.74
C LYS G 148 39.27 -30.02 -5.41
N VAL G 149 37.93 -29.95 -5.43
CA VAL G 149 37.03 -30.92 -6.11
C VAL G 149 36.90 -30.50 -7.58
N GLN G 150 37.31 -31.37 -8.52
CA GLN G 150 37.25 -31.13 -9.98
C GLN G 150 36.82 -32.42 -10.69
N TRP G 151 35.61 -32.44 -11.25
CA TRP G 151 35.00 -33.60 -11.96
C TRP G 151 35.00 -33.34 -13.47
N LYS G 152 35.16 -34.40 -14.27
CA LYS G 152 35.20 -34.34 -15.76
C LYS G 152 34.33 -35.46 -16.34
N VAL G 153 33.27 -35.08 -17.09
CA VAL G 153 32.32 -35.99 -17.79
C VAL G 153 32.81 -36.17 -19.24
N ASP G 154 33.26 -37.38 -19.58
CA ASP G 154 33.92 -37.71 -20.88
C ASP G 154 35.15 -36.80 -21.03
N ASN G 155 35.90 -36.62 -19.94
CA ASN G 155 37.12 -35.76 -19.84
C ASN G 155 36.75 -34.28 -19.80
N ALA G 156 35.45 -33.94 -19.92
CA ALA G 156 34.93 -32.56 -19.97
C ALA G 156 34.35 -32.18 -18.61
N LEU G 157 34.93 -31.16 -17.96
CA LEU G 157 34.49 -30.63 -16.64
C LEU G 157 33.06 -30.08 -16.76
N GLN G 158 32.22 -30.32 -15.74
CA GLN G 158 30.80 -29.88 -15.69
C GLN G 158 30.65 -28.81 -14.62
N SER G 159 29.45 -28.24 -14.48
CA SER G 159 29.14 -27.13 -13.54
C SER G 159 27.70 -27.23 -13.03
N GLY G 160 27.52 -27.15 -11.71
CA GLY G 160 26.21 -27.24 -11.03
C GLY G 160 25.81 -28.67 -10.68
N ASN G 161 26.54 -29.67 -11.19
CA ASN G 161 26.13 -31.10 -11.11
C ASN G 161 26.96 -31.85 -10.06
N SER G 162 27.49 -31.14 -9.04
CA SER G 162 28.30 -31.75 -7.95
C SER G 162 28.07 -30.99 -6.64
N GLN G 163 28.04 -31.73 -5.53
CA GLN G 163 28.04 -31.18 -4.13
C GLN G 163 29.28 -31.73 -3.41
N GLU G 164 29.99 -30.88 -2.66
CA GLU G 164 31.24 -31.21 -1.93
C GLU G 164 30.97 -31.22 -0.42
N SER G 165 31.43 -32.27 0.28
CA SER G 165 31.25 -32.48 1.75
C SER G 165 32.57 -33.00 2.34
N VAL G 166 32.84 -32.68 3.62
CA VAL G 166 34.13 -33.01 4.30
C VAL G 166 33.87 -33.34 5.78
N THR G 167 34.25 -34.55 6.21
CA THR G 167 34.14 -35.07 7.60
C THR G 167 35.08 -34.28 8.52
N GLU G 168 35.18 -34.69 9.79
CA GLU G 168 36.14 -34.15 10.79
C GLU G 168 37.39 -35.05 10.81
N GLN G 169 38.46 -34.58 11.47
CA GLN G 169 39.73 -35.34 11.65
C GLN G 169 39.40 -36.64 12.41
N ASP G 170 39.99 -37.76 11.98
CA ASP G 170 39.73 -39.13 12.52
C ASP G 170 40.03 -39.14 14.03
N SER G 171 39.33 -40.00 14.77
CA SER G 171 39.51 -40.21 16.23
C SER G 171 40.90 -40.79 16.52
N LYS G 172 41.45 -41.55 15.58
CA LYS G 172 42.78 -42.22 15.68
C LYS G 172 43.77 -41.57 14.71
N ASP G 173 43.47 -41.59 13.40
CA ASP G 173 44.37 -41.14 12.30
C ASP G 173 44.45 -39.62 12.25
N SER G 174 43.56 -38.90 12.97
CA SER G 174 43.47 -37.43 13.00
C SER G 174 43.28 -36.88 11.57
N THR G 175 42.90 -37.75 10.63
CA THR G 175 42.78 -37.48 9.17
C THR G 175 41.28 -37.41 8.83
N TYR G 176 40.91 -36.48 7.95
CA TYR G 176 39.48 -36.18 7.62
C TYR G 176 39.10 -36.87 6.30
N SER G 177 37.79 -37.14 6.14
CA SER G 177 37.20 -37.68 4.89
C SER G 177 36.47 -36.56 4.15
N LEU G 178 36.51 -36.60 2.81
CA LEU G 178 35.89 -35.61 1.89
C LEU G 178 35.00 -36.36 0.89
N SER G 179 33.76 -35.89 0.75
CA SER G 179 32.68 -36.45 -0.10
C SER G 179 32.40 -35.50 -1.28
N SER G 180 32.57 -35.99 -2.51
CA SER G 180 32.30 -35.23 -3.76
C SER G 180 31.50 -36.12 -4.71
N THR G 181 30.19 -35.85 -4.84
CA THR G 181 29.23 -36.62 -5.67
C THR G 181 28.83 -35.80 -6.90
N LEU G 182 29.26 -36.21 -8.08
CA LEU G 182 28.77 -35.71 -9.39
C LEU G 182 27.41 -36.37 -9.68
N THR G 183 26.36 -35.57 -9.92
CA THR G 183 24.95 -36.04 -10.05
C THR G 183 24.25 -35.25 -11.16
N LEU G 184 23.66 -35.96 -12.14
CA LEU G 184 22.96 -35.34 -13.29
C LEU G 184 21.80 -36.23 -13.73
N SER G 185 21.05 -35.77 -14.74
CA SER G 185 19.90 -36.48 -15.38
C SER G 185 20.36 -37.82 -15.94
N LYS G 186 19.50 -38.83 -15.90
CA LYS G 186 19.76 -40.21 -16.38
C LYS G 186 20.24 -40.15 -17.83
N ALA G 187 19.58 -39.33 -18.67
CA ALA G 187 19.93 -39.06 -20.08
C ALA G 187 21.43 -38.73 -20.18
N ASP G 188 21.91 -37.81 -19.33
CA ASP G 188 23.31 -37.33 -19.28
C ASP G 188 24.24 -38.51 -18.95
N TYR G 189 23.86 -39.37 -18.01
CA TYR G 189 24.61 -40.57 -17.58
C TYR G 189 24.91 -41.46 -18.80
N GLU G 190 23.91 -41.67 -19.66
CA GLU G 190 24.03 -42.45 -20.91
C GLU G 190 24.73 -41.62 -21.98
N LYS G 191 24.55 -40.30 -21.97
CA LYS G 191 25.08 -39.34 -22.97
C LYS G 191 26.62 -39.27 -22.91
N HIS G 192 27.21 -39.66 -21.78
CA HIS G 192 28.69 -39.72 -21.57
C HIS G 192 29.12 -41.15 -21.21
N LYS G 193 30.32 -41.55 -21.63
CA LYS G 193 30.91 -42.89 -21.37
C LYS G 193 32.04 -42.76 -20.33
N VAL G 194 33.10 -42.03 -20.69
CA VAL G 194 34.25 -41.73 -19.78
C VAL G 194 33.74 -40.90 -18.60
N TYR G 195 33.86 -41.43 -17.38
CA TYR G 195 33.51 -40.76 -16.11
C TYR G 195 34.76 -40.69 -15.22
N ALA G 196 35.23 -39.48 -14.89
CA ALA G 196 36.49 -39.23 -14.17
C ALA G 196 36.35 -38.00 -13.27
N CYS G 197 37.29 -37.85 -12.31
CA CYS G 197 37.38 -36.70 -11.37
C CYS G 197 38.87 -36.42 -11.05
N GLU G 198 39.23 -35.14 -11.00
CA GLU G 198 40.61 -34.64 -10.69
C GLU G 198 40.61 -34.05 -9.28
N VAL G 199 41.42 -34.62 -8.39
CA VAL G 199 41.55 -34.23 -6.96
C VAL G 199 42.88 -33.46 -6.77
N THR G 200 42.80 -32.25 -6.21
CA THR G 200 43.96 -31.37 -5.90
C THR G 200 44.10 -31.23 -4.38
N HIS G 201 45.21 -31.71 -3.82
CA HIS G 201 45.57 -31.56 -2.38
C HIS G 201 47.08 -31.67 -2.19
N GLN G 202 47.61 -31.05 -1.13
CA GLN G 202 49.05 -30.96 -0.80
C GLN G 202 49.66 -32.37 -0.73
N GLY G 203 48.94 -33.30 -0.09
CA GLY G 203 49.34 -34.73 0.00
C GLY G 203 49.50 -35.35 -1.36
N LEU G 204 48.70 -34.91 -2.35
CA LEU G 204 48.80 -35.33 -3.78
C LEU G 204 49.92 -34.53 -4.45
N SER G 205 51.17 -34.92 -4.23
CA SER G 205 52.39 -34.35 -4.84
C SER G 205 52.22 -34.41 -6.36
N SER G 206 52.12 -35.63 -6.90
CA SER G 206 51.47 -35.93 -8.20
C SER G 206 49.97 -36.05 -7.93
N PRO G 207 49.13 -35.07 -8.35
CA PRO G 207 47.68 -35.22 -8.26
C PRO G 207 47.21 -36.43 -9.09
N VAL G 208 46.45 -37.33 -8.47
CA VAL G 208 45.93 -38.59 -9.11
C VAL G 208 44.48 -38.36 -9.53
N THR G 209 44.07 -38.99 -10.64
CA THR G 209 42.67 -39.02 -11.14
C THR G 209 42.33 -40.45 -11.60
N LYS G 210 41.25 -41.03 -11.05
CA LYS G 210 40.71 -42.36 -11.41
C LYS G 210 39.50 -42.16 -12.33
N SER G 211 39.29 -43.10 -13.26
CA SER G 211 38.26 -42.99 -14.35
C SER G 211 37.49 -44.30 -14.48
N PHE G 212 36.32 -44.23 -15.12
CA PHE G 212 35.45 -45.39 -15.49
C PHE G 212 34.67 -45.03 -16.76
N ASN G 213 34.52 -45.99 -17.67
CA ASN G 213 33.72 -45.88 -18.92
C ASN G 213 32.34 -46.48 -18.66
N ARG G 214 31.29 -45.91 -19.28
CA ARG G 214 29.86 -46.28 -19.06
C ARG G 214 29.67 -47.77 -19.41
N GLY G 215 29.22 -48.57 -18.44
CA GLY G 215 29.06 -50.03 -18.55
C GLY G 215 30.21 -50.78 -17.90
N SER H 1 5.89 -6.06 65.96
CA SER H 1 6.70 -6.67 67.06
C SER H 1 5.97 -7.87 67.66
N ASP H 2 6.55 -8.50 68.68
CA ASP H 2 5.94 -9.61 69.46
C ASP H 2 6.64 -9.70 70.82
N ILE H 3 5.91 -10.14 71.85
CA ILE H 3 6.35 -10.12 73.28
C ILE H 3 5.94 -11.43 73.94
N GLN H 4 6.76 -11.93 74.86
CA GLN H 4 6.49 -13.16 75.65
C GLN H 4 7.06 -12.97 77.06
N MET H 5 6.41 -12.11 77.87
CA MET H 5 6.75 -11.87 79.30
C MET H 5 6.68 -13.20 80.06
N THR H 6 7.78 -13.96 80.09
CA THR H 6 7.90 -15.27 80.79
C THR H 6 8.19 -15.01 82.27
N GLN H 7 7.15 -15.00 83.11
CA GLN H 7 7.24 -14.81 84.59
C GLN H 7 7.57 -16.16 85.24
N SER H 8 8.36 -16.12 86.33
CA SER H 8 8.82 -17.31 87.09
C SER H 8 8.89 -16.97 88.58
N PRO H 9 8.73 -17.94 89.51
CA PRO H 9 8.48 -19.35 89.18
C PRO H 9 6.98 -19.68 89.07
N SER H 10 6.67 -20.97 88.84
CA SER H 10 5.28 -21.51 88.72
C SER H 10 4.60 -21.50 90.09
N SER H 11 4.90 -22.48 90.95
CA SER H 11 4.41 -22.57 92.35
C SER H 11 5.43 -21.92 93.29
N LEU H 12 5.01 -20.87 94.01
CA LEU H 12 5.86 -20.08 94.94
C LEU H 12 5.21 -20.07 96.34
N SER H 13 5.49 -21.09 97.14
CA SER H 13 5.08 -21.22 98.56
C SER H 13 6.21 -20.70 99.45
N ALA H 14 5.90 -19.82 100.40
CA ALA H 14 6.87 -19.18 101.32
C ALA H 14 6.23 -18.89 102.69
N SER H 15 7.07 -18.66 103.71
CA SER H 15 6.67 -18.25 105.08
C SER H 15 6.52 -16.72 105.12
N VAL H 16 5.71 -16.22 106.06
CA VAL H 16 5.47 -14.75 106.25
C VAL H 16 6.79 -14.11 106.72
N GLY H 17 6.93 -12.79 106.53
CA GLY H 17 8.10 -12.01 106.94
C GLY H 17 9.30 -12.19 106.03
N ASP H 18 9.39 -13.32 105.30
CA ASP H 18 10.54 -13.68 104.44
C ASP H 18 10.56 -12.76 103.20
N ARG H 19 11.72 -12.67 102.53
CA ARG H 19 11.92 -11.87 101.29
C ARG H 19 11.68 -12.76 100.08
N VAL H 20 10.84 -12.31 99.14
CA VAL H 20 10.42 -13.07 97.93
C VAL H 20 10.64 -12.17 96.70
N THR H 21 11.18 -12.75 95.62
CA THR H 21 11.47 -12.08 94.33
C THR H 21 10.70 -12.78 93.21
N ILE H 22 9.82 -12.03 92.52
CA ILE H 22 9.05 -12.48 91.33
C ILE H 22 9.77 -11.97 90.07
N THR H 23 10.37 -12.89 89.32
CA THR H 23 11.19 -12.61 88.11
C THR H 23 10.35 -12.85 86.85
N CYS H 24 10.59 -12.07 85.79
CA CYS H 24 9.95 -12.21 84.45
C CYS H 24 10.97 -11.89 83.34
N ARG H 25 11.03 -12.75 82.33
CA ARG H 25 12.02 -12.71 81.21
C ARG H 25 11.37 -12.07 79.98
N ALA H 26 12.05 -11.07 79.39
CA ALA H 26 11.62 -10.38 78.15
C ALA H 26 12.24 -11.09 76.94
N SER H 27 11.41 -11.40 75.93
CA SER H 27 11.86 -11.98 74.64
C SER H 27 12.73 -10.96 73.88
N GLN H 28 12.13 -9.85 73.44
CA GLN H 28 12.79 -8.77 72.67
C GLN H 28 13.04 -7.57 73.59
N SER H 29 13.63 -6.50 73.04
CA SER H 29 14.00 -5.24 73.76
C SER H 29 12.77 -4.59 74.37
N VAL H 30 12.31 -5.10 75.52
CA VAL H 30 11.24 -4.48 76.36
C VAL H 30 11.87 -3.31 77.12
N SER H 31 11.25 -2.13 77.06
CA SER H 31 11.81 -0.84 77.57
C SER H 31 11.57 -0.72 79.08
N SER H 32 11.93 0.44 79.65
CA SER H 32 11.76 0.79 81.08
C SER H 32 10.27 0.78 81.45
N ALA H 33 9.39 1.08 80.49
CA ALA H 33 7.92 1.14 80.68
C ALA H 33 7.38 -0.27 80.89
N VAL H 34 7.76 -0.90 82.01
CA VAL H 34 7.33 -2.27 82.41
C VAL H 34 6.33 -2.12 83.56
N ALA H 35 5.32 -2.99 83.62
CA ALA H 35 4.26 -2.96 84.66
C ALA H 35 4.07 -4.36 85.24
N TRP H 36 3.90 -4.46 86.56
CA TRP H 36 3.49 -5.69 87.30
C TRP H 36 2.30 -5.37 88.20
N TYR H 37 1.35 -6.29 88.34
CA TYR H 37 0.12 -6.12 89.16
C TYR H 37 -0.24 -7.44 89.85
N GLN H 38 -0.88 -7.36 91.01
CA GLN H 38 -1.25 -8.50 91.89
C GLN H 38 -2.71 -8.35 92.36
N GLN H 39 -3.49 -9.44 92.33
CA GLN H 39 -4.94 -9.47 92.61
C GLN H 39 -5.31 -10.77 93.35
N LYS H 40 -6.16 -10.66 94.37
CA LYS H 40 -6.76 -11.80 95.11
C LYS H 40 -7.67 -12.58 94.15
N PRO H 41 -8.03 -13.85 94.48
CA PRO H 41 -8.87 -14.66 93.59
C PRO H 41 -10.29 -14.08 93.49
N GLY H 42 -10.82 -13.98 92.27
CA GLY H 42 -12.11 -13.34 91.96
C GLY H 42 -12.12 -11.86 92.34
N LYS H 43 -10.93 -11.24 92.40
CA LYS H 43 -10.74 -9.81 92.78
C LYS H 43 -10.11 -9.06 91.61
N ALA H 44 -10.32 -7.74 91.57
CA ALA H 44 -9.92 -6.84 90.46
C ALA H 44 -8.39 -6.73 90.39
N PRO H 45 -7.80 -6.50 89.19
CA PRO H 45 -6.40 -6.09 89.08
C PRO H 45 -6.03 -4.94 90.03
N LYS H 46 -4.84 -5.02 90.64
CA LYS H 46 -4.20 -3.93 91.44
C LYS H 46 -2.79 -3.68 90.90
N LEU H 47 -2.64 -2.66 90.04
CA LEU H 47 -1.34 -2.24 89.46
C LEU H 47 -0.33 -2.03 90.59
N LEU H 48 0.70 -2.87 90.65
CA LEU H 48 1.70 -2.91 91.75
C LEU H 48 2.83 -1.92 91.47
N ILE H 49 3.59 -2.14 90.38
CA ILE H 49 4.79 -1.34 90.01
C ILE H 49 4.55 -0.63 88.67
N TYR H 50 4.66 0.70 88.66
CA TYR H 50 4.60 1.58 87.47
C TYR H 50 6.02 1.97 87.05
N SER H 51 6.27 2.06 85.74
CA SER H 51 7.59 2.37 85.12
C SER H 51 8.70 1.53 85.76
N ALA H 52 8.37 0.32 86.24
CA ALA H 52 9.28 -0.73 86.75
C ALA H 52 9.95 -0.32 88.07
N SER H 53 9.56 0.80 88.67
CA SER H 53 10.14 1.33 89.93
C SER H 53 9.09 2.08 90.76
N SER H 54 8.22 2.86 90.11
CA SER H 54 7.20 3.74 90.73
C SER H 54 6.04 2.92 91.32
N LEU H 55 5.89 2.93 92.65
CA LEU H 55 4.71 2.36 93.35
C LEU H 55 3.52 3.33 93.17
N TYR H 56 2.37 2.81 92.75
CA TYR H 56 1.13 3.59 92.51
C TYR H 56 0.73 4.29 93.81
N SER H 57 0.21 5.52 93.71
CA SER H 57 -0.22 6.35 94.87
C SER H 57 -1.13 5.53 95.79
N GLY H 58 -0.61 5.07 96.93
CA GLY H 58 -1.32 4.23 97.90
C GLY H 58 -0.72 2.84 98.03
N VAL H 59 0.09 2.42 97.05
CA VAL H 59 0.84 1.13 97.04
C VAL H 59 1.85 1.17 98.19
N PRO H 60 1.84 0.16 99.10
CA PRO H 60 2.85 0.07 100.16
C PRO H 60 4.30 -0.08 99.65
N SER H 61 5.27 0.40 100.42
CA SER H 61 6.72 0.37 100.12
C SER H 61 7.29 -1.06 100.29
N ARG H 62 6.52 -1.95 100.92
CA ARG H 62 6.90 -3.35 101.27
C ARG H 62 7.47 -4.09 100.05
N PHE H 63 7.02 -3.75 98.84
CA PHE H 63 7.42 -4.39 97.56
C PHE H 63 8.12 -3.38 96.64
N SER H 64 8.95 -3.89 95.74
CA SER H 64 9.76 -3.10 94.77
C SER H 64 10.15 -3.97 93.56
N GLY H 65 10.27 -3.33 92.39
CA GLY H 65 10.68 -3.97 91.12
C GLY H 65 12.04 -3.47 90.65
N SER H 66 12.88 -4.38 90.13
CA SER H 66 14.23 -4.10 89.61
C SER H 66 14.31 -4.53 88.14
N ARG H 67 15.28 -3.98 87.39
CA ARG H 67 15.48 -4.20 85.94
C ARG H 67 16.90 -4.73 85.70
N SER H 68 17.02 -5.79 84.89
CA SER H 68 18.30 -6.35 84.36
C SER H 68 18.12 -6.69 82.88
N GLY H 69 18.04 -5.67 82.02
CA GLY H 69 17.80 -5.78 80.58
C GLY H 69 16.60 -6.68 80.27
N THR H 70 16.88 -7.86 79.73
CA THR H 70 15.86 -8.92 79.38
C THR H 70 15.14 -9.37 80.65
N ASP H 71 15.89 -9.58 81.74
CA ASP H 71 15.34 -9.98 83.06
C ASP H 71 14.73 -8.74 83.74
N PHE H 72 13.44 -8.80 84.08
CA PHE H 72 12.75 -7.80 84.93
C PHE H 72 12.15 -8.54 86.14
N THR H 73 12.43 -8.05 87.35
CA THR H 73 12.10 -8.76 88.63
C THR H 73 11.47 -7.80 89.63
N LEU H 74 10.36 -8.24 90.24
CA LEU H 74 9.68 -7.60 91.40
C LEU H 74 10.04 -8.38 92.66
N THR H 75 10.07 -7.71 93.81
CA THR H 75 10.45 -8.30 95.12
C THR H 75 9.72 -7.59 96.27
N ILE H 76 9.31 -8.38 97.28
CA ILE H 76 8.79 -7.89 98.59
C ILE H 76 9.54 -8.62 99.70
N SER H 77 9.96 -7.91 100.74
CA SER H 77 10.83 -8.39 101.84
C SER H 77 10.03 -8.73 103.10
N SER H 78 8.91 -8.02 103.33
CA SER H 78 8.02 -8.19 104.52
C SER H 78 6.64 -8.65 104.07
N LEU H 79 6.19 -9.83 104.52
CA LEU H 79 4.85 -10.38 104.23
C LEU H 79 3.80 -9.45 104.85
N GLN H 80 3.04 -8.76 104.01
CA GLN H 80 1.81 -8.00 104.37
C GLN H 80 0.67 -9.01 104.54
N PRO H 81 -0.44 -8.64 105.23
CA PRO H 81 -1.60 -9.54 105.36
C PRO H 81 -2.02 -10.13 104.01
N GLU H 82 -1.86 -9.37 102.92
CA GLU H 82 -2.05 -9.84 101.52
C GLU H 82 -0.87 -10.73 101.12
N ASP H 83 -0.58 -11.76 101.93
CA ASP H 83 0.55 -12.71 101.71
C ASP H 83 0.22 -13.56 100.47
N PHE H 84 -0.83 -14.38 100.57
CA PHE H 84 -1.44 -15.10 99.42
C PHE H 84 -1.82 -14.07 98.36
N ALA H 85 -1.18 -14.14 97.18
CA ALA H 85 -1.35 -13.19 96.06
C ALA H 85 -0.98 -13.89 94.73
N THR H 86 -1.17 -13.19 93.62
CA THR H 86 -0.69 -13.58 92.27
C THR H 86 0.23 -12.48 91.75
N TYR H 87 1.03 -12.77 90.71
CA TYR H 87 2.00 -11.84 90.09
C TYR H 87 2.08 -12.08 88.58
N TYR H 88 1.70 -11.08 87.78
CA TYR H 88 1.91 -11.07 86.31
C TYR H 88 2.40 -9.68 85.88
N CYS H 89 3.41 -9.67 85.01
CA CYS H 89 3.99 -8.45 84.36
C CYS H 89 3.01 -7.88 83.33
N GLN H 90 3.37 -6.75 82.72
CA GLN H 90 2.62 -6.10 81.61
C GLN H 90 3.60 -5.26 80.79
N GLN H 91 3.78 -5.64 79.51
CA GLN H 91 4.69 -4.99 78.53
C GLN H 91 3.87 -4.05 77.65
N TYR H 92 4.27 -2.77 77.60
CA TYR H 92 3.58 -1.68 76.85
C TYR H 92 4.49 -1.13 75.75
N ILE H 93 3.88 -0.64 74.67
CA ILE H 93 4.51 0.31 73.71
C ILE H 93 3.87 1.68 73.95
N SER H 94 4.65 2.76 73.94
CA SER H 94 4.17 4.16 74.15
C SER H 94 2.88 4.37 73.35
N TYR H 95 2.92 3.95 72.09
CA TYR H 95 1.76 3.73 71.18
C TYR H 95 2.26 2.96 69.96
N HIS H 96 2.04 1.64 69.93
CA HIS H 96 2.54 0.72 68.87
C HIS H 96 1.73 -0.58 68.85
N GLU H 97 2.07 -1.47 67.91
CA GLU H 97 1.34 -2.72 67.58
C GLU H 97 1.16 -3.59 68.82
N PRO H 98 2.23 -3.95 69.57
CA PRO H 98 2.14 -5.01 70.57
C PRO H 98 1.60 -4.58 71.94
N ILE H 99 0.66 -5.38 72.48
CA ILE H 99 0.13 -5.32 73.87
C ILE H 99 0.26 -6.73 74.47
N THR H 100 0.76 -6.85 75.72
CA THR H 100 1.08 -8.14 76.35
C THR H 100 1.16 -7.98 77.88
N PHE H 101 0.63 -8.96 78.62
CA PHE H 101 0.72 -9.08 80.11
C PHE H 101 1.29 -10.46 80.46
N GLY H 102 1.72 -10.61 81.72
CA GLY H 102 2.52 -11.75 82.21
C GLY H 102 1.73 -13.05 82.23
N GLN H 103 2.44 -14.18 82.23
CA GLN H 103 1.88 -15.56 82.25
C GLN H 103 1.45 -15.93 83.68
N GLY H 104 1.63 -15.03 84.65
CA GLY H 104 1.13 -15.17 86.03
C GLY H 104 2.08 -15.96 86.92
N THR H 105 2.25 -15.52 88.17
CA THR H 105 3.12 -16.15 89.21
C THR H 105 2.29 -16.33 90.49
N LYS H 106 1.86 -17.58 90.77
CA LYS H 106 1.11 -17.96 91.98
C LYS H 106 2.01 -17.76 93.21
N VAL H 107 1.66 -16.81 94.07
CA VAL H 107 2.39 -16.48 95.33
C VAL H 107 1.62 -17.07 96.51
N GLU H 108 1.94 -18.33 96.88
CA GLU H 108 1.27 -19.10 97.96
C GLU H 108 2.02 -18.88 99.27
N ILE H 109 1.29 -18.90 100.40
CA ILE H 109 1.84 -18.82 101.78
C ILE H 109 2.08 -20.24 102.29
N LYS H 110 3.36 -20.63 102.41
CA LYS H 110 3.78 -21.99 102.88
C LYS H 110 3.48 -22.11 104.37
N ARG H 111 2.69 -23.13 104.75
CA ARG H 111 2.37 -23.50 106.14
C ARG H 111 3.05 -24.83 106.49
N THR H 112 2.82 -25.31 107.73
CA THR H 112 3.42 -26.55 108.29
C THR H 112 3.18 -27.74 107.35
N VAL H 113 4.16 -28.65 107.27
CA VAL H 113 4.11 -29.87 106.41
C VAL H 113 3.22 -30.90 107.09
N ALA H 114 1.91 -30.86 106.81
CA ALA H 114 0.86 -31.64 107.50
C ALA H 114 0.58 -32.93 106.72
N ALA H 115 0.40 -34.04 107.45
CA ALA H 115 -0.06 -35.35 106.92
C ALA H 115 -1.46 -35.19 106.34
N PRO H 116 -1.65 -35.35 105.01
CA PRO H 116 -2.97 -35.19 104.39
C PRO H 116 -3.92 -36.34 104.77
N SER H 117 -4.98 -36.02 105.52
CA SER H 117 -6.05 -36.97 105.92
C SER H 117 -6.68 -37.54 104.65
N VAL H 118 -6.86 -38.87 104.59
CA VAL H 118 -7.34 -39.60 103.37
C VAL H 118 -8.52 -40.51 103.76
N PHE H 119 -9.46 -40.66 102.83
CA PHE H 119 -10.68 -41.52 102.96
C PHE H 119 -11.09 -42.03 101.58
N ILE H 120 -12.09 -42.93 101.55
CA ILE H 120 -12.64 -43.57 100.31
C ILE H 120 -14.12 -43.18 100.17
N PHE H 121 -14.60 -43.07 98.93
CA PHE H 121 -16.01 -42.76 98.58
C PHE H 121 -16.46 -43.71 97.47
N PRO H 122 -17.04 -44.88 97.79
CA PRO H 122 -17.53 -45.81 96.77
C PRO H 122 -18.87 -45.34 96.19
N PRO H 123 -19.18 -45.68 94.91
CA PRO H 123 -20.43 -45.23 94.30
C PRO H 123 -21.67 -45.82 94.99
N SER H 124 -22.71 -44.99 95.16
CA SER H 124 -24.02 -45.36 95.74
C SER H 124 -24.85 -46.10 94.68
N ASP H 125 -25.71 -47.02 95.10
CA ASP H 125 -26.68 -47.74 94.23
C ASP H 125 -27.49 -46.69 93.47
N SER H 126 -28.08 -45.74 94.21
CA SER H 126 -28.84 -44.56 93.69
C SER H 126 -28.06 -43.88 92.56
N GLN H 127 -26.78 -43.57 92.80
CA GLN H 127 -25.85 -42.96 91.81
C GLN H 127 -25.69 -43.92 90.62
N LEU H 128 -25.35 -45.18 90.92
CA LEU H 128 -25.08 -46.26 89.92
C LEU H 128 -26.33 -46.52 89.07
N LYS H 129 -27.53 -46.33 89.64
CA LYS H 129 -28.85 -46.66 89.03
C LYS H 129 -28.95 -46.14 87.58
N SER H 130 -28.42 -44.95 87.31
CA SER H 130 -28.54 -44.22 86.02
C SER H 130 -27.74 -44.91 84.91
N GLY H 131 -26.80 -45.79 85.26
CA GLY H 131 -25.90 -46.49 84.33
C GLY H 131 -24.55 -45.80 84.20
N THR H 132 -24.30 -44.78 85.03
CA THR H 132 -22.99 -44.10 85.19
C THR H 132 -22.50 -44.29 86.63
N ALA H 133 -21.22 -44.65 86.81
CA ALA H 133 -20.62 -45.05 88.11
C ALA H 133 -19.29 -44.30 88.32
N SER H 134 -19.07 -43.78 89.53
CA SER H 134 -17.84 -43.05 89.93
C SER H 134 -17.42 -43.43 91.36
N VAL H 135 -16.15 -43.82 91.53
CA VAL H 135 -15.48 -44.04 92.85
C VAL H 135 -14.59 -42.83 93.12
N VAL H 136 -14.67 -42.25 94.33
CA VAL H 136 -13.86 -41.09 94.77
C VAL H 136 -12.99 -41.50 95.96
N CYS H 137 -11.73 -41.06 95.96
CA CYS H 137 -10.76 -41.21 97.08
C CYS H 137 -10.52 -39.83 97.70
N LEU H 138 -10.78 -39.70 99.00
CA LEU H 138 -10.71 -38.42 99.77
C LEU H 138 -9.25 -38.13 100.15
N LEU H 139 -8.82 -36.88 99.97
CA LEU H 139 -7.53 -36.33 100.44
C LEU H 139 -7.77 -34.90 100.96
N ASN H 140 -8.09 -34.76 102.25
CA ASN H 140 -8.49 -33.47 102.88
C ASN H 140 -7.38 -33.00 103.83
N ASN H 141 -7.33 -31.70 104.11
CA ASN H 141 -6.39 -31.06 105.08
C ASN H 141 -4.96 -31.52 104.75
N PHE H 142 -4.45 -31.11 103.58
CA PHE H 142 -3.16 -31.54 102.99
C PHE H 142 -2.17 -30.37 102.98
N TYR H 143 -0.88 -30.69 103.14
CA TYR H 143 0.26 -29.75 103.02
C TYR H 143 1.55 -30.55 102.83
N PRO H 144 2.35 -30.30 101.77
CA PRO H 144 2.04 -29.29 100.75
C PRO H 144 1.11 -29.80 99.63
N ARG H 145 0.86 -28.95 98.63
CA ARG H 145 -0.11 -29.18 97.52
C ARG H 145 0.40 -30.30 96.60
N GLU H 146 1.72 -30.36 96.37
CA GLU H 146 2.38 -31.37 95.50
C GLU H 146 2.02 -32.78 95.99
N ALA H 147 1.17 -33.48 95.25
CA ALA H 147 0.74 -34.86 95.54
C ALA H 147 0.56 -35.65 94.25
N LYS H 148 0.68 -36.99 94.31
CA LYS H 148 0.63 -37.91 93.16
C LYS H 148 -0.60 -38.82 93.27
N VAL H 149 -1.53 -38.70 92.33
CA VAL H 149 -2.78 -39.50 92.24
C VAL H 149 -2.48 -40.80 91.51
N GLN H 150 -2.69 -41.95 92.18
CA GLN H 150 -2.50 -43.32 91.60
C GLN H 150 -3.63 -44.23 92.09
N TRP H 151 -4.54 -44.62 91.18
CA TRP H 151 -5.71 -45.49 91.45
C TRP H 151 -5.46 -46.89 90.86
N LYS H 152 -5.99 -47.93 91.52
CA LYS H 152 -5.85 -49.35 91.11
C LYS H 152 -7.21 -50.06 91.21
N VAL H 153 -7.74 -50.53 90.07
CA VAL H 153 -9.01 -51.31 89.96
C VAL H 153 -8.69 -52.80 90.01
N ASP H 154 -9.09 -53.48 91.08
CA ASP H 154 -8.74 -54.89 91.39
C ASP H 154 -7.20 -55.00 91.46
N ASN H 155 -6.56 -54.00 92.08
CA ASN H 155 -5.09 -53.88 92.25
C ASN H 155 -4.42 -53.43 90.94
N ALA H 156 -5.20 -53.29 89.85
CA ALA H 156 -4.71 -52.95 88.50
C ALA H 156 -4.98 -51.46 88.22
N LEU H 157 -3.91 -50.68 88.01
CA LEU H 157 -3.97 -49.22 87.71
C LEU H 157 -4.72 -49.00 86.39
N GLN H 158 -5.55 -47.96 86.32
CA GLN H 158 -6.33 -47.58 85.11
C GLN H 158 -5.79 -46.26 84.56
N SER H 159 -6.33 -45.79 83.43
CA SER H 159 -5.92 -44.55 82.74
C SER H 159 -7.12 -43.92 82.02
N GLY H 160 -7.32 -42.60 82.20
CA GLY H 160 -8.33 -41.79 81.49
C GLY H 160 -9.67 -41.75 82.22
N ASN H 161 -9.83 -42.57 83.27
CA ASN H 161 -11.14 -42.78 83.97
C ASN H 161 -11.15 -42.04 85.31
N SER H 162 -10.40 -40.93 85.44
CA SER H 162 -10.27 -40.15 86.70
C SER H 162 -10.08 -38.65 86.39
N GLN H 163 -10.68 -37.79 87.22
CA GLN H 163 -10.47 -36.32 87.22
C GLN H 163 -9.96 -35.91 88.61
N GLU H 164 -8.96 -35.02 88.66
CA GLU H 164 -8.28 -34.57 89.91
C GLU H 164 -8.64 -33.12 90.20
N SER H 165 -8.99 -32.81 91.46
CA SER H 165 -9.34 -31.45 91.95
C SER H 165 -8.68 -31.22 93.32
N VAL H 166 -8.35 -29.97 93.64
CA VAL H 166 -7.63 -29.59 94.90
C VAL H 166 -8.15 -28.24 95.42
N THR H 167 -8.68 -28.23 96.65
CA THR H 167 -9.21 -27.04 97.37
C THR H 167 -8.07 -26.07 97.68
N GLU H 168 -8.36 -24.99 98.41
CA GLU H 168 -7.38 -24.01 98.93
C GLU H 168 -7.02 -24.39 100.38
N GLN H 169 -5.97 -23.78 100.94
CA GLN H 169 -5.55 -23.98 102.36
C GLN H 169 -6.71 -23.59 103.27
N ASP H 170 -6.96 -24.39 104.32
CA ASP H 170 -8.09 -24.22 105.26
C ASP H 170 -8.03 -22.84 105.92
N SER H 171 -9.19 -22.29 106.29
CA SER H 171 -9.33 -20.98 106.98
C SER H 171 -8.70 -21.04 108.37
N LYS H 172 -8.69 -22.23 109.00
CA LYS H 172 -8.14 -22.48 110.36
C LYS H 172 -6.87 -23.35 110.25
N ASP H 173 -7.00 -24.56 109.68
CA ASP H 173 -5.92 -25.58 109.63
C ASP H 173 -4.86 -25.22 108.59
N SER H 174 -5.12 -24.23 107.74
CA SER H 174 -4.22 -23.77 106.64
C SER H 174 -3.87 -24.94 105.72
N THR H 175 -4.65 -26.03 105.81
CA THR H 175 -4.41 -27.32 105.10
C THR H 175 -5.46 -27.45 103.98
N TYR H 176 -5.06 -27.97 102.81
CA TYR H 176 -5.89 -28.03 101.59
C TYR H 176 -6.50 -29.42 101.43
N SER H 177 -7.64 -29.49 100.73
CA SER H 177 -8.33 -30.75 100.35
C SER H 177 -8.08 -31.04 98.87
N LEU H 178 -7.96 -32.33 98.52
CA LEU H 178 -7.74 -32.85 97.15
C LEU H 178 -8.81 -33.89 96.82
N SER H 179 -9.48 -33.71 95.68
CA SER H 179 -10.60 -34.52 95.16
C SER H 179 -10.13 -35.33 93.94
N SER H 180 -10.22 -36.66 94.02
CA SER H 180 -9.84 -37.60 92.92
C SER H 180 -10.92 -38.66 92.76
N THR H 181 -11.74 -38.54 91.71
CA THR H 181 -12.89 -39.42 91.41
C THR H 181 -12.58 -40.31 90.21
N LEU H 182 -12.43 -41.62 90.45
CA LEU H 182 -12.36 -42.67 89.40
C LEU H 182 -13.79 -42.96 88.91
N THR H 183 -14.04 -42.86 87.61
CA THR H 183 -15.38 -42.95 86.99
C THR H 183 -15.29 -43.75 85.67
N LEU H 184 -16.13 -44.78 85.54
CA LEU H 184 -16.16 -45.70 84.36
C LEU H 184 -17.59 -46.23 84.15
N SER H 185 -17.78 -47.08 83.15
CA SER H 185 -19.07 -47.75 82.81
C SER H 185 -19.54 -48.59 84.00
N LYS H 186 -20.86 -48.68 84.20
CA LYS H 186 -21.52 -49.47 85.28
C LYS H 186 -21.01 -50.91 85.22
N ALA H 187 -20.93 -51.48 84.00
CA ALA H 187 -20.39 -52.82 83.69
C ALA H 187 -19.03 -52.98 84.36
N ASP H 188 -18.14 -52.00 84.20
CA ASP H 188 -16.76 -51.99 84.75
C ASP H 188 -16.81 -52.04 86.29
N TYR H 189 -17.73 -51.29 86.90
CA TYR H 189 -17.95 -51.22 88.37
C TYR H 189 -18.20 -52.64 88.91
N GLU H 190 -19.05 -53.41 88.23
CA GLU H 190 -19.38 -54.81 88.58
C GLU H 190 -18.24 -55.74 88.15
N LYS H 191 -17.53 -55.39 87.07
CA LYS H 191 -16.43 -56.22 86.46
C LYS H 191 -15.22 -56.29 87.39
N HIS H 192 -15.08 -55.35 88.33
CA HIS H 192 -14.01 -55.31 89.35
C HIS H 192 -14.62 -55.35 90.76
N LYS H 193 -13.93 -56.01 91.69
CA LYS H 193 -14.35 -56.18 93.11
C LYS H 193 -13.46 -55.30 94.00
N VAL H 194 -12.17 -55.61 94.07
CA VAL H 194 -11.14 -54.83 94.82
C VAL H 194 -11.05 -53.43 94.20
N TYR H 195 -11.36 -52.40 94.98
CA TYR H 195 -11.26 -50.97 94.62
C TYR H 195 -10.31 -50.27 95.60
N ALA H 196 -9.19 -49.74 95.09
CA ALA H 196 -8.10 -49.14 95.91
C ALA H 196 -7.45 -47.96 95.17
N CYS H 197 -6.71 -47.13 95.90
CA CYS H 197 -5.95 -45.97 95.38
C CYS H 197 -4.67 -45.76 96.21
N GLU H 198 -3.56 -45.46 95.52
CA GLU H 198 -2.23 -45.20 96.13
C GLU H 198 -1.93 -43.69 96.06
N VAL H 199 -1.76 -43.06 97.23
CA VAL H 199 -1.54 -41.59 97.38
C VAL H 199 -0.06 -41.37 97.75
N THR H 200 0.64 -40.52 96.98
CA THR H 200 2.04 -40.10 97.22
C THR H 200 2.08 -38.62 97.61
N HIS H 201 2.53 -38.31 98.83
CA HIS H 201 2.74 -36.94 99.35
C HIS H 201 3.80 -36.94 100.45
N GLN H 202 4.48 -35.79 100.64
CA GLN H 202 5.60 -35.61 101.61
C GLN H 202 5.14 -35.99 103.02
N GLY H 203 3.93 -35.58 103.40
CA GLY H 203 3.28 -35.93 104.68
C GLY H 203 3.17 -37.44 104.87
N LEU H 204 2.95 -38.17 103.76
CA LEU H 204 2.92 -39.66 103.73
C LEU H 204 4.35 -40.19 103.67
N SER H 205 5.04 -40.21 104.82
CA SER H 205 6.41 -40.77 105.00
C SER H 205 6.38 -42.22 104.52
N SER H 206 5.60 -43.06 105.19
CA SER H 206 5.02 -44.31 104.63
C SER H 206 3.77 -43.94 103.83
N PRO H 207 3.79 -43.98 102.49
CA PRO H 207 2.59 -43.78 101.69
C PRO H 207 1.50 -44.81 102.04
N VAL H 208 0.31 -44.36 102.38
CA VAL H 208 -0.85 -45.20 102.80
C VAL H 208 -1.79 -45.40 101.61
N THR H 209 -2.43 -46.57 101.53
CA THR H 209 -3.47 -46.90 100.52
C THR H 209 -4.61 -47.64 101.21
N LYS H 210 -5.84 -47.13 101.07
CA LYS H 210 -7.09 -47.76 101.59
C LYS H 210 -7.81 -48.45 100.43
N SER H 211 -8.53 -49.54 100.73
CA SER H 211 -9.18 -50.43 99.73
C SER H 211 -10.61 -50.76 100.14
N PHE H 212 -11.42 -51.21 99.18
CA PHE H 212 -12.80 -51.72 99.37
C PHE H 212 -13.11 -52.75 98.28
N ASN H 213 -13.77 -53.85 98.65
CA ASN H 213 -14.23 -54.92 97.73
C ASN H 213 -15.69 -54.65 97.36
N ARG H 214 -16.09 -54.97 96.12
CA ARG H 214 -17.45 -54.70 95.58
C ARG H 214 -18.49 -55.46 96.43
N GLY H 215 -19.44 -54.72 97.03
CA GLY H 215 -20.45 -55.24 97.96
C GLY H 215 -20.07 -54.98 99.41
N VAL I 5 -12.82 8.09 91.70
CA VAL I 5 -13.25 7.61 90.35
C VAL I 5 -14.04 6.31 90.51
N GLN I 6 -14.81 5.93 89.49
CA GLN I 6 -15.64 4.69 89.48
C GLN I 6 -15.81 4.19 88.03
N LEU I 7 -15.59 2.89 87.82
CA LEU I 7 -15.75 2.21 86.50
C LEU I 7 -17.07 1.45 86.49
N VAL I 8 -17.88 1.66 85.44
CA VAL I 8 -19.22 1.03 85.25
C VAL I 8 -19.07 -0.23 84.39
N GLU I 9 -19.19 -1.41 85.02
CA GLU I 9 -19.04 -2.74 84.35
C GLU I 9 -20.39 -3.47 84.38
N SER I 10 -21.01 -3.65 83.21
CA SER I 10 -22.32 -4.31 83.01
C SER I 10 -22.41 -4.94 81.62
N GLY I 11 -23.48 -5.71 81.36
CA GLY I 11 -23.77 -6.35 80.06
C GLY I 11 -23.22 -7.76 79.98
N GLY I 12 -23.16 -8.49 81.10
CA GLY I 12 -22.64 -9.87 81.18
C GLY I 12 -23.67 -10.90 80.76
N GLY I 13 -23.69 -12.05 81.44
CA GLY I 13 -24.72 -13.11 81.28
C GLY I 13 -24.20 -14.32 80.51
N LEU I 14 -25.05 -15.35 80.38
CA LEU I 14 -24.78 -16.59 79.59
C LEU I 14 -25.50 -16.50 78.25
N VAL I 15 -24.94 -17.08 77.19
CA VAL I 15 -25.49 -17.03 75.80
C VAL I 15 -25.03 -18.27 75.02
N GLN I 16 -25.58 -18.46 73.82
CA GLN I 16 -25.24 -19.57 72.88
C GLN I 16 -24.34 -19.02 71.78
N PRO I 17 -23.60 -19.90 71.06
CA PRO I 17 -22.72 -19.46 69.97
C PRO I 17 -23.47 -18.68 68.87
N GLY I 18 -22.72 -17.96 68.03
CA GLY I 18 -23.24 -17.04 67.00
C GLY I 18 -23.84 -15.78 67.59
N GLY I 19 -24.04 -15.73 68.91
CA GLY I 19 -24.63 -14.58 69.62
C GLY I 19 -23.69 -13.39 69.66
N SER I 20 -24.24 -12.17 69.77
CA SER I 20 -23.50 -10.89 69.85
C SER I 20 -24.01 -10.06 71.03
N LEU I 21 -23.22 -9.96 72.10
CA LEU I 21 -23.52 -9.16 73.31
C LEU I 21 -22.56 -7.97 73.37
N ARG I 22 -23.08 -6.78 73.70
CA ARG I 22 -22.31 -5.51 73.82
C ARG I 22 -21.96 -5.28 75.30
N LEU I 23 -20.69 -5.49 75.67
CA LEU I 23 -20.16 -5.24 77.03
C LEU I 23 -19.95 -3.73 77.23
N SER I 24 -20.82 -3.08 78.00
CA SER I 24 -20.87 -1.61 78.22
C SER I 24 -19.89 -1.20 79.32
N CYS I 25 -19.23 -0.04 79.14
CA CYS I 25 -18.29 0.59 80.11
C CYS I 25 -18.52 2.11 80.11
N ALA I 26 -19.13 2.66 81.16
CA ALA I 26 -19.51 4.08 81.29
C ALA I 26 -18.52 4.80 82.22
N ALA I 27 -18.17 6.04 81.88
CA ALA I 27 -17.14 6.88 82.55
C ALA I 27 -17.76 7.56 83.78
N SER I 28 -17.14 7.37 84.95
CA SER I 28 -17.53 7.96 86.25
C SER I 28 -16.27 8.43 87.00
N GLY I 29 -16.17 9.72 87.31
CA GLY I 29 -15.02 10.34 87.99
C GLY I 29 -13.74 10.27 87.16
N PHE I 30 -13.88 10.43 85.84
CA PHE I 30 -12.77 10.46 84.85
C PHE I 30 -13.33 10.81 83.48
N ASN I 31 -12.71 11.77 82.78
CA ASN I 31 -13.09 12.17 81.39
C ASN I 31 -12.50 11.14 80.41
N LEU I 32 -13.28 10.12 80.05
CA LEU I 32 -12.88 9.05 79.10
C LEU I 32 -12.51 9.67 77.76
N TYR I 33 -13.25 10.73 77.35
CA TYR I 33 -13.12 11.45 76.06
C TYR I 33 -11.65 11.73 75.72
N SER I 34 -10.81 12.01 76.72
CA SER I 34 -9.35 12.25 76.61
C SER I 34 -8.57 11.00 77.02
N SER I 35 -9.07 10.28 78.03
CA SER I 35 -8.54 8.97 78.51
C SER I 35 -8.61 7.94 77.39
N SER I 36 -8.33 6.68 77.72
CA SER I 36 -8.52 5.48 76.85
C SER I 36 -8.79 4.27 77.73
N ILE I 37 -9.78 3.45 77.35
CA ILE I 37 -10.20 2.23 78.10
C ILE I 37 -9.79 1.00 77.29
N HIS I 38 -9.34 -0.04 77.99
CA HIS I 38 -8.88 -1.34 77.44
C HIS I 38 -9.71 -2.47 78.06
N TRP I 39 -9.90 -3.58 77.32
CA TRP I 39 -10.60 -4.81 77.79
C TRP I 39 -9.63 -5.99 77.81
N VAL I 40 -9.70 -6.83 78.85
CA VAL I 40 -8.80 -8.01 79.04
C VAL I 40 -9.53 -9.06 79.87
N ARG I 41 -9.55 -10.30 79.36
CA ARG I 41 -10.37 -11.43 79.88
C ARG I 41 -9.48 -12.35 80.72
N GLN I 42 -10.02 -12.84 81.86
CA GLN I 42 -9.38 -13.84 82.75
C GLN I 42 -10.17 -15.14 82.67
N ALA I 43 -9.71 -16.08 81.83
CA ALA I 43 -10.23 -17.46 81.75
C ALA I 43 -10.10 -18.13 83.12
N PRO I 44 -11.06 -18.99 83.51
CA PRO I 44 -10.93 -19.78 84.74
C PRO I 44 -9.57 -20.50 84.80
N GLY I 45 -8.81 -20.26 85.87
CA GLY I 45 -7.46 -20.84 86.09
C GLY I 45 -6.43 -20.32 85.10
N LYS I 46 -6.68 -19.15 84.50
CA LYS I 46 -5.76 -18.46 83.55
C LYS I 46 -5.68 -16.97 83.91
N GLY I 47 -4.62 -16.29 83.47
CA GLY I 47 -4.36 -14.85 83.74
C GLY I 47 -5.06 -13.96 82.73
N LEU I 48 -4.71 -12.66 82.73
CA LEU I 48 -5.33 -11.61 81.87
C LEU I 48 -4.96 -11.83 80.40
N GLU I 49 -5.70 -11.19 79.48
CA GLU I 49 -5.44 -11.20 78.01
C GLU I 49 -5.89 -9.85 77.42
N TRP I 50 -4.97 -8.89 77.30
CA TRP I 50 -5.21 -7.52 76.77
C TRP I 50 -6.01 -7.61 75.48
N VAL I 51 -7.34 -7.54 75.58
CA VAL I 51 -8.30 -7.70 74.44
C VAL I 51 -8.10 -6.53 73.47
N ALA I 52 -8.44 -5.31 73.92
CA ALA I 52 -8.49 -4.10 73.05
C ALA I 52 -8.11 -2.85 73.86
N SER I 53 -8.36 -1.68 73.26
CA SER I 53 -8.07 -0.33 73.82
C SER I 53 -8.67 0.75 72.91
N ILE I 54 -9.24 1.80 73.52
CA ILE I 54 -9.80 2.98 72.80
C ILE I 54 -10.15 4.06 73.82
N SER I 55 -12.08 7.54 73.59
CA SER I 55 -12.24 7.94 72.17
C SER I 55 -10.87 8.11 71.53
N PRO I 56 -9.88 7.23 71.81
CA PRO I 56 -8.76 7.60 72.67
C PRO I 56 -8.30 9.00 72.22
N SER I 57 -9.19 9.98 72.40
CA SER I 57 -9.12 11.36 71.86
C SER I 57 -9.22 11.37 70.33
N SER I 58 -8.76 10.30 69.67
CA SER I 58 -8.44 10.27 68.21
C SER I 58 -9.16 9.12 67.48
N GLY I 59 -9.72 8.14 68.20
CA GLY I 59 -10.44 7.00 67.61
C GLY I 59 -9.51 5.85 67.26
N SER I 60 -8.63 5.49 68.20
CA SER I 60 -7.68 4.34 68.16
C SER I 60 -8.41 2.99 68.14
N THR I 61 -8.69 2.49 66.94
CA THR I 61 -9.07 1.07 66.69
C THR I 61 -7.86 0.19 67.04
N TYR I 62 -7.79 -0.25 68.30
CA TYR I 62 -6.67 -1.02 68.90
C TYR I 62 -7.22 -2.28 69.58
N TYR I 63 -6.95 -3.47 69.04
CA TYR I 63 -7.49 -4.77 69.51
C TYR I 63 -6.52 -5.91 69.19
N ALA I 64 -6.41 -6.87 70.12
CA ALA I 64 -5.48 -8.02 70.05
C ALA I 64 -5.93 -8.99 68.95
N ASP I 65 -4.99 -9.81 68.47
CA ASP I 65 -5.17 -10.78 67.36
C ASP I 65 -6.20 -11.86 67.76
N SER I 66 -6.23 -12.22 69.05
CA SER I 66 -7.08 -13.29 69.64
C SER I 66 -8.54 -13.13 69.19
N VAL I 67 -9.09 -11.91 69.23
CA VAL I 67 -10.49 -11.58 68.80
C VAL I 67 -10.43 -10.54 67.68
N LYS I 68 -9.41 -10.65 66.80
CA LYS I 68 -9.13 -9.70 65.70
C LYS I 68 -10.35 -9.61 64.77
N GLY I 69 -11.17 -8.56 64.95
CA GLY I 69 -12.37 -8.31 64.14
C GLY I 69 -13.60 -9.04 64.65
N ARG I 70 -13.42 -10.28 65.15
CA ARG I 70 -14.48 -11.10 65.81
C ARG I 70 -15.21 -10.25 66.85
N PHE I 71 -14.45 -9.38 67.55
CA PHE I 71 -14.97 -8.31 68.44
C PHE I 71 -14.60 -6.94 67.84
N THR I 72 -15.38 -5.91 68.19
CA THR I 72 -15.14 -4.48 67.85
C THR I 72 -15.53 -3.60 69.05
N ILE I 73 -14.54 -2.94 69.67
CA ILE I 73 -14.72 -2.06 70.88
C ILE I 73 -14.79 -0.60 70.42
N SER I 74 -15.68 0.20 71.03
CA SER I 74 -15.89 1.64 70.74
C SER I 74 -16.54 2.33 71.95
N ALA I 75 -16.94 3.60 71.81
CA ALA I 75 -17.41 4.43 72.94
C ALA I 75 -18.19 5.66 72.46
N ASP I 76 -19.08 6.15 73.33
CA ASP I 76 -19.89 7.40 73.16
C ASP I 76 -19.42 8.43 74.19
N THR I 77 -18.58 9.38 73.76
CA THR I 77 -18.09 10.53 74.56
C THR I 77 -19.29 11.30 75.10
N SER I 78 -20.29 11.56 74.24
CA SER I 78 -21.53 12.33 74.53
C SER I 78 -22.23 11.83 75.80
N LYS I 79 -22.10 10.53 76.12
CA LYS I 79 -22.73 9.89 77.30
C LYS I 79 -21.66 9.50 78.33
N ASN I 80 -20.39 9.78 78.05
CA ASN I 80 -19.23 9.30 78.86
C ASN I 80 -19.36 7.78 79.00
N THR I 81 -19.51 7.08 77.89
CA THR I 81 -19.84 5.63 77.82
C THR I 81 -19.04 4.94 76.71
N ALA I 82 -18.60 3.71 76.98
CA ALA I 82 -17.82 2.85 76.06
C ALA I 82 -18.50 1.48 75.93
N TYR I 83 -18.11 0.71 74.93
CA TYR I 83 -18.66 -0.64 74.64
C TYR I 83 -17.58 -1.55 74.05
N LEU I 84 -17.83 -2.86 74.11
CA LEU I 84 -16.97 -3.94 73.54
C LEU I 84 -17.85 -5.07 73.01
N GLN I 85 -18.14 -5.05 71.71
CA GLN I 85 -18.90 -6.10 70.98
C GLN I 85 -18.01 -6.73 69.90
N MET I 86 -17.45 -8.39 73.05
CA MET I 86 -17.37 -9.51 72.07
C MET I 86 -18.79 -10.03 71.76
N ASN I 87 -18.75 -9.73 68.36
CA ASN I 87 -19.87 -10.62 67.93
C ASN I 87 -20.13 -11.66 69.02
N SER I 88 -20.06 -14.60 67.20
CA SER I 88 -18.79 -14.93 66.50
C SER I 88 -17.59 -14.63 67.42
N LEU I 89 -19.74 -14.81 70.46
CA LEU I 89 -18.86 -16.01 70.34
C LEU I 89 -19.47 -17.02 69.38
N ARG I 90 -16.07 -17.49 69.37
CA ARG I 90 -16.39 -18.90 69.76
C ARG I 90 -16.37 -19.02 71.28
N ALA I 91 -16.79 -20.19 71.79
CA ALA I 91 -16.79 -20.56 73.23
C ALA I 91 -15.36 -20.44 73.80
N GLU I 92 -14.35 -20.50 72.95
CA GLU I 92 -12.92 -20.20 73.29
C GLU I 92 -12.85 -18.90 74.10
N ASP I 93 -13.68 -17.89 73.75
CA ASP I 93 -13.71 -16.56 74.40
C ASP I 93 -14.60 -16.58 75.65
N THR I 94 -15.14 -17.74 76.03
CA THR I 94 -15.91 -17.97 77.28
C THR I 94 -14.97 -17.77 78.48
N ALA I 95 -15.02 -16.59 79.11
CA ALA I 95 -14.16 -16.20 80.24
C ALA I 95 -14.68 -14.92 80.90
N VAL I 96 -14.47 -14.78 82.22
CA VAL I 96 -14.82 -13.57 83.02
C VAL I 96 -14.00 -12.40 82.48
N TYR I 97 -14.70 -11.37 81.96
CA TYR I 97 -14.10 -10.18 81.30
C TYR I 97 -14.32 -8.94 82.18
N TYR I 98 -13.27 -8.14 82.38
CA TYR I 98 -13.29 -6.83 83.08
C TYR I 98 -12.62 -5.78 82.18
N CYS I 99 -13.32 -4.66 81.96
CA CYS I 99 -12.86 -3.50 81.14
C CYS I 99 -12.43 -2.37 82.08
N ALA I 100 -11.31 -1.69 81.76
CA ALA I 100 -10.65 -0.67 82.60
C ALA I 100 -9.90 0.34 81.71
N ARG I 101 -9.26 1.35 82.31
CA ARG I 101 -8.51 2.42 81.60
C ARG I 101 -7.02 2.38 82.00
N THR I 102 -6.17 2.02 81.05
CA THR I 102 -4.69 2.26 81.09
C THR I 102 -4.41 3.56 80.33
N SER I 103 -5.29 4.54 80.49
CA SER I 103 -5.45 5.74 79.62
C SER I 103 -4.13 6.49 79.46
N ARG I 104 -3.83 6.98 78.25
CA ARG I 104 -2.71 7.90 77.95
C ARG I 104 -3.25 9.32 77.82
N GLY I 105 -4.36 9.61 78.51
CA GLY I 105 -5.04 10.94 78.51
C GLY I 105 -4.51 11.83 79.62
N TRP I 106 -5.40 12.37 80.45
CA TRP I 106 -5.08 13.35 81.53
C TRP I 106 -5.39 12.78 82.93
N ILE I 107 -6.36 11.86 83.03
CA ILE I 107 -7.01 11.46 84.33
C ILE I 107 -6.46 10.11 84.84
N SER I 108 -5.92 9.27 83.95
CA SER I 108 -5.48 7.87 84.28
C SER I 108 -3.95 7.75 84.16
N TYR I 109 -3.43 6.53 84.35
CA TYR I 109 -1.98 6.21 84.52
C TYR I 109 -1.17 6.64 83.28
N GLY I 110 -1.46 6.05 82.12
CA GLY I 110 -0.63 6.16 80.90
C GLY I 110 0.42 5.07 80.85
N SER I 111 0.92 4.66 82.03
CA SER I 111 1.95 3.60 82.21
C SER I 111 1.30 2.22 82.20
N GLY I 112 0.09 2.10 82.79
CA GLY I 112 -0.66 0.83 82.85
C GLY I 112 -2.06 1.00 83.45
N LEU I 113 -2.59 -0.09 84.01
CA LEU I 113 -3.97 -0.18 84.57
C LEU I 113 -4.17 0.91 85.62
N ASP I 114 -4.83 2.02 85.25
CA ASP I 114 -5.18 3.17 86.14
C ASP I 114 -6.09 2.66 87.27
N TYR I 115 -6.97 1.71 86.96
CA TYR I 115 -7.87 1.02 87.91
C TYR I 115 -8.38 -0.29 87.27
N TRP I 116 -9.27 -1.00 87.97
CA TRP I 116 -9.86 -2.28 87.51
C TRP I 116 -11.39 -2.18 87.54
N GLY I 117 -12.06 -2.65 86.48
CA GLY I 117 -13.52 -2.69 86.36
C GLY I 117 -14.10 -3.86 87.14
N GLN I 118 -15.32 -3.69 87.68
CA GLN I 118 -16.06 -4.69 88.50
C GLN I 118 -15.93 -6.08 87.87
N GLY I 119 -16.02 -6.17 86.54
CA GLY I 119 -15.94 -7.43 85.77
C GLY I 119 -17.24 -8.21 85.82
N THR I 120 -17.74 -8.65 84.67
CA THR I 120 -18.99 -9.44 84.52
C THR I 120 -18.67 -10.78 83.84
N LEU I 121 -19.09 -11.89 84.45
CA LEU I 121 -18.81 -13.28 83.98
C LEU I 121 -19.70 -13.59 82.77
N VAL I 122 -19.08 -13.92 81.63
CA VAL I 122 -19.77 -14.28 80.35
C VAL I 122 -19.52 -15.77 80.08
N THR I 123 -20.58 -16.58 80.08
CA THR I 123 -20.54 -18.04 79.76
C THR I 123 -21.24 -18.26 78.40
N VAL I 124 -20.46 -18.54 77.35
CA VAL I 124 -20.92 -18.62 75.93
C VAL I 124 -20.90 -20.09 75.48
N PHE I 125 -21.94 -20.84 75.85
CA PHE I 125 -22.17 -22.28 75.58
C PHE I 125 -23.45 -22.70 76.29
N ASN I 126 -24.31 -23.49 75.64
CA ASN I 126 -25.70 -23.72 76.11
C ASN I 126 -26.07 -25.21 76.02
N GLN I 127 -26.52 -25.76 77.16
CA GLN I 127 -27.25 -27.05 77.26
C GLN I 127 -28.27 -26.93 78.41
N ILE I 128 -27.89 -27.43 79.60
CA ILE I 128 -28.77 -27.67 80.79
C ILE I 128 -28.32 -28.99 81.42
N LYS I 129 -28.08 -29.02 82.73
CA LYS I 129 -27.27 -30.09 83.38
C LYS I 129 -27.43 -30.05 84.91
N GLY I 130 -26.56 -30.77 85.62
CA GLY I 130 -26.62 -30.99 87.08
C GLY I 130 -27.78 -31.90 87.48
N PRO I 131 -27.93 -33.10 86.86
CA PRO I 131 -28.99 -34.04 87.24
C PRO I 131 -28.55 -35.10 88.26
N SER I 132 -27.26 -35.12 88.61
CA SER I 132 -26.61 -36.19 89.42
C SER I 132 -26.71 -35.84 90.91
N VAL I 133 -27.22 -36.78 91.71
CA VAL I 133 -27.22 -36.77 93.20
C VAL I 133 -26.53 -38.06 93.66
N PHE I 134 -25.21 -38.01 93.86
CA PHE I 134 -24.33 -39.17 94.16
C PHE I 134 -23.82 -39.07 95.59
N PRO I 135 -24.49 -39.72 96.56
CA PRO I 135 -24.01 -39.70 97.95
C PRO I 135 -22.72 -40.53 98.12
N LEU I 136 -21.73 -39.96 98.82
CA LEU I 136 -20.42 -40.60 99.11
C LEU I 136 -20.28 -40.78 100.62
N ALA I 137 -20.93 -41.83 101.16
CA ALA I 137 -20.87 -42.22 102.58
C ALA I 137 -19.70 -43.20 102.77
N PRO I 138 -19.14 -43.30 104.00
CA PRO I 138 -18.02 -44.20 104.26
C PRO I 138 -18.45 -45.68 104.34
N SER I 139 -17.48 -46.59 104.23
CA SER I 139 -17.67 -48.06 104.34
C SER I 139 -18.11 -48.42 105.76
N SER I 140 -18.58 -49.65 105.96
CA SER I 140 -18.98 -50.24 107.25
C SER I 140 -17.84 -50.12 108.27
N LYS I 141 -16.60 -50.08 107.80
CA LYS I 141 -15.37 -49.93 108.62
C LYS I 141 -14.97 -48.45 108.72
N SER I 142 -15.95 -47.55 108.91
CA SER I 142 -15.73 -46.10 109.16
C SER I 142 -14.83 -45.93 110.38
N THR I 143 -13.86 -45.02 110.32
CA THR I 143 -12.80 -44.82 111.34
C THR I 143 -13.44 -44.71 112.74
N SER I 144 -13.46 -45.82 113.49
CA SER I 144 -14.02 -45.91 114.86
C SER I 144 -13.04 -45.30 115.86
N GLY I 145 -13.53 -44.47 116.78
CA GLY I 145 -12.72 -43.75 117.78
C GLY I 145 -12.06 -42.50 117.20
N GLY I 146 -12.13 -42.32 115.88
CA GLY I 146 -11.60 -41.14 115.16
C GLY I 146 -12.71 -40.34 114.51
N THR I 147 -12.37 -39.47 113.56
CA THR I 147 -13.31 -38.67 112.74
C THR I 147 -13.51 -39.38 111.40
N ALA I 148 -14.78 -39.59 111.00
CA ALA I 148 -15.19 -40.16 109.69
C ALA I 148 -15.98 -39.11 108.89
N ALA I 149 -15.83 -39.11 107.57
CA ALA I 149 -16.38 -38.07 106.66
C ALA I 149 -17.33 -38.70 105.63
N LEU I 150 -18.35 -37.95 105.22
CA LEU I 150 -19.34 -38.34 104.19
C LEU I 150 -19.92 -37.08 103.53
N GLY I 151 -20.47 -37.22 102.31
CA GLY I 151 -21.08 -36.12 101.54
C GLY I 151 -21.53 -36.56 100.16
N CYS I 152 -22.35 -35.74 99.50
CA CYS I 152 -22.95 -36.01 98.17
C CYS I 152 -21.95 -35.70 97.05
N LEU I 153 -22.37 -35.89 95.80
CA LEU I 153 -21.59 -35.56 94.57
C LEU I 153 -22.56 -35.10 93.48
N VAL I 154 -22.25 -33.99 92.81
CA VAL I 154 -23.04 -33.43 91.67
C VAL I 154 -22.19 -33.52 90.39
N LYS I 155 -22.47 -34.53 89.56
CA LYS I 155 -21.79 -34.80 88.27
C LYS I 155 -22.64 -34.28 87.12
N ASP I 156 -22.04 -34.18 85.92
CA ASP I 156 -22.70 -33.71 84.67
C ASP I 156 -23.33 -32.33 84.92
N TYR I 157 -22.56 -31.39 85.49
CA TYR I 157 -22.94 -29.97 85.70
C TYR I 157 -22.43 -29.14 84.52
N PHE I 158 -23.28 -28.24 84.00
CA PHE I 158 -22.95 -27.38 82.81
C PHE I 158 -24.02 -26.31 82.64
N PRO I 159 -23.68 -24.99 82.68
CA PRO I 159 -22.35 -24.53 83.07
C PRO I 159 -22.23 -24.39 84.60
N GLU I 160 -21.06 -23.94 85.07
CA GLU I 160 -20.88 -23.41 86.45
C GLU I 160 -21.71 -22.14 86.55
N PRO I 161 -22.20 -21.74 87.76
CA PRO I 161 -21.88 -22.41 89.02
C PRO I 161 -22.88 -23.47 89.48
N VAL I 162 -22.69 -23.97 90.70
CA VAL I 162 -23.60 -24.91 91.43
C VAL I 162 -23.60 -24.52 92.91
N THR I 163 -24.73 -24.02 93.42
CA THR I 163 -24.94 -23.62 94.83
C THR I 163 -25.11 -24.88 95.70
N VAL I 164 -24.34 -24.99 96.78
CA VAL I 164 -24.26 -26.19 97.66
C VAL I 164 -24.54 -25.78 99.11
N SER I 165 -25.08 -26.71 99.90
CA SER I 165 -25.32 -26.59 101.37
C SER I 165 -25.29 -27.98 102.00
N TRP I 166 -24.79 -28.08 103.24
CA TRP I 166 -24.71 -29.35 104.02
C TRP I 166 -25.71 -29.29 105.19
N ASN I 167 -26.65 -30.26 105.23
CA ASN I 167 -27.79 -30.29 106.18
C ASN I 167 -28.55 -28.96 106.06
N SER I 168 -28.84 -28.55 104.82
CA SER I 168 -29.42 -27.23 104.46
C SER I 168 -28.47 -26.11 104.91
N GLY I 169 -27.16 -26.33 104.78
CA GLY I 169 -26.09 -25.37 105.16
C GLY I 169 -25.91 -25.25 106.67
N ALA I 170 -26.68 -25.99 107.48
CA ALA I 170 -26.74 -25.87 108.95
C ALA I 170 -25.38 -26.22 109.56
N LEU I 171 -24.62 -27.12 108.90
CA LEU I 171 -23.26 -27.54 109.31
C LEU I 171 -22.24 -26.94 108.35
N THR I 172 -21.34 -26.09 108.87
CA THR I 172 -20.26 -25.40 108.10
C THR I 172 -18.91 -26.07 108.37
N SER I 173 -18.66 -26.49 109.62
CA SER I 173 -17.41 -27.14 110.07
C SER I 173 -17.21 -28.47 109.34
N GLY I 174 -15.99 -28.73 108.87
CA GLY I 174 -15.61 -29.99 108.19
C GLY I 174 -15.97 -30.00 106.72
N VAL I 175 -16.96 -29.18 106.31
CA VAL I 175 -17.51 -29.14 104.92
C VAL I 175 -16.46 -28.59 103.97
N HIS I 176 -16.18 -29.30 102.87
CA HIS I 176 -15.20 -28.93 101.81
C HIS I 176 -15.78 -29.27 100.44
N THR I 177 -16.09 -28.25 99.62
CA THR I 177 -16.73 -28.36 98.28
C THR I 177 -15.65 -28.42 97.18
N PHE I 178 -15.42 -29.62 96.61
CA PHE I 178 -14.42 -29.89 95.56
C PHE I 178 -14.58 -28.90 94.41
N PRO I 179 -13.48 -28.47 93.75
CA PRO I 179 -13.57 -27.60 92.58
C PRO I 179 -14.21 -28.28 91.35
N ALA I 180 -14.82 -27.48 90.47
CA ALA I 180 -15.46 -27.91 89.21
C ALA I 180 -14.41 -28.49 88.25
N VAL I 181 -14.51 -29.78 87.94
CA VAL I 181 -13.68 -30.49 86.92
C VAL I 181 -14.55 -30.75 85.68
N LEU I 182 -14.18 -30.15 84.54
CA LEU I 182 -14.89 -30.30 83.24
C LEU I 182 -14.63 -31.70 82.68
N GLN I 183 -15.67 -32.55 82.65
CA GLN I 183 -15.60 -33.97 82.18
C GLN I 183 -15.53 -33.99 80.64
N SER I 184 -15.03 -35.10 80.09
CA SER I 184 -14.77 -35.33 78.65
C SER I 184 -15.98 -34.95 77.79
N SER I 185 -17.19 -35.28 78.26
CA SER I 185 -18.49 -35.03 77.58
C SER I 185 -18.74 -33.52 77.42
N GLY I 186 -18.08 -32.69 78.23
CA GLY I 186 -18.29 -31.23 78.27
C GLY I 186 -19.24 -30.83 79.39
N LEU I 187 -19.13 -31.49 80.54
CA LEU I 187 -19.90 -31.19 81.78
C LEU I 187 -18.93 -31.06 82.95
N TYR I 188 -19.05 -29.96 83.72
CA TYR I 188 -18.32 -29.72 84.99
C TYR I 188 -18.80 -30.73 86.04
N SER I 189 -17.91 -31.11 86.96
CA SER I 189 -18.15 -32.13 88.01
C SER I 189 -17.30 -31.84 89.25
N LEU I 190 -17.91 -31.98 90.44
CA LEU I 190 -17.24 -31.85 91.75
C LEU I 190 -18.06 -32.57 92.81
N SER I 191 -17.73 -32.38 94.08
CA SER I 191 -18.43 -32.98 95.24
C SER I 191 -18.05 -32.24 96.53
N SER I 192 -18.59 -32.68 97.66
CA SER I 192 -18.33 -32.11 99.00
C SER I 192 -18.60 -33.18 100.08
N VAL I 193 -17.75 -33.22 101.11
CA VAL I 193 -17.93 -34.12 102.29
C VAL I 193 -17.49 -33.35 103.54
N VAL I 194 -17.74 -33.93 104.72
CA VAL I 194 -17.42 -33.30 106.04
C VAL I 194 -17.22 -34.41 107.08
N THR I 195 -16.23 -34.22 107.96
CA THR I 195 -15.84 -35.17 109.04
C THR I 195 -16.85 -35.09 110.18
N VAL I 196 -17.16 -36.22 110.80
CA VAL I 196 -18.10 -36.36 111.96
C VAL I 196 -17.77 -37.65 112.70
N PRO I 197 -18.17 -37.79 113.98
CA PRO I 197 -18.07 -39.07 114.68
C PRO I 197 -18.97 -40.15 114.04
N SER I 198 -18.48 -41.39 114.00
CA SER I 198 -19.23 -42.60 113.53
C SER I 198 -20.54 -42.72 114.32
N SER I 199 -20.49 -42.46 115.63
CA SER I 199 -21.65 -42.43 116.55
C SER I 199 -22.68 -41.38 116.09
N SER I 200 -22.20 -40.28 115.50
CA SER I 200 -23.03 -39.16 114.98
C SER I 200 -23.64 -39.52 113.62
N LEU I 201 -23.03 -40.49 112.91
CA LEU I 201 -23.52 -41.00 111.60
C LEU I 201 -24.89 -41.66 111.78
N GLY I 202 -24.94 -42.74 112.56
CA GLY I 202 -26.15 -43.56 112.77
C GLY I 202 -27.21 -42.86 113.61
N THR I 203 -26.90 -41.70 114.19
CA THR I 203 -27.80 -40.93 115.10
C THR I 203 -28.27 -39.63 114.42
N GLN I 204 -27.32 -38.75 114.07
CA GLN I 204 -27.58 -37.41 113.50
C GLN I 204 -27.68 -37.49 111.97
N THR I 205 -28.73 -36.89 111.39
CA THR I 205 -29.04 -36.89 109.94
C THR I 205 -28.18 -35.84 109.24
N TYR I 206 -27.60 -36.19 108.08
CA TYR I 206 -26.80 -35.30 107.20
C TYR I 206 -27.34 -35.40 105.76
N ILE I 207 -27.87 -34.28 105.24
CA ILE I 207 -28.50 -34.20 103.88
C ILE I 207 -28.02 -32.92 103.19
N CYS I 208 -27.11 -33.05 102.21
CA CYS I 208 -26.52 -31.91 101.45
C CYS I 208 -27.57 -31.31 100.52
N ASN I 209 -27.85 -30.01 100.67
CA ASN I 209 -28.78 -29.21 99.84
C ASN I 209 -28.02 -28.62 98.64
N VAL I 210 -28.58 -28.76 97.44
CA VAL I 210 -27.96 -28.36 96.14
C VAL I 210 -28.93 -27.46 95.37
N ASN I 211 -28.41 -26.42 94.71
CA ASN I 211 -29.19 -25.44 93.90
C ASN I 211 -28.39 -25.08 92.64
N HIS I 212 -29.05 -25.11 91.47
CA HIS I 212 -28.47 -24.77 90.14
C HIS I 212 -29.47 -23.92 89.35
N LYS I 213 -29.44 -22.60 89.55
CA LYS I 213 -30.41 -21.60 89.02
C LYS I 213 -30.60 -21.72 87.51
N PRO I 214 -29.52 -21.96 86.71
CA PRO I 214 -29.67 -22.12 85.26
C PRO I 214 -30.71 -23.18 84.89
N SER I 215 -30.49 -24.43 85.29
CA SER I 215 -31.46 -25.56 85.20
C SER I 215 -32.56 -25.36 86.26
N ASN I 216 -32.33 -24.42 87.19
CA ASN I 216 -33.26 -24.09 88.30
C ASN I 216 -33.65 -25.39 89.02
N THR I 217 -32.71 -26.35 89.08
CA THR I 217 -32.90 -27.68 89.70
C THR I 217 -32.62 -27.58 91.20
N LYS I 218 -33.58 -27.97 92.04
CA LYS I 218 -33.42 -28.04 93.52
C LYS I 218 -33.28 -29.51 93.94
N VAL I 219 -32.34 -29.80 94.84
CA VAL I 219 -31.98 -31.19 95.25
C VAL I 219 -31.43 -31.16 96.68
N ASP I 220 -32.00 -31.98 97.57
CA ASP I 220 -31.45 -32.30 98.91
C ASP I 220 -31.61 -33.82 99.13
N LYS I 221 -30.51 -34.54 99.37
CA LYS I 221 -30.48 -36.01 99.57
C LYS I 221 -29.66 -36.35 100.83
N LYS I 222 -30.16 -37.30 101.63
CA LYS I 222 -29.56 -37.72 102.93
C LYS I 222 -28.33 -38.59 102.69
N VAL I 223 -27.61 -38.92 103.78
CA VAL I 223 -26.40 -39.80 103.79
C VAL I 223 -26.55 -40.85 104.89
N GLU I 224 -26.27 -42.12 104.57
CA GLU I 224 -26.56 -43.30 105.45
C GLU I 224 -25.97 -44.55 104.81
N PRO I 225 -25.84 -45.67 105.55
CA PRO I 225 -25.39 -46.94 104.98
C PRO I 225 -26.28 -47.45 103.83
N VAL J 5 -15.63 68.69 53.98
CA VAL J 5 -16.34 67.37 54.00
C VAL J 5 -17.70 67.53 54.68
N GLN J 6 -18.61 66.58 54.46
CA GLN J 6 -19.99 66.59 55.01
C GLN J 6 -20.49 65.14 55.19
N LEU J 7 -21.04 64.83 56.37
CA LEU J 7 -21.64 63.51 56.70
C LEU J 7 -23.16 63.61 56.59
N VAL J 8 -23.79 62.68 55.86
CA VAL J 8 -25.26 62.62 55.59
C VAL J 8 -25.90 61.69 56.62
N GLU J 9 -26.63 62.26 57.59
CA GLU J 9 -27.33 61.52 58.68
C GLU J 9 -28.84 61.69 58.51
N SER J 10 -29.55 60.60 58.17
CA SER J 10 -31.01 60.54 57.98
C SER J 10 -31.54 59.14 58.29
N GLY J 11 -32.88 58.97 58.32
CA GLY J 11 -33.57 57.68 58.50
C GLY J 11 -33.91 57.39 59.95
N GLY J 12 -34.19 58.43 60.74
CA GLY J 12 -34.50 58.34 62.18
C GLY J 12 -35.95 57.97 62.44
N GLY J 13 -36.59 58.60 63.43
CA GLY J 13 -38.05 58.54 63.70
C GLY J 13 -38.38 57.70 64.92
N LEU J 14 -39.67 57.68 65.30
CA LEU J 14 -40.22 56.85 66.41
C LEU J 14 -40.92 55.62 65.80
N VAL J 15 -40.88 54.48 66.50
CA VAL J 15 -41.40 53.18 66.00
C VAL J 15 -41.77 52.29 67.19
N GLN J 16 -42.41 51.14 66.93
CA GLN J 16 -42.81 50.12 67.93
C GLN J 16 -41.83 48.94 67.86
N PRO J 17 -41.76 48.09 68.92
CA PRO J 17 -40.86 46.93 68.92
C PRO J 17 -41.11 45.97 67.75
N GLY J 18 -40.13 45.10 67.48
CA GLY J 18 -40.11 44.19 66.31
C GLY J 18 -39.86 44.91 65.00
N GLY J 19 -39.91 46.25 65.00
CA GLY J 19 -39.70 47.10 63.80
C GLY J 19 -38.25 47.09 63.36
N SER J 20 -38.01 47.36 62.07
CA SER J 20 -36.67 47.42 61.43
C SER J 20 -36.54 48.70 60.60
N LEU J 21 -35.74 49.66 61.09
CA LEU J 21 -35.43 50.94 60.39
C LEU J 21 -33.97 50.91 59.92
N ARG J 22 -33.71 51.34 58.68
CA ARG J 22 -32.36 51.39 58.06
C ARG J 22 -31.82 52.82 58.19
N LEU J 23 -30.85 53.03 59.10
CA LEU J 23 -30.17 54.33 59.33
C LEU J 23 -29.12 54.55 58.22
N SER J 24 -29.42 55.44 57.27
CA SER J 24 -28.61 55.72 56.06
C SER J 24 -27.49 56.72 56.38
N CYS J 25 -26.30 56.52 55.80
CA CYS J 25 -25.11 57.41 55.91
C CYS J 25 -24.41 57.50 54.55
N ALA J 26 -24.54 58.65 53.87
CA ALA J 26 -24.03 58.88 52.50
C ALA J 26 -22.76 59.73 52.55
N ALA J 27 -21.78 59.41 51.70
CA ALA J 27 -20.43 60.01 51.65
C ALA J 27 -20.47 61.33 50.88
N SER J 28 -20.00 62.41 51.49
CA SER J 28 -19.91 63.78 50.92
C SER J 28 -18.58 64.42 51.31
N GLY J 29 -17.76 64.80 50.33
CA GLY J 29 -16.43 65.40 50.52
C GLY J 29 -15.45 64.43 51.18
N PHE J 30 -15.55 63.14 50.83
CA PHE J 30 -14.68 62.04 51.33
C PHE J 30 -15.05 60.75 50.59
N ASN J 31 -14.05 60.03 50.07
CA ASN J 31 -14.21 58.69 49.46
C ASN J 31 -14.34 57.64 50.58
N LEU J 32 -15.58 57.32 50.96
CA LEU J 32 -15.89 56.28 51.98
C LEU J 32 -15.29 54.94 51.54
N TYR J 33 -15.32 54.66 50.23
CA TYR J 33 -14.87 53.40 49.57
C TYR J 33 -13.50 52.95 50.12
N SER J 34 -12.61 53.90 50.45
CA SER J 34 -11.27 53.66 51.05
C SER J 34 -11.31 53.92 52.56
N SER J 35 -12.09 54.93 52.98
CA SER J 35 -12.37 55.28 54.40
C SER J 35 -13.05 54.11 55.10
N SER J 36 -13.50 54.33 56.34
CA SER J 36 -14.34 53.40 57.14
C SER J 36 -15.19 54.21 58.12
N ILE J 37 -16.48 53.89 58.21
CA ILE J 37 -17.48 54.59 59.06
C ILE J 37 -17.87 53.66 60.21
N HIS J 38 -18.07 54.24 61.40
CA HIS J 38 -18.52 53.55 62.64
C HIS J 38 -19.82 54.19 63.14
N TRP J 39 -20.68 53.43 63.83
CA TRP J 39 -21.93 53.92 64.46
C TRP J 39 -21.85 53.74 65.98
N VAL J 40 -22.30 54.73 66.75
CA VAL J 40 -22.24 54.74 68.24
C VAL J 40 -23.38 55.60 68.78
N ARG J 41 -24.16 55.03 69.72
CA ARG J 41 -25.44 55.59 70.24
C ARG J 41 -25.20 56.27 71.59
N GLN J 42 -25.81 57.43 71.79
CA GLN J 42 -25.79 58.23 73.04
C GLN J 42 -27.18 58.19 73.67
N ALA J 43 -27.40 57.29 74.64
CA ALA J 43 -28.61 57.23 75.48
C ALA J 43 -28.76 58.56 76.22
N PRO J 44 -30.00 59.05 76.43
CA PRO J 44 -30.22 60.25 77.26
C PRO J 44 -29.51 60.12 78.61
N GLY J 45 -28.65 61.09 78.94
CA GLY J 45 -27.86 61.12 80.19
C GLY J 45 -26.81 60.02 80.25
N LYS J 46 -26.41 59.49 79.08
CA LYS J 46 -25.33 58.47 78.95
C LYS J 46 -24.41 58.87 77.79
N GLY J 47 -23.18 58.32 77.77
CA GLY J 47 -22.15 58.60 76.75
C GLY J 47 -22.30 57.70 75.54
N LEU J 48 -21.27 57.66 74.67
CA LEU J 48 -21.26 56.92 73.39
C LEU J 48 -21.22 55.40 73.67
N GLU J 49 -21.54 54.61 72.64
CA GLU J 49 -21.44 53.12 72.63
C GLU J 49 -21.08 52.65 71.21
N TRP J 50 -19.79 52.44 70.93
CA TRP J 50 -19.23 52.04 69.61
C TRP J 50 -20.04 50.86 69.08
N VAL J 51 -21.06 51.14 68.28
CA VAL J 51 -22.01 50.13 67.72
C VAL J 51 -21.25 49.21 66.75
N ALA J 52 -20.78 49.75 65.64
CA ALA J 52 -20.19 48.99 64.52
C ALA J 52 -19.09 49.80 63.83
N SER J 53 -18.66 49.32 62.66
CA SER J 53 -17.57 49.91 61.81
C SER J 53 -17.49 49.16 60.48
N ILE J 54 -17.28 49.89 59.39
CA ILE J 54 -17.08 49.33 58.01
C ILE J 54 -16.65 50.48 57.07
N SER J 55 -16.30 50.63 53.10
CA SER J 55 -16.27 49.26 52.53
C SER J 55 -15.07 48.50 53.09
N PRO J 56 -14.74 48.62 54.40
CA PRO J 56 -13.58 49.39 54.82
C PRO J 56 -12.43 48.99 53.90
N SER J 57 -12.60 49.32 52.61
CA SER J 57 -11.75 48.89 51.46
C SER J 57 -11.88 47.37 51.24
N SER J 58 -12.16 46.59 52.29
CA SER J 58 -11.98 45.11 52.33
C SER J 58 -13.26 44.38 52.77
N GLY J 59 -14.25 45.08 53.33
CA GLY J 59 -15.53 44.49 53.76
C GLY J 59 -15.45 43.97 55.19
N SER J 60 -14.93 44.79 56.11
CA SER J 60 -14.87 44.57 57.58
C SER J 60 -16.27 44.57 58.22
N THR J 61 -16.87 43.38 58.30
CA THR J 61 -18.05 43.09 59.14
C THR J 61 -17.63 43.22 60.61
N TYR J 62 -17.76 44.43 61.17
CA TYR J 62 -17.27 44.81 62.52
C TYR J 62 -18.39 45.49 63.31
N TYR J 63 -18.91 44.83 64.35
CA TYR J 63 -20.07 45.32 65.16
C TYR J 63 -19.95 44.80 66.61
N ALA J 64 -20.33 45.65 67.58
CA ALA J 64 -20.21 45.39 69.03
C ALA J 64 -21.20 44.30 69.46
N ASP J 65 -20.92 43.65 70.59
CA ASP J 65 -21.73 42.55 71.18
C ASP J 65 -23.12 43.05 71.56
N SER J 66 -23.23 44.32 71.98
CA SER J 66 -24.48 44.98 72.46
C SER J 66 -25.64 44.74 71.48
N VAL J 67 -25.40 44.91 70.17
CA VAL J 67 -26.41 44.68 69.09
C VAL J 67 -25.90 43.59 68.15
N LYS J 68 -25.21 42.59 68.70
CA LYS J 68 -24.54 41.48 67.96
C LYS J 68 -25.58 40.74 67.11
N GLY J 69 -25.67 41.06 65.81
CA GLY J 69 -26.59 40.43 64.86
C GLY J 69 -27.96 41.08 64.85
N ARG J 70 -28.46 41.52 66.02
CA ARG J 70 -29.73 42.29 66.20
C ARG J 70 -29.74 43.45 65.19
N PHE J 71 -28.57 44.06 64.95
CA PHE J 71 -28.32 45.05 63.88
C PHE J 71 -27.31 44.45 62.88
N THR J 72 -27.34 44.94 61.64
CA THR J 72 -26.36 44.63 60.55
C THR J 72 -26.08 45.91 59.75
N ILE J 73 -24.84 46.43 59.83
CA ILE J 73 -24.39 47.68 59.15
C ILE J 73 -23.64 47.30 57.87
N SER J 74 -23.84 48.07 56.79
CA SER J 74 -23.19 47.88 55.45
C SER J 74 -23.21 49.19 54.68
N ALA J 75 -22.81 49.16 53.40
CA ALA J 75 -22.65 50.37 52.56
C ALA J 75 -22.61 50.03 51.06
N ASP J 76 -23.01 51.02 50.25
CA ASP J 76 -22.97 51.00 48.76
C ASP J 76 -21.93 52.02 48.27
N THR J 77 -20.74 51.53 47.92
CA THR J 77 -19.61 52.31 47.35
C THR J 77 -20.11 53.04 46.09
N SER J 78 -20.82 52.32 45.22
CA SER J 78 -21.36 52.77 43.92
C SER J 78 -22.15 54.09 44.06
N LYS J 79 -22.78 54.31 45.23
CA LYS J 79 -23.59 55.53 45.52
C LYS J 79 -22.88 56.42 46.55
N ASN J 80 -21.69 56.02 47.01
CA ASN J 80 -20.98 56.68 48.13
C ASN J 80 -21.94 56.77 49.32
N THR J 81 -22.54 55.63 49.69
CA THR J 81 -23.64 55.54 50.69
C THR J 81 -23.44 54.32 51.60
N ALA J 82 -23.77 54.47 52.89
CA ALA J 82 -23.69 53.44 53.94
C ALA J 82 -25.03 53.33 54.66
N TYR J 83 -25.23 52.25 55.41
CA TYR J 83 -26.48 51.97 56.15
C TYR J 83 -26.17 51.21 57.46
N LEU J 84 -27.13 51.24 58.39
CA LEU J 84 -27.08 50.55 59.70
C LEU J 84 -28.49 50.07 60.09
N GLN J 85 -28.82 48.82 59.78
CA GLN J 85 -30.11 48.16 60.14
C GLN J 85 -29.80 46.95 61.04
N MET J 86 -30.03 49.93 63.05
CA MET J 86 -30.67 48.90 63.92
C MET J 86 -32.15 48.75 63.54
N ASN J 87 -32.23 45.39 62.93
CA ASN J 87 -33.69 45.07 62.98
C ASN J 87 -34.40 46.13 63.83
N SER J 88 -36.11 44.14 66.08
CA SER J 88 -35.28 43.29 66.98
C SER J 88 -34.06 44.08 67.49
N LEU J 89 -35.75 47.33 66.82
CA LEU J 89 -35.70 47.04 68.27
C LEU J 89 -36.84 46.09 68.67
N ARG J 90 -34.32 45.63 70.95
CA ARG J 90 -35.36 45.98 71.97
C ARG J 90 -35.32 47.48 72.26
N ALA J 91 -36.31 47.98 73.03
CA ALA J 91 -36.43 49.38 73.48
C ALA J 91 -35.18 49.81 74.26
N GLU J 92 -34.44 48.82 74.80
CA GLU J 92 -33.10 49.03 75.43
C GLU J 92 -32.22 49.89 74.50
N ASP J 93 -32.32 49.66 73.19
CA ASP J 93 -31.51 50.36 72.15
C ASP J 93 -32.17 51.70 71.76
N THR J 94 -33.26 52.09 72.43
CA THR J 94 -33.91 53.42 72.28
C THR J 94 -32.95 54.51 72.76
N ALA J 95 -32.26 55.17 71.82
CA ALA J 95 -31.25 56.21 72.08
C ALA J 95 -30.89 56.96 70.79
N VAL J 96 -30.54 58.24 70.93
CA VAL J 96 -30.07 59.13 69.81
C VAL J 96 -28.78 58.53 69.24
N TYR J 97 -28.80 58.13 67.97
CA TYR J 97 -27.68 57.46 67.26
C TYR J 97 -27.09 58.41 66.21
N TYR J 98 -25.75 58.54 66.19
CA TYR J 98 -24.97 59.33 65.19
C TYR J 98 -23.86 58.44 64.61
N CYS J 99 -23.77 58.35 63.28
CA CYS J 99 -22.78 57.55 62.53
C CYS J 99 -21.73 58.48 61.94
N ALA J 100 -20.45 58.09 62.01
CA ALA J 100 -19.27 58.92 61.64
C ALA J 100 -18.11 58.01 61.18
N ARG J 101 -17.00 58.63 60.74
CA ARG J 101 -15.81 57.92 60.18
C ARG J 101 -14.58 58.19 61.04
N THR J 102 -14.08 57.16 61.73
CA THR J 102 -12.73 57.10 62.34
C THR J 102 -11.81 56.38 61.35
N SER J 103 -12.01 56.67 60.05
CA SER J 103 -11.51 55.88 58.89
C SER J 103 -10.00 55.66 58.98
N ARG J 104 -9.52 54.46 58.63
CA ARG J 104 -8.08 54.13 58.45
C ARG J 104 -7.76 54.13 56.94
N GLY J 105 -8.51 54.92 56.16
CA GLY J 105 -8.36 55.06 54.70
C GLY J 105 -7.36 56.14 54.34
N TRP J 106 -7.76 57.08 53.47
CA TRP J 106 -6.91 58.18 52.94
C TRP J 106 -7.43 59.56 53.37
N ILE J 107 -8.74 59.70 53.60
CA ILE J 107 -9.46 61.01 53.70
C ILE J 107 -9.75 61.39 55.16
N SER J 108 -9.80 60.42 56.08
CA SER J 108 -10.18 60.63 57.50
C SER J 108 -8.99 60.38 58.44
N TYR J 109 -9.20 60.47 59.75
CA TYR J 109 -8.17 60.51 60.82
C TYR J 109 -7.31 59.25 60.81
N GLY J 110 -7.92 58.08 61.03
CA GLY J 110 -7.21 56.81 61.29
C GLY J 110 -6.93 56.62 62.77
N SER J 111 -6.69 57.73 63.48
CA SER J 111 -6.40 57.79 64.94
C SER J 111 -7.71 57.76 65.73
N GLY J 112 -8.77 58.42 65.23
CA GLY J 112 -10.09 58.46 65.87
C GLY J 112 -11.14 59.17 65.03
N LEU J 113 -12.17 59.71 65.70
CA LEU J 113 -13.35 60.37 65.06
C LEU J 113 -12.88 61.50 64.14
N ASP J 114 -12.83 61.23 62.83
CA ASP J 114 -12.46 62.21 61.76
C ASP J 114 -13.45 63.38 61.78
N TYR J 115 -14.72 63.08 62.06
CA TYR J 115 -15.82 64.06 62.21
C TYR J 115 -16.97 63.39 62.98
N TRP J 116 -18.07 64.13 63.15
CA TRP J 116 -19.32 63.66 63.82
C TRP J 116 -20.51 63.85 62.87
N GLY J 117 -21.35 62.81 62.76
CA GLY J 117 -22.60 62.84 61.96
C GLY J 117 -23.70 63.58 62.68
N GLN J 118 -24.58 64.27 61.93
CA GLN J 118 -25.68 65.12 62.46
C GLN J 118 -26.40 64.40 63.60
N GLY J 119 -26.62 63.08 63.46
CA GLY J 119 -27.31 62.24 64.44
C GLY J 119 -28.82 62.39 64.34
N THR J 120 -29.56 61.28 64.30
CA THR J 120 -31.04 61.24 64.22
C THR J 120 -31.58 60.46 65.43
N LEU J 121 -32.51 61.08 66.17
CA LEU J 121 -33.11 60.52 67.42
C LEU J 121 -34.10 59.42 67.06
N VAL J 122 -33.87 58.19 67.55
CA VAL J 122 -34.74 57.00 67.35
C VAL J 122 -35.40 56.65 68.69
N THR J 123 -36.73 56.76 68.77
CA THR J 123 -37.54 56.40 69.96
C THR J 123 -38.36 55.14 69.64
N VAL J 124 -37.98 54.00 70.21
CA VAL J 124 -38.52 52.64 69.87
C VAL J 124 -39.37 52.12 71.03
N PHE J 125 -40.61 52.60 71.11
CA PHE J 125 -41.64 52.30 72.13
C PHE J 125 -42.85 53.21 71.84
N ASN J 126 -44.08 52.68 71.91
CA ASN J 126 -45.25 53.35 71.28
C ASN J 126 -46.46 53.32 72.23
N GLN J 127 -47.00 54.52 72.51
CA GLN J 127 -48.35 54.75 73.07
C GLN J 127 -48.89 56.07 72.49
N ILE J 128 -48.75 57.17 73.23
CA ILE J 128 -49.44 58.49 73.04
C ILE J 128 -49.82 59.01 74.43
N LYS J 129 -49.46 60.26 74.76
CA LYS J 129 -49.38 60.72 76.18
C LYS J 129 -49.31 62.24 76.27
N GLY J 130 -48.96 62.76 77.46
CA GLY J 130 -48.95 64.19 77.80
C GLY J 130 -50.36 64.77 77.92
N PRO J 131 -51.27 64.14 78.71
CA PRO J 131 -52.62 64.67 78.90
C PRO J 131 -52.78 65.56 80.14
N SER J 132 -51.72 65.67 80.96
CA SER J 132 -51.73 66.31 82.30
C SER J 132 -51.43 67.80 82.17
N VAL J 133 -52.31 68.64 82.75
CA VAL J 133 -52.10 70.11 82.96
C VAL J 133 -52.25 70.37 84.46
N PHE J 134 -51.14 70.32 85.20
CA PHE J 134 -51.08 70.43 86.68
C PHE J 134 -50.43 71.75 87.08
N PRO J 135 -51.22 72.81 87.34
CA PRO J 135 -50.67 74.10 87.76
C PRO J 135 -50.08 74.03 89.18
N LEU J 136 -48.88 74.57 89.36
CA LEU J 136 -48.17 74.65 90.67
C LEU J 136 -48.00 76.12 91.05
N ALA J 137 -49.07 76.74 91.56
CA ALA J 137 -49.09 78.14 92.05
C ALA J 137 -48.72 78.17 93.53
N PRO J 138 -48.21 79.30 94.06
CA PRO J 138 -47.89 79.42 95.47
C PRO J 138 -49.15 79.57 96.35
N SER J 139 -48.99 79.35 97.66
CA SER J 139 -50.06 79.51 98.69
C SER J 139 -50.45 80.98 98.79
N SER J 140 -51.58 81.25 99.46
CA SER J 140 -52.12 82.61 99.74
C SER J 140 -51.05 83.47 100.43
N LYS J 141 -50.13 82.84 101.17
CA LYS J 141 -49.01 83.51 101.88
C LYS J 141 -47.75 83.52 101.00
N SER J 142 -47.91 83.81 99.70
CA SER J 142 -46.79 84.01 98.75
C SER J 142 -45.89 85.13 99.27
N THR J 143 -44.56 84.97 99.19
CA THR J 143 -43.54 85.90 99.73
C THR J 143 -43.86 87.34 99.27
N SER J 144 -44.52 88.12 100.14
CA SER J 144 -44.92 89.53 99.88
C SER J 144 -43.69 90.44 100.05
N GLY J 145 -43.49 91.36 99.10
CA GLY J 145 -42.32 92.28 99.07
C GLY J 145 -41.06 91.62 98.53
N GLY J 146 -41.11 90.29 98.32
CA GLY J 146 -40.00 89.50 97.75
C GLY J 146 -40.39 88.90 96.41
N THR J 147 -39.65 87.89 95.96
CA THR J 147 -39.92 87.14 94.70
C THR J 147 -40.66 85.84 95.03
N ALA J 148 -41.78 85.59 94.36
CA ALA J 148 -42.59 84.34 94.44
C ALA J 148 -42.60 83.67 93.06
N ALA J 149 -42.64 82.33 93.01
CA ALA J 149 -42.57 81.53 91.76
C ALA J 149 -43.81 80.64 91.62
N LEU J 150 -44.21 80.38 90.38
CA LEU J 150 -45.37 79.52 90.01
C LEU J 150 -45.18 78.99 88.58
N GLY J 151 -45.85 77.89 88.25
CA GLY J 151 -45.80 77.26 86.91
C GLY J 151 -46.59 75.97 86.86
N CYS J 152 -46.86 75.46 85.65
CA CYS J 152 -47.66 74.23 85.38
C CYS J 152 -46.80 72.98 85.58
N LEU J 153 -47.40 71.80 85.34
CA LEU J 153 -46.71 70.48 85.35
C LEU J 153 -47.36 69.59 84.30
N VAL J 154 -46.55 68.92 83.48
CA VAL J 154 -46.98 67.95 82.43
C VAL J 154 -46.51 66.55 82.82
N LYS J 155 -47.43 65.75 83.37
CA LYS J 155 -47.20 64.35 83.82
C LYS J 155 -47.73 63.39 82.75
N ASP J 156 -47.34 62.11 82.85
CA ASP J 156 -47.75 61.02 81.92
C ASP J 156 -47.39 61.43 80.48
N TYR J 157 -46.16 61.87 80.25
CA TYR J 157 -45.59 62.21 78.91
C TYR J 157 -44.85 60.98 78.37
N PHE J 158 -45.04 60.65 77.10
CA PHE J 158 -44.43 59.47 76.45
C PHE J 158 -44.64 59.52 74.94
N PRO J 159 -43.58 59.55 74.09
CA PRO J 159 -42.20 59.74 74.54
C PRO J 159 -41.85 61.23 74.71
N GLU J 160 -40.61 61.52 75.09
CA GLU J 160 -40.00 62.86 74.96
C GLU J 160 -39.90 63.17 73.47
N PRO J 161 -39.92 64.45 73.03
CA PRO J 161 -39.91 65.62 73.93
C PRO J 161 -41.27 66.20 74.30
N VAL J 162 -41.27 67.36 74.97
CA VAL J 162 -42.47 68.16 75.32
C VAL J 162 -42.11 69.65 75.19
N THR J 163 -42.70 70.36 74.22
CA THR J 163 -42.53 71.81 73.99
C THR J 163 -43.30 72.60 75.04
N VAL J 164 -42.64 73.54 75.72
CA VAL J 164 -43.22 74.35 76.84
C VAL J 164 -43.04 75.85 76.53
N SER J 165 -43.95 76.68 77.05
CA SER J 165 -43.93 78.17 76.96
C SER J 165 -44.67 78.76 78.16
N TRP J 166 -44.19 79.91 78.66
CA TRP J 166 -44.79 80.65 79.81
C TRP J 166 -45.45 81.94 79.29
N ASN J 167 -46.76 82.10 79.54
CA ASN J 167 -47.59 83.21 79.00
C ASN J 167 -47.46 83.21 77.47
N SER J 168 -47.57 82.03 76.85
CA SER J 168 -47.29 81.79 75.41
C SER J 168 -45.83 82.13 75.10
N GLY J 169 -44.92 81.82 76.02
CA GLY J 169 -43.47 82.06 75.90
C GLY J 169 -43.09 83.53 76.04
N ALA J 170 -44.06 84.41 76.28
CA ALA J 170 -43.87 85.89 76.33
C ALA J 170 -42.91 86.28 77.46
N LEU J 171 -42.88 85.50 78.54
CA LEU J 171 -41.97 85.67 79.70
C LEU J 171 -40.91 84.57 79.68
N THR J 172 -39.63 84.94 79.51
CA THR J 172 -38.48 84.02 79.39
C THR J 172 -37.67 84.00 80.69
N SER J 173 -37.51 85.16 81.33
CA SER J 173 -36.76 85.36 82.60
C SER J 173 -37.42 84.55 83.72
N GLY J 174 -36.62 83.86 84.54
CA GLY J 174 -37.08 83.09 85.70
C GLY J 174 -37.57 81.70 85.33
N VAL J 175 -37.98 81.49 84.06
CA VAL J 175 -38.60 80.23 83.57
C VAL J 175 -37.52 79.13 83.56
N HIS J 176 -37.82 77.98 84.16
CA HIS J 176 -36.93 76.78 84.25
C HIS J 176 -37.75 75.50 84.07
N THR J 177 -37.53 74.78 82.97
CA THR J 177 -38.27 73.54 82.56
C THR J 177 -37.55 72.29 83.08
N PHE J 178 -38.11 71.67 84.14
CA PHE J 178 -37.56 70.47 84.82
C PHE J 178 -37.27 69.37 83.80
N PRO J 179 -36.20 68.56 83.99
CA PRO J 179 -35.92 67.43 83.10
C PRO J 179 -36.95 66.30 83.17
N ALA J 180 -37.08 65.54 82.07
CA ALA J 180 -38.01 64.40 81.91
C ALA J 180 -37.60 63.27 82.88
N VAL J 181 -38.47 62.94 83.83
CA VAL J 181 -38.33 61.78 84.76
C VAL J 181 -39.32 60.69 84.33
N LEU J 182 -38.81 59.52 83.91
CA LEU J 182 -39.62 58.36 83.45
C LEU J 182 -40.30 57.71 84.67
N GLN J 183 -41.63 57.83 84.77
CA GLN J 183 -42.44 57.30 85.89
C GLN J 183 -42.58 55.77 85.75
N SER J 184 -42.88 55.10 86.87
CA SER J 184 -42.96 53.62 87.01
C SER J 184 -43.85 53.01 85.90
N SER J 185 -44.96 53.69 85.59
CA SER J 185 -45.97 53.26 84.58
C SER J 185 -45.35 53.21 83.17
N GLY J 186 -44.24 53.92 82.96
CA GLY J 186 -43.56 54.03 81.65
C GLY J 186 -43.96 55.30 80.92
N LEU J 187 -44.09 56.40 81.67
CA LEU J 187 -44.38 57.76 81.14
C LEU J 187 -43.36 58.75 81.74
N TYR J 188 -42.72 59.56 80.88
CA TYR J 188 -41.85 60.69 81.27
C TYR J 188 -42.70 61.77 81.95
N SER J 189 -42.08 62.51 82.87
CA SER J 189 -42.75 63.55 83.70
C SER J 189 -41.75 64.64 84.11
N LEU J 190 -42.18 65.90 84.03
CA LEU J 190 -41.39 67.09 84.45
C LEU J 190 -42.37 68.25 84.71
N SER J 191 -41.83 69.46 84.86
CA SER J 191 -42.62 70.70 85.11
C SER J 191 -41.74 71.92 84.83
N SER J 192 -42.29 73.12 85.04
CA SER J 192 -41.60 74.42 84.87
C SER J 192 -42.28 75.48 85.73
N VAL J 193 -41.50 76.35 86.36
CA VAL J 193 -42.01 77.52 87.13
C VAL J 193 -41.07 78.70 86.90
N VAL J 194 -41.45 79.89 87.38
CA VAL J 194 -40.68 81.16 87.22
C VAL J 194 -41.03 82.11 88.36
N THR J 195 -40.02 82.82 88.87
CA THR J 195 -40.14 83.82 89.97
C THR J 195 -40.77 85.12 89.42
N VAL J 196 -41.62 85.76 90.23
CA VAL J 196 -42.32 87.03 89.88
C VAL J 196 -42.78 87.70 91.17
N PRO J 197 -43.00 89.04 91.17
CA PRO J 197 -43.55 89.73 92.34
C PRO J 197 -44.97 89.27 92.67
N SER J 198 -45.29 89.15 93.97
CA SER J 198 -46.65 88.84 94.50
C SER J 198 -47.66 89.85 93.94
N SER J 199 -47.26 91.12 93.88
CA SER J 199 -48.06 92.24 93.29
C SER J 199 -48.36 91.96 91.81
N SER J 200 -47.43 91.30 91.11
CA SER J 200 -47.56 90.91 89.67
C SER J 200 -48.46 89.69 89.51
N LEU J 201 -48.63 88.89 90.58
CA LEU J 201 -49.51 87.70 90.60
C LEU J 201 -50.98 88.12 90.40
N GLY J 202 -51.51 88.92 91.33
CA GLY J 202 -52.92 89.35 91.35
C GLY J 202 -53.26 90.35 90.26
N THR J 203 -52.26 90.86 89.53
CA THR J 203 -52.40 91.92 88.48
C THR J 203 -52.14 91.32 87.09
N GLN J 204 -50.94 90.79 86.87
CA GLN J 204 -50.47 90.28 85.55
C GLN J 204 -50.84 88.79 85.42
N THR J 205 -51.43 88.41 84.28
CA THR J 205 -51.90 87.04 83.96
C THR J 205 -50.70 86.18 83.52
N TYR J 206 -50.62 84.95 84.03
CA TYR J 206 -49.58 83.94 83.70
C TYR J 206 -50.26 82.61 83.33
N ILE J 207 -50.11 82.18 82.08
CA ILE J 207 -50.68 80.92 81.53
C ILE J 207 -49.61 80.20 80.70
N CYS J 208 -49.05 79.11 81.23
CA CYS J 208 -48.00 78.28 80.59
C CYS J 208 -48.59 77.52 79.40
N ASN J 209 -48.03 77.74 78.20
CA ASN J 209 -48.40 77.06 76.93
C ASN J 209 -47.56 75.78 76.77
N VAL J 210 -48.20 74.66 76.44
CA VAL J 210 -47.57 73.31 76.32
C VAL J 210 -47.93 72.71 74.95
N ASN J 211 -46.97 72.05 74.31
CA ASN J 211 -47.10 71.43 72.96
C ASN J 211 -46.36 70.09 72.94
N HIS J 212 -47.00 69.05 72.41
CA HIS J 212 -46.44 67.68 72.20
C HIS J 212 -46.85 67.15 70.82
N LYS J 213 -46.07 67.49 69.79
CA LYS J 213 -46.36 67.23 68.34
C LYS J 213 -46.69 65.76 68.07
N PRO J 214 -46.00 64.78 68.71
CA PRO J 214 -46.31 63.36 68.49
C PRO J 214 -47.80 63.06 68.74
N SER J 215 -48.28 63.28 69.96
CA SER J 215 -49.72 63.23 70.34
C SER J 215 -50.44 64.47 69.79
N ASN J 216 -49.66 65.44 69.31
CA ASN J 216 -50.16 66.72 68.72
C ASN J 216 -51.15 67.34 69.71
N THR J 217 -50.91 67.16 71.01
CA THR J 217 -51.76 67.66 72.12
C THR J 217 -51.35 69.09 72.45
N LYS J 218 -52.30 70.04 72.39
CA LYS J 218 -52.10 71.48 72.72
C LYS J 218 -52.76 71.76 74.08
N VAL J 219 -52.08 72.52 74.94
CA VAL J 219 -52.55 72.87 76.31
C VAL J 219 -51.96 74.22 76.72
N ASP J 220 -52.81 75.16 77.13
CA ASP J 220 -52.44 76.42 77.83
C ASP J 220 -53.43 76.63 78.99
N LYS J 221 -52.92 76.71 80.24
CA LYS J 221 -53.74 76.87 81.47
C LYS J 221 -53.16 78.00 82.33
N LYS J 222 -54.04 78.84 82.90
CA LYS J 222 -53.68 80.05 83.69
C LYS J 222 -53.20 79.64 85.09
N VAL J 223 -52.72 80.63 85.87
CA VAL J 223 -52.23 80.47 87.28
C VAL J 223 -52.88 81.56 88.15
N GLU J 224 -53.36 81.19 89.33
CA GLU J 224 -54.03 82.12 90.28
C GLU J 224 -54.21 81.42 91.64
N PRO J 225 -54.52 82.17 92.72
CA PRO J 225 -54.77 81.58 94.03
C PRO J 225 -55.94 80.57 94.03
N VAL K 5 22.89 35.91 -6.90
CA VAL K 5 21.47 35.86 -6.42
C VAL K 5 20.62 36.79 -7.29
N GLN K 6 19.30 36.61 -7.26
CA GLN K 6 18.32 37.41 -8.05
C GLN K 6 16.97 37.44 -7.31
N LEU K 7 16.38 38.64 -7.17
CA LEU K 7 15.03 38.87 -6.58
C LEU K 7 14.01 39.06 -7.70
N VAL K 8 12.90 38.31 -7.66
CA VAL K 8 11.83 38.29 -8.70
C VAL K 8 10.72 39.27 -8.27
N GLU K 9 10.63 40.42 -8.93
CA GLU K 9 9.61 41.48 -8.65
C GLU K 9 8.66 41.60 -9.84
N SER K 10 7.39 41.23 -9.65
CA SER K 10 6.32 41.27 -10.70
C SER K 10 4.95 41.41 -10.04
N GLY K 11 3.90 41.61 -10.85
CA GLY K 11 2.50 41.71 -10.41
C GLY K 11 2.06 43.13 -10.13
N GLY K 12 2.61 44.11 -10.87
CA GLY K 12 2.32 45.55 -10.71
C GLY K 12 1.05 45.95 -11.43
N GLY K 13 1.05 47.13 -12.08
CA GLY K 13 -0.03 47.61 -12.98
C GLY K 13 -0.87 48.70 -12.35
N LEU K 14 -1.81 49.26 -13.12
CA LEU K 14 -2.80 50.29 -12.67
C LEU K 14 -4.14 49.60 -12.41
N VAL K 15 -4.90 50.09 -11.42
CA VAL K 15 -6.19 49.48 -10.97
C VAL K 15 -7.10 50.56 -10.40
N GLN K 16 -8.37 50.21 -10.17
CA GLN K 16 -9.42 51.07 -9.56
C GLN K 16 -9.62 50.66 -8.10
N PRO K 17 -10.21 51.53 -7.25
CA PRO K 17 -10.39 51.22 -5.83
C PRO K 17 -11.22 49.95 -5.59
N GLY K 18 -11.14 49.40 -4.37
CA GLY K 18 -11.79 48.12 -4.00
C GLY K 18 -11.07 46.92 -4.62
N GLY K 19 -10.16 47.14 -5.57
CA GLY K 19 -9.41 46.09 -6.26
C GLY K 19 -8.37 45.44 -5.36
N SER K 20 -8.01 44.19 -5.66
CA SER K 20 -7.02 43.37 -4.91
C SER K 20 -6.03 42.74 -5.89
N LEU K 21 -4.78 43.23 -5.90
CA LEU K 21 -3.65 42.70 -6.70
C LEU K 21 -2.65 42.00 -5.78
N ARG K 22 -2.15 40.83 -6.18
CA ARG K 22 -1.15 40.02 -5.42
C ARG K 22 0.24 40.30 -5.97
N LEU K 23 1.06 41.05 -5.22
CA LEU K 23 2.47 41.38 -5.56
C LEU K 23 3.35 40.17 -5.24
N SER K 24 3.80 39.45 -6.28
CA SER K 24 4.58 38.19 -6.17
C SER K 24 6.07 38.51 -5.99
N CYS K 25 6.77 37.71 -5.16
CA CYS K 25 8.24 37.77 -4.93
C CYS K 25 8.79 36.35 -4.82
N ALA K 26 9.50 35.88 -5.85
CA ALA K 26 10.01 34.50 -5.98
C ALA K 26 11.50 34.46 -5.69
N ALA K 27 11.96 33.39 -5.01
CA ALA K 27 13.34 33.19 -4.53
C ALA K 27 14.22 32.66 -5.68
N SER K 28 15.33 33.34 -5.96
CA SER K 28 16.34 32.98 -6.99
C SER K 28 17.75 33.22 -6.43
N GLY K 29 18.56 32.16 -6.36
CA GLY K 29 19.95 32.21 -5.85
C GLY K 29 20.00 32.54 -4.37
N PHE K 30 19.03 32.06 -3.59
CA PHE K 30 18.88 32.29 -2.13
C PHE K 30 17.70 31.47 -1.60
N ASN K 31 17.91 30.74 -0.49
CA ASN K 31 16.85 29.97 0.21
C ASN K 31 16.03 30.95 1.05
N LEU K 32 14.92 31.45 0.50
CA LEU K 32 13.94 32.32 1.22
C LEU K 32 13.41 31.57 2.45
N TYR K 33 13.21 30.26 2.32
CA TYR K 33 12.64 29.33 3.34
C TYR K 33 13.26 29.57 4.72
N SER K 34 14.55 29.93 4.78
CA SER K 34 15.31 30.29 6.01
C SER K 34 15.43 31.81 6.15
N SER K 35 15.61 32.50 5.01
CA SER K 35 15.65 33.98 4.90
C SER K 35 14.31 34.57 5.39
N SER K 36 14.13 35.88 5.19
CA SER K 36 12.87 36.63 5.39
C SER K 36 12.86 37.85 4.47
N ILE K 37 11.73 38.10 3.80
CA ILE K 37 11.54 39.20 2.82
C ILE K 37 10.59 40.24 3.43
N HIS K 38 10.87 41.52 3.18
CA HIS K 38 10.06 42.70 3.62
C HIS K 38 9.63 43.51 2.41
N TRP K 39 8.48 44.20 2.49
CA TRP K 39 7.94 45.09 1.42
C TRP K 39 7.86 46.53 1.95
N VAL K 40 8.23 47.51 1.12
CA VAL K 40 8.28 48.94 1.50
C VAL K 40 8.10 49.80 0.23
N ARG K 41 7.17 50.76 0.30
CA ARG K 41 6.68 51.58 -0.84
C ARG K 41 7.37 52.95 -0.83
N GLN K 42 7.77 53.44 -2.00
CA GLN K 42 8.33 54.79 -2.23
C GLN K 42 7.32 55.62 -3.04
N ALA K 43 6.52 56.43 -2.35
CA ALA K 43 5.61 57.43 -2.97
C ALA K 43 6.44 58.40 -3.80
N PRO K 44 5.92 58.88 -4.96
CA PRO K 44 6.61 59.92 -5.74
C PRO K 44 7.00 61.11 -4.85
N GLY K 45 8.28 61.45 -4.83
CA GLY K 45 8.85 62.56 -4.02
C GLY K 45 8.81 62.27 -2.54
N LYS K 46 8.72 60.98 -2.16
CA LYS K 46 8.73 60.52 -0.73
C LYS K 46 9.67 59.31 -0.61
N GLY K 47 10.12 59.02 0.62
CA GLY K 47 11.05 57.93 0.95
C GLY K 47 10.32 56.61 1.19
N LEU K 48 11.03 55.63 1.76
CA LEU K 48 10.54 54.24 1.96
C LEU K 48 9.45 54.22 3.04
N GLU K 49 8.68 53.11 3.10
CA GLU K 49 7.67 52.83 4.16
C GLU K 49 7.59 51.32 4.41
N TRP K 50 8.37 50.82 5.38
CA TRP K 50 8.49 49.37 5.75
C TRP K 50 7.08 48.78 5.88
N VAL K 51 6.56 48.21 4.79
CA VAL K 51 5.18 47.66 4.70
C VAL K 51 5.06 46.45 5.64
N ALA K 52 5.79 45.38 5.34
CA ALA K 52 5.65 44.07 6.02
C ALA K 52 7.01 43.34 6.07
N SER K 53 6.96 42.05 6.43
CA SER K 53 8.13 41.14 6.57
C SER K 53 7.64 39.71 6.82
N ILE K 54 8.31 38.73 6.21
CA ILE K 54 8.03 37.27 6.38
C ILE K 54 9.15 36.46 5.69
N SER K 55 9.59 32.58 4.91
CA SER K 55 8.63 31.77 5.70
C SER K 55 8.88 32.00 7.20
N PRO K 56 9.16 33.25 7.65
CA PRO K 56 10.51 33.61 8.08
C PRO K 56 11.02 32.45 8.95
N SER K 57 11.17 31.28 8.32
CA SER K 57 11.42 29.96 8.95
C SER K 57 10.23 29.50 9.80
N SER K 58 9.44 30.44 10.35
CA SER K 58 8.47 30.20 11.45
C SER K 58 7.06 30.71 11.11
N GLY K 59 6.90 31.52 10.06
CA GLY K 59 5.59 32.05 9.62
C GLY K 59 5.23 33.34 10.35
N SER K 60 6.18 34.27 10.42
CA SER K 60 6.07 35.64 10.99
C SER K 60 5.11 36.52 10.17
N THR K 61 3.83 36.53 10.54
CA THR K 61 2.82 37.53 10.12
C THR K 61 3.23 38.88 10.72
N TYR K 62 4.03 39.65 9.98
CA TYR K 62 4.67 40.92 10.41
C TYR K 62 4.40 42.01 9.37
N TYR K 63 3.59 43.02 9.70
CA TYR K 63 3.13 44.08 8.78
C TYR K 63 2.88 45.39 9.54
N ALA K 64 3.20 46.53 8.91
CA ALA K 64 3.07 47.89 9.49
C ALA K 64 1.61 48.28 9.65
N ASP K 65 1.34 49.24 10.54
CA ASP K 65 -0.01 49.76 10.89
C ASP K 65 -0.66 50.41 9.65
N SER K 66 0.15 51.04 8.79
CA SER K 66 -0.28 51.79 7.57
C SER K 66 -1.26 50.96 6.74
N VAL K 67 -0.97 49.67 6.50
CA VAL K 67 -1.83 48.72 5.73
C VAL K 67 -2.22 47.55 6.65
N LYS K 68 -2.45 47.84 7.94
CA LYS K 68 -2.73 46.84 9.01
C LYS K 68 -4.00 46.06 8.63
N GLY K 69 -3.84 44.85 8.06
CA GLY K 69 -4.94 43.96 7.67
C GLY K 69 -5.46 44.26 6.27
N ARG K 70 -5.50 45.55 5.88
CA ARG K 70 -5.87 46.02 4.52
C ARG K 70 -5.07 45.23 3.48
N PHE K 71 -3.81 44.92 3.81
CA PHE K 71 -2.93 43.98 3.06
C PHE K 71 -2.64 42.75 3.94
N THR K 72 -2.34 41.62 3.30
CA THR K 72 -1.85 40.36 3.95
C THR K 72 -0.73 39.75 3.10
N ILE K 73 0.49 39.71 3.62
CA ILE K 73 1.72 39.20 2.93
C ILE K 73 2.00 37.78 3.43
N SER K 74 2.43 36.88 2.53
CA SER K 74 2.81 35.47 2.84
C SER K 74 3.75 34.93 1.77
N ALA K 75 4.07 33.63 1.83
CA ALA K 75 5.05 33.00 0.91
C ALA K 75 4.87 31.48 0.85
N ASP K 76 5.26 30.89 -0.29
CA ASP K 76 5.24 29.44 -0.60
C ASP K 76 6.68 28.95 -0.74
N THR K 77 7.20 28.32 0.32
CA THR K 77 8.54 27.67 0.36
C THR K 77 8.64 26.65 -0.77
N SER K 78 7.59 25.83 -0.94
CA SER K 78 7.48 24.73 -1.93
C SER K 78 7.81 25.22 -3.35
N LYS K 79 7.55 26.50 -3.65
CA LYS K 79 7.80 27.11 -4.99
C LYS K 79 8.96 28.11 -4.91
N ASN K 80 9.55 28.29 -3.73
CA ASN K 80 10.56 29.35 -3.44
C ASN K 80 9.95 30.70 -3.87
N THR K 81 8.75 31.00 -3.37
CA THR K 81 7.91 32.15 -3.81
C THR K 81 7.25 32.81 -2.60
N ALA K 82 7.12 34.14 -2.65
CA ALA K 82 6.43 34.99 -1.65
C ALA K 82 5.39 35.87 -2.36
N TYR K 83 4.47 36.44 -1.58
CA TYR K 83 3.37 37.32 -2.11
C TYR K 83 3.03 38.41 -1.09
N LEU K 84 2.37 39.47 -1.57
CA LEU K 84 1.89 40.62 -0.76
C LEU K 84 0.56 41.14 -1.35
N GLN K 85 -0.57 40.68 -0.80
CA GLN K 85 -1.95 41.13 -1.16
C GLN K 85 -2.60 41.76 0.08
N MET K 86 -0.64 44.25 -1.64
CA MET K 86 -1.82 45.02 -1.20
C MET K 86 -2.96 44.86 -2.22
N ASN K 87 -5.42 43.78 -0.12
CA ASN K 87 -6.66 44.05 -0.89
C ASN K 87 -6.38 45.16 -1.91
N SER K 88 -8.97 47.35 -1.27
CA SER K 88 -9.02 47.96 0.09
C SER K 88 -7.62 48.39 0.51
N LEU K 89 -6.44 48.48 -3.02
CA LEU K 89 -6.62 49.85 -2.48
C LEU K 89 -8.09 50.26 -2.55
N ARG K 90 -6.68 52.04 0.02
CA ARG K 90 -7.14 53.25 -0.71
C ARG K 90 -6.03 53.75 -1.64
N ALA K 91 -6.35 54.74 -2.48
CA ALA K 91 -5.43 55.45 -3.40
C ALA K 91 -4.26 56.05 -2.63
N GLU K 92 -4.44 56.29 -1.32
CA GLU K 92 -3.37 56.69 -0.37
C GLU K 92 -2.14 55.78 -0.58
N ASP K 93 -2.36 54.48 -0.82
CA ASP K 93 -1.29 53.45 -0.98
C ASP K 93 -0.78 53.43 -2.42
N THR K 94 -1.27 54.32 -3.29
CA THR K 94 -0.80 54.51 -4.69
C THR K 94 0.65 54.99 -4.67
N ALA K 95 1.61 54.08 -4.87
CA ALA K 95 3.07 54.35 -4.82
C ALA K 95 3.86 53.17 -5.40
N VAL K 96 5.01 53.46 -6.01
CA VAL K 96 5.97 52.46 -6.56
C VAL K 96 6.49 51.61 -5.39
N TYR K 97 6.20 50.30 -5.43
CA TYR K 97 6.53 49.33 -4.35
C TYR K 97 7.63 48.36 -4.84
N TYR K 98 8.65 48.14 -4.01
CA TYR K 98 9.73 47.15 -4.21
C TYR K 98 9.84 46.27 -2.95
N CYS K 99 9.82 44.95 -3.13
CA CYS K 99 9.95 43.91 -2.07
C CYS K 99 11.36 43.32 -2.12
N ALA K 100 11.98 43.12 -0.94
CA ALA K 100 13.39 42.71 -0.76
C ALA K 100 13.55 41.92 0.55
N ARG K 101 14.76 41.42 0.82
CA ARG K 101 15.08 40.58 2.01
C ARG K 101 16.10 41.28 2.91
N THR K 102 15.67 41.70 4.10
CA THR K 102 16.53 42.07 5.25
C THR K 102 16.68 40.84 6.15
N SER K 103 16.79 39.66 5.52
CA SER K 103 16.58 38.31 6.12
C SER K 103 17.47 38.14 7.36
N ARG K 104 16.93 37.50 8.41
CA ARG K 104 17.68 37.04 9.60
C ARG K 104 17.95 35.53 9.48
N GLY K 105 18.05 35.03 8.24
CA GLY K 105 18.31 33.62 7.90
C GLY K 105 19.80 33.33 7.82
N TRP K 106 20.24 32.72 6.70
CA TRP K 106 21.64 32.29 6.47
C TRP K 106 22.28 33.02 5.29
N ILE K 107 21.49 33.47 4.31
CA ILE K 107 21.96 33.91 2.96
C ILE K 107 21.97 35.45 2.85
N SER K 108 21.19 36.17 3.67
CA SER K 108 21.01 37.63 3.61
C SER K 108 21.62 38.32 4.84
N TYR K 109 21.48 39.65 4.93
CA TYR K 109 22.17 40.55 5.90
C TYR K 109 21.86 40.17 7.35
N GLY K 110 20.58 40.25 7.73
CA GLY K 110 20.13 40.17 9.13
C GLY K 110 20.12 41.54 9.80
N SER K 111 21.07 42.40 9.41
CA SER K 111 21.23 43.79 9.91
C SER K 111 20.29 44.75 9.18
N GLY K 112 20.08 44.53 7.87
CA GLY K 112 19.22 45.38 7.04
C GLY K 112 19.04 44.85 5.62
N LEU K 113 18.71 45.73 4.68
CA LEU K 113 18.39 45.41 3.26
C LEU K 113 19.56 44.64 2.63
N ASP K 114 19.45 43.31 2.54
CA ASP K 114 20.45 42.38 1.92
C ASP K 114 20.62 42.75 0.44
N TYR K 115 19.51 43.16 -0.20
CA TYR K 115 19.46 43.61 -1.62
C TYR K 115 18.18 44.41 -1.84
N TRP K 116 17.95 44.85 -3.08
CA TRP K 116 16.74 45.61 -3.49
C TRP K 116 16.06 44.89 -4.66
N GLY K 117 14.73 44.76 -4.60
CA GLY K 117 13.89 44.16 -5.66
C GLY K 117 13.65 45.15 -6.79
N GLN K 118 13.53 44.63 -8.02
CA GLN K 118 13.33 45.41 -9.27
C GLN K 118 12.33 46.54 -9.04
N GLY K 119 11.24 46.27 -8.30
CA GLY K 119 10.17 47.23 -8.00
C GLY K 119 9.22 47.41 -9.18
N THR K 120 7.91 47.32 -8.93
CA THR K 120 6.83 47.48 -9.95
C THR K 120 5.90 48.63 -9.52
N LEU K 121 5.67 49.60 -10.41
CA LEU K 121 4.86 50.82 -10.16
C LEU K 121 3.37 50.45 -10.15
N VAL K 122 2.68 50.70 -9.04
CA VAL K 122 1.22 50.44 -8.85
C VAL K 122 0.49 51.78 -8.77
N THR K 123 -0.39 52.07 -9.74
CA THR K 123 -1.21 53.31 -9.80
C THR K 123 -2.68 52.93 -9.56
N VAL K 124 -3.22 53.25 -8.37
CA VAL K 124 -4.53 52.78 -7.86
C VAL K 124 -5.52 53.95 -7.84
N PHE K 125 -6.08 54.29 -9.01
CA PHE K 125 -7.04 55.41 -9.22
C PHE K 125 -7.43 55.41 -10.70
N ASN K 126 -8.69 55.68 -11.01
CA ASN K 126 -9.23 55.56 -12.39
C ASN K 126 -10.08 56.78 -12.76
N GLN K 127 -9.74 57.40 -13.90
CA GLN K 127 -10.58 58.34 -14.68
C GLN K 127 -10.30 58.14 -16.18
N ILE K 128 -9.40 58.95 -16.74
CA ILE K 128 -8.92 58.91 -18.15
C ILE K 128 -8.68 60.36 -18.60
N LYS K 129 -7.50 60.60 -19.19
CA LYS K 129 -6.96 61.97 -19.45
C LYS K 129 -5.76 61.88 -20.42
N GLY K 130 -4.99 62.96 -20.52
CA GLY K 130 -3.89 63.14 -21.47
C GLY K 130 -4.38 63.30 -22.91
N PRO K 131 -5.34 64.22 -23.19
CA PRO K 131 -5.82 64.45 -24.55
C PRO K 131 -5.11 65.59 -25.28
N SER K 132 -4.22 66.32 -24.59
CA SER K 132 -3.58 67.58 -25.06
C SER K 132 -2.30 67.26 -25.84
N VAL K 133 -2.19 67.82 -27.05
CA VAL K 133 -0.96 67.84 -27.89
C VAL K 133 -0.65 69.31 -28.21
N PHE K 134 0.18 69.95 -27.37
CA PHE K 134 0.50 71.40 -27.42
C PHE K 134 1.96 71.57 -27.85
N PRO K 135 2.24 71.78 -29.15
CA PRO K 135 3.61 72.00 -29.62
C PRO K 135 4.15 73.36 -29.15
N LEU K 136 5.38 73.39 -28.63
CA LEU K 136 6.09 74.61 -28.20
C LEU K 136 7.34 74.80 -29.07
N ALA K 137 7.15 75.31 -30.29
CA ALA K 137 8.22 75.62 -31.27
C ALA K 137 8.69 77.06 -31.07
N PRO K 138 9.95 77.39 -31.47
CA PRO K 138 10.44 78.76 -31.33
C PRO K 138 9.84 79.72 -32.37
N SER K 139 9.98 81.03 -32.13
CA SER K 139 9.53 82.12 -33.03
C SER K 139 10.35 82.08 -34.32
N SER K 140 9.90 82.81 -35.35
CA SER K 140 10.57 82.98 -36.66
C SER K 140 12.02 83.47 -36.47
N LYS K 141 12.27 84.19 -35.37
CA LYS K 141 13.60 84.73 -35.00
C LYS K 141 14.32 83.75 -34.06
N SER K 142 14.25 82.45 -34.35
CA SER K 142 15.01 81.38 -33.64
C SER K 142 16.50 81.70 -33.72
N THR K 143 17.24 81.52 -32.62
CA THR K 143 18.68 81.87 -32.48
C THR K 143 19.47 81.31 -33.67
N SER K 144 19.73 82.15 -34.67
CA SER K 144 20.49 81.81 -35.91
C SER K 144 21.99 81.76 -35.59
N GLY K 145 22.68 80.71 -36.08
CA GLY K 145 24.12 80.49 -35.83
C GLY K 145 24.37 79.87 -34.46
N GLY K 146 23.35 79.80 -33.61
CA GLY K 146 23.43 79.20 -32.25
C GLY K 146 22.54 77.98 -32.14
N THR K 147 22.23 77.57 -30.90
CA THR K 147 21.32 76.42 -30.59
C THR K 147 19.92 76.97 -30.27
N ALA K 148 18.89 76.43 -30.93
CA ALA K 148 17.45 76.74 -30.70
C ALA K 148 16.75 75.46 -30.24
N ALA K 149 15.73 75.57 -29.38
CA ALA K 149 15.03 74.43 -28.75
C ALA K 149 13.52 74.49 -29.07
N LEU K 150 12.88 73.32 -29.14
CA LEU K 150 11.43 73.15 -29.41
C LEU K 150 10.97 71.79 -28.86
N GLY K 151 9.66 71.65 -28.60
CA GLY K 151 9.06 70.41 -28.09
C GLY K 151 7.58 70.57 -27.81
N CYS K 152 6.86 69.45 -27.64
CA CYS K 152 5.39 69.39 -27.41
C CYS K 152 5.07 69.66 -25.94
N LEU K 153 3.78 69.61 -25.59
CA LEU K 153 3.27 69.73 -24.20
C LEU K 153 2.02 68.85 -24.06
N VAL K 154 1.97 68.05 -22.99
CA VAL K 154 0.82 67.14 -22.65
C VAL K 154 0.17 67.65 -21.37
N LYS K 155 -0.97 68.35 -21.52
CA LYS K 155 -1.77 68.93 -20.42
C LYS K 155 -2.98 68.02 -20.13
N ASP K 156 -3.64 68.24 -19.00
CA ASP K 156 -4.84 67.49 -18.55
C ASP K 156 -4.51 65.99 -18.52
N TYR K 157 -3.40 65.60 -17.89
CA TYR K 157 -2.97 64.20 -17.67
C TYR K 157 -3.45 63.76 -16.28
N PHE K 158 -4.02 62.55 -16.16
CA PHE K 158 -4.59 62.01 -14.90
C PHE K 158 -4.91 60.52 -15.06
N PRO K 159 -4.32 59.60 -14.26
CA PRO K 159 -3.23 59.91 -13.34
C PRO K 159 -1.86 59.88 -14.04
N GLU K 160 -0.79 60.10 -13.27
CA GLU K 160 0.60 59.77 -13.68
C GLU K 160 0.69 58.26 -13.82
N PRO K 161 1.58 57.71 -14.68
CA PRO K 161 2.60 58.49 -15.39
C PRO K 161 2.23 58.96 -16.81
N VAL K 162 3.21 59.52 -17.52
CA VAL K 162 3.15 59.85 -18.98
C VAL K 162 4.52 59.53 -19.61
N THR K 163 4.57 58.50 -20.45
CA THR K 163 5.77 58.08 -21.23
C THR K 163 5.96 59.05 -22.40
N VAL K 164 7.18 59.60 -22.55
CA VAL K 164 7.54 60.62 -23.58
C VAL K 164 8.73 60.12 -24.41
N SER K 165 8.80 60.56 -25.67
CA SER K 165 9.92 60.27 -26.62
C SER K 165 10.02 61.41 -27.65
N TRP K 166 11.24 61.74 -28.08
CA TRP K 166 11.53 62.80 -29.10
C TRP K 166 12.00 62.14 -30.40
N ASN K 167 11.27 62.38 -31.50
CA ASN K 167 11.49 61.73 -32.82
C ASN K 167 11.40 60.21 -32.61
N SER K 168 10.38 59.76 -31.88
CA SER K 168 10.22 58.35 -31.42
C SER K 168 11.41 57.96 -30.53
N GLY K 169 11.87 58.89 -29.70
CA GLY K 169 13.00 58.70 -28.76
C GLY K 169 14.36 58.64 -29.45
N ALA K 170 14.40 58.79 -30.78
CA ALA K 170 15.61 58.62 -31.61
C ALA K 170 16.67 59.66 -31.24
N LEU K 171 16.23 60.85 -30.79
CA LEU K 171 17.11 61.96 -30.33
C LEU K 171 17.02 62.08 -28.80
N THR K 172 18.13 61.83 -28.10
CA THR K 172 18.22 61.78 -26.62
C THR K 172 18.89 63.05 -26.09
N SER K 173 19.91 63.55 -26.80
CA SER K 173 20.66 64.79 -26.46
C SER K 173 19.71 66.00 -26.50
N GLY K 174 19.82 66.88 -25.50
CA GLY K 174 19.03 68.12 -25.41
C GLY K 174 17.65 67.91 -24.82
N VAL K 175 17.10 66.68 -24.92
CA VAL K 175 15.72 66.33 -24.51
C VAL K 175 15.61 66.42 -22.98
N HIS K 176 14.59 67.16 -22.49
CA HIS K 176 14.29 67.35 -21.04
C HIS K 176 12.77 67.33 -20.83
N THR K 177 12.26 66.29 -20.15
CA THR K 177 10.81 66.06 -19.88
C THR K 177 10.42 66.67 -18.52
N PHE K 178 9.71 67.81 -18.54
CA PHE K 178 9.27 68.58 -17.36
C PHE K 178 8.54 67.65 -16.38
N PRO K 179 8.66 67.86 -15.05
CA PRO K 179 7.91 67.08 -14.07
C PRO K 179 6.40 67.34 -14.09
N ALA K 180 5.62 66.35 -13.66
CA ALA K 180 4.15 66.37 -13.57
C ALA K 180 3.71 67.42 -12.54
N VAL K 181 3.00 68.47 -13.00
CA VAL K 181 2.36 69.51 -12.14
C VAL K 181 0.85 69.28 -12.14
N LEU K 182 0.27 68.97 -10.97
CA LEU K 182 -1.18 68.71 -10.79
C LEU K 182 -1.94 70.04 -10.90
N GLN K 183 -2.72 70.23 -11.97
CA GLN K 183 -3.49 71.47 -12.26
C GLN K 183 -4.73 71.54 -11.34
N SER K 184 -5.26 72.75 -11.17
CA SER K 184 -6.39 73.09 -10.25
C SER K 184 -7.57 72.13 -10.45
N SER K 185 -7.88 71.78 -11.71
CA SER K 185 -9.00 70.90 -12.11
C SER K 185 -8.81 69.48 -11.54
N GLY K 186 -7.57 69.10 -11.19
CA GLY K 186 -7.21 67.75 -10.74
C GLY K 186 -6.66 66.91 -11.88
N LEU K 187 -5.85 67.53 -12.75
CA LEU K 187 -5.11 66.85 -13.85
C LEU K 187 -3.62 67.25 -13.78
N TYR K 188 -2.73 66.25 -13.81
CA TYR K 188 -1.25 66.42 -13.93
C TYR K 188 -0.93 67.03 -15.29
N SER K 189 0.15 67.81 -15.37
CA SER K 189 0.58 68.55 -16.59
C SER K 189 2.10 68.75 -16.57
N LEU K 190 2.73 68.55 -17.74
CA LEU K 190 4.18 68.80 -17.96
C LEU K 190 4.43 68.99 -19.46
N SER K 191 5.70 68.97 -19.88
CA SER K 191 6.12 69.15 -21.29
C SER K 191 7.58 68.68 -21.44
N SER K 192 8.11 68.80 -22.67
CA SER K 192 9.51 68.45 -23.01
C SER K 192 9.95 69.22 -24.26
N VAL K 193 11.19 69.70 -24.28
CA VAL K 193 11.81 70.34 -25.48
C VAL K 193 13.28 69.90 -25.56
N VAL K 194 13.95 70.23 -26.66
CA VAL K 194 15.37 69.87 -26.92
C VAL K 194 15.99 70.89 -27.87
N THR K 195 17.26 71.24 -27.64
CA THR K 195 18.07 72.20 -28.43
C THR K 195 18.50 71.54 -29.74
N VAL K 196 18.52 72.32 -30.83
CA VAL K 196 18.96 71.87 -32.18
C VAL K 196 19.36 73.12 -32.98
N PRO K 197 20.22 72.97 -34.02
CA PRO K 197 20.51 74.07 -34.95
C PRO K 197 19.27 74.51 -35.73
N SER K 198 19.12 75.81 -35.96
CA SER K 198 18.08 76.43 -36.82
C SER K 198 18.10 75.80 -38.21
N SER K 199 19.29 75.54 -38.74
CA SER K 199 19.55 74.83 -40.03
C SER K 199 18.94 73.42 -40.00
N SER K 200 18.96 72.78 -38.82
CA SER K 200 18.41 71.42 -38.57
C SER K 200 16.89 71.46 -38.45
N LEU K 201 16.31 72.63 -38.12
CA LEU K 201 14.85 72.85 -37.99
C LEU K 201 14.19 72.65 -39.36
N GLY K 202 14.55 73.48 -40.34
CA GLY K 202 13.95 73.51 -41.70
C GLY K 202 14.34 72.30 -42.54
N THR K 203 15.28 71.47 -42.07
CA THR K 203 15.83 70.29 -42.81
C THR K 203 15.38 68.99 -42.15
N GLN K 204 15.75 68.78 -40.88
CA GLN K 204 15.49 67.54 -40.11
C GLN K 204 14.13 67.63 -39.41
N THR K 205 13.31 66.58 -39.54
CA THR K 205 11.96 66.44 -38.93
C THR K 205 12.10 66.04 -37.45
N TYR K 206 11.33 66.68 -36.58
CA TYR K 206 11.26 66.41 -35.11
C TYR K 206 9.81 66.22 -34.69
N ILE K 207 9.46 65.01 -34.22
CA ILE K 207 8.07 64.62 -33.82
C ILE K 207 8.12 63.87 -32.49
N CYS K 208 7.73 64.52 -31.40
CA CYS K 208 7.75 63.97 -30.02
C CYS K 208 6.66 62.89 -29.88
N ASN K 209 7.06 61.66 -29.52
CA ASN K 209 6.18 60.50 -29.26
C ASN K 209 5.75 60.50 -27.79
N VAL K 210 4.45 60.31 -27.53
CA VAL K 210 3.82 60.33 -26.18
C VAL K 210 3.02 59.04 -25.98
N ASN K 211 3.08 58.46 -24.78
CA ASN K 211 2.39 57.20 -24.41
C ASN K 211 1.87 57.31 -22.97
N HIS K 212 0.60 56.95 -22.73
CA HIS K 212 -0.07 56.94 -21.40
C HIS K 212 -0.91 55.67 -21.26
N LYS K 213 -0.29 54.58 -20.81
CA LYS K 213 -0.85 53.19 -20.74
C LYS K 213 -2.20 53.16 -20.02
N PRO K 214 -2.39 53.92 -18.91
CA PRO K 214 -3.68 53.93 -18.20
C PRO K 214 -4.84 54.26 -19.14
N SER K 215 -4.83 55.46 -19.73
CA SER K 215 -5.77 55.88 -20.81
C SER K 215 -5.39 55.17 -22.12
N ASN K 216 -4.23 54.52 -22.14
CA ASN K 216 -3.68 53.77 -23.30
C ASN K 216 -3.74 54.68 -24.54
N THR K 217 -3.55 55.99 -24.33
CA THR K 217 -3.59 57.04 -25.38
C THR K 217 -2.21 57.13 -26.04
N LYS K 218 -2.14 56.96 -27.36
CA LYS K 218 -0.88 57.09 -28.17
C LYS K 218 -0.95 58.40 -28.95
N VAL K 219 0.15 59.15 -29.00
CA VAL K 219 0.26 60.47 -29.69
C VAL K 219 1.71 60.68 -30.14
N ASP K 220 1.90 60.98 -31.44
CA ASP K 220 3.17 61.50 -32.00
C ASP K 220 2.83 62.62 -32.99
N LYS K 221 3.33 63.83 -32.77
CA LYS K 221 3.03 65.04 -33.60
C LYS K 221 4.34 65.77 -33.92
N LYS K 222 4.47 66.27 -35.16
CA LYS K 222 5.71 66.93 -35.68
C LYS K 222 5.82 68.36 -35.13
N VAL K 223 6.96 69.02 -35.38
CA VAL K 223 7.26 70.41 -34.91
C VAL K 223 7.81 71.23 -36.09
N GLU K 224 7.31 72.46 -36.25
CA GLU K 224 7.89 73.49 -37.17
C GLU K 224 7.25 74.84 -36.86
N PRO K 225 7.87 75.97 -37.28
CA PRO K 225 7.36 77.30 -36.97
C PRO K 225 5.96 77.58 -37.53
N VAL L 5 23.62 -29.59 40.87
CA VAL L 5 22.45 -28.99 40.15
C VAL L 5 22.14 -29.83 38.90
N GLN L 6 20.94 -29.66 38.34
CA GLN L 6 20.47 -30.38 37.12
C GLN L 6 19.43 -29.53 36.38
N LEU L 7 19.59 -29.38 35.06
CA LEU L 7 18.65 -28.65 34.17
C LEU L 7 17.77 -29.66 33.44
N VAL L 8 16.45 -29.46 33.46
CA VAL L 8 15.42 -30.34 32.82
C VAL L 8 15.09 -29.77 31.44
N GLU L 9 15.56 -30.43 30.38
CA GLU L 9 15.36 -30.01 28.96
C GLU L 9 14.51 -31.06 28.25
N SER L 10 13.27 -30.69 27.87
CA SER L 10 12.28 -31.56 27.17
C SER L 10 11.33 -30.70 26.34
N GLY L 11 10.47 -31.34 25.54
CA GLY L 11 9.43 -30.68 24.71
C GLY L 11 9.92 -30.38 23.30
N GLY L 12 10.79 -31.24 22.75
CA GLY L 12 11.38 -31.09 21.41
C GLY L 12 10.45 -31.62 20.33
N GLY L 13 11.02 -32.28 19.31
CA GLY L 13 10.28 -33.02 18.26
C GLY L 13 10.27 -32.30 16.93
N LEU L 14 9.68 -32.94 15.91
CA LEU L 14 9.43 -32.36 14.55
C LEU L 14 7.97 -31.92 14.45
N VAL L 15 7.71 -30.84 13.71
CA VAL L 15 6.35 -30.23 13.57
C VAL L 15 6.24 -29.53 12.22
N GLN L 16 5.03 -29.10 11.85
CA GLN L 16 4.73 -28.35 10.61
C GLN L 16 4.54 -26.87 10.95
N PRO L 17 4.67 -25.96 9.95
CA PRO L 17 4.52 -24.52 10.20
C PRO L 17 3.14 -24.15 10.79
N GLY L 18 3.04 -22.95 11.38
CA GLY L 18 1.84 -22.48 12.09
C GLY L 18 1.67 -23.16 13.44
N GLY L 19 2.41 -24.24 13.70
CA GLY L 19 2.36 -25.02 14.95
C GLY L 19 2.97 -24.25 16.11
N SER L 20 2.55 -24.58 17.34
CA SER L 20 3.03 -23.97 18.60
C SER L 20 3.40 -25.07 19.60
N LEU L 21 4.71 -25.24 19.84
CA LEU L 21 5.28 -26.20 20.82
C LEU L 21 5.86 -25.42 22.00
N ARG L 22 5.59 -25.89 23.23
CA ARG L 22 6.09 -25.27 24.50
C ARG L 22 7.34 -26.03 24.97
N LEU L 23 8.51 -25.41 24.81
CA LEU L 23 9.82 -25.95 25.29
C LEU L 23 9.92 -25.75 26.81
N SER L 24 9.76 -26.83 27.57
CA SER L 24 9.70 -26.84 29.06
C SER L 24 11.11 -26.88 29.65
N CYS L 25 11.32 -26.15 30.76
CA CYS L 25 12.58 -26.11 31.56
C CYS L 25 12.25 -26.08 33.05
N ALA L 26 12.46 -27.20 33.75
CA ALA L 26 12.13 -27.39 35.18
C ALA L 26 13.39 -27.27 36.03
N ALA L 27 13.25 -26.63 37.20
CA ALA L 27 14.35 -26.27 38.14
C ALA L 27 14.70 -27.48 39.01
N SER L 28 15.98 -27.88 39.01
CA SER L 28 16.54 -28.99 39.82
C SER L 28 17.91 -28.59 40.38
N GLY L 29 18.03 -28.56 41.72
CA GLY L 29 19.27 -28.16 42.43
C GLY L 29 19.62 -26.70 42.20
N PHE L 30 18.59 -25.84 42.13
CA PHE L 30 18.69 -24.36 41.99
C PHE L 30 17.29 -23.76 42.07
N ASN L 31 17.10 -22.73 42.91
CA ASN L 31 15.82 -21.99 43.06
C ASN L 31 15.68 -21.00 41.90
N LEU L 32 14.99 -21.42 40.84
CA LEU L 32 14.73 -20.60 39.62
C LEU L 32 14.00 -19.32 40.02
N TYR L 33 13.07 -19.43 40.99
CA TYR L 33 12.18 -18.34 41.50
C TYR L 33 12.96 -17.03 41.72
N SER L 34 14.22 -17.13 42.16
CA SER L 34 15.17 -16.00 42.37
C SER L 34 16.14 -15.88 41.20
N SER L 35 16.56 -17.03 40.64
CA SER L 35 17.42 -17.15 39.44
C SER L 35 16.72 -16.54 38.23
N SER L 36 17.28 -16.71 37.04
CA SER L 36 16.69 -16.34 35.72
C SER L 36 17.27 -17.27 34.65
N ILE L 37 16.41 -17.78 33.76
CA ILE L 37 16.77 -18.73 32.66
C ILE L 37 16.66 -17.98 31.32
N HIS L 38 17.58 -18.28 30.40
CA HIS L 38 17.63 -17.74 29.02
C HIS L 38 17.60 -18.90 28.01
N TRP L 39 17.07 -18.67 26.80
CA TRP L 39 17.02 -19.65 25.69
C TRP L 39 17.83 -19.12 24.49
N VAL L 40 18.59 -19.99 23.84
CA VAL L 40 19.47 -19.64 22.68
C VAL L 40 19.64 -20.87 21.79
N ARG L 41 19.40 -20.70 20.49
CA ARG L 41 19.31 -21.78 19.46
C ARG L 41 20.63 -21.86 18.69
N GLN L 42 21.09 -23.08 18.43
CA GLN L 42 22.30 -23.39 17.61
C GLN L 42 21.85 -24.08 16.32
N ALA L 43 21.71 -23.30 15.24
CA ALA L 43 21.46 -23.80 13.87
C ALA L 43 22.58 -24.74 13.47
N PRO L 44 22.29 -25.83 12.71
CA PRO L 44 23.34 -26.71 12.18
C PRO L 44 24.44 -25.90 11.48
N GLY L 45 25.69 -26.07 11.92
CA GLY L 45 26.88 -25.36 11.37
C GLY L 45 26.86 -23.87 11.69
N LYS L 46 26.10 -23.45 12.71
CA LYS L 46 26.02 -22.04 13.18
C LYS L 46 26.11 -22.01 14.70
N GLY L 47 26.44 -20.84 15.27
CA GLY L 47 26.64 -20.62 16.71
C GLY L 47 25.34 -20.29 17.42
N LEU L 48 25.44 -19.82 18.67
CA LEU L 48 24.28 -19.54 19.57
C LEU L 48 23.51 -18.31 19.06
N GLU L 49 22.27 -18.13 19.54
CA GLU L 49 21.41 -16.95 19.29
C GLU L 49 20.54 -16.68 20.53
N TRP L 50 21.00 -15.81 21.44
CA TRP L 50 20.33 -15.46 22.72
C TRP L 50 18.86 -15.14 22.44
N VAL L 51 17.99 -16.15 22.56
CA VAL L 51 16.54 -16.08 22.24
C VAL L 51 15.87 -15.12 23.25
N ALA L 52 15.83 -15.50 24.52
CA ALA L 52 15.06 -14.80 25.58
C ALA L 52 15.77 -14.93 26.93
N SER L 53 15.05 -14.56 28.00
CA SER L 53 15.51 -14.56 29.42
C SER L 53 14.35 -14.23 30.36
N ILE L 54 14.28 -14.92 31.50
CA ILE L 54 13.26 -14.68 32.56
C ILE L 54 13.61 -15.52 33.80
N SER L 55 11.69 -16.33 37.21
CA SER L 55 10.54 -15.40 37.38
C SER L 55 11.06 -13.96 37.45
N PRO L 56 12.04 -13.56 36.61
CA PRO L 56 13.40 -13.34 37.10
C PRO L 56 13.27 -12.54 38.41
N SER L 57 12.64 -13.18 39.42
CA SER L 57 12.18 -12.59 40.70
C SER L 57 11.06 -11.58 40.46
N SER L 58 11.02 -10.92 39.30
CA SER L 58 10.24 -9.69 39.03
C SER L 58 9.33 -9.82 37.80
N GLY L 59 9.53 -10.83 36.95
CA GLY L 59 8.72 -11.07 35.74
C GLY L 59 9.25 -10.31 34.54
N SER L 60 10.57 -10.39 34.30
CA SER L 60 11.32 -9.81 33.15
C SER L 60 10.93 -10.49 31.83
N THR L 61 9.94 -9.94 31.14
CA THR L 61 9.61 -10.22 29.73
C THR L 61 10.79 -9.71 28.87
N TYR L 62 11.77 -10.58 28.63
CA TYR L 62 13.04 -10.27 27.92
C TYR L 62 13.28 -11.30 26.81
N TYR L 63 13.20 -10.86 25.54
CA TYR L 63 13.31 -11.74 24.34
C TYR L 63 13.90 -10.96 23.16
N ALA L 64 14.74 -11.63 22.36
CA ALA L 64 15.48 -11.05 21.21
C ALA L 64 14.50 -10.71 20.07
N ASP L 65 14.91 -9.80 19.19
CA ASP L 65 14.11 -9.25 18.06
C ASP L 65 13.77 -10.37 17.06
N SER L 66 14.68 -11.34 16.89
CA SER L 66 14.58 -12.47 15.92
C SER L 66 13.21 -13.16 16.03
N VAL L 67 12.73 -13.45 17.24
CA VAL L 67 11.40 -14.09 17.50
C VAL L 67 10.57 -13.15 18.38
N LYS L 68 10.69 -11.84 18.14
CA LYS L 68 10.04 -10.76 18.92
C LYS L 68 8.52 -10.95 18.93
N GLY L 69 7.98 -11.55 20.01
CA GLY L 69 6.55 -11.79 20.19
C GLY L 69 6.10 -13.10 19.56
N ARG L 70 6.66 -13.47 18.40
CA ARG L 70 6.44 -14.77 17.70
C ARG L 70 6.60 -15.91 18.71
N PHE L 71 7.55 -15.77 19.64
CA PHE L 71 7.73 -16.63 20.83
C PHE L 71 7.46 -15.80 22.10
N THR L 72 7.06 -16.48 23.18
CA THR L 72 6.83 -15.91 24.54
C THR L 72 7.31 -16.92 25.59
N ILE L 73 8.36 -16.58 26.34
CA ILE L 73 8.98 -17.43 27.40
C ILE L 73 8.46 -16.99 28.77
N SER L 74 8.17 -17.95 29.66
CA SER L 74 7.66 -17.73 31.04
C SER L 74 7.96 -18.95 31.92
N ALA L 75 7.43 -18.99 33.14
CA ALA L 75 7.78 -20.02 34.15
C ALA L 75 6.75 -20.08 35.28
N ASP L 76 6.66 -21.27 35.91
CA ASP L 76 5.83 -21.58 37.11
C ASP L 76 6.75 -21.85 38.30
N THR L 77 6.94 -20.84 39.17
CA THR L 77 7.71 -20.93 40.43
C THR L 77 7.15 -22.07 41.28
N SER L 78 5.82 -22.14 41.40
CA SER L 78 5.05 -23.13 42.22
C SER L 78 5.48 -24.56 41.93
N LYS L 79 5.94 -24.84 40.69
CA LYS L 79 6.39 -26.19 40.24
C LYS L 79 7.90 -26.21 40.03
N ASN L 80 8.59 -25.09 40.26
CA ASN L 80 10.02 -24.90 39.92
C ASN L 80 10.21 -25.26 38.45
N THR L 81 9.41 -24.66 37.57
CA THR L 81 9.29 -25.02 36.13
C THR L 81 9.18 -23.75 35.28
N ALA L 82 9.82 -23.76 34.10
CA ALA L 82 9.84 -22.67 33.11
C ALA L 82 9.44 -23.22 31.74
N TYR L 83 9.09 -22.33 30.81
CA TYR L 83 8.66 -22.69 29.43
C TYR L 83 9.12 -21.61 28.43
N LEU L 84 9.15 -21.98 27.14
CA LEU L 84 9.48 -21.10 25.99
C LEU L 84 8.62 -21.49 24.78
N GLN L 85 7.49 -20.78 24.59
CA GLN L 85 6.56 -20.95 23.45
C GLN L 85 6.50 -19.63 22.67
N MET L 86 9.26 -21.63 21.51
CA MET L 86 8.75 -21.02 20.24
C MET L 86 7.60 -21.88 19.70
N ASN L 87 5.20 -19.46 19.46
CA ASN L 87 4.20 -20.05 18.53
C ASN L 87 4.89 -21.11 17.67
N SER L 88 4.02 -20.12 14.48
CA SER L 88 4.49 -18.77 14.06
C SER L 88 5.94 -18.55 14.51
N LEU L 89 6.53 -22.22 14.79
CA LEU L 89 7.22 -21.65 13.60
C LEU L 89 6.22 -21.51 12.45
N ARG L 90 8.68 -19.16 11.95
CA ARG L 90 8.88 -19.82 10.62
C ARG L 90 9.95 -20.91 10.73
N ALA L 91 10.11 -21.69 9.67
CA ALA L 91 11.14 -22.75 9.51
C ALA L 91 12.54 -22.16 9.69
N GLU L 92 12.69 -20.85 9.48
CA GLU L 92 13.91 -20.07 9.79
C GLU L 92 14.41 -20.43 11.19
N ASP L 93 13.50 -20.63 12.15
CA ASP L 93 13.80 -20.93 13.58
C ASP L 93 14.02 -22.44 13.77
N THR L 94 14.00 -23.23 12.69
CA THR L 94 14.32 -24.68 12.69
C THR L 94 15.80 -24.86 13.05
N ALA L 95 16.08 -25.19 14.32
CA ALA L 95 17.44 -25.35 14.88
C ALA L 95 17.39 -25.99 16.27
N VAL L 96 18.44 -26.74 16.63
CA VAL L 96 18.60 -27.39 17.97
C VAL L 96 18.67 -26.28 19.02
N TYR L 97 17.71 -26.28 19.95
CA TYR L 97 17.53 -25.24 21.00
C TYR L 97 17.84 -25.84 22.37
N TYR L 98 18.66 -25.14 23.17
CA TYR L 98 19.01 -25.48 24.58
C TYR L 98 18.76 -24.25 25.46
N CYS L 99 17.99 -24.43 26.54
CA CYS L 99 17.64 -23.38 27.54
C CYS L 99 18.46 -23.60 28.81
N ALA L 100 18.98 -22.51 29.40
CA ALA L 100 19.92 -22.50 30.54
C ALA L 100 19.73 -21.23 31.39
N ARG L 101 20.48 -21.10 32.49
CA ARG L 101 20.38 -19.97 33.44
C ARG L 101 21.70 -19.19 33.49
N THR L 102 21.69 -17.96 32.99
CA THR L 102 22.72 -16.91 33.24
C THR L 102 22.23 -16.05 34.42
N SER L 103 21.61 -16.69 35.41
CA SER L 103 20.76 -16.08 36.45
C SER L 103 21.48 -14.95 37.17
N ARG L 104 20.78 -13.85 37.46
CA ARG L 104 21.26 -12.74 38.34
C ARG L 104 20.64 -12.90 39.73
N GLY L 105 20.32 -14.13 40.12
CA GLY L 105 19.69 -14.49 41.42
C GLY L 105 20.73 -14.76 42.49
N TRP L 106 20.64 -15.93 43.15
CA TRP L 106 21.51 -16.35 44.28
C TRP L 106 22.34 -17.59 43.92
N ILE L 107 21.84 -18.46 43.03
CA ILE L 107 22.34 -19.86 42.82
C ILE L 107 23.23 -19.96 41.57
N SER L 108 23.09 -19.04 40.60
CA SER L 108 23.77 -19.09 39.28
C SER L 108 24.77 -17.94 39.14
N TYR L 109 25.41 -17.82 37.97
CA TYR L 109 26.57 -16.94 37.68
C TYR L 109 26.24 -15.47 37.92
N GLY L 110 25.27 -14.94 37.17
CA GLY L 110 24.98 -13.49 37.09
C GLY L 110 25.80 -12.82 36.01
N SER L 111 27.02 -13.30 35.78
CA SER L 111 27.97 -12.80 34.75
C SER L 111 27.65 -13.42 33.38
N GLY L 112 27.24 -14.69 33.35
CA GLY L 112 26.93 -15.43 32.10
C GLY L 112 26.35 -16.82 32.36
N LEU L 113 26.50 -17.70 31.38
CA LEU L 113 25.94 -19.08 31.36
C LEU L 113 26.42 -19.85 32.61
N ASP L 114 25.56 -19.93 33.65
CA ASP L 114 25.80 -20.68 34.91
C ASP L 114 26.01 -22.16 34.59
N TYR L 115 25.28 -22.67 33.59
CA TYR L 115 25.36 -24.05 33.07
C TYR L 115 24.73 -24.11 31.68
N TRP L 116 24.67 -25.31 31.09
CA TRP L 116 24.05 -25.57 29.76
C TRP L 116 22.99 -26.66 29.90
N GLY L 117 21.81 -26.44 29.30
CA GLY L 117 20.69 -27.41 29.28
C GLY L 117 20.91 -28.49 28.24
N GLN L 118 20.42 -29.71 28.51
CA GLN L 118 20.60 -30.91 27.65
C GLN L 118 20.38 -30.56 26.17
N GLY L 119 19.37 -29.72 25.88
CA GLY L 119 19.03 -29.28 24.52
C GLY L 119 18.24 -30.34 23.77
N THR L 120 17.13 -29.96 23.13
CA THR L 120 16.23 -30.83 22.34
C THR L 120 16.12 -30.31 20.90
N LEU L 121 16.37 -31.17 19.91
CA LEU L 121 16.40 -30.82 18.47
C LEU L 121 14.96 -30.64 17.96
N VAL L 122 14.65 -29.45 17.44
CA VAL L 122 13.32 -29.08 16.88
C VAL L 122 13.47 -28.93 15.36
N THR L 123 12.79 -29.76 14.57
CA THR L 123 12.71 -29.67 13.08
C THR L 123 11.30 -29.23 12.68
N VAL L 124 11.15 -27.98 12.24
CA VAL L 124 9.83 -27.31 11.99
C VAL L 124 9.65 -27.12 10.48
N PHE L 125 9.26 -28.18 9.78
CA PHE L 125 9.01 -28.24 8.31
C PHE L 125 8.60 -29.66 7.97
N ASN L 126 7.62 -29.84 7.09
CA ASN L 126 7.00 -31.17 6.81
C ASN L 126 6.87 -31.41 5.31
N GLN L 127 7.41 -32.55 4.86
CA GLN L 127 7.17 -33.18 3.53
C GLN L 127 7.22 -34.70 3.72
N ILE L 128 8.38 -35.30 3.46
CA ILE L 128 8.70 -36.76 3.60
C ILE L 128 9.64 -37.15 2.46
N LYS L 129 10.75 -37.83 2.80
CA LYS L 129 11.91 -38.01 1.90
C LYS L 129 12.82 -39.13 2.42
N GLY L 130 14.04 -39.22 1.87
CA GLY L 130 15.02 -40.30 2.11
C GLY L 130 14.58 -41.62 1.48
N PRO L 131 14.22 -41.64 0.17
CA PRO L 131 13.83 -42.89 -0.51
C PRO L 131 14.99 -43.57 -1.25
N SER L 132 16.16 -42.93 -1.30
CA SER L 132 17.31 -43.31 -2.17
C SER L 132 18.21 -44.32 -1.45
N VAL L 133 18.50 -45.44 -2.10
CA VAL L 133 19.53 -46.45 -1.69
C VAL L 133 20.51 -46.61 -2.86
N PHE L 134 21.60 -45.84 -2.84
CA PHE L 134 22.63 -45.79 -3.89
C PHE L 134 23.94 -46.41 -3.37
N PRO L 135 24.17 -47.72 -3.63
CA PRO L 135 25.40 -48.38 -3.17
C PRO L 135 26.63 -47.89 -3.95
N LEU L 136 27.71 -47.58 -3.23
CA LEU L 136 29.03 -47.21 -3.79
C LEU L 136 30.06 -48.28 -3.43
N ALA L 137 30.04 -49.41 -4.16
CA ALA L 137 31.01 -50.53 -4.03
C ALA L 137 32.19 -50.27 -4.97
N PRO L 138 33.39 -50.80 -4.67
CA PRO L 138 34.58 -50.57 -5.49
C PRO L 138 34.55 -51.37 -6.80
N SER L 139 35.39 -50.96 -7.77
CA SER L 139 35.57 -51.63 -9.08
C SER L 139 36.18 -53.03 -8.87
N SER L 140 36.16 -53.85 -9.92
CA SER L 140 36.75 -55.22 -9.96
C SER L 140 38.24 -55.16 -9.57
N LYS L 141 38.90 -54.01 -9.81
CA LYS L 141 40.32 -53.77 -9.46
C LYS L 141 40.42 -53.10 -8.08
N SER L 142 39.63 -53.56 -7.09
CA SER L 142 39.72 -53.15 -5.67
C SER L 142 41.13 -53.44 -5.16
N THR L 143 41.72 -52.51 -4.39
CA THR L 143 43.12 -52.57 -3.89
C THR L 143 43.39 -53.94 -3.28
N SER L 144 44.01 -54.85 -4.04
CA SER L 144 44.38 -56.23 -3.63
C SER L 144 45.62 -56.18 -2.74
N GLY L 145 45.61 -56.92 -1.62
CA GLY L 145 46.70 -56.95 -0.64
C GLY L 145 46.67 -55.75 0.30
N GLY L 146 45.82 -54.75 0.02
CA GLY L 146 45.62 -53.54 0.83
C GLY L 146 44.22 -53.48 1.41
N THR L 147 43.79 -52.29 1.86
CA THR L 147 42.43 -52.01 2.40
C THR L 147 41.58 -51.39 1.29
N ALA L 148 40.39 -51.94 1.06
CA ALA L 148 39.37 -51.46 0.08
C ALA L 148 38.11 -51.02 0.84
N ALA L 149 37.43 -49.98 0.35
CA ALA L 149 36.27 -49.34 1.03
C ALA L 149 35.03 -49.39 0.12
N LEU L 150 33.85 -49.47 0.74
CA LEU L 150 32.52 -49.48 0.05
C LEU L 150 31.46 -48.97 1.03
N GLY L 151 30.33 -48.49 0.49
CA GLY L 151 29.19 -47.99 1.28
C GLY L 151 28.08 -47.43 0.42
N CYS L 152 26.89 -47.24 1.01
CA CYS L 152 25.66 -46.77 0.32
C CYS L 152 25.69 -45.25 0.16
N LEU L 153 24.61 -44.71 -0.41
CA LEU L 153 24.35 -43.25 -0.51
C LEU L 153 22.84 -43.01 -0.37
N VAL L 154 22.45 -42.06 0.48
CA VAL L 154 21.04 -41.69 0.78
C VAL L 154 20.82 -40.25 0.26
N LYS L 155 20.18 -40.14 -0.91
CA LYS L 155 19.86 -38.87 -1.60
C LYS L 155 18.39 -38.52 -1.37
N ASP L 156 18.01 -37.28 -1.68
CA ASP L 156 16.62 -36.76 -1.55
C ASP L 156 16.13 -36.97 -0.10
N TYR L 157 16.92 -36.56 0.88
CA TYR L 157 16.56 -36.54 2.34
C TYR L 157 16.00 -35.16 2.68
N PHE L 158 14.90 -35.09 3.43
CA PHE L 158 14.20 -33.82 3.77
C PHE L 158 13.11 -34.07 4.82
N PRO L 159 13.16 -33.45 6.02
CA PRO L 159 14.32 -32.66 6.47
C PRO L 159 15.40 -33.55 7.12
N GLU L 160 16.48 -32.94 7.61
CA GLU L 160 17.43 -33.58 8.56
C GLU L 160 16.65 -33.84 9.86
N PRO L 161 17.03 -34.86 10.67
CA PRO L 161 18.22 -35.68 10.45
C PRO L 161 18.03 -36.98 9.66
N VAL L 162 19.10 -37.77 9.56
CA VAL L 162 19.11 -39.13 8.95
C VAL L 162 20.06 -40.02 9.77
N THR L 163 19.50 -41.00 10.49
CA THR L 163 20.26 -42.02 11.27
C THR L 163 20.84 -43.06 10.30
N VAL L 164 22.15 -43.32 10.40
CA VAL L 164 22.91 -44.26 9.51
C VAL L 164 23.61 -45.30 10.38
N SER L 165 23.80 -46.52 9.84
CA SER L 165 24.48 -47.66 10.51
C SER L 165 25.08 -48.59 9.45
N TRP L 166 26.24 -49.19 9.75
CA TRP L 166 26.96 -50.15 8.86
C TRP L 166 26.86 -51.56 9.45
N ASN L 167 26.29 -52.50 8.69
CA ASN L 167 26.00 -53.89 9.14
C ASN L 167 25.13 -53.81 10.40
N SER L 168 24.09 -52.95 10.37
CA SER L 168 23.24 -52.59 11.53
C SER L 168 24.10 -51.93 12.62
N GLY L 169 25.07 -51.11 12.21
CA GLY L 169 26.01 -50.40 13.11
C GLY L 169 27.04 -51.31 13.76
N ALA L 170 27.03 -52.61 13.45
CA ALA L 170 27.87 -53.65 14.09
C ALA L 170 29.35 -53.38 13.83
N LEU L 171 29.66 -52.77 12.69
CA LEU L 171 31.05 -52.37 12.28
C LEU L 171 31.18 -50.84 12.39
N THR L 172 32.05 -50.35 13.27
CA THR L 172 32.24 -48.91 13.59
C THR L 172 33.53 -48.39 12.96
N SER L 173 34.59 -49.21 12.96
CA SER L 173 35.93 -48.90 12.38
C SER L 173 35.79 -48.67 10.87
N GLY L 174 36.46 -47.63 10.35
CA GLY L 174 36.47 -47.28 8.91
C GLY L 174 35.26 -46.50 8.48
N VAL L 175 34.13 -46.60 9.19
CA VAL L 175 32.82 -46.00 8.83
C VAL L 175 32.92 -44.47 8.94
N HIS L 176 32.53 -43.75 7.88
CA HIS L 176 32.52 -42.26 7.80
C HIS L 176 31.28 -41.79 7.03
N THR L 177 30.35 -41.13 7.73
CA THR L 177 29.05 -40.62 7.21
C THR L 177 29.21 -39.17 6.72
N PHE L 178 29.23 -38.95 5.40
CA PHE L 178 29.34 -37.62 4.74
C PHE L 178 28.30 -36.66 5.32
N PRO L 179 28.60 -35.35 5.45
CA PRO L 179 27.62 -34.37 5.93
C PRO L 179 26.46 -34.13 4.96
N ALA L 180 25.31 -33.71 5.50
CA ALA L 180 24.07 -33.41 4.75
C ALA L 180 24.30 -32.19 3.85
N VAL L 181 24.21 -32.38 2.53
CA VAL L 181 24.26 -31.31 1.49
C VAL L 181 22.84 -31.11 0.94
N LEU L 182 22.26 -29.92 1.13
CA LEU L 182 20.91 -29.55 0.65
C LEU L 182 20.95 -29.36 -0.87
N GLN L 183 20.32 -30.27 -1.62
CA GLN L 183 20.33 -30.32 -3.12
C GLN L 183 19.38 -29.24 -3.65
N SER L 184 19.59 -28.84 -4.91
CA SER L 184 18.85 -27.78 -5.64
C SER L 184 17.33 -27.98 -5.51
N SER L 185 16.86 -29.23 -5.58
CA SER L 185 15.43 -29.63 -5.49
C SER L 185 14.83 -29.26 -4.13
N GLY L 186 15.67 -29.07 -3.11
CA GLY L 186 15.26 -28.78 -1.73
C GLY L 186 15.24 -30.03 -0.88
N LEU L 187 16.22 -30.92 -1.09
CA LEU L 187 16.41 -32.19 -0.34
C LEU L 187 17.88 -32.28 0.10
N TYR L 188 18.12 -32.58 1.39
CA TYR L 188 19.45 -32.90 1.97
C TYR L 188 19.95 -34.22 1.37
N SER L 189 21.28 -34.36 1.24
CA SER L 189 21.94 -35.52 0.59
C SER L 189 23.36 -35.71 1.16
N LEU L 190 23.73 -36.97 1.41
CA LEU L 190 25.08 -37.38 1.88
C LEU L 190 25.29 -38.86 1.56
N SER L 191 26.33 -39.48 2.13
CA SER L 191 26.69 -40.91 1.94
C SER L 191 27.66 -41.36 3.04
N SER L 192 28.08 -42.62 3.01
CA SER L 192 29.01 -43.24 3.99
C SER L 192 29.67 -44.47 3.36
N VAL L 193 30.95 -44.67 3.64
CA VAL L 193 31.69 -45.92 3.25
C VAL L 193 32.62 -46.31 4.40
N VAL L 194 33.26 -47.48 4.29
CA VAL L 194 34.23 -48.01 5.30
C VAL L 194 35.21 -48.97 4.63
N THR L 195 36.48 -48.91 5.05
CA THR L 195 37.61 -49.74 4.55
C THR L 195 37.49 -51.15 5.11
N VAL L 196 37.83 -52.16 4.30
CA VAL L 196 37.83 -53.60 4.68
C VAL L 196 38.74 -54.35 3.71
N PRO L 197 39.26 -55.55 4.08
CA PRO L 197 39.97 -56.40 3.12
C PRO L 197 39.07 -56.88 1.97
N SER L 198 39.60 -56.93 0.75
CA SER L 198 38.92 -57.46 -0.46
C SER L 198 38.46 -58.90 -0.19
N SER L 199 39.29 -59.69 0.51
CA SER L 199 39.00 -61.07 0.96
C SER L 199 37.77 -61.09 1.88
N SER L 200 37.57 -60.02 2.66
CA SER L 200 36.44 -59.84 3.61
C SER L 200 35.17 -59.43 2.85
N LEU L 201 35.32 -58.86 1.65
CA LEU L 201 34.19 -58.43 0.78
C LEU L 201 33.39 -59.67 0.34
N GLY L 202 34.03 -60.58 -0.39
CA GLY L 202 33.40 -61.78 -0.98
C GLY L 202 33.02 -62.83 0.06
N THR L 203 33.44 -62.65 1.32
CA THR L 203 33.22 -63.62 2.44
C THR L 203 32.23 -63.05 3.46
N GLN L 204 32.57 -61.91 4.07
CA GLN L 204 31.79 -61.27 5.17
C GLN L 204 30.76 -60.31 4.58
N THR L 205 29.50 -60.41 5.04
CA THR L 205 28.33 -59.63 4.56
C THR L 205 28.35 -58.23 5.21
N TYR L 206 28.11 -57.19 4.40
CA TYR L 206 28.10 -55.76 4.80
C TYR L 206 26.82 -55.11 4.23
N ILE L 207 25.92 -54.67 5.12
CA ILE L 207 24.60 -54.06 4.76
C ILE L 207 24.37 -52.82 5.64
N CYS L 208 24.51 -51.63 5.06
CA CYS L 208 24.35 -50.32 5.75
C CYS L 208 22.87 -50.10 6.10
N ASN L 209 22.58 -49.91 7.39
CA ASN L 209 21.22 -49.63 7.95
C ASN L 209 21.01 -48.11 7.97
N VAL L 210 19.84 -47.66 7.49
CA VAL L 210 19.41 -46.24 7.44
C VAL L 210 18.06 -46.08 8.15
N ASN L 211 17.90 -44.98 8.91
CA ASN L 211 16.68 -44.67 9.71
C ASN L 211 16.40 -43.16 9.63
N HIS L 212 15.14 -42.78 9.34
CA HIS L 212 14.69 -41.38 9.19
C HIS L 212 13.30 -41.22 9.85
N LYS L 213 13.28 -40.96 11.17
CA LYS L 213 12.08 -40.92 12.04
C LYS L 213 10.98 -40.02 11.48
N PRO L 214 11.31 -38.83 10.92
CA PRO L 214 10.29 -37.95 10.34
C PRO L 214 9.40 -38.67 9.31
N SER L 215 10.01 -39.17 8.22
CA SER L 215 9.35 -40.06 7.22
C SER L 215 9.18 -41.46 7.83
N ASN L 216 9.81 -41.71 8.98
CA ASN L 216 9.79 -43.00 9.72
C ASN L 216 10.14 -44.12 8.74
N THR L 217 11.00 -43.83 7.76
CA THR L 217 11.44 -44.77 6.69
C THR L 217 12.61 -45.60 7.21
N LYS L 218 12.48 -46.92 7.16
CA LYS L 218 13.57 -47.89 7.51
C LYS L 218 14.13 -48.48 6.20
N VAL L 219 15.47 -48.57 6.10
CA VAL L 219 16.18 -49.09 4.90
C VAL L 219 17.50 -49.74 5.33
N ASP L 220 17.71 -50.99 4.95
CA ASP L 220 19.00 -51.72 5.07
C ASP L 220 19.22 -52.51 3.78
N LYS L 221 20.33 -52.27 3.07
CA LYS L 221 20.67 -52.91 1.78
C LYS L 221 22.13 -53.39 1.81
N LYS L 222 22.39 -54.59 1.26
CA LYS L 222 23.71 -55.28 1.28
C LYS L 222 24.66 -54.63 0.26
N VAL L 223 25.93 -55.05 0.27
CA VAL L 223 27.01 -54.56 -0.65
C VAL L 223 27.75 -55.78 -1.24
N GLU L 224 28.02 -55.76 -2.56
CA GLU L 224 28.75 -56.82 -3.27
C GLU L 224 29.18 -56.32 -4.65
N PRO L 225 30.11 -57.02 -5.34
CA PRO L 225 30.53 -56.63 -6.69
C PRO L 225 29.38 -56.61 -7.71
N VAL M 5 -13.45 -44.32 0.41
CA VAL M 5 -12.56 -43.18 0.06
C VAL M 5 -12.19 -42.42 1.34
N GLN M 6 -11.14 -41.61 1.29
CA GLN M 6 -10.61 -40.80 2.43
C GLN M 6 -9.93 -39.53 1.91
N LEU M 7 -10.27 -38.37 2.49
CA LEU M 7 -9.67 -37.06 2.16
C LEU M 7 -8.63 -36.69 3.22
N VAL M 8 -7.42 -36.32 2.79
CA VAL M 8 -6.27 -35.96 3.69
C VAL M 8 -6.24 -34.44 3.87
N GLU M 9 -6.64 -33.96 5.06
CA GLU M 9 -6.71 -32.52 5.41
C GLU M 9 -5.67 -32.23 6.51
N SER M 10 -4.63 -31.46 6.18
CA SER M 10 -3.50 -31.09 7.09
C SER M 10 -2.90 -29.75 6.66
N GLY M 11 -1.98 -29.21 7.47
CA GLY M 11 -1.23 -27.96 7.19
C GLY M 11 -1.91 -26.73 7.78
N GLY M 12 -2.60 -26.89 8.93
CA GLY M 12 -3.35 -25.81 9.60
C GLY M 12 -2.43 -24.95 10.46
N GLY M 13 -2.93 -24.52 11.63
CA GLY M 13 -2.15 -23.80 12.67
C GLY M 13 -2.47 -22.31 12.72
N LEU M 14 -1.84 -21.59 13.67
CA LEU M 14 -1.94 -20.11 13.82
C LEU M 14 -0.68 -19.46 13.24
N VAL M 15 -0.81 -18.25 12.69
CA VAL M 15 0.30 -17.50 12.04
C VAL M 15 0.03 -15.99 12.14
N GLN M 16 1.02 -15.17 11.76
CA GLN M 16 0.95 -13.68 11.74
C GLN M 16 0.77 -13.23 10.30
N PRO M 17 0.30 -11.98 10.06
CA PRO M 17 0.10 -11.46 8.70
C PRO M 17 1.39 -11.48 7.86
N GLY M 18 1.24 -11.37 6.54
CA GLY M 18 2.33 -11.49 5.55
C GLY M 18 2.82 -12.92 5.39
N GLY M 19 2.41 -13.83 6.28
CA GLY M 19 2.81 -15.24 6.27
C GLY M 19 2.18 -16.01 5.12
N SER M 20 2.82 -17.09 4.68
CA SER M 20 2.36 -17.98 3.57
C SER M 20 2.43 -19.45 4.03
N LEU M 21 1.26 -20.05 4.28
CA LEU M 21 1.11 -21.49 4.67
C LEU M 21 0.46 -22.26 3.51
N ARG M 22 0.98 -23.45 3.21
CA ARG M 22 0.48 -24.34 2.13
C ARG M 22 -0.45 -25.40 2.73
N LEU M 23 -1.76 -25.25 2.52
CA LEU M 23 -2.80 -26.22 2.97
C LEU M 23 -2.80 -27.43 2.03
N SER M 24 -2.28 -28.57 2.51
CA SER M 24 -2.08 -29.82 1.73
C SER M 24 -3.36 -30.65 1.69
N CYS M 25 -3.64 -31.29 0.55
CA CYS M 25 -4.79 -32.21 0.33
C CYS M 25 -4.33 -33.39 -0.54
N ALA M 26 -4.19 -34.58 0.06
CA ALA M 26 -3.68 -35.81 -0.59
C ALA M 26 -4.83 -36.76 -0.91
N ALA M 27 -4.76 -37.42 -2.08
CA ALA M 27 -5.80 -38.30 -2.63
C ALA M 27 -5.69 -39.69 -2.00
N SER M 28 -6.80 -40.19 -1.44
CA SER M 28 -6.93 -41.53 -0.81
C SER M 28 -8.29 -42.15 -1.19
N GLY M 29 -8.27 -43.30 -1.87
CA GLY M 29 -9.47 -44.02 -2.34
C GLY M 29 -10.22 -43.23 -3.40
N PHE M 30 -9.49 -42.53 -4.27
CA PHE M 30 -10.02 -41.72 -5.41
C PHE M 30 -8.86 -41.20 -6.25
N ASN M 31 -8.93 -41.37 -7.57
CA ASN M 31 -7.92 -40.83 -8.53
C ASN M 31 -8.20 -39.34 -8.74
N LEU M 32 -7.54 -38.48 -7.97
CA LEU M 32 -7.65 -36.99 -8.07
C LEU M 32 -7.26 -36.55 -9.48
N TYR M 33 -6.25 -37.21 -10.06
CA TYR M 33 -5.65 -36.91 -11.40
C TYR M 33 -6.73 -36.67 -12.46
N SER M 34 -7.87 -37.37 -12.37
CA SER M 34 -9.06 -37.24 -13.26
C SER M 34 -10.14 -36.41 -12.56
N SER M 35 -10.29 -36.60 -11.25
CA SER M 35 -11.20 -35.82 -10.36
C SER M 35 -10.82 -34.34 -10.38
N SER M 36 -11.44 -33.54 -9.51
CA SER M 36 -11.10 -32.13 -9.22
C SER M 36 -11.48 -31.81 -7.77
N ILE M 37 -10.59 -31.13 -7.04
CA ILE M 37 -10.77 -30.76 -5.61
C ILE M 37 -10.99 -29.24 -5.53
N HIS M 38 -11.88 -28.81 -4.63
CA HIS M 38 -12.24 -27.40 -4.36
C HIS M 38 -11.98 -27.09 -2.87
N TRP M 39 -11.67 -25.83 -2.56
CA TRP M 39 -11.48 -25.33 -1.16
C TRP M 39 -12.53 -24.27 -0.83
N VAL M 40 -13.09 -24.31 0.38
CA VAL M 40 -14.16 -23.39 0.84
C VAL M 40 -14.08 -23.25 2.36
N ARG M 41 -14.05 -22.00 2.84
CA ARG M 41 -13.78 -21.62 4.25
C ARG M 41 -15.09 -21.31 4.97
N GLN M 42 -15.22 -21.76 6.22
CA GLN M 42 -16.36 -21.48 7.12
C GLN M 42 -15.86 -20.58 8.27
N ALA M 43 -16.06 -19.27 8.14
CA ALA M 43 -15.81 -18.27 9.20
C ALA M 43 -16.66 -18.62 10.42
N PRO M 44 -16.15 -18.42 11.66
CA PRO M 44 -16.97 -18.58 12.86
C PRO M 44 -18.30 -17.83 12.75
N GLY M 45 -19.42 -18.55 12.90
CA GLY M 45 -20.78 -18.00 12.81
C GLY M 45 -21.14 -17.56 11.39
N LYS M 46 -20.45 -18.10 10.37
CA LYS M 46 -20.71 -17.85 8.93
C LYS M 46 -20.67 -19.19 8.17
N GLY M 47 -21.27 -19.22 6.97
CA GLY M 47 -21.37 -20.42 6.12
C GLY M 47 -20.15 -20.59 5.23
N LEU M 48 -20.23 -21.49 4.25
CA LEU M 48 -19.11 -21.86 3.33
C LEU M 48 -18.80 -20.68 2.38
N GLU M 49 -17.62 -20.72 1.74
CA GLU M 49 -17.19 -19.74 0.70
C GLU M 49 -16.29 -20.44 -0.32
N TRP M 50 -16.88 -20.93 -1.42
CA TRP M 50 -16.19 -21.68 -2.51
C TRP M 50 -14.91 -20.92 -2.90
N VAL M 51 -13.79 -21.28 -2.29
CA VAL M 51 -12.47 -20.62 -2.47
C VAL M 51 -11.99 -20.86 -3.91
N ALA M 52 -11.69 -22.11 -4.26
CA ALA M 52 -11.04 -22.48 -5.53
C ALA M 52 -11.52 -23.86 -5.99
N SER M 53 -10.83 -24.42 -7.00
CA SER M 53 -11.11 -25.73 -7.63
C SER M 53 -9.99 -26.09 -8.62
N ILE M 54 -9.59 -27.36 -8.64
CA ILE M 54 -8.57 -27.90 -9.60
C ILE M 54 -8.55 -29.43 -9.48
N SER M 55 -6.14 -32.24 -10.95
CA SER M 55 -5.28 -31.67 -12.02
C SER M 55 -6.18 -31.15 -13.16
N PRO M 56 -7.31 -30.49 -12.87
CA PRO M 56 -8.61 -31.12 -13.07
C PRO M 56 -8.58 -31.81 -14.44
N SER M 57 -7.71 -32.81 -14.55
CA SER M 57 -7.28 -33.51 -15.79
C SER M 57 -6.51 -32.57 -16.72
N SER M 58 -6.79 -31.26 -16.67
CA SER M 58 -6.41 -30.26 -17.71
C SER M 58 -5.65 -29.06 -17.12
N GLY M 59 -5.66 -28.88 -15.79
CA GLY M 59 -4.95 -27.77 -15.11
C GLY M 59 -5.82 -26.51 -15.03
N SER M 60 -7.06 -26.68 -14.60
CA SER M 60 -8.07 -25.62 -14.32
C SER M 60 -7.65 -24.73 -13.15
N THR M 61 -6.95 -23.63 -13.45
CA THR M 61 -6.75 -22.46 -12.55
C THR M 61 -8.11 -21.82 -12.31
N TYR M 62 -8.83 -22.26 -11.27
CA TYR M 62 -10.21 -21.86 -10.92
C TYR M 62 -10.26 -21.45 -9.45
N TYR M 63 -10.46 -20.15 -9.16
CA TYR M 63 -10.42 -19.57 -7.79
C TYR M 63 -11.33 -18.33 -7.71
N ALA M 64 -12.02 -18.18 -6.57
CA ALA M 64 -12.99 -17.10 -6.30
C ALA M 64 -12.27 -15.75 -6.17
N ASP M 65 -13.00 -14.65 -6.39
CA ASP M 65 -12.50 -13.25 -6.37
C ASP M 65 -11.97 -12.89 -4.98
N SER M 66 -12.59 -13.44 -3.93
CA SER M 66 -12.30 -13.16 -2.49
C SER M 66 -10.79 -13.27 -2.21
N VAL M 67 -10.12 -14.32 -2.72
CA VAL M 67 -8.66 -14.54 -2.56
C VAL M 67 -8.01 -14.60 -3.96
N LYS M 68 -8.51 -13.78 -4.89
CA LYS M 68 -8.10 -13.74 -6.31
C LYS M 68 -6.60 -13.44 -6.40
N GLY M 69 -5.77 -14.48 -6.57
CA GLY M 69 -4.31 -14.35 -6.70
C GLY M 69 -3.60 -14.34 -5.35
N ARG M 70 -4.20 -13.71 -4.34
CA ARG M 70 -3.73 -13.69 -2.92
C ARG M 70 -3.41 -15.12 -2.48
N PHE M 71 -4.22 -16.08 -2.94
CA PHE M 71 -3.98 -17.54 -2.82
C PHE M 71 -3.78 -18.13 -4.23
N THR M 72 -3.06 -19.25 -4.31
CA THR M 72 -2.84 -20.06 -5.54
C THR M 72 -2.88 -21.55 -5.17
N ILE M 73 -3.88 -22.29 -5.66
CA ILE M 73 -4.10 -23.74 -5.39
C ILE M 73 -3.57 -24.56 -6.56
N SER M 74 -2.92 -25.69 -6.27
CA SER M 74 -2.34 -26.64 -7.27
C SER M 74 -2.21 -28.04 -6.66
N ALA M 75 -1.56 -28.98 -7.35
CA ALA M 75 -1.55 -30.41 -6.97
C ALA M 75 -0.43 -31.18 -7.69
N ASP M 76 0.02 -32.27 -7.06
CA ASP M 76 1.00 -33.26 -7.59
C ASP M 76 0.29 -34.60 -7.80
N THR M 77 -0.07 -34.88 -9.06
CA THR M 77 -0.68 -36.16 -9.52
C THR M 77 0.25 -37.31 -9.12
N SER M 78 1.55 -37.15 -9.37
CA SER M 78 2.64 -38.14 -9.11
C SER M 78 2.58 -38.69 -7.68
N LYS M 79 2.10 -37.89 -6.71
CA LYS M 79 1.99 -38.26 -5.28
C LYS M 79 0.52 -38.43 -4.87
N ASN M 80 -0.42 -38.23 -5.81
CA ASN M 80 -1.88 -38.16 -5.53
C ASN M 80 -2.10 -37.13 -4.42
N THR M 81 -1.57 -35.92 -4.61
CA THR M 81 -1.50 -34.85 -3.58
C THR M 81 -1.81 -33.48 -4.20
N ALA M 82 -2.53 -32.64 -3.45
CA ALA M 82 -2.93 -31.27 -3.84
C ALA M 82 -2.52 -30.29 -2.74
N TYR M 83 -2.52 -29.00 -3.05
CA TYR M 83 -2.16 -27.90 -2.11
C TYR M 83 -2.99 -26.64 -2.41
N LEU M 84 -3.05 -25.74 -1.43
CA LEU M 84 -3.74 -24.42 -1.51
C LEU M 84 -2.94 -23.38 -0.70
N GLN M 85 -2.08 -22.60 -1.40
CA GLN M 85 -1.29 -21.49 -0.83
C GLN M 85 -1.70 -20.19 -1.53
N MET M 86 -3.91 -20.84 1.24
CA MET M 86 -3.74 -19.36 1.31
C MET M 86 -2.46 -19.02 2.09
N ASN M 87 -0.90 -17.07 -0.24
CA ASN M 87 0.12 -16.33 0.55
C ASN M 87 -0.34 -16.29 2.02
N SER M 88 -0.11 -12.90 2.70
CA SER M 88 -0.98 -12.00 1.89
C SER M 88 -2.38 -12.61 1.74
N LEU M 89 -1.90 -14.76 4.74
CA LEU M 89 -2.84 -13.65 5.03
C LEU M 89 -2.05 -12.37 5.33
N ARG M 90 -5.10 -11.42 4.09
CA ARG M 90 -5.26 -10.66 5.37
C ARG M 90 -5.98 -11.54 6.40
N ALA M 91 -6.06 -11.06 7.65
CA ALA M 91 -6.78 -11.68 8.78
C ALA M 91 -8.26 -11.89 8.42
N GLU M 92 -8.76 -11.13 7.44
CA GLU M 92 -10.11 -11.33 6.82
C GLU M 92 -10.31 -12.81 6.48
N ASP M 93 -9.25 -13.48 6.00
CA ASP M 93 -9.27 -14.91 5.57
C ASP M 93 -9.07 -15.85 6.78
N THR M 94 -8.97 -15.29 8.00
CA THR M 94 -8.91 -16.05 9.28
C THR M 94 -10.24 -16.79 9.48
N ALA M 95 -10.26 -18.09 9.15
CA ALA M 95 -11.47 -18.96 9.22
C ALA M 95 -11.08 -20.43 9.04
N VAL M 96 -11.84 -21.33 9.69
CA VAL M 96 -11.68 -22.81 9.58
C VAL M 96 -11.94 -23.21 8.12
N TYR M 97 -10.92 -23.77 7.45
CA TYR M 97 -10.94 -24.14 6.02
C TYR M 97 -10.93 -25.67 5.87
N TYR M 98 -11.81 -26.21 5.03
CA TYR M 98 -11.88 -27.64 4.65
C TYR M 98 -11.88 -27.75 3.11
N CYS M 99 -10.98 -28.58 2.57
CA CYS M 99 -10.82 -28.84 1.12
C CYS M 99 -11.41 -30.22 0.79
N ALA M 100 -12.14 -30.31 -0.33
CA ALA M 100 -12.93 -31.49 -0.76
C ALA M 100 -13.02 -31.55 -2.29
N ARG M 101 -13.67 -32.58 -2.83
CA ARG M 101 -13.81 -32.83 -4.30
C ARG M 101 -15.28 -32.79 -4.70
N THR M 102 -15.69 -31.77 -5.46
CA THR M 102 -16.94 -31.73 -6.25
C THR M 102 -16.61 -32.18 -7.68
N SER M 103 -15.73 -33.17 -7.80
CA SER M 103 -14.98 -33.55 -9.03
C SER M 103 -15.94 -33.79 -10.20
N ARG M 104 -15.58 -33.33 -11.40
CA ARG M 104 -16.27 -33.65 -12.68
C ARG M 104 -15.47 -34.74 -13.42
N GLY M 105 -14.74 -35.58 -12.67
CA GLY M 105 -13.91 -36.68 -13.19
C GLY M 105 -14.70 -37.97 -13.30
N TRP M 106 -14.20 -39.06 -12.70
CA TRP M 106 -14.77 -40.43 -12.78
C TRP M 106 -15.22 -40.94 -11.40
N ILE M 107 -14.60 -40.48 -10.31
CA ILE M 107 -14.67 -41.10 -8.96
C ILE M 107 -15.62 -40.32 -8.03
N SER M 108 -15.87 -39.03 -8.30
CA SER M 108 -16.65 -38.12 -7.43
C SER M 108 -17.96 -37.69 -8.12
N TYR M 109 -18.74 -36.81 -7.46
CA TYR M 109 -20.13 -36.43 -7.81
C TYR M 109 -20.22 -35.84 -9.23
N GLY M 110 -19.55 -34.71 -9.46
CA GLY M 110 -19.71 -33.88 -10.67
C GLY M 110 -20.81 -32.85 -10.49
N SER M 111 -21.85 -33.21 -9.73
CA SER M 111 -23.02 -32.35 -9.40
C SER M 111 -22.69 -31.41 -8.24
N GLY M 112 -21.93 -31.89 -7.25
CA GLY M 112 -21.52 -31.09 -6.07
C GLY M 112 -20.54 -31.83 -5.16
N LEU M 113 -20.52 -31.46 -3.88
CA LEU M 113 -19.58 -31.97 -2.85
C LEU M 113 -19.68 -33.50 -2.78
N ASP M 114 -18.73 -34.20 -3.42
CA ASP M 114 -18.61 -35.69 -3.41
C ASP M 114 -18.41 -36.18 -1.98
N TYR M 115 -17.68 -35.41 -1.18
CA TYR M 115 -17.43 -35.65 0.27
C TYR M 115 -16.95 -34.35 0.92
N TRP M 116 -16.61 -34.41 2.20
CA TRP M 116 -16.11 -33.25 3.00
C TRP M 116 -14.75 -33.63 3.64
N GLY M 117 -13.78 -32.72 3.56
CA GLY M 117 -12.44 -32.89 4.17
C GLY M 117 -12.48 -32.60 5.66
N GLN M 118 -11.62 -33.29 6.44
CA GLN M 118 -11.52 -33.18 7.92
C GLN M 118 -11.59 -31.71 8.36
N GLY M 119 -10.93 -30.82 7.62
CA GLY M 119 -10.87 -29.37 7.89
C GLY M 119 -9.87 -29.06 9.00
N THR M 120 -8.99 -28.08 8.78
CA THR M 120 -7.97 -27.60 9.75
C THR M 120 -8.17 -26.11 10.04
N LEU M 121 -8.28 -25.73 11.31
CA LEU M 121 -8.56 -24.35 11.77
C LEU M 121 -7.29 -23.50 11.62
N VAL M 122 -7.38 -22.42 10.82
CA VAL M 122 -6.26 -21.46 10.58
C VAL M 122 -6.62 -20.13 11.25
N THR M 123 -5.84 -19.70 12.25
CA THR M 123 -5.98 -18.40 12.96
C THR M 123 -4.81 -17.50 12.56
N VAL M 124 -5.08 -16.46 11.74
CA VAL M 124 -4.06 -15.57 11.10
C VAL M 124 -4.11 -14.19 11.76
N PHE M 125 -3.49 -14.05 12.93
CA PHE M 125 -3.43 -12.84 13.78
C PHE M 125 -2.70 -13.23 15.07
N ASN M 126 -1.79 -12.38 15.56
CA ASN M 126 -0.83 -12.77 16.63
C ASN M 126 -0.73 -11.67 17.70
N GLN M 127 -0.96 -12.07 18.95
CA GLN M 127 -0.60 -11.31 20.19
C GLN M 127 -0.25 -12.32 21.28
N ILE M 128 -1.22 -12.65 22.15
CA ILE M 128 -1.05 -13.38 23.45
C ILE M 128 -1.96 -12.70 24.49
N LYS M 129 -2.79 -13.46 25.20
CA LYS M 129 -3.98 -12.90 25.91
C LYS M 129 -4.54 -13.92 26.91
N GLY M 130 -5.76 -13.66 27.41
CA GLY M 130 -6.43 -14.42 28.47
C GLY M 130 -5.78 -14.21 29.84
N PRO M 131 -5.55 -12.95 30.28
CA PRO M 131 -4.98 -12.69 31.60
C PRO M 131 -6.02 -12.44 32.70
N SER M 132 -7.31 -12.40 32.34
CA SER M 132 -8.44 -11.99 33.22
C SER M 132 -8.99 -13.20 33.98
N VAL M 133 -9.08 -13.08 35.31
CA VAL M 133 -9.79 -14.01 36.23
C VAL M 133 -10.83 -13.19 37.00
N PHE M 134 -12.06 -13.12 36.46
CA PHE M 134 -13.16 -12.26 36.96
C PHE M 134 -14.26 -13.13 37.55
N PRO M 135 -14.27 -13.36 38.88
CA PRO M 135 -15.32 -14.15 39.52
C PRO M 135 -16.66 -13.41 39.52
N LEU M 136 -17.74 -14.11 39.15
CA LEU M 136 -19.13 -13.57 39.12
C LEU M 136 -19.97 -14.36 40.12
N ALA M 137 -19.86 -14.02 41.41
CA ALA M 137 -20.63 -14.61 42.52
C ALA M 137 -21.91 -13.80 42.73
N PRO M 138 -22.98 -14.40 43.31
CA PRO M 138 -24.23 -13.68 43.55
C PRO M 138 -24.13 -12.71 44.73
N SER M 139 -25.09 -11.77 44.80
CA SER M 139 -25.24 -10.77 45.88
C SER M 139 -25.56 -11.48 47.20
N SER M 140 -25.44 -10.75 48.32
CA SER M 140 -25.77 -11.21 49.70
C SER M 140 -27.21 -11.75 49.74
N LYS M 141 -28.09 -11.25 48.87
CA LYS M 141 -29.51 -11.68 48.75
C LYS M 141 -29.64 -12.79 47.69
N SER M 142 -28.71 -13.75 47.67
CA SER M 142 -28.76 -14.96 46.81
C SER M 142 -30.08 -15.71 47.06
N THR M 143 -30.75 -16.18 46.00
CA THR M 143 -32.11 -16.79 46.05
C THR M 143 -32.14 -17.87 47.13
N SER M 144 -32.65 -17.54 48.33
CA SER M 144 -32.78 -18.44 49.49
C SER M 144 -33.99 -19.37 49.28
N GLY M 145 -33.83 -20.67 49.54
CA GLY M 145 -34.87 -21.70 49.34
C GLY M 145 -34.98 -22.13 47.88
N GLY M 146 -34.30 -21.43 46.97
CA GLY M 146 -34.24 -21.74 45.53
C GLY M 146 -32.83 -22.14 45.10
N THR M 147 -32.57 -22.11 43.80
CA THR M 147 -31.23 -22.36 43.19
C THR M 147 -30.56 -21.01 42.90
N ALA M 148 -29.31 -20.84 43.35
CA ALA M 148 -28.46 -19.65 43.09
C ALA M 148 -27.23 -20.08 42.28
N ALA M 149 -26.75 -19.22 41.38
CA ALA M 149 -25.67 -19.52 40.41
C ALA M 149 -24.48 -18.57 40.59
N LEU M 150 -23.28 -19.06 40.32
CA LEU M 150 -22.01 -18.28 40.38
C LEU M 150 -20.98 -18.92 39.44
N GLY M 151 -19.96 -18.16 39.03
CA GLY M 151 -18.88 -18.61 38.14
C GLY M 151 -17.92 -17.49 37.77
N CYS M 152 -16.75 -17.84 37.22
CA CYS M 152 -15.66 -16.90 36.85
C CYS M 152 -15.95 -16.27 35.49
N LEU M 153 -15.04 -15.42 35.02
CA LEU M 153 -15.08 -14.76 33.68
C LEU M 153 -13.65 -14.59 33.17
N VAL M 154 -13.41 -14.95 31.91
CA VAL M 154 -12.09 -14.81 31.21
C VAL M 154 -12.26 -13.77 30.09
N LYS M 155 -11.80 -12.54 30.34
CA LYS M 155 -11.84 -11.39 29.40
C LYS M 155 -10.47 -11.21 28.74
N ASP M 156 -10.41 -10.43 27.66
CA ASP M 156 -9.17 -10.12 26.89
C ASP M 156 -8.50 -11.44 26.47
N TYR M 157 -9.27 -12.35 25.87
CA TYR M 157 -8.79 -13.63 25.28
C TYR M 157 -8.54 -13.41 23.78
N PHE M 158 -7.40 -13.91 23.27
CA PHE M 158 -6.99 -13.75 21.85
C PHE M 158 -5.80 -14.66 21.54
N PRO M 159 -5.89 -15.60 20.58
CA PRO M 159 -7.15 -15.94 19.90
C PRO M 159 -7.97 -16.97 20.70
N GLU M 160 -9.13 -17.35 20.17
CA GLU M 160 -9.88 -18.56 20.59
C GLU M 160 -9.02 -19.77 20.25
N PRO M 161 -9.12 -20.91 20.96
CA PRO M 161 -10.12 -21.12 22.00
C PRO M 161 -9.67 -20.82 23.44
N VAL M 162 -10.51 -21.17 24.42
CA VAL M 162 -10.22 -21.12 25.88
C VAL M 162 -10.86 -22.34 26.54
N THR M 163 -10.04 -23.27 27.04
CA THR M 163 -10.46 -24.50 27.76
C THR M 163 -10.93 -24.13 29.17
N VAL M 164 -12.12 -24.56 29.57
CA VAL M 164 -12.78 -24.21 30.86
C VAL M 164 -13.15 -25.47 31.62
N SER M 165 -13.19 -25.40 32.95
CA SER M 165 -13.63 -26.47 33.89
C SER M 165 -14.17 -25.83 35.17
N TRP M 166 -15.19 -26.44 35.78
CA TRP M 166 -15.82 -25.99 37.06
C TRP M 166 -15.46 -26.97 38.19
N ASN M 167 -14.83 -26.46 39.25
CA ASN M 167 -14.27 -27.27 40.37
C ASN M 167 -13.32 -28.31 39.78
N SER M 168 -12.44 -27.89 38.86
CA SER M 168 -11.56 -28.76 38.04
C SER M 168 -12.41 -29.69 37.18
N GLY M 169 -13.53 -29.20 36.65
CA GLY M 169 -14.47 -29.94 35.80
C GLY M 169 -15.30 -30.97 36.57
N ALA M 170 -15.10 -31.09 37.90
CA ALA M 170 -15.71 -32.12 38.76
C ALA M 170 -17.24 -31.99 38.76
N LEU M 171 -17.76 -30.76 38.60
CA LEU M 171 -19.21 -30.44 38.53
C LEU M 171 -19.57 -30.08 37.08
N THR M 172 -20.44 -30.87 36.45
CA THR M 172 -20.89 -30.71 35.05
C THR M 172 -22.30 -30.11 35.01
N SER M 173 -23.18 -30.53 35.93
CA SER M 173 -24.58 -30.07 36.06
C SER M 173 -24.62 -28.56 36.35
N GLY M 174 -25.49 -27.82 35.68
CA GLY M 174 -25.70 -26.37 35.87
C GLY M 174 -24.68 -25.53 35.12
N VAL M 175 -23.51 -26.09 34.80
CA VAL M 175 -22.36 -25.36 34.17
C VAL M 175 -22.74 -24.97 32.73
N HIS M 176 -22.56 -23.70 32.39
CA HIS M 176 -22.83 -23.12 31.03
C HIS M 176 -21.74 -22.12 30.68
N THR M 177 -20.92 -22.43 29.66
CA THR M 177 -19.74 -21.64 29.20
C THR M 177 -20.17 -20.70 28.06
N PHE M 178 -20.31 -19.40 28.35
CA PHE M 178 -20.74 -18.34 27.40
C PHE M 178 -19.88 -18.40 26.14
N PRO M 179 -20.46 -18.11 24.94
CA PRO M 179 -19.67 -18.04 23.71
C PRO M 179 -18.67 -16.86 23.67
N ALA M 180 -17.60 -17.02 22.89
CA ALA M 180 -16.52 -16.02 22.69
C ALA M 180 -17.09 -14.79 21.97
N VAL M 181 -17.09 -13.64 22.64
CA VAL M 181 -17.48 -12.31 22.07
C VAL M 181 -16.20 -11.48 21.87
N LEU M 182 -15.88 -11.14 20.62
CA LEU M 182 -14.68 -10.34 20.23
C LEU M 182 -14.89 -8.89 20.65
N GLN M 183 -14.14 -8.42 21.65
CA GLN M 183 -14.23 -7.05 22.22
C GLN M 183 -13.60 -6.04 21.26
N SER M 184 -13.96 -4.76 21.38
CA SER M 184 -13.56 -3.62 20.51
C SER M 184 -12.04 -3.59 20.30
N SER M 185 -11.27 -3.87 21.37
CA SER M 185 -9.78 -3.86 21.39
C SER M 185 -9.22 -4.94 20.45
N GLY M 186 -10.01 -5.96 20.12
CA GLY M 186 -9.60 -7.11 19.32
C GLY M 186 -9.21 -8.29 20.19
N LEU M 187 -9.96 -8.52 21.28
CA LEU M 187 -9.81 -9.66 22.21
C LEU M 187 -11.18 -10.33 22.41
N TYR M 188 -11.24 -11.65 22.24
CA TYR M 188 -12.42 -12.51 22.53
C TYR M 188 -12.67 -12.49 24.05
N SER M 189 -13.94 -12.65 24.44
CA SER M 189 -14.40 -12.57 25.85
C SER M 189 -15.66 -13.43 26.05
N LEU M 190 -15.71 -14.18 27.15
CA LEU M 190 -16.88 -14.99 27.57
C LEU M 190 -16.78 -15.26 29.07
N SER M 191 -17.62 -16.15 29.58
CA SER M 191 -17.68 -16.55 31.01
C SER M 191 -18.46 -17.85 31.17
N SER M 192 -18.60 -18.33 32.41
CA SER M 192 -19.36 -19.55 32.76
C SER M 192 -19.82 -19.47 34.22
N VAL M 193 -21.04 -19.92 34.50
CA VAL M 193 -21.59 -20.02 35.88
C VAL M 193 -22.42 -21.30 35.97
N VAL M 194 -22.86 -21.66 37.18
CA VAL M 194 -23.65 -22.89 37.46
C VAL M 194 -24.50 -22.69 38.72
N THR M 195 -25.72 -23.20 38.70
CA THR M 195 -26.73 -23.11 39.80
C THR M 195 -26.35 -24.08 40.93
N VAL M 196 -26.56 -23.67 42.17
CA VAL M 196 -26.31 -24.48 43.40
C VAL M 196 -27.16 -23.92 44.54
N PRO M 197 -27.44 -24.71 45.60
CA PRO M 197 -28.06 -24.17 46.82
C PRO M 197 -27.18 -23.13 47.52
N SER M 198 -27.79 -22.08 48.06
CA SER M 198 -27.13 -21.03 48.89
C SER M 198 -26.39 -21.69 50.06
N SER M 199 -27.00 -22.71 50.67
CA SER M 199 -26.43 -23.55 51.75
C SER M 199 -25.14 -24.24 51.27
N SER M 200 -25.09 -24.61 49.98
CA SER M 200 -23.93 -25.28 49.33
C SER M 200 -22.83 -24.25 49.00
N LEU M 201 -23.18 -22.96 48.91
CA LEU M 201 -22.23 -21.85 48.65
C LEU M 201 -21.25 -21.74 49.82
N GLY M 202 -21.75 -21.44 51.02
CA GLY M 202 -20.94 -21.20 52.24
C GLY M 202 -20.29 -22.46 52.79
N THR M 203 -20.64 -23.64 52.25
CA THR M 203 -20.17 -24.97 52.73
C THR M 203 -19.23 -25.60 51.70
N GLN M 204 -19.73 -25.85 50.48
CA GLN M 204 -19.00 -26.55 49.39
C GLN M 204 -18.21 -25.54 48.55
N THR M 205 -16.93 -25.83 48.30
CA THR M 205 -15.99 -24.98 47.54
C THR M 205 -16.22 -25.15 46.03
N TYR M 206 -16.24 -24.04 45.29
CA TYR M 206 -16.41 -24.00 43.81
C TYR M 206 -15.30 -23.10 43.21
N ILE M 207 -14.41 -23.71 42.41
CA ILE M 207 -13.24 -23.01 41.78
C ILE M 207 -13.14 -23.43 40.31
N CYS M 208 -13.51 -22.54 39.38
CA CYS M 208 -13.50 -22.78 37.92
C CYS M 208 -12.05 -22.83 37.41
N ASN M 209 -11.67 -23.97 36.79
CA ASN M 209 -10.34 -24.20 36.17
C ASN M 209 -10.37 -23.74 34.71
N VAL M 210 -9.34 -22.98 34.30
CA VAL M 210 -9.20 -22.35 32.96
C VAL M 210 -7.85 -22.75 32.35
N ASN M 211 -7.83 -23.02 31.04
CA ASN M 211 -6.62 -23.41 30.27
C ASN M 211 -6.67 -22.74 28.89
N HIS M 212 -5.54 -22.13 28.48
CA HIS M 212 -5.37 -21.44 27.17
C HIS M 212 -3.99 -21.78 26.59
N LYS M 213 -3.90 -22.91 25.86
CA LYS M 213 -2.65 -23.53 25.33
C LYS M 213 -1.80 -22.53 24.56
N PRO M 214 -2.39 -21.64 23.72
CA PRO M 214 -1.60 -20.64 22.99
C PRO M 214 -0.68 -19.82 23.91
N SER M 215 -1.26 -19.07 24.84
CA SER M 215 -0.55 -18.37 25.95
C SER M 215 -0.08 -19.39 26.98
N ASN M 216 -0.56 -20.64 26.87
CA ASN M 216 -0.23 -21.77 27.77
C ASN M 216 -0.44 -21.32 29.21
N THR M 217 -1.43 -20.44 29.44
CA THR M 217 -1.76 -19.85 30.77
C THR M 217 -2.71 -20.80 31.50
N LYS M 218 -2.34 -21.23 32.71
CA LYS M 218 -3.18 -22.06 33.61
C LYS M 218 -3.74 -21.18 34.73
N VAL M 219 -5.03 -21.33 35.04
CA VAL M 219 -5.75 -20.47 36.04
C VAL M 219 -6.89 -21.28 36.65
N ASP M 220 -6.94 -21.33 37.99
CA ASP M 220 -8.09 -21.82 38.78
C ASP M 220 -8.30 -20.87 39.97
N LYS M 221 -9.49 -20.27 40.08
CA LYS M 221 -9.84 -19.29 41.15
C LYS M 221 -11.19 -19.68 41.78
N LYS M 222 -11.28 -19.57 43.11
CA LYS M 222 -12.46 -19.98 43.93
C LYS M 222 -13.59 -18.95 43.80
N VAL M 223 -14.75 -19.26 44.36
CA VAL M 223 -15.97 -18.38 44.40
C VAL M 223 -16.51 -18.33 45.84
N GLU M 224 -16.85 -17.14 46.32
CA GLU M 224 -17.26 -16.88 47.73
C GLU M 224 -17.76 -15.45 47.86
N PRO M 225 -18.45 -15.08 48.96
CA PRO M 225 -18.89 -13.71 49.19
C PRO M 225 -17.72 -12.70 49.25
N VAL N 5 17.48 -66.45 -60.15
CA VAL N 5 17.83 -65.58 -58.99
C VAL N 5 18.75 -66.37 -58.04
N GLN N 6 19.46 -65.66 -57.15
CA GLN N 6 20.40 -66.25 -56.16
C GLN N 6 20.47 -65.36 -54.92
N LEU N 7 20.35 -65.95 -53.73
CA LEU N 7 20.47 -65.26 -52.41
C LEU N 7 21.86 -65.53 -51.83
N VAL N 8 22.57 -64.48 -51.42
CA VAL N 8 23.96 -64.53 -50.88
C VAL N 8 23.89 -64.59 -49.35
N GLU N 9 24.16 -65.76 -48.76
CA GLU N 9 24.10 -66.01 -47.30
C GLU N 9 25.51 -66.32 -46.78
N SER N 10 26.07 -65.41 -45.96
CA SER N 10 27.42 -65.52 -45.35
C SER N 10 27.48 -64.74 -44.03
N GLY N 11 28.58 -64.88 -43.30
CA GLY N 11 28.85 -64.14 -42.04
C GLY N 11 28.40 -64.90 -40.80
N GLY N 12 28.48 -66.24 -40.84
CA GLY N 12 28.03 -67.13 -39.75
C GLY N 12 29.09 -67.27 -38.67
N GLY N 13 29.30 -68.51 -38.17
CA GLY N 13 30.42 -68.89 -37.27
C GLY N 13 29.99 -69.09 -35.83
N LEU N 14 30.91 -69.55 -34.98
CA LEU N 14 30.71 -69.73 -33.51
C LEU N 14 31.35 -68.54 -32.78
N VAL N 15 30.77 -68.12 -31.65
CA VAL N 15 31.21 -66.92 -30.87
C VAL N 15 30.80 -67.09 -29.41
N GLN N 16 31.26 -66.19 -28.53
CA GLN N 16 30.94 -66.14 -27.08
C GLN N 16 29.93 -65.02 -26.83
N PRO N 17 29.22 -65.04 -25.67
CA PRO N 17 28.22 -64.00 -25.38
C PRO N 17 28.80 -62.58 -25.37
N GLY N 18 27.92 -61.58 -25.47
CA GLY N 18 28.26 -60.16 -25.61
C GLY N 18 28.80 -59.82 -27.00
N GLY N 19 29.09 -60.84 -27.82
CA GLY N 19 29.63 -60.69 -29.19
C GLY N 19 28.59 -60.14 -30.15
N SER N 20 29.05 -59.49 -31.22
CA SER N 20 28.21 -58.87 -32.28
C SER N 20 28.73 -59.29 -33.67
N LEU N 21 27.99 -60.17 -34.35
CA LEU N 21 28.30 -60.62 -35.74
C LEU N 21 27.26 -60.03 -36.70
N ARG N 22 27.72 -59.51 -37.86
CA ARG N 22 26.85 -58.92 -38.91
C ARG N 22 26.59 -59.96 -39.99
N LEU N 23 25.37 -60.51 -40.03
CA LEU N 23 24.92 -61.51 -41.04
C LEU N 23 24.59 -60.78 -42.34
N SER N 24 25.46 -60.91 -43.36
CA SER N 24 25.38 -60.20 -44.66
C SER N 24 24.46 -60.96 -45.62
N CYS N 25 23.67 -60.22 -46.42
CA CYS N 25 22.75 -60.76 -47.46
C CYS N 25 22.80 -59.84 -48.69
N ALA N 26 23.43 -60.30 -49.78
CA ALA N 26 23.64 -59.53 -51.03
C ALA N 26 22.65 -59.99 -52.12
N ALA N 27 22.13 -59.03 -52.89
CA ALA N 27 21.09 -59.22 -53.92
C ALA N 27 21.72 -59.73 -55.22
N SER N 28 21.22 -60.86 -55.73
CA SER N 28 21.66 -61.52 -57.00
C SER N 28 20.44 -62.03 -57.77
N GLY N 29 20.24 -61.54 -59.00
CA GLY N 29 19.10 -61.89 -59.86
C GLY N 29 17.78 -61.42 -59.29
N PHE N 30 17.77 -60.25 -58.65
CA PHE N 30 16.57 -59.58 -58.07
C PHE N 30 16.99 -58.21 -57.52
N ASN N 31 16.24 -57.16 -57.87
CA ASN N 31 16.43 -55.78 -57.36
C ASN N 31 15.84 -55.69 -55.95
N LEU N 32 16.67 -55.90 -54.93
CA LEU N 32 16.28 -55.81 -53.49
C LEU N 32 15.71 -54.41 -53.21
N TYR N 33 16.31 -53.38 -53.82
CA TYR N 33 15.99 -51.94 -53.65
C TYR N 33 14.48 -51.68 -53.66
N SER N 34 13.73 -52.45 -54.47
CA SER N 34 12.24 -52.41 -54.59
C SER N 34 11.62 -53.57 -53.79
N SER N 35 12.28 -54.73 -53.80
CA SER N 35 11.91 -55.94 -53.02
C SER N 35 11.97 -55.61 -51.52
N SER N 36 11.81 -56.64 -50.68
CA SER N 36 12.00 -56.60 -49.20
C SER N 36 12.45 -57.98 -48.73
N ILE N 37 13.48 -58.03 -47.87
CA ILE N 37 14.08 -59.28 -47.33
C ILE N 37 13.71 -59.38 -45.85
N HIS N 38 13.43 -60.61 -45.39
CA HIS N 38 13.11 -60.95 -43.98
C HIS N 38 14.12 -62.00 -43.47
N TRP N 39 14.40 -62.01 -42.16
CA TRP N 39 15.28 -63.00 -41.48
C TRP N 39 14.46 -63.81 -40.47
N VAL N 40 14.71 -65.13 -40.41
CA VAL N 40 13.96 -66.07 -39.53
C VAL N 40 14.87 -67.27 -39.21
N ARG N 41 15.00 -67.58 -37.91
CA ARG N 41 15.95 -68.57 -37.35
C ARG N 41 15.24 -69.90 -37.08
N GLN N 42 15.91 -71.01 -37.42
CA GLN N 42 15.44 -72.40 -37.19
C GLN N 42 16.34 -73.04 -36.12
N ALA N 43 15.91 -73.03 -34.87
CA ALA N 43 16.55 -73.76 -33.75
C ALA N 43 16.58 -75.24 -34.07
N PRO N 44 17.65 -75.99 -33.68
CA PRO N 44 17.68 -77.44 -33.85
C PRO N 44 16.40 -78.10 -33.29
N GLY N 45 15.69 -78.85 -34.12
CA GLY N 45 14.43 -79.54 -33.76
C GLY N 45 13.29 -78.57 -33.51
N LYS N 46 13.38 -77.34 -34.06
CA LYS N 46 12.32 -76.30 -34.00
C LYS N 46 12.15 -75.68 -35.39
N GLY N 47 11.00 -75.03 -35.62
CA GLY N 47 10.64 -74.39 -36.90
C GLY N 47 11.15 -72.96 -36.98
N LEU N 48 10.67 -72.19 -37.95
CA LEU N 48 11.12 -70.80 -38.24
C LEU N 48 10.68 -69.85 -37.13
N GLU N 49 11.29 -68.66 -37.08
CA GLU N 49 10.93 -67.52 -36.19
C GLU N 49 11.18 -66.21 -36.92
N TRP N 50 10.15 -65.65 -37.58
CA TRP N 50 10.20 -64.40 -38.39
C TRP N 50 10.91 -63.32 -37.59
N VAL N 51 12.22 -63.19 -37.78
CA VAL N 51 13.11 -62.25 -37.05
C VAL N 51 12.72 -60.81 -37.41
N ALA N 52 12.93 -60.42 -38.67
CA ALA N 52 12.80 -59.03 -39.15
C ALA N 52 12.33 -59.00 -40.61
N SER N 53 12.41 -57.82 -41.23
CA SER N 53 12.00 -57.53 -42.62
C SER N 53 12.42 -56.10 -43.01
N ILE N 54 12.88 -55.92 -44.25
CA ILE N 54 13.24 -54.60 -44.84
C ILE N 54 13.53 -54.78 -46.33
N SER N 55 15.09 -52.32 -49.06
CA SER N 55 15.09 -50.92 -48.56
C SER N 55 13.65 -50.49 -48.29
N PRO N 56 12.79 -51.35 -47.69
CA PRO N 56 11.71 -51.98 -48.46
C PRO N 56 11.07 -50.89 -49.33
N SER N 57 11.88 -50.35 -50.25
CA SER N 57 11.61 -49.14 -51.08
C SER N 57 11.55 -47.88 -50.20
N SER N 58 11.16 -48.01 -48.92
CA SER N 58 10.72 -46.90 -48.04
C SER N 58 11.49 -46.85 -46.71
N GLY N 59 12.21 -47.92 -46.36
CA GLY N 59 13.02 -47.98 -45.11
C GLY N 59 12.20 -48.48 -43.93
N SER N 60 11.46 -49.58 -44.13
CA SER N 60 10.67 -50.34 -43.12
C SER N 60 11.58 -50.99 -42.06
N THR N 61 11.85 -50.26 -40.97
CA THR N 61 12.40 -50.80 -39.71
C THR N 61 11.36 -51.75 -39.11
N TYR N 62 11.42 -53.04 -39.48
CA TYR N 62 10.44 -54.08 -39.11
C TYR N 62 11.16 -55.31 -38.53
N TYR N 63 10.99 -55.57 -37.22
CA TYR N 63 11.70 -56.65 -36.49
C TYR N 63 10.82 -57.17 -35.34
N ALA N 64 10.85 -58.48 -35.11
CA ALA N 64 10.03 -59.20 -34.09
C ALA N 64 10.50 -58.82 -32.68
N ASP N 65 9.62 -59.02 -31.69
CA ASP N 65 9.83 -58.68 -30.26
C ASP N 65 10.98 -59.53 -29.68
N SER N 66 11.12 -60.77 -30.17
CA SER N 66 12.11 -61.79 -29.71
C SER N 66 13.52 -61.18 -29.62
N VAL N 67 13.94 -60.44 -30.65
CA VAL N 67 15.28 -59.76 -30.71
C VAL N 67 15.05 -58.25 -30.86
N LYS N 68 14.01 -57.73 -30.22
CA LYS N 68 13.57 -56.30 -30.30
C LYS N 68 14.72 -55.39 -29.87
N GLY N 69 15.46 -54.83 -30.84
CA GLY N 69 16.59 -53.91 -30.59
C GLY N 69 17.90 -54.63 -30.35
N ARG N 70 17.85 -55.79 -29.66
CA ARG N 70 19.01 -56.70 -29.43
C ARG N 70 19.73 -56.95 -30.77
N PHE N 71 18.95 -57.06 -31.85
CA PHE N 71 19.42 -57.07 -33.25
C PHE N 71 18.91 -55.82 -33.97
N THR N 72 19.62 -55.40 -35.03
CA THR N 72 19.25 -54.30 -35.96
C THR N 72 19.64 -54.70 -37.39
N ILE N 73 18.64 -54.89 -38.26
CA ILE N 73 18.82 -55.32 -39.69
C ILE N 73 18.70 -54.09 -40.59
N SER N 74 19.53 -54.02 -41.64
CA SER N 74 19.54 -52.93 -42.66
C SER N 74 20.16 -53.43 -43.96
N ALA N 75 20.38 -52.53 -44.93
CA ALA N 75 20.84 -52.89 -46.29
C ALA N 75 21.43 -51.68 -47.04
N ASP N 76 22.33 -51.97 -47.98
CA ASP N 76 22.98 -51.01 -48.92
C ASP N 76 22.48 -51.31 -50.35
N THR N 77 21.51 -50.51 -50.81
CA THR N 77 20.94 -50.55 -52.18
C THR N 77 22.09 -50.40 -53.19
N SER N 78 22.96 -49.42 -52.95
CA SER N 78 24.11 -49.04 -53.82
C SER N 78 24.98 -50.26 -54.18
N LYS N 79 25.03 -51.27 -53.30
CA LYS N 79 25.83 -52.51 -53.51
C LYS N 79 24.91 -53.72 -53.75
N ASN N 80 23.59 -53.50 -53.75
CA ASN N 80 22.57 -54.58 -53.79
C ASN N 80 22.89 -55.56 -52.66
N THR N 81 23.02 -55.04 -51.43
CA THR N 81 23.52 -55.79 -50.24
C THR N 81 22.71 -55.42 -48.99
N ALA N 82 22.45 -56.39 -48.13
CA ALA N 82 21.70 -56.25 -46.87
C ALA N 82 22.52 -56.86 -45.72
N TYR N 83 22.14 -56.56 -44.48
CA TYR N 83 22.82 -57.05 -43.24
C TYR N 83 21.80 -57.23 -42.12
N LEU N 84 22.18 -58.02 -41.10
CA LEU N 84 21.38 -58.32 -39.89
C LEU N 84 22.32 -58.48 -38.68
N GLN N 85 22.52 -57.41 -37.91
CA GLN N 85 23.32 -57.39 -36.65
C GLN N 85 22.40 -56.99 -35.49
N MET N 86 22.21 -60.54 -36.04
CA MET N 86 22.16 -60.44 -34.56
C MET N 86 23.58 -60.36 -34.00
N ASN N 87 23.31 -57.48 -32.19
CA ASN N 87 24.46 -57.55 -31.26
C ASN N 87 24.87 -59.01 -31.07
N SER N 88 24.91 -59.27 -27.63
CA SER N 88 23.61 -59.06 -26.94
C SER N 88 22.47 -59.76 -27.69
N LEU N 89 24.87 -62.07 -29.37
CA LEU N 89 24.09 -62.77 -28.31
C LEU N 89 24.71 -62.50 -26.94
N ARG N 90 21.37 -63.16 -26.43
CA ARG N 90 21.86 -64.25 -25.54
C ARG N 90 21.98 -65.56 -26.33
N ALA N 91 22.56 -66.60 -25.70
CA ALA N 91 22.72 -67.97 -26.24
C ALA N 91 21.35 -68.55 -26.63
N GLU N 92 20.27 -68.02 -26.03
CA GLU N 92 18.87 -68.32 -26.41
C GLU N 92 18.71 -68.22 -27.94
N ASP N 93 19.36 -67.25 -28.57
CA ASP N 93 19.29 -66.96 -30.02
C ASP N 93 20.28 -67.84 -30.79
N THR N 94 20.99 -68.76 -30.12
CA THR N 94 21.87 -69.79 -30.73
C THR N 94 21.01 -70.73 -31.59
N ALA N 95 20.99 -70.51 -32.91
CA ALA N 95 20.20 -71.28 -33.89
C ALA N 95 20.64 -70.94 -35.32
N VAL N 96 20.53 -71.92 -36.23
CA VAL N 96 20.82 -71.77 -37.69
C VAL N 96 19.86 -70.74 -38.27
N TYR N 97 20.40 -69.63 -38.78
CA TYR N 97 19.64 -68.47 -39.32
C TYR N 97 19.80 -68.40 -40.85
N TYR N 98 18.69 -68.23 -41.56
CA TYR N 98 18.61 -68.05 -43.04
C TYR N 98 17.75 -66.82 -43.35
N CYS N 99 18.28 -65.89 -44.16
CA CYS N 99 17.61 -64.64 -44.58
C CYS N 99 17.14 -64.78 -46.04
N ALA N 100 15.93 -64.30 -46.34
CA ALA N 100 15.22 -64.49 -47.63
C ALA N 100 14.27 -63.31 -47.89
N ARG N 101 13.61 -63.29 -49.06
CA ARG N 101 12.71 -62.20 -49.51
C ARG N 101 11.29 -62.73 -49.70
N THR N 102 10.36 -62.30 -48.84
CA THR N 102 8.89 -62.38 -49.05
C THR N 102 8.42 -61.06 -49.65
N SER N 103 9.23 -60.49 -50.55
CA SER N 103 9.20 -59.07 -50.99
C SER N 103 7.81 -58.69 -51.50
N ARG N 104 7.34 -57.48 -51.18
CA ARG N 104 6.12 -56.86 -51.75
C ARG N 104 6.53 -55.85 -52.82
N GLY N 105 7.69 -56.08 -53.47
CA GLY N 105 8.25 -55.23 -54.53
C GLY N 105 7.74 -55.64 -55.91
N TRP N 106 8.66 -55.88 -56.85
CA TRP N 106 8.38 -56.21 -58.27
C TRP N 106 8.88 -57.63 -58.63
N ILE N 107 9.94 -58.12 -57.97
CA ILE N 107 10.75 -59.29 -58.40
C ILE N 107 10.39 -60.55 -57.60
N SER N 108 9.82 -60.43 -56.40
CA SER N 108 9.54 -61.55 -55.47
C SER N 108 8.02 -61.74 -55.29
N TYR N 109 7.63 -62.68 -54.41
CA TYR N 109 6.24 -63.19 -54.25
C TYR N 109 5.26 -62.07 -53.86
N GLY N 110 5.49 -61.44 -52.70
CA GLY N 110 4.52 -60.52 -52.07
C GLY N 110 3.57 -61.26 -51.15
N SER N 111 3.23 -62.50 -51.52
CA SER N 111 2.32 -63.41 -50.77
C SER N 111 3.08 -64.13 -49.66
N GLY N 112 4.35 -64.50 -49.91
CA GLY N 112 5.21 -65.17 -48.91
C GLY N 112 6.64 -65.38 -49.41
N LEU N 113 7.33 -66.38 -48.86
CA LEU N 113 8.77 -66.69 -49.12
C LEU N 113 8.98 -66.88 -50.63
N ASP N 114 9.49 -65.83 -51.30
CA ASP N 114 9.84 -65.83 -52.76
C ASP N 114 10.90 -66.91 -53.02
N TYR N 115 11.82 -67.09 -52.08
CA TYR N 115 12.89 -68.12 -52.08
C TYR N 115 13.42 -68.30 -50.67
N TRP N 116 14.45 -69.15 -50.51
CA TRP N 116 15.12 -69.44 -49.22
C TRP N 116 16.63 -69.20 -49.37
N GLY N 117 17.23 -68.52 -48.38
CA GLY N 117 18.68 -68.24 -48.31
C GLY N 117 19.45 -69.46 -47.85
N GLN N 118 20.68 -69.64 -48.34
CA GLN N 118 21.57 -70.79 -48.05
C GLN N 118 21.53 -71.11 -46.55
N GLY N 119 21.54 -70.08 -45.70
CA GLY N 119 21.52 -70.20 -44.23
C GLY N 119 22.91 -70.53 -43.69
N THR N 120 23.35 -69.79 -42.67
CA THR N 120 24.66 -69.99 -41.99
C THR N 120 24.43 -70.27 -40.50
N LEU N 121 24.99 -71.37 -39.99
CA LEU N 121 24.81 -71.87 -38.60
C LEU N 121 25.63 -70.99 -37.65
N VAL N 122 24.95 -70.36 -36.68
CA VAL N 122 25.57 -69.49 -35.63
C VAL N 122 25.45 -70.21 -34.28
N THR N 123 26.58 -70.57 -33.66
CA THR N 123 26.66 -71.21 -32.32
C THR N 123 27.27 -70.19 -31.35
N VAL N 124 26.45 -69.65 -30.45
CA VAL N 124 26.80 -68.51 -29.53
C VAL N 124 26.91 -69.03 -28.09
N PHE N 125 28.04 -69.65 -27.78
CA PHE N 125 28.41 -70.29 -26.48
C PHE N 125 29.75 -70.98 -26.69
N ASN N 126 30.68 -70.87 -25.74
CA ASN N 126 32.12 -71.17 -25.98
C ASN N 126 32.72 -71.99 -24.83
N GLN N 127 33.29 -73.15 -25.19
CA GLN N 127 34.25 -73.93 -24.36
C GLN N 127 35.25 -74.61 -25.30
N ILE N 128 35.02 -75.90 -25.62
CA ILE N 128 35.98 -76.85 -26.26
C ILE N 128 35.80 -78.21 -25.56
N LYS N 129 35.60 -79.30 -26.31
CA LYS N 129 34.96 -80.53 -25.76
C LYS N 129 35.16 -81.73 -26.70
N GLY N 130 34.40 -82.80 -26.46
CA GLY N 130 34.50 -84.09 -27.16
C GLY N 130 35.77 -84.85 -26.80
N PRO N 131 36.07 -85.05 -25.48
CA PRO N 131 37.26 -85.81 -25.07
C PRO N 131 36.98 -87.30 -24.80
N SER N 132 35.70 -87.71 -24.86
CA SER N 132 35.22 -89.05 -24.43
C SER N 132 35.31 -90.03 -25.60
N VAL N 133 35.95 -91.18 -25.36
CA VAL N 133 35.95 -92.38 -26.25
C VAL N 133 35.43 -93.56 -25.43
N PHE N 134 34.12 -93.80 -25.46
CA PHE N 134 33.40 -94.79 -24.62
C PHE N 134 32.89 -95.93 -25.50
N PRO N 135 33.65 -97.05 -25.62
CA PRO N 135 33.20 -98.19 -26.41
C PRO N 135 32.02 -98.92 -25.75
N LEU N 136 30.99 -99.22 -26.54
CA LEU N 136 29.77 -99.97 -26.09
C LEU N 136 29.70 -101.30 -26.84
N ALA N 137 30.50 -102.28 -26.41
CA ALA N 137 30.56 -103.65 -26.97
C ALA N 137 29.55 -104.53 -26.22
N PRO N 138 29.07 -105.64 -26.84
CA PRO N 138 28.16 -106.57 -26.16
C PRO N 138 28.87 -107.43 -25.12
N SER N 139 28.09 -108.05 -24.23
CA SER N 139 28.56 -109.00 -23.18
C SER N 139 29.13 -110.25 -23.84
N SER N 140 29.85 -111.08 -23.07
CA SER N 140 30.43 -112.38 -23.48
C SER N 140 29.35 -113.28 -24.08
N LYS N 141 28.10 -113.10 -23.64
CA LYS N 141 26.92 -113.86 -24.13
C LYS N 141 26.24 -113.11 -25.28
N SER N 142 27.02 -112.55 -26.22
CA SER N 142 26.53 -111.92 -27.46
C SER N 142 25.72 -112.96 -28.25
N THR N 143 24.58 -112.56 -28.82
CA THR N 143 23.62 -113.44 -29.55
C THR N 143 24.38 -114.29 -30.57
N SER N 144 24.71 -115.53 -30.21
CA SER N 144 25.43 -116.51 -31.05
C SER N 144 24.47 -117.11 -32.09
N GLY N 145 24.91 -117.18 -33.36
CA GLY N 145 24.09 -117.66 -34.49
C GLY N 145 23.13 -116.60 -35.01
N GLY N 146 23.02 -115.47 -34.31
CA GLY N 146 22.18 -114.31 -34.70
C GLY N 146 23.02 -113.08 -34.98
N THR N 147 22.40 -111.91 -34.97
CA THR N 147 23.06 -110.59 -35.18
C THR N 147 23.31 -109.93 -33.81
N ALA N 148 24.54 -109.51 -33.56
CA ALA N 148 24.98 -108.74 -32.36
C ALA N 148 25.49 -107.36 -32.80
N ALA N 149 25.29 -106.33 -31.98
CA ALA N 149 25.65 -104.92 -32.30
C ALA N 149 26.63 -104.38 -31.25
N LEU N 150 27.50 -103.46 -31.68
CA LEU N 150 28.53 -102.78 -30.84
C LEU N 150 28.92 -101.45 -31.50
N GLY N 151 29.46 -100.52 -30.71
CA GLY N 151 29.93 -99.21 -31.18
C GLY N 151 30.41 -98.32 -30.04
N CYS N 152 31.12 -97.23 -30.37
CA CYS N 152 31.72 -96.28 -29.40
C CYS N 152 30.67 -95.29 -28.90
N LEU N 153 31.07 -94.35 -28.04
CA LEU N 153 30.24 -93.24 -27.52
C LEU N 153 31.13 -92.01 -27.31
N VAL N 154 30.67 -90.84 -27.77
CA VAL N 154 31.36 -89.53 -27.62
C VAL N 154 30.51 -88.64 -26.70
N LYS N 155 30.90 -88.55 -25.43
CA LYS N 155 30.23 -87.74 -24.38
C LYS N 155 31.00 -86.43 -24.18
N ASP N 156 30.36 -85.47 -23.49
CA ASP N 156 30.95 -84.13 -23.19
C ASP N 156 31.39 -83.45 -24.50
N TYR N 157 30.50 -83.43 -25.51
CA TYR N 157 30.69 -82.74 -26.81
C TYR N 157 30.07 -81.35 -26.73
N PHE N 158 30.77 -80.32 -27.23
CA PHE N 158 30.31 -78.91 -27.18
C PHE N 158 31.22 -78.04 -28.06
N PRO N 159 30.69 -77.34 -29.09
CA PRO N 159 29.33 -77.51 -29.57
C PRO N 159 29.21 -78.68 -30.57
N GLU N 160 28.00 -78.90 -31.09
CA GLU N 160 27.76 -79.73 -32.31
C GLU N 160 28.44 -79.01 -33.47
N PRO N 161 28.88 -79.71 -34.54
CA PRO N 161 28.64 -81.14 -34.72
C PRO N 161 29.73 -82.10 -34.23
N VAL N 162 29.60 -83.38 -34.55
CA VAL N 162 30.61 -84.45 -34.31
C VAL N 162 30.61 -85.41 -35.51
N THR N 163 31.69 -85.43 -36.29
CA THR N 163 31.90 -86.34 -37.44
C THR N 163 32.25 -87.75 -36.93
N VAL N 164 31.53 -88.77 -37.40
CA VAL N 164 31.66 -90.19 -36.95
C VAL N 164 31.94 -91.09 -38.16
N SER N 165 32.63 -92.21 -37.94
CA SER N 165 32.92 -93.27 -38.94
C SER N 165 33.10 -94.61 -38.21
N TRP N 166 32.67 -95.72 -38.82
CA TRP N 166 32.79 -97.10 -38.30
C TRP N 166 33.84 -97.88 -39.12
N ASN N 167 34.88 -98.38 -38.45
CA ASN N 167 36.06 -99.03 -39.10
C ASN N 167 36.65 -98.06 -40.13
N SER N 168 36.81 -96.79 -39.74
CA SER N 168 37.20 -95.65 -40.61
C SER N 168 36.13 -95.47 -41.70
N GLY N 169 34.86 -95.63 -41.34
CA GLY N 169 33.70 -95.49 -42.24
C GLY N 169 33.56 -96.64 -43.25
N ALA N 170 34.46 -97.64 -43.20
CA ALA N 170 34.55 -98.75 -44.18
C ALA N 170 33.26 -99.58 -44.15
N LEU N 171 32.59 -99.67 -43.00
CA LEU N 171 31.31 -100.38 -42.80
C LEU N 171 30.18 -99.35 -42.62
N THR N 172 29.22 -99.33 -43.54
CA THR N 172 28.09 -98.36 -43.58
C THR N 172 26.79 -99.04 -43.10
N SER N 173 26.59 -100.30 -43.48
CA SER N 173 25.40 -101.12 -43.13
C SER N 173 25.34 -101.31 -41.61
N GLY N 174 24.14 -101.16 -41.02
CA GLY N 174 23.89 -101.37 -39.58
C GLY N 174 24.25 -100.16 -38.73
N VAL N 175 25.14 -99.29 -39.23
CA VAL N 175 25.68 -98.11 -38.49
C VAL N 175 24.56 -97.09 -38.29
N HIS N 176 24.35 -96.64 -37.05
CA HIS N 176 23.33 -95.63 -36.65
C HIS N 176 23.92 -94.68 -35.60
N THR N 177 24.10 -93.39 -35.94
CA THR N 177 24.72 -92.33 -35.09
C THR N 177 23.64 -91.59 -34.31
N PHE N 178 23.52 -91.86 -32.99
CA PHE N 178 22.52 -91.29 -32.07
C PHE N 178 22.54 -89.76 -32.16
N PRO N 179 21.37 -89.09 -32.02
CA PRO N 179 21.33 -87.63 -32.00
C PRO N 179 21.98 -86.99 -30.77
N ALA N 180 22.46 -85.77 -30.91
CA ALA N 180 23.13 -84.96 -29.86
C ALA N 180 22.13 -84.64 -28.74
N VAL N 181 22.39 -85.16 -27.54
CA VAL N 181 21.61 -84.84 -26.29
C VAL N 181 22.47 -83.92 -25.42
N LEU N 182 22.02 -82.69 -25.17
CA LEU N 182 22.72 -81.67 -24.35
C LEU N 182 22.62 -82.05 -22.87
N GLN N 183 23.76 -82.44 -22.27
CA GLN N 183 23.85 -82.89 -20.85
C GLN N 183 23.74 -81.68 -19.91
N SER N 184 23.36 -81.92 -18.65
CA SER N 184 23.10 -80.91 -17.59
C SER N 184 24.26 -79.91 -17.49
N SER N 185 25.51 -80.40 -17.59
CA SER N 185 26.76 -79.62 -17.49
C SER N 185 26.85 -78.58 -18.63
N GLY N 186 26.11 -78.79 -19.72
CA GLY N 186 26.15 -77.93 -20.92
C GLY N 186 27.06 -78.51 -21.98
N LEU N 187 27.04 -79.83 -22.15
CA LEU N 187 27.79 -80.58 -23.20
C LEU N 187 26.82 -81.52 -23.92
N TYR N 188 26.81 -81.48 -25.26
CA TYR N 188 26.08 -82.42 -26.14
C TYR N 188 26.70 -83.82 -26.00
N SER N 189 25.89 -84.86 -26.18
CA SER N 189 26.27 -86.28 -26.01
C SER N 189 25.42 -87.18 -26.92
N LEU N 190 26.06 -88.15 -27.57
CA LEU N 190 25.41 -89.17 -28.42
C LEU N 190 26.35 -90.38 -28.53
N SER N 191 26.04 -91.31 -29.44
CA SER N 191 26.82 -92.54 -29.70
C SER N 191 26.41 -93.14 -31.04
N SER N 192 27.02 -94.27 -31.41
CA SER N 192 26.71 -95.03 -32.65
C SER N 192 27.11 -96.49 -32.46
N VAL N 193 26.28 -97.42 -32.96
CA VAL N 193 26.58 -98.87 -32.97
C VAL N 193 26.08 -99.46 -34.29
N VAL N 194 26.41 -100.73 -34.55
CA VAL N 194 26.03 -101.46 -35.80
C VAL N 194 25.98 -102.96 -35.50
N THR N 195 24.99 -103.65 -36.09
CA THR N 195 24.78 -105.12 -35.97
C THR N 195 25.81 -105.86 -36.83
N VAL N 196 26.30 -107.01 -36.34
CA VAL N 196 27.32 -107.86 -37.02
C VAL N 196 27.25 -109.27 -36.42
N PRO N 197 27.68 -110.31 -37.17
CA PRO N 197 27.75 -111.67 -36.61
C PRO N 197 28.76 -111.78 -35.45
N SER N 198 28.42 -112.56 -34.43
CA SER N 198 29.29 -112.90 -33.28
C SER N 198 30.60 -113.50 -33.79
N SER N 199 30.53 -114.35 -34.82
CA SER N 199 31.68 -114.96 -35.52
C SER N 199 32.58 -113.87 -36.13
N SER N 200 31.98 -112.76 -36.57
CA SER N 200 32.68 -111.59 -37.17
C SER N 200 33.32 -110.72 -36.08
N LEU N 201 32.83 -110.82 -34.84
CA LEU N 201 33.36 -110.08 -33.66
C LEU N 201 34.80 -110.54 -33.38
N GLY N 202 34.99 -111.82 -33.05
CA GLY N 202 36.28 -112.41 -32.66
C GLY N 202 37.25 -112.54 -33.82
N THR N 203 36.82 -112.29 -35.06
CA THR N 203 37.61 -112.44 -36.30
C THR N 203 37.93 -111.07 -36.92
N GLN N 204 36.88 -110.32 -37.29
CA GLN N 204 36.99 -109.01 -37.99
C GLN N 204 37.09 -107.87 -36.97
N THR N 205 38.06 -106.97 -37.17
CA THR N 205 38.33 -105.79 -36.30
C THR N 205 37.33 -104.67 -36.62
N TYR N 206 36.78 -104.03 -35.58
CA TYR N 206 35.81 -102.91 -35.68
C TYR N 206 36.27 -101.77 -34.76
N ILE N 207 36.63 -100.62 -35.36
CA ILE N 207 37.17 -99.42 -34.65
C ILE N 207 36.49 -98.16 -35.22
N CYS N 208 35.57 -97.57 -34.45
CA CYS N 208 34.79 -96.36 -34.84
C CYS N 208 35.72 -95.13 -34.84
N ASN N 209 35.83 -94.46 -35.99
CA ASN N 209 36.62 -93.21 -36.19
C ASN N 209 35.73 -91.99 -35.88
N VAL N 210 36.24 -91.05 -35.09
CA VAL N 210 35.51 -89.84 -34.60
C VAL N 210 36.34 -88.59 -34.93
N ASN N 211 35.67 -87.50 -35.35
CA ASN N 211 36.29 -86.22 -35.74
C ASN N 211 35.42 -85.05 -35.26
N HIS N 212 36.03 -84.04 -34.63
CA HIS N 212 35.38 -82.79 -34.14
C HIS N 212 36.27 -81.59 -34.48
N LYS N 213 36.12 -81.05 -35.69
CA LYS N 213 36.97 -79.99 -36.30
C LYS N 213 37.13 -78.78 -35.37
N PRO N 214 36.06 -78.31 -34.67
CA PRO N 214 36.18 -77.17 -33.76
C PRO N 214 37.32 -77.35 -32.74
N SER N 215 37.21 -78.39 -31.89
CA SER N 215 38.29 -78.84 -30.97
C SER N 215 39.38 -79.54 -31.78
N ASN N 216 39.11 -79.84 -33.05
CA ASN N 216 40.03 -80.51 -34.00
C ASN N 216 40.56 -81.79 -33.34
N THR N 217 39.72 -82.43 -32.51
CA THR N 217 40.06 -83.66 -31.75
C THR N 217 39.80 -84.88 -32.64
N LYS N 218 40.83 -85.72 -32.84
CA LYS N 218 40.76 -86.97 -33.63
C LYS N 218 40.77 -88.16 -32.67
N VAL N 219 39.92 -89.16 -32.91
CA VAL N 219 39.77 -90.36 -32.05
C VAL N 219 39.30 -91.55 -32.91
N ASP N 220 40.02 -92.67 -32.83
CA ASP N 220 39.59 -94.00 -33.35
C ASP N 220 39.95 -95.05 -32.29
N LYS N 221 38.96 -95.81 -31.80
CA LYS N 221 39.13 -96.85 -30.74
C LYS N 221 38.43 -98.14 -31.18
N LYS N 222 39.08 -99.29 -30.95
CA LYS N 222 38.63 -100.64 -31.36
C LYS N 222 37.50 -101.14 -30.45
N VAL N 223 36.91 -102.28 -30.79
CA VAL N 223 35.83 -102.98 -30.03
C VAL N 223 36.20 -104.46 -29.88
N GLU N 224 36.03 -105.03 -28.68
CA GLU N 224 36.28 -106.46 -28.40
C GLU N 224 35.71 -106.82 -27.03
N PRO N 225 35.54 -108.12 -26.72
CA PRO N 225 35.04 -108.55 -25.40
C PRO N 225 35.92 -108.09 -24.24
N VAL O 5 6.35 4.08 -94.86
CA VAL O 5 7.35 3.53 -93.88
C VAL O 5 8.66 3.23 -94.61
N GLN O 6 9.75 3.10 -93.87
CA GLN O 6 11.11 2.82 -94.40
C GLN O 6 11.94 2.08 -93.34
N LEU O 7 12.60 0.98 -93.74
CA LEU O 7 13.53 0.19 -92.88
C LEU O 7 14.97 0.56 -93.22
N VAL O 8 15.78 0.88 -92.20
CA VAL O 8 17.19 1.35 -92.33
C VAL O 8 18.12 0.16 -92.17
N GLU O 9 18.73 -0.31 -93.27
CA GLU O 9 19.67 -1.47 -93.31
C GLU O 9 21.07 -0.98 -93.67
N SER O 10 22.02 -1.05 -92.72
CA SER O 10 23.43 -0.62 -92.89
C SER O 10 24.33 -1.41 -91.94
N GLY O 11 25.66 -1.26 -92.07
CA GLY O 11 26.68 -1.88 -91.22
C GLY O 11 27.18 -3.20 -91.79
N GLY O 12 27.22 -3.34 -93.12
CA GLY O 12 27.66 -4.55 -93.84
C GLY O 12 29.18 -4.63 -93.93
N GLY O 13 29.69 -5.09 -95.09
CA GLY O 13 31.12 -5.09 -95.45
C GLY O 13 31.75 -6.47 -95.37
N LEU O 14 33.04 -6.56 -95.75
CA LEU O 14 33.86 -7.79 -95.66
C LEU O 14 34.77 -7.71 -94.42
N VAL O 15 35.05 -8.84 -93.77
CA VAL O 15 35.83 -8.91 -92.51
C VAL O 15 36.54 -10.28 -92.43
N GLN O 16 37.46 -10.40 -91.46
CA GLN O 16 38.23 -11.64 -91.16
C GLN O 16 37.63 -12.31 -89.92
N PRO O 17 37.90 -13.62 -89.70
CA PRO O 17 37.36 -14.33 -88.54
C PRO O 17 37.74 -13.69 -87.20
N GLY O 18 37.01 -14.04 -86.13
CA GLY O 18 37.17 -13.45 -84.78
C GLY O 18 36.62 -12.03 -84.71
N GLY O 19 36.32 -11.41 -85.85
CA GLY O 19 35.82 -10.03 -85.95
C GLY O 19 34.39 -9.92 -85.47
N SER O 20 33.99 -8.72 -85.02
CA SER O 20 32.65 -8.40 -84.49
C SER O 20 32.12 -7.11 -85.15
N LEU O 21 31.13 -7.24 -86.04
CA LEU O 21 30.44 -6.11 -86.71
C LEU O 21 29.01 -5.99 -86.17
N ARG O 22 28.56 -4.77 -85.90
CA ARG O 22 27.20 -4.46 -85.38
C ARG O 22 26.30 -4.06 -86.55
N LEU O 23 25.38 -4.94 -86.95
CA LEU O 23 24.38 -4.71 -88.02
C LEU O 23 23.25 -3.83 -87.47
N SER O 24 23.22 -2.56 -87.86
CA SER O 24 22.27 -1.53 -87.35
C SER O 24 20.95 -1.59 -88.13
N CYS O 25 19.82 -1.38 -87.43
CA CYS O 25 18.45 -1.30 -88.01
C CYS O 25 17.67 -0.20 -87.29
N ALA O 26 17.45 0.93 -87.96
CA ALA O 26 16.81 2.16 -87.40
C ALA O 26 15.37 2.26 -87.89
N ALA O 27 14.48 2.72 -87.01
CA ALA O 27 13.01 2.83 -87.22
C ALA O 27 12.70 4.11 -88.00
N SER O 28 11.99 3.98 -89.13
CA SER O 28 11.53 5.10 -90.00
C SER O 28 10.10 4.82 -90.47
N GLY O 29 9.16 5.72 -90.13
CA GLY O 29 7.73 5.62 -90.48
C GLY O 29 7.06 4.44 -89.80
N PHE O 30 7.45 4.12 -88.57
CA PHE O 30 6.94 2.99 -87.76
C PHE O 30 7.55 3.05 -86.36
N ASN O 31 6.72 2.93 -85.31
CA ASN O 31 7.18 2.89 -83.89
C ASN O 31 7.67 1.47 -83.60
N LEU O 32 8.98 1.23 -83.74
CA LEU O 32 9.66 -0.05 -83.41
C LEU O 32 9.41 -0.37 -81.93
N TYR O 33 9.41 0.66 -81.07
CA TYR O 33 9.26 0.59 -79.59
C TYR O 33 8.13 -0.36 -79.18
N SER O 34 7.05 -0.42 -79.97
CA SER O 34 5.88 -1.33 -79.79
C SER O 34 5.99 -2.52 -80.73
N SER O 35 6.49 -2.30 -81.96
CA SER O 35 6.77 -3.33 -82.98
C SER O 35 7.82 -4.32 -82.46
N SER O 36 8.29 -5.21 -83.33
CA SER O 36 9.43 -6.14 -83.10
C SER O 36 10.09 -6.46 -84.45
N ILE O 37 11.42 -6.43 -84.49
CA ILE O 37 12.24 -6.68 -85.72
C ILE O 37 12.96 -8.02 -85.56
N HIS O 38 13.06 -8.76 -86.67
CA HIS O 38 13.76 -10.08 -86.76
C HIS O 38 14.86 -9.99 -87.83
N TRP O 39 15.94 -10.77 -87.70
CA TRP O 39 17.06 -10.86 -88.67
C TRP O 39 17.15 -12.29 -89.23
N VAL O 40 17.39 -12.42 -90.53
CA VAL O 40 17.43 -13.74 -91.24
C VAL O 40 18.34 -13.61 -92.47
N ARG O 41 19.28 -14.54 -92.61
CA ARG O 41 20.38 -14.52 -93.62
C ARG O 41 20.03 -15.42 -94.80
N GLN O 42 20.31 -14.96 -96.02
CA GLN O 42 20.15 -15.72 -97.29
C GLN O 42 21.53 -16.01 -97.87
N ALA O 43 22.06 -17.20 -97.61
CA ALA O 43 23.31 -17.73 -98.23
C ALA O 43 23.12 -17.75 -99.73
N PRO O 44 24.19 -17.47 -100.53
CA PRO O 44 24.14 -17.63 -101.98
C PRO O 44 23.59 -19.00 -102.38
N GLY O 45 22.51 -19.03 -103.17
CA GLY O 45 21.84 -20.27 -103.64
C GLY O 45 21.14 -21.01 -102.50
N LYS O 46 20.83 -20.32 -101.41
CA LYS O 46 20.08 -20.87 -100.24
C LYS O 46 19.00 -19.87 -99.81
N GLY O 47 18.00 -20.35 -99.08
CA GLY O 47 16.85 -19.56 -98.58
C GLY O 47 17.14 -18.88 -97.27
N LEU O 48 16.11 -18.38 -96.58
CA LEU O 48 16.20 -17.57 -95.33
C LEU O 48 16.66 -18.46 -94.17
N GLU O 49 17.12 -17.81 -93.07
CA GLU O 49 17.45 -18.46 -91.78
C GLU O 49 17.12 -17.49 -90.63
N TRP O 50 15.91 -17.60 -90.07
CA TRP O 50 15.37 -16.72 -88.99
C TRP O 50 16.42 -16.63 -87.87
N VAL O 51 17.27 -15.60 -87.94
CA VAL O 51 18.41 -15.37 -87.01
C VAL O 51 17.86 -15.09 -85.61
N ALA O 52 17.17 -13.96 -85.44
CA ALA O 52 16.73 -13.44 -84.13
C ALA O 52 15.41 -12.68 -84.26
N SER O 53 15.04 -11.96 -83.20
CA SER O 53 13.80 -11.15 -83.07
C SER O 53 13.84 -10.33 -81.78
N ILE O 54 13.37 -9.08 -81.84
CA ILE O 54 13.28 -8.14 -80.68
C ILE O 54 12.49 -6.90 -81.10
N SER O 55 11.77 -3.41 -79.30
CA SER O 55 12.09 -3.49 -77.84
C SER O 55 11.22 -4.56 -77.19
N PRO O 56 11.00 -5.73 -77.84
CA PRO O 56 9.69 -6.01 -78.43
C PRO O 56 8.63 -5.62 -77.39
N SER O 57 8.58 -4.31 -77.10
CA SER O 57 7.83 -3.69 -75.98
C SER O 57 8.40 -4.10 -74.62
N SER O 58 8.99 -5.30 -74.51
CA SER O 58 9.28 -6.01 -73.24
C SER O 58 10.76 -6.42 -73.11
N GLY O 59 11.53 -6.39 -74.21
CA GLY O 59 12.96 -6.76 -74.21
C GLY O 59 13.17 -8.25 -74.42
N SER O 60 12.48 -8.82 -75.41
CA SER O 60 12.56 -10.23 -75.89
C SER O 60 13.93 -10.54 -76.51
N THR O 61 14.86 -11.02 -75.68
CA THR O 61 16.11 -11.70 -76.12
C THR O 61 15.71 -13.01 -76.81
N TYR O 62 15.49 -12.96 -78.13
CA TYR O 62 14.97 -14.07 -78.97
C TYR O 62 15.88 -14.27 -80.18
N TYR O 63 16.61 -15.39 -80.25
CA TYR O 63 17.64 -15.68 -81.28
C TYR O 63 17.74 -17.20 -81.52
N ALA O 64 17.97 -17.59 -82.79
CA ALA O 64 18.04 -18.99 -83.25
C ALA O 64 19.29 -19.68 -82.71
N ASP O 65 19.27 -21.01 -82.65
CA ASP O 65 20.36 -21.88 -82.13
C ASP O 65 21.63 -21.72 -83.00
N SER O 66 21.46 -21.48 -84.31
CA SER O 66 22.54 -21.36 -85.32
C SER O 66 23.63 -20.40 -84.84
N VAL O 67 23.26 -19.23 -84.30
CA VAL O 67 24.19 -18.20 -83.74
C VAL O 67 23.89 -17.98 -82.26
N LYS O 68 23.52 -19.05 -81.55
CA LYS O 68 23.07 -19.03 -80.13
C LYS O 68 24.18 -18.43 -79.27
N GLY O 69 24.07 -17.14 -78.93
CA GLY O 69 25.03 -16.42 -78.07
C GLY O 69 26.20 -15.85 -78.87
N ARG O 70 26.67 -16.57 -79.90
CA ARG O 70 27.72 -16.12 -80.85
C ARG O 70 27.37 -14.72 -81.37
N PHE O 71 26.07 -14.47 -81.57
CA PHE O 71 25.49 -13.13 -81.85
C PHE O 71 24.58 -12.72 -80.67
N THR O 72 24.42 -11.41 -80.48
CA THR O 72 23.48 -10.78 -79.51
C THR O 72 22.81 -9.56 -80.16
N ILE O 73 21.49 -9.62 -80.37
CA ILE O 73 20.67 -8.56 -81.03
C ILE O 73 19.95 -7.76 -79.95
N SER O 74 19.85 -6.44 -80.14
CA SER O 74 19.15 -5.49 -79.22
C SER O 74 18.74 -4.22 -79.98
N ALA O 75 18.23 -3.21 -79.27
CA ALA O 75 17.69 -1.97 -79.87
C ALA O 75 17.61 -0.82 -78.87
N ASP O 76 17.70 0.41 -79.40
CA ASP O 76 17.60 1.70 -78.67
C ASP O 76 16.32 2.41 -79.10
N THR O 77 15.26 2.31 -78.28
CA THR O 77 13.96 3.01 -78.45
C THR O 77 14.21 4.51 -78.57
N SER O 78 15.04 5.05 -77.67
CA SER O 78 15.40 6.49 -77.55
C SER O 78 15.84 7.09 -78.89
N LYS O 79 16.44 6.27 -79.77
CA LYS O 79 16.94 6.68 -81.11
C LYS O 79 16.07 6.08 -82.22
N ASN O 80 15.04 5.31 -81.86
CA ASN O 80 14.24 4.51 -82.82
C ASN O 80 15.20 3.66 -83.66
N THR O 81 16.07 2.89 -82.99
CA THR O 81 17.21 2.16 -83.60
C THR O 81 17.37 0.78 -82.97
N ALA O 82 17.72 -0.22 -83.78
CA ALA O 82 18.01 -1.61 -83.37
C ALA O 82 19.38 -2.03 -83.89
N TYR O 83 19.93 -3.13 -83.35
CA TYR O 83 21.26 -3.66 -83.72
C TYR O 83 21.27 -5.19 -83.63
N LEU O 84 22.25 -5.82 -84.30
CA LEU O 84 22.50 -7.28 -84.30
C LEU O 84 24.00 -7.56 -84.38
N GLN O 85 24.65 -7.77 -83.22
CA GLN O 85 26.09 -8.14 -83.10
C GLN O 85 26.19 -9.52 -82.44
N MET O 86 25.73 -9.92 -85.99
CA MET O 86 26.69 -11.01 -85.66
C MET O 86 28.12 -10.45 -85.67
N ASN O 87 29.08 -11.44 -82.54
CA ASN O 87 30.57 -11.40 -82.63
C ASN O 87 31.00 -11.52 -84.09
N SER O 88 33.32 -14.07 -83.91
CA SER O 88 32.82 -15.40 -83.47
C SER O 88 31.48 -15.71 -84.14
N LEU O 89 32.14 -13.29 -86.88
CA LEU O 89 32.28 -14.70 -87.36
C LEU O 89 33.66 -15.25 -86.98
N ARG O 90 31.52 -17.92 -87.22
CA ARG O 90 32.49 -18.45 -88.22
C ARG O 90 32.08 -18.02 -89.63
N ALA O 91 32.94 -18.29 -90.61
CA ALA O 91 32.72 -18.06 -92.07
C ALA O 91 31.45 -18.77 -92.53
N GLU O 92 31.03 -19.81 -91.81
CA GLU O 92 29.73 -20.51 -91.99
C GLU O 92 28.60 -19.47 -92.12
N ASP O 93 28.66 -18.39 -91.33
CA ASP O 93 27.64 -17.32 -91.27
C ASP O 93 27.87 -16.28 -92.38
N THR O 94 28.87 -16.49 -93.24
CA THR O 94 29.15 -15.66 -94.45
C THR O 94 27.98 -15.76 -95.41
N ALA O 95 27.08 -14.77 -95.40
CA ALA O 95 25.84 -14.73 -96.23
C ALA O 95 25.21 -13.34 -96.18
N VAL O 96 24.54 -12.94 -97.27
CA VAL O 96 23.78 -11.66 -97.39
C VAL O 96 22.65 -11.67 -96.37
N TYR O 97 22.68 -10.73 -95.41
CA TYR O 97 21.73 -10.63 -94.28
C TYR O 97 20.84 -9.39 -94.47
N TYR O 98 19.52 -9.57 -94.29
CA TYR O 98 18.50 -8.49 -94.27
C TYR O 98 17.65 -8.61 -93.00
N CYS O 99 17.52 -7.51 -92.26
CA CYS O 99 16.74 -7.40 -91.00
C CYS O 99 15.43 -6.65 -91.30
N ALA O 100 14.32 -7.13 -90.73
CA ALA O 100 12.93 -6.66 -91.01
C ALA O 100 12.04 -6.87 -89.78
N ARG O 101 10.77 -6.44 -89.84
CA ARG O 101 9.79 -6.52 -88.73
C ARG O 101 8.61 -7.41 -89.09
N THR O 102 8.51 -8.57 -88.43
CA THR O 102 7.28 -9.41 -88.38
C THR O 102 6.52 -9.04 -87.10
N SER O 103 6.51 -7.74 -86.78
CA SER O 103 6.17 -7.16 -85.45
C SER O 103 4.80 -7.65 -84.98
N ARG O 104 4.66 -7.95 -83.69
CA ARG O 104 3.36 -8.23 -83.02
C ARG O 104 2.92 -6.98 -82.24
N GLY O 105 3.32 -5.79 -82.71
CA GLY O 105 3.01 -4.48 -82.12
C GLY O 105 1.70 -3.91 -82.68
N TRP O 106 1.73 -2.66 -83.17
CA TRP O 106 0.55 -1.91 -83.67
C TRP O 106 0.70 -1.58 -85.17
N ILE O 107 1.93 -1.43 -85.67
CA ILE O 107 2.24 -0.82 -87.01
C ILE O 107 2.54 -1.87 -88.07
N SER O 108 2.96 -3.09 -87.67
CA SER O 108 3.40 -4.18 -88.59
C SER O 108 2.41 -5.35 -88.55
N TYR O 109 2.72 -6.42 -89.29
CA TYR O 109 1.82 -7.57 -89.60
C TYR O 109 1.35 -8.29 -88.33
N GLY O 110 2.29 -8.84 -87.56
CA GLY O 110 2.00 -9.77 -86.44
C GLY O 110 1.93 -11.20 -86.93
N SER O 111 1.45 -11.41 -88.16
CA SER O 111 1.30 -12.73 -88.82
C SER O 111 2.63 -13.16 -89.45
N GLY O 112 3.39 -12.21 -90.01
CA GLY O 112 4.69 -12.47 -90.66
C GLY O 112 5.41 -11.21 -91.09
N LEU O 113 6.30 -11.33 -92.09
CA LEU O 113 7.17 -10.25 -92.60
C LEU O 113 6.32 -9.04 -93.02
N ASP O 114 6.23 -8.02 -92.16
CA ASP O 114 5.51 -6.74 -92.41
C ASP O 114 6.12 -6.04 -93.63
N TYR O 115 7.44 -6.15 -93.78
CA TYR O 115 8.23 -5.60 -94.92
C TYR O 115 9.59 -6.30 -94.97
N TRP O 116 10.44 -5.88 -95.91
CA TRP O 116 11.81 -6.44 -96.10
C TRP O 116 12.83 -5.29 -96.03
N GLY O 117 13.92 -5.48 -95.29
CA GLY O 117 15.04 -4.52 -95.17
C GLY O 117 15.95 -4.59 -96.38
N GLN O 118 16.54 -3.44 -96.75
CA GLN O 118 17.44 -3.27 -97.92
C GLN O 118 18.39 -4.46 -98.05
N GLY O 119 18.94 -4.94 -96.92
CA GLY O 119 19.90 -6.06 -96.86
C GLY O 119 21.30 -5.62 -97.26
N THR O 120 22.31 -5.95 -96.45
CA THR O 120 23.74 -5.63 -96.67
C THR O 120 24.56 -6.93 -96.70
N LEU O 121 25.34 -7.12 -97.78
CA LEU O 121 26.15 -8.35 -98.03
C LEU O 121 27.37 -8.36 -97.11
N VAL O 122 27.49 -9.39 -96.26
CA VAL O 122 28.62 -9.59 -95.31
C VAL O 122 29.45 -10.78 -95.79
N THR O 123 30.72 -10.55 -96.15
CA THR O 123 31.70 -11.59 -96.59
C THR O 123 32.77 -11.73 -95.50
N VAL O 124 32.74 -12.83 -94.74
CA VAL O 124 33.55 -13.07 -93.51
C VAL O 124 34.61 -14.14 -93.80
N PHE O 125 35.70 -13.74 -94.45
CA PHE O 125 36.85 -14.61 -94.84
C PHE O 125 37.88 -13.75 -95.55
N ASN O 126 39.17 -13.99 -95.30
CA ASN O 126 40.26 -13.13 -95.82
C ASN O 126 41.39 -13.97 -96.43
N GLN O 127 41.75 -13.65 -97.67
CA GLN O 127 42.98 -14.08 -98.38
C GLN O 127 43.44 -12.93 -99.29
N ILE O 128 43.05 -12.98 -100.57
CA ILE O 128 43.29 -11.93 -101.62
C ILE O 128 43.54 -12.64 -102.95
N LYS O 129 42.83 -12.24 -104.00
CA LYS O 129 42.71 -12.99 -105.28
C LYS O 129 42.13 -12.09 -106.37
N GLY O 130 41.71 -12.70 -107.49
CA GLY O 130 41.24 -12.03 -108.71
C GLY O 130 42.38 -11.34 -109.46
N PRO O 131 43.50 -12.03 -109.76
CA PRO O 131 44.60 -11.44 -110.52
C PRO O 131 44.55 -11.71 -112.03
N SER O 132 43.57 -12.52 -112.48
CA SER O 132 43.47 -13.05 -113.86
C SER O 132 42.67 -12.08 -114.74
N VAL O 133 43.24 -11.71 -115.89
CA VAL O 133 42.58 -10.96 -116.99
C VAL O 133 42.72 -11.81 -118.27
N PHE O 134 41.74 -12.67 -118.54
CA PHE O 134 41.74 -13.67 -119.62
C PHE O 134 40.72 -13.28 -120.69
N PRO O 135 41.13 -12.57 -121.77
CA PRO O 135 40.20 -12.21 -122.84
C PRO O 135 39.77 -13.44 -123.65
N LEU O 136 38.48 -13.55 -123.92
CA LEU O 136 37.88 -14.62 -124.77
C LEU O 136 37.25 -13.98 -126.02
N ALA O 137 38.09 -13.63 -127.01
CA ALA O 137 37.68 -13.05 -128.30
C ALA O 137 37.45 -14.17 -129.30
N PRO O 138 36.63 -13.95 -130.36
CA PRO O 138 36.40 -14.98 -131.38
C PRO O 138 37.58 -15.16 -132.33
N SER O 139 37.61 -16.27 -133.07
CA SER O 139 38.63 -16.59 -134.11
C SER O 139 38.51 -15.61 -135.27
N SER O 140 39.52 -15.58 -136.15
CA SER O 140 39.58 -14.76 -137.38
C SER O 140 38.34 -15.02 -138.24
N LYS O 141 37.74 -16.21 -138.15
CA LYS O 141 36.51 -16.62 -138.87
C LYS O 141 35.27 -16.35 -138.01
N SER O 142 35.22 -15.19 -137.35
CA SER O 142 34.03 -14.70 -136.59
C SER O 142 32.83 -14.63 -137.54
N THR O 143 31.65 -15.07 -137.09
CA THR O 143 30.41 -15.18 -137.90
C THR O 143 30.17 -13.88 -138.67
N SER O 144 30.56 -13.85 -139.94
CA SER O 144 30.42 -12.68 -140.86
C SER O 144 28.97 -12.59 -141.35
N GLY O 145 28.39 -11.38 -141.32
CA GLY O 145 26.99 -11.13 -141.72
C GLY O 145 26.01 -11.48 -140.60
N GLY O 146 26.49 -12.12 -139.52
CA GLY O 146 25.69 -12.50 -138.34
C GLY O 146 26.17 -11.78 -137.09
N THR O 147 25.79 -12.30 -135.92
CA THR O 147 26.20 -11.78 -134.59
C THR O 147 27.36 -12.62 -134.06
N ALA O 148 28.46 -11.97 -133.66
CA ALA O 148 29.66 -12.59 -133.04
C ALA O 148 29.82 -12.04 -131.61
N ALA O 149 30.32 -12.86 -130.67
CA ALA O 149 30.42 -12.53 -129.24
C ALA O 149 31.87 -12.64 -128.76
N LEU O 150 32.23 -11.83 -127.76
CA LEU O 150 33.58 -11.79 -127.13
C LEU O 150 33.46 -11.19 -125.72
N GLY O 151 34.44 -11.48 -124.85
CA GLY O 151 34.49 -10.97 -123.47
C GLY O 151 35.68 -11.54 -122.69
N CYS O 152 35.99 -10.92 -121.55
CA CYS O 152 37.15 -11.28 -120.68
C CYS O 152 36.79 -12.46 -119.78
N LEU O 153 37.72 -12.87 -118.92
CA LEU O 153 37.53 -13.93 -117.90
C LEU O 153 38.38 -13.57 -116.67
N VAL O 154 37.78 -13.66 -115.46
CA VAL O 154 38.45 -13.41 -114.16
C VAL O 154 38.51 -14.73 -113.38
N LYS O 155 39.69 -15.37 -113.40
CA LYS O 155 39.97 -16.66 -112.71
C LYS O 155 40.71 -16.38 -111.40
N ASP O 156 40.79 -17.39 -110.53
CA ASP O 156 41.48 -17.33 -109.20
C ASP O 156 40.90 -16.15 -108.39
N TYR O 157 39.58 -16.05 -108.29
CA TYR O 157 38.84 -15.05 -107.46
C TYR O 157 38.53 -15.70 -106.11
N PHE O 158 38.73 -14.96 -105.00
CA PHE O 158 38.53 -15.46 -103.61
C PHE O 158 38.62 -14.29 -102.63
N PRO O 159 37.58 -13.98 -101.82
CA PRO O 159 36.25 -14.59 -101.96
C PRO O 159 35.40 -13.86 -103.01
N GLU O 160 34.15 -14.32 -103.18
CA GLU O 160 33.07 -13.55 -103.86
C GLU O 160 32.81 -12.30 -103.04
N PRO O 161 32.35 -11.17 -103.63
CA PRO O 161 31.92 -11.11 -105.02
C PRO O 161 32.99 -10.66 -106.04
N VAL O 162 32.55 -10.46 -107.30
CA VAL O 162 33.34 -9.79 -108.38
C VAL O 162 32.39 -8.90 -109.19
N THR O 163 32.54 -7.58 -109.07
CA THR O 163 31.79 -6.55 -109.85
C THR O 163 32.34 -6.49 -111.28
N VAL O 164 31.46 -6.61 -112.28
CA VAL O 164 31.82 -6.66 -113.73
C VAL O 164 31.08 -5.54 -114.48
N SER O 165 31.68 -5.06 -115.58
CA SER O 165 31.10 -4.06 -116.52
C SER O 165 31.71 -4.25 -117.91
N TRP O 166 30.92 -4.01 -118.97
CA TRP O 166 31.33 -4.12 -120.39
C TRP O 166 31.42 -2.71 -121.01
N ASN O 167 32.60 -2.33 -121.51
CA ASN O 167 32.90 -0.96 -122.01
C ASN O 167 32.59 0.05 -120.90
N SER O 168 33.04 -0.25 -119.67
CA SER O 168 32.70 0.49 -118.43
C SER O 168 31.19 0.41 -118.19
N GLY O 169 30.57 -0.74 -118.47
CA GLY O 169 29.13 -0.99 -118.31
C GLY O 169 28.26 -0.28 -119.34
N ALA O 170 28.87 0.47 -120.27
CA ALA O 170 28.18 1.34 -121.26
C ALA O 170 27.29 0.50 -122.18
N LEU O 171 27.69 -0.76 -122.45
CA LEU O 171 26.94 -1.73 -123.28
C LEU O 171 26.34 -2.81 -122.37
N THR O 172 25.01 -2.89 -122.32
CA THR O 172 24.22 -3.79 -121.44
C THR O 172 23.66 -4.97 -122.25
N SER O 173 23.22 -4.71 -123.48
CA SER O 173 22.65 -5.72 -124.42
C SER O 173 23.72 -6.78 -124.76
N GLY O 174 23.33 -8.05 -124.75
CA GLY O 174 24.20 -9.19 -125.11
C GLY O 174 25.07 -9.64 -123.94
N VAL O 175 25.34 -8.76 -122.98
CA VAL O 175 26.28 -9.00 -121.84
C VAL O 175 25.68 -10.06 -120.91
N HIS O 176 26.46 -11.11 -120.60
CA HIS O 176 26.09 -12.21 -119.67
C HIS O 176 27.30 -12.58 -118.80
N THR O 177 27.22 -12.31 -117.49
CA THR O 177 28.30 -12.54 -116.48
C THR O 177 28.13 -13.92 -115.84
N PHE O 178 28.97 -14.89 -116.23
CA PHE O 178 28.94 -16.30 -115.78
C PHE O 178 28.94 -16.36 -114.25
N PRO O 179 28.24 -17.34 -113.62
CA PRO O 179 28.28 -17.51 -112.17
C PRO O 179 29.65 -17.96 -111.63
N ALA O 180 29.94 -17.63 -110.37
CA ALA O 180 31.18 -17.99 -109.65
C ALA O 180 31.27 -19.50 -109.47
N VAL O 181 32.27 -20.13 -110.09
CA VAL O 181 32.61 -21.58 -109.92
C VAL O 181 33.89 -21.68 -109.05
N LEU O 182 33.78 -22.29 -107.87
CA LEU O 182 34.91 -22.48 -106.92
C LEU O 182 35.85 -23.55 -107.46
N GLN O 183 37.06 -23.16 -107.88
CA GLN O 183 38.09 -24.04 -108.48
C GLN O 183 38.74 -24.90 -107.39
N SER O 184 39.35 -26.03 -107.80
CA SER O 184 39.98 -27.06 -106.94
C SER O 184 40.91 -26.43 -105.90
N SER O 185 41.69 -25.41 -106.31
CA SER O 185 42.69 -24.70 -105.48
C SER O 185 42.00 -23.97 -104.31
N GLY O 186 40.70 -23.69 -104.43
CA GLY O 186 39.92 -22.90 -103.45
C GLY O 186 39.82 -21.45 -103.88
N LEU O 187 39.63 -21.21 -105.19
CA LEU O 187 39.38 -19.86 -105.78
C LEU O 187 38.14 -19.93 -106.68
N TYR O 188 37.20 -18.99 -106.50
CA TYR O 188 36.02 -18.78 -107.37
C TYR O 188 36.49 -18.31 -108.75
N SER O 189 35.74 -18.66 -109.79
CA SER O 189 36.07 -18.37 -111.22
C SER O 189 34.79 -18.24 -112.05
N LEU O 190 34.75 -17.24 -112.93
CA LEU O 190 33.65 -17.02 -113.90
C LEU O 190 34.18 -16.16 -115.05
N SER O 191 33.28 -15.64 -115.88
CA SER O 191 33.61 -14.80 -117.07
C SER O 191 32.34 -14.09 -117.56
N SER O 192 32.46 -13.31 -118.64
CA SER O 192 31.34 -12.61 -119.31
C SER O 192 31.70 -12.34 -120.77
N VAL O 193 30.73 -12.47 -121.68
CA VAL O 193 30.88 -12.10 -123.11
C VAL O 193 29.57 -11.45 -123.58
N VAL O 194 29.57 -10.90 -124.79
CA VAL O 194 28.39 -10.21 -125.39
C VAL O 194 28.50 -10.25 -126.92
N THR O 195 27.35 -10.44 -127.60
CA THR O 195 27.21 -10.52 -129.07
C THR O 195 27.32 -9.11 -129.66
N VAL O 196 27.96 -9.00 -130.82
CA VAL O 196 28.11 -7.73 -131.60
C VAL O 196 28.37 -8.08 -133.06
N PRO O 197 28.09 -7.17 -134.01
CA PRO O 197 28.48 -7.34 -135.41
C PRO O 197 30.01 -7.39 -135.58
N SER O 198 30.50 -8.25 -136.48
CA SER O 198 31.92 -8.37 -136.88
C SER O 198 32.43 -6.99 -137.34
N SER O 199 31.60 -6.25 -138.08
CA SER O 199 31.86 -4.86 -138.55
C SER O 199 32.07 -3.92 -137.35
N SER O 200 31.38 -4.19 -136.24
CA SER O 200 31.47 -3.41 -134.96
C SER O 200 32.73 -3.79 -134.18
N LEU O 201 33.30 -4.98 -134.44
CA LEU O 201 34.55 -5.48 -133.81
C LEU O 201 35.72 -4.58 -134.20
N GLY O 202 36.03 -4.51 -135.50
CA GLY O 202 37.18 -3.78 -136.06
C GLY O 202 37.01 -2.27 -136.00
N THR O 203 35.82 -1.77 -135.64
CA THR O 203 35.47 -0.33 -135.62
C THR O 203 35.28 0.15 -134.17
N GLN O 204 34.33 -0.44 -133.44
CA GLN O 204 33.94 -0.03 -132.06
C GLN O 204 34.80 -0.78 -131.04
N THR O 205 35.37 -0.05 -130.07
CA THR O 205 36.21 -0.58 -128.97
C THR O 205 35.32 -1.20 -127.88
N TYR O 206 35.71 -2.36 -127.37
CA TYR O 206 35.03 -3.09 -126.27
C TYR O 206 36.06 -3.48 -125.20
N ILE O 207 35.92 -2.92 -124.00
CA ILE O 207 36.86 -3.11 -122.85
C ILE O 207 36.06 -3.37 -121.57
N CYS O 208 36.02 -4.63 -121.11
CA CYS O 208 35.26 -5.07 -119.92
C CYS O 208 35.93 -4.54 -118.65
N ASN O 209 35.19 -3.77 -117.85
CA ASN O 209 35.62 -3.21 -116.54
C ASN O 209 35.29 -4.21 -115.42
N VAL O 210 36.27 -4.46 -114.54
CA VAL O 210 36.19 -5.46 -113.42
C VAL O 210 36.56 -4.76 -112.11
N ASN O 211 35.84 -5.07 -111.02
CA ASN O 211 36.04 -4.50 -109.67
C ASN O 211 35.83 -5.60 -108.62
N HIS O 212 36.76 -5.69 -107.65
CA HIS O 212 36.71 -6.65 -106.51
C HIS O 212 37.15 -5.94 -105.23
N LYS O 213 36.22 -5.27 -104.54
CA LYS O 213 36.44 -4.37 -103.37
C LYS O 213 37.26 -5.06 -102.27
N PRO O 214 37.01 -6.36 -101.96
CA PRO O 214 37.79 -7.08 -100.95
C PRO O 214 39.30 -6.97 -101.19
N SER O 215 39.78 -7.51 -102.33
CA SER O 215 41.17 -7.33 -102.83
C SER O 215 41.35 -5.91 -103.37
N ASN O 216 40.25 -5.17 -103.51
CA ASN O 216 40.20 -3.77 -104.00
C ASN O 216 40.99 -3.70 -105.32
N THR O 217 40.94 -4.78 -106.11
CA THR O 217 41.65 -4.92 -107.41
C THR O 217 40.77 -4.31 -108.52
N LYS O 218 41.31 -3.33 -109.26
CA LYS O 218 40.63 -2.68 -110.41
C LYS O 218 41.28 -3.18 -111.70
N VAL O 219 40.46 -3.50 -112.71
CA VAL O 219 40.93 -4.01 -114.04
C VAL O 219 39.92 -3.59 -115.11
N ASP O 220 40.41 -2.95 -116.18
CA ASP O 220 39.67 -2.75 -117.46
C ASP O 220 40.64 -3.02 -118.61
N LYS O 221 40.33 -3.99 -119.48
CA LYS O 221 41.20 -4.44 -120.60
C LYS O 221 40.36 -4.57 -121.88
N LYS O 222 40.91 -4.14 -123.02
CA LYS O 222 40.22 -4.09 -124.34
C LYS O 222 40.14 -5.50 -124.95
N VAL O 223 39.39 -5.64 -126.06
CA VAL O 223 39.18 -6.92 -126.81
C VAL O 223 39.42 -6.66 -128.30
N GLU O 224 40.15 -7.57 -128.97
CA GLU O 224 40.31 -7.59 -130.44
C GLU O 224 40.92 -8.93 -130.86
N PRO O 225 40.82 -9.31 -132.15
CA PRO O 225 41.32 -10.62 -132.62
C PRO O 225 42.83 -10.80 -132.43
N VAL P 5 -28.57 23.15 -24.06
CA VAL P 5 -27.12 22.92 -24.35
C VAL P 5 -26.41 24.28 -24.47
N GLN P 6 -25.08 24.28 -24.35
CA GLN P 6 -24.22 25.49 -24.46
C GLN P 6 -22.83 25.10 -24.98
N LEU P 7 -22.33 25.84 -25.99
CA LEU P 7 -20.96 25.65 -26.57
C LEU P 7 -20.03 26.72 -26.00
N VAL P 8 -18.87 26.31 -25.50
CA VAL P 8 -17.84 27.19 -24.86
C VAL P 8 -16.79 27.58 -25.92
N GLU P 9 -16.83 28.83 -26.39
CA GLU P 9 -15.91 29.37 -27.43
C GLU P 9 -15.03 30.46 -26.79
N SER P 10 -13.73 30.19 -26.67
CA SER P 10 -12.70 31.12 -26.10
C SER P 10 -11.32 30.80 -26.69
N GLY P 11 -10.32 31.63 -26.38
CA GLY P 11 -8.92 31.47 -26.81
C GLY P 11 -8.61 32.22 -28.11
N GLY P 12 -9.26 33.36 -28.34
CA GLY P 12 -9.10 34.18 -29.55
C GLY P 12 -7.90 35.11 -29.45
N GLY P 13 -8.05 36.35 -29.94
CA GLY P 13 -7.05 37.44 -29.76
C GLY P 13 -6.27 37.74 -31.04
N LEU P 14 -5.43 38.77 -30.99
CA LEU P 14 -4.49 39.15 -32.09
C LEU P 14 -3.08 38.62 -31.75
N VAL P 15 -2.30 38.23 -32.77
CA VAL P 15 -0.95 37.62 -32.60
C VAL P 15 -0.10 37.93 -33.83
N GLN P 16 1.20 37.62 -33.76
CA GLN P 16 2.19 37.78 -34.86
C GLN P 16 2.46 36.42 -35.49
N PRO P 17 2.99 36.37 -36.74
CA PRO P 17 3.26 35.10 -37.42
C PRO P 17 4.23 34.19 -36.64
N GLY P 18 4.26 32.90 -36.98
CA GLY P 18 5.05 31.89 -36.26
C GLY P 18 4.44 31.52 -34.91
N GLY P 19 3.48 32.31 -34.42
CA GLY P 19 2.80 32.12 -33.13
C GLY P 19 1.85 30.93 -33.19
N SER P 20 1.58 30.34 -32.02
CA SER P 20 0.70 29.16 -31.83
C SER P 20 -0.31 29.43 -30.70
N LEU P 21 -1.58 29.62 -31.06
CA LEU P 21 -2.71 29.82 -30.10
C LEU P 21 -3.61 28.59 -30.13
N ARG P 22 -4.03 28.10 -28.95
CA ARG P 22 -4.92 26.93 -28.78
C ARG P 22 -6.36 27.42 -28.60
N LEU P 23 -7.20 27.25 -29.63
CA LEU P 23 -8.64 27.60 -29.61
C LEU P 23 -9.41 26.52 -28.84
N SER P 24 -9.84 26.82 -27.61
CA SER P 24 -10.48 25.88 -26.67
C SER P 24 -11.99 25.78 -26.95
N CYS P 25 -12.56 24.58 -26.81
CA CYS P 25 -14.01 24.29 -26.97
C CYS P 25 -14.43 23.26 -25.91
N ALA P 26 -15.16 23.71 -24.88
CA ALA P 26 -15.57 22.89 -23.70
C ALA P 26 -17.05 22.49 -23.84
N ALA P 27 -17.35 21.25 -23.45
CA ALA P 27 -18.68 20.59 -23.60
C ALA P 27 -19.59 21.03 -22.45
N SER P 28 -20.78 21.57 -22.78
CA SER P 28 -21.84 22.01 -21.83
C SER P 28 -23.21 21.61 -22.36
N GLY P 29 -23.95 20.78 -21.61
CA GLY P 29 -25.28 20.27 -21.97
C GLY P 29 -25.23 19.36 -23.20
N PHE P 30 -24.18 18.57 -23.33
CA PHE P 30 -23.95 17.58 -24.41
C PHE P 30 -22.66 16.80 -24.11
N ASN P 31 -22.72 15.46 -24.19
CA ASN P 31 -21.55 14.57 -23.99
C ASN P 31 -20.73 14.55 -25.28
N LEU P 32 -19.70 15.41 -25.36
CA LEU P 32 -18.76 15.50 -26.51
C LEU P 32 -18.08 14.14 -26.73
N TYR P 33 -17.78 13.43 -25.63
CA TYR P 33 -17.05 12.14 -25.58
C TYR P 33 -17.60 11.15 -26.63
N SER P 34 -18.91 11.19 -26.90
CA SER P 34 -19.63 10.37 -27.93
C SER P 34 -19.89 11.22 -29.18
N SER P 35 -20.19 12.50 -28.99
CA SER P 35 -20.39 13.52 -30.07
C SER P 35 -19.08 13.67 -30.87
N SER P 36 -19.05 14.66 -31.76
CA SER P 36 -17.84 15.09 -32.52
C SER P 36 -17.99 16.58 -32.88
N ILE P 37 -16.92 17.36 -32.70
CA ILE P 37 -16.89 18.83 -32.96
C ILE P 37 -16.02 19.09 -34.19
N HIS P 38 -16.42 20.07 -35.01
CA HIS P 38 -15.70 20.54 -36.22
C HIS P 38 -15.41 22.04 -36.09
N TRP P 39 -14.33 22.54 -36.72
CA TRP P 39 -13.94 23.97 -36.75
C TRP P 39 -13.95 24.48 -38.19
N VAL P 40 -14.45 25.70 -38.41
CA VAL P 40 -14.60 26.31 -39.77
C VAL P 40 -14.55 27.84 -39.63
N ARG P 41 -13.70 28.48 -40.43
CA ARG P 41 -13.36 29.93 -40.34
C ARG P 41 -14.16 30.72 -41.40
N GLN P 42 -14.67 31.88 -41.00
CA GLN P 42 -15.41 32.84 -41.88
C GLN P 42 -14.56 34.10 -42.03
N ALA P 43 -13.79 34.19 -43.12
CA ALA P 43 -13.05 35.40 -43.53
C ALA P 43 -14.03 36.56 -43.70
N PRO P 44 -13.64 37.80 -43.35
CA PRO P 44 -14.49 38.98 -43.61
C PRO P 44 -14.96 39.01 -45.07
N GLY P 45 -16.28 39.06 -45.28
CA GLY P 45 -16.91 39.08 -46.62
C GLY P 45 -16.75 37.77 -47.37
N LYS P 46 -16.48 36.67 -46.64
CA LYS P 46 -16.34 35.30 -47.21
C LYS P 46 -17.10 34.31 -46.32
N GLY P 47 -17.42 33.13 -46.89
CA GLY P 47 -18.22 32.07 -46.23
C GLY P 47 -17.35 31.15 -45.39
N LEU P 48 -17.92 30.02 -44.95
CA LEU P 48 -17.26 29.04 -44.04
C LEU P 48 -16.13 28.31 -44.75
N GLU P 49 -15.25 27.66 -43.98
CA GLU P 49 -14.16 26.77 -44.47
C GLU P 49 -13.94 25.63 -43.47
N TRP P 50 -14.62 24.49 -43.67
CA TRP P 50 -14.58 23.29 -42.79
C TRP P 50 -13.12 22.96 -42.46
N VAL P 51 -12.63 23.49 -41.34
CA VAL P 51 -11.21 23.36 -40.89
C VAL P 51 -10.93 21.89 -40.55
N ALA P 52 -11.58 21.36 -39.51
CA ALA P 52 -11.29 20.03 -38.93
C ALA P 52 -12.56 19.39 -38.36
N SER P 53 -12.39 18.31 -37.60
CA SER P 53 -13.46 17.50 -36.96
C SER P 53 -12.86 16.45 -36.03
N ILE P 54 -13.48 16.23 -34.87
CA ILE P 54 -13.06 15.19 -33.87
C ILE P 54 -14.12 15.11 -32.77
N SER P 55 -14.24 13.23 -29.24
CA SER P 55 -13.15 12.21 -29.17
C SER P 55 -13.37 11.17 -30.29
N PRO P 56 -13.75 11.58 -31.52
CA PRO P 56 -15.11 11.35 -32.00
C PRO P 56 -15.47 9.90 -31.63
N SER P 57 -15.52 9.64 -30.32
CA SER P 57 -15.63 8.30 -29.69
C SER P 57 -14.36 7.47 -29.92
N SER P 58 -13.66 7.70 -31.05
CA SER P 58 -12.62 6.80 -31.60
C SER P 58 -11.27 7.50 -31.85
N GLY P 59 -11.24 8.84 -31.82
CA GLY P 59 -10.00 9.64 -32.02
C GLY P 59 -9.74 9.92 -33.49
N SER P 60 -10.77 10.36 -34.21
CA SER P 60 -10.75 10.81 -35.63
C SER P 60 -9.92 12.08 -35.83
N THR P 61 -8.63 11.90 -36.12
CA THR P 61 -7.72 12.95 -36.64
C THR P 61 -8.21 13.34 -38.04
N TYR P 62 -9.11 14.33 -38.12
CA TYR P 62 -9.81 14.77 -39.36
C TYR P 62 -9.67 16.29 -39.52
N TYR P 63 -8.92 16.74 -40.52
CA TYR P 63 -8.61 18.17 -40.77
C TYR P 63 -8.41 18.44 -42.27
N ALA P 64 -8.87 19.60 -42.75
CA ALA P 64 -8.86 20.02 -44.17
C ALA P 64 -7.43 20.29 -44.63
N ASP P 65 -7.21 20.22 -45.95
CA ASP P 65 -5.89 20.38 -46.62
C ASP P 65 -5.34 21.79 -46.37
N SER P 66 -6.21 22.79 -46.30
CA SER P 66 -5.88 24.24 -46.15
C SER P 66 -4.87 24.46 -45.01
N VAL P 67 -5.07 23.82 -43.86
CA VAL P 67 -4.16 23.90 -42.66
C VAL P 67 -3.68 22.49 -42.33
N LYS P 68 -3.43 21.68 -43.36
CA LYS P 68 -3.05 20.24 -43.25
C LYS P 68 -1.77 20.11 -42.40
N GLY P 69 -1.93 19.78 -41.12
CA GLY P 69 -0.81 19.59 -40.16
C GLY P 69 -0.38 20.88 -39.52
N ARG P 70 -0.39 21.99 -40.26
CA ARG P 70 -0.10 23.37 -39.77
C ARG P 70 -0.92 23.63 -38.51
N PHE P 71 -2.16 23.11 -38.47
CA PHE P 71 -3.04 23.03 -37.28
C PHE P 71 -3.24 21.57 -36.89
N THR P 72 -3.53 21.32 -35.61
CA THR P 72 -3.86 19.99 -35.03
C THR P 72 -4.96 20.17 -33.96
N ILE P 73 -6.16 19.63 -34.21
CA ILE P 73 -7.34 19.72 -33.30
C ILE P 73 -7.45 18.42 -32.50
N SER P 74 -7.81 18.53 -31.20
CA SER P 74 -7.98 17.38 -30.26
C SER P 74 -8.90 17.80 -29.09
N ALA P 75 -9.03 16.96 -28.07
CA ALA P 75 -10.00 17.16 -26.97
C ALA P 75 -9.67 16.31 -25.74
N ASP P 76 -10.09 16.79 -24.56
CA ASP P 76 -9.98 16.12 -23.24
C ASP P 76 -11.39 15.75 -22.75
N THR P 77 -11.77 14.48 -22.93
CA THR P 77 -13.04 13.89 -22.44
C THR P 77 -13.16 14.12 -20.94
N SER P 78 -12.07 13.85 -20.20
CA SER P 78 -11.96 13.94 -18.72
C SER P 78 -12.45 15.31 -18.20
N LYS P 79 -12.32 16.37 -19.01
CA LYS P 79 -12.74 17.75 -18.65
C LYS P 79 -13.97 18.17 -19.47
N ASN P 80 -14.46 17.31 -20.35
CA ASN P 80 -15.52 17.64 -21.35
C ASN P 80 -15.06 18.87 -22.12
N THR P 81 -13.85 18.81 -22.68
CA THR P 81 -13.14 19.97 -23.30
C THR P 81 -12.43 19.52 -24.58
N ALA P 82 -12.43 20.39 -25.59
CA ALA P 82 -11.76 20.20 -26.90
C ALA P 82 -10.87 21.40 -27.20
N TYR P 83 -9.97 21.26 -28.17
CA TYR P 83 -9.01 22.32 -28.59
C TYR P 83 -8.73 22.23 -30.10
N LEU P 84 -8.21 23.32 -30.65
CA LEU P 84 -7.80 23.46 -32.08
C LEU P 84 -6.56 24.35 -32.18
N GLN P 85 -5.37 23.74 -32.22
CA GLN P 85 -4.06 24.43 -32.39
C GLN P 85 -3.39 23.92 -33.67
N MET P 86 -5.62 26.65 -34.43
CA MET P 86 -4.48 26.90 -35.35
C MET P 86 -3.39 27.68 -34.61
N ASN P 87 -0.74 25.58 -35.15
CA ASN P 87 0.44 26.45 -34.89
C ASN P 87 0.04 27.92 -35.09
N SER P 88 2.46 29.01 -37.29
CA SER P 88 2.51 28.35 -38.62
C SER P 88 1.08 28.16 -39.15
N LEU P 89 -0.24 30.86 -36.95
CA LEU P 89 -0.18 31.29 -38.38
C LEU P 89 1.25 31.74 -38.71
N ARG P 90 -0.21 30.72 -41.65
CA ARG P 90 0.12 32.07 -42.14
C ARG P 90 -1.07 33.02 -41.91
N ALA P 91 -0.85 34.32 -42.15
CA ALA P 91 -1.86 35.40 -42.06
C ALA P 91 -3.04 35.11 -42.99
N GLU P 92 -2.82 34.27 -44.01
CA GLU P 92 -3.88 33.72 -44.89
C GLU P 92 -5.04 33.20 -44.04
N ASP P 93 -4.74 32.57 -42.88
CA ASP P 93 -5.74 31.96 -41.95
C ASP P 93 -6.31 33.03 -41.00
N THR P 94 -5.92 34.30 -41.15
CA THR P 94 -6.45 35.45 -40.38
C THR P 94 -7.93 35.64 -40.74
N ALA P 95 -8.82 35.16 -39.87
CA ALA P 95 -10.30 35.17 -40.06
C ALA P 95 -11.01 34.78 -38.77
N VAL P 96 -12.24 35.30 -38.56
CA VAL P 96 -13.12 34.98 -37.40
C VAL P 96 -13.47 33.48 -37.47
N TYR P 97 -13.07 32.72 -36.45
CA TYR P 97 -13.21 31.24 -36.38
C TYR P 97 -14.24 30.88 -35.29
N TYR P 98 -15.19 30.01 -35.63
CA TYR P 98 -16.20 29.43 -34.71
C TYR P 98 -16.18 27.90 -34.83
N CYS P 99 -16.06 27.21 -33.69
CA CYS P 99 -16.04 25.72 -33.58
C CYS P 99 -17.39 25.25 -33.05
N ALA P 100 -17.91 24.16 -33.62
CA ALA P 100 -19.28 23.60 -33.37
C ALA P 100 -19.28 22.09 -33.57
N ARG P 101 -20.42 21.43 -33.31
CA ARG P 101 -20.60 19.95 -33.38
C ARG P 101 -21.62 19.59 -34.46
N THR P 102 -21.16 18.97 -35.55
CA THR P 102 -21.99 18.22 -36.53
C THR P 102 -21.96 16.74 -36.13
N SER P 103 -22.00 16.48 -34.81
CA SER P 103 -21.65 15.20 -34.16
C SER P 103 -22.42 14.04 -34.77
N ARG P 104 -21.76 12.89 -34.96
CA ARG P 104 -22.39 11.59 -35.33
C ARG P 104 -22.53 10.72 -34.08
N GLY P 105 -22.66 11.35 -32.91
CA GLY P 105 -22.80 10.68 -31.59
C GLY P 105 -24.25 10.42 -31.25
N TRP P 106 -24.69 10.86 -30.07
CA TRP P 106 -26.05 10.62 -29.51
C TRP P 106 -26.82 11.94 -29.33
N ILE P 107 -26.11 13.07 -29.10
CA ILE P 107 -26.70 14.34 -28.57
C ILE P 107 -26.90 15.37 -29.70
N SER P 108 -26.15 15.26 -30.81
CA SER P 108 -26.13 16.26 -31.91
C SER P 108 -26.72 15.68 -33.20
N TYR P 109 -26.70 16.45 -34.30
CA TYR P 109 -27.41 16.19 -35.58
C TYR P 109 -26.96 14.86 -36.21
N GLY P 110 -25.68 14.74 -36.55
CA GLY P 110 -25.14 13.65 -37.38
C GLY P 110 -25.22 13.98 -38.86
N SER P 111 -26.25 14.73 -39.26
CA SER P 111 -26.49 15.17 -40.66
C SER P 111 -25.68 16.44 -40.97
N GLY P 112 -25.55 17.34 -39.99
CA GLY P 112 -24.83 18.62 -40.15
C GLY P 112 -24.69 19.40 -38.84
N LEU P 113 -24.50 20.71 -38.95
CA LEU P 113 -24.26 21.66 -37.82
C LEU P 113 -25.39 21.53 -36.79
N ASP P 114 -25.16 20.79 -35.70
CA ASP P 114 -26.10 20.60 -34.56
C ASP P 114 -26.40 21.95 -33.91
N TYR P 115 -25.38 22.83 -33.87
CA TYR P 115 -25.45 24.21 -33.34
C TYR P 115 -24.25 25.00 -33.87
N TRP P 116 -24.13 26.26 -33.44
CA TRP P 116 -23.02 27.18 -33.81
C TRP P 116 -22.36 27.72 -32.54
N GLY P 117 -21.01 27.71 -32.50
CA GLY P 117 -20.21 28.23 -31.38
C GLY P 117 -20.10 29.74 -31.42
N GLN P 118 -20.01 30.38 -30.25
CA GLN P 118 -19.98 31.86 -30.09
C GLN P 118 -19.04 32.49 -31.11
N GLY P 119 -17.88 31.86 -31.37
CA GLY P 119 -16.86 32.33 -32.33
C GLY P 119 -16.02 33.46 -31.76
N THR P 120 -14.70 33.35 -31.88
CA THR P 120 -13.70 34.35 -31.39
C THR P 120 -12.85 34.83 -32.57
N LEU P 121 -12.75 36.15 -32.76
CA LEU P 121 -12.04 36.81 -33.88
C LEU P 121 -10.53 36.73 -33.65
N VAL P 122 -9.80 36.10 -34.58
CA VAL P 122 -8.32 35.93 -34.54
C VAL P 122 -7.70 36.80 -35.65
N THR P 123 -6.90 37.80 -35.28
CA THR P 123 -6.13 38.66 -36.22
C THR P 123 -4.65 38.33 -36.09
N VAL P 124 -4.06 37.64 -37.10
CA VAL P 124 -2.70 37.06 -37.06
C VAL P 124 -1.80 37.83 -38.03
N PHE P 125 -1.33 39.00 -37.59
CA PHE P 125 -0.45 39.94 -38.34
C PHE P 125 -0.22 41.16 -37.46
N ASN P 126 1.01 41.69 -37.41
CA ASN P 126 1.40 42.72 -36.42
C ASN P 126 2.18 43.85 -37.09
N GLN P 127 1.70 45.08 -36.88
CA GLN P 127 2.42 46.36 -37.11
C GLN P 127 1.96 47.37 -36.05
N ILE P 128 0.97 48.21 -36.38
CA ILE P 128 0.37 49.28 -35.52
C ILE P 128 0.02 50.46 -36.44
N LYS P 129 -1.21 50.97 -36.32
CA LYS P 129 -1.83 51.90 -37.30
C LYS P 129 -3.07 52.57 -36.70
N GLY P 130 -3.88 53.21 -37.55
CA GLY P 130 -5.03 54.05 -37.18
C GLY P 130 -4.59 55.36 -36.52
N PRO P 131 -3.67 56.14 -37.14
CA PRO P 131 -3.25 57.42 -36.59
C PRO P 131 -4.02 58.64 -37.16
N SER P 132 -4.90 58.40 -38.14
CA SER P 132 -5.55 59.45 -38.96
C SER P 132 -6.85 59.91 -38.30
N VAL P 133 -7.00 61.23 -38.12
CA VAL P 133 -8.26 61.91 -37.70
C VAL P 133 -8.60 62.96 -38.77
N PHE P 134 -9.41 62.57 -39.76
CA PHE P 134 -9.81 63.39 -40.93
C PHE P 134 -11.29 63.78 -40.81
N PRO P 135 -11.61 64.96 -40.24
CA PRO P 135 -13.00 65.39 -40.11
C PRO P 135 -13.60 65.75 -41.48
N LEU P 136 -14.83 65.28 -41.75
CA LEU P 136 -15.62 65.59 -42.97
C LEU P 136 -16.88 66.36 -42.56
N ALA P 137 -16.73 67.66 -42.28
CA ALA P 137 -17.83 68.59 -41.95
C ALA P 137 -18.36 69.21 -43.24
N PRO P 138 -19.65 69.66 -43.28
CA PRO P 138 -20.24 70.24 -44.48
C PRO P 138 -19.74 71.67 -44.76
N SER P 139 -19.94 72.13 -45.99
CA SER P 139 -19.59 73.50 -46.46
C SER P 139 -20.45 74.53 -45.72
N SER P 140 -20.07 75.81 -45.82
CA SER P 140 -20.79 76.98 -45.24
C SER P 140 -22.26 76.98 -45.71
N LYS P 141 -22.53 76.41 -46.90
CA LYS P 141 -23.88 76.30 -47.49
C LYS P 141 -24.52 74.97 -47.11
N SER P 142 -24.36 74.52 -45.85
CA SER P 142 -25.05 73.33 -45.28
C SER P 142 -26.56 73.53 -45.40
N THR P 143 -27.30 72.48 -45.79
CA THR P 143 -28.77 72.51 -46.04
C THR P 143 -29.48 73.18 -44.87
N SER P 144 -29.80 74.48 -45.01
CA SER P 144 -30.50 75.31 -43.98
C SER P 144 -31.99 74.98 -44.01
N GLY P 145 -32.59 74.78 -42.82
CA GLY P 145 -34.01 74.42 -42.66
C GLY P 145 -34.24 72.92 -42.87
N GLY P 146 -33.23 72.19 -43.34
CA GLY P 146 -33.26 70.73 -43.57
C GLY P 146 -32.28 70.01 -42.66
N THR P 147 -31.94 68.76 -43.00
CA THR P 147 -30.98 67.91 -42.27
C THR P 147 -29.61 67.98 -42.97
N ALA P 148 -28.54 68.27 -42.23
CA ALA P 148 -27.14 68.31 -42.69
C ALA P 148 -26.34 67.24 -41.93
N ALA P 149 -25.33 66.64 -42.59
CA ALA P 149 -24.54 65.52 -42.05
C ALA P 149 -23.04 65.88 -42.01
N LEU P 150 -22.33 65.32 -41.04
CA LEU P 150 -20.86 65.51 -40.83
C LEU P 150 -20.31 64.32 -40.05
N GLY P 151 -19.00 64.08 -40.15
CA GLY P 151 -18.30 62.99 -39.44
C GLY P 151 -16.83 62.91 -39.79
N CYS P 152 -16.06 62.17 -39.01
CA CYS P 152 -14.58 62.03 -39.13
C CYS P 152 -14.24 60.99 -40.21
N LEU P 153 -12.96 60.74 -40.39
CA LEU P 153 -12.40 59.67 -41.27
C LEU P 153 -11.12 59.12 -40.62
N VAL P 154 -11.02 57.79 -40.53
CA VAL P 154 -9.86 57.06 -39.93
C VAL P 154 -9.18 56.27 -41.04
N LYS P 155 -8.05 56.81 -41.54
CA LYS P 155 -7.22 56.23 -42.63
C LYS P 155 -6.00 55.54 -42.01
N ASP P 156 -5.30 54.74 -42.81
CA ASP P 156 -4.06 54.02 -42.42
C ASP P 156 -4.35 53.16 -41.17
N TYR P 157 -5.42 52.38 -41.19
CA TYR P 157 -5.78 51.38 -40.14
C TYR P 157 -5.21 50.02 -40.55
N PHE P 158 -4.58 49.28 -39.62
CA PHE P 158 -3.91 47.98 -39.90
C PHE P 158 -3.51 47.31 -38.59
N PRO P 159 -3.99 46.07 -38.29
CA PRO P 159 -5.05 45.41 -39.05
C PRO P 159 -6.45 45.84 -38.60
N GLU P 160 -7.50 45.28 -39.21
CA GLU P 160 -8.88 45.31 -38.66
C GLU P 160 -8.87 44.53 -37.35
N PRO P 161 -9.75 44.83 -36.37
CA PRO P 161 -10.84 45.78 -36.53
C PRO P 161 -10.55 47.23 -36.09
N VAL P 162 -11.58 48.08 -36.12
CA VAL P 162 -11.56 49.49 -35.65
C VAL P 162 -12.91 49.79 -34.99
N THR P 163 -12.93 49.97 -33.66
CA THR P 163 -14.11 50.38 -32.86
C THR P 163 -14.36 51.88 -33.08
N VAL P 164 -15.60 52.25 -33.44
CA VAL P 164 -16.02 53.65 -33.75
C VAL P 164 -17.21 54.04 -32.87
N SER P 165 -17.35 55.32 -32.54
CA SER P 165 -18.45 55.91 -31.73
C SER P 165 -18.65 57.37 -32.08
N TRP P 166 -19.90 57.86 -32.06
CA TRP P 166 -20.27 59.28 -32.35
C TRP P 166 -20.71 59.96 -31.06
N ASN P 167 -20.03 61.06 -30.68
CA ASN P 167 -20.22 61.76 -29.39
C ASN P 167 -20.04 60.76 -28.24
N SER P 168 -18.98 59.94 -28.32
CA SER P 168 -18.73 58.78 -27.42
C SER P 168 -19.87 57.77 -27.55
N GLY P 169 -20.38 57.57 -28.78
CA GLY P 169 -21.47 56.64 -29.10
C GLY P 169 -22.84 57.11 -28.61
N ALA P 170 -22.91 58.29 -27.98
CA ALA P 170 -24.13 58.83 -27.31
C ALA P 170 -25.24 59.06 -28.35
N LEU P 171 -24.87 59.37 -29.59
CA LEU P 171 -25.81 59.58 -30.73
C LEU P 171 -25.69 58.39 -31.70
N THR P 172 -26.78 57.63 -31.87
CA THR P 172 -26.86 56.40 -32.71
C THR P 172 -27.58 56.70 -34.02
N SER P 173 -28.62 57.52 -33.98
CA SER P 173 -29.46 57.91 -35.15
C SER P 173 -28.61 58.67 -36.18
N GLY P 174 -28.75 58.35 -37.46
CA GLY P 174 -28.05 59.00 -38.58
C GLY P 174 -26.65 58.46 -38.80
N VAL P 175 -26.04 57.87 -37.77
CA VAL P 175 -24.62 57.39 -37.78
C VAL P 175 -24.49 56.20 -38.74
N HIS P 176 -23.53 56.26 -39.67
CA HIS P 176 -23.21 55.19 -40.64
C HIS P 176 -21.69 55.07 -40.81
N THR P 177 -21.09 53.97 -40.35
CA THR P 177 -19.63 53.68 -40.36
C THR P 177 -19.26 52.91 -41.64
N PHE P 178 -18.62 53.59 -42.61
CA PHE P 178 -18.15 53.01 -43.91
C PHE P 178 -17.36 51.73 -43.67
N PRO P 179 -17.45 50.71 -44.55
CA PRO P 179 -16.65 49.50 -44.42
C PRO P 179 -15.14 49.71 -44.64
N ALA P 180 -14.31 48.85 -44.03
CA ALA P 180 -12.84 48.87 -44.11
C ALA P 180 -12.40 48.57 -45.55
N VAL P 181 -11.75 49.54 -46.20
CA VAL P 181 -11.12 49.39 -47.55
C VAL P 181 -9.60 49.33 -47.37
N LEU P 182 -8.97 48.20 -47.73
CA LEU P 182 -7.50 47.99 -47.64
C LEU P 182 -6.79 48.81 -48.71
N GLN P 183 -6.07 49.86 -48.32
CA GLN P 183 -5.38 50.82 -49.21
C GLN P 183 -4.12 50.18 -49.79
N SER P 184 -3.64 50.71 -50.92
CA SER P 184 -2.47 50.22 -51.70
C SER P 184 -1.26 49.99 -50.80
N SER P 185 -1.04 50.89 -49.84
CA SER P 185 0.10 50.87 -48.88
C SER P 185 0.04 49.63 -47.98
N GLY P 186 -1.13 49.01 -47.86
CA GLY P 186 -1.37 47.85 -46.98
C GLY P 186 -1.97 48.27 -45.64
N LEU P 187 -2.87 49.26 -45.67
CA LEU P 187 -3.62 49.78 -44.50
C LEU P 187 -5.12 49.84 -44.84
N TYR P 188 -5.96 49.29 -43.97
CA TYR P 188 -7.45 49.40 -44.03
C TYR P 188 -7.84 50.87 -43.79
N SER P 189 -8.96 51.30 -44.39
CA SER P 189 -9.44 52.70 -44.38
C SER P 189 -10.97 52.76 -44.55
N LEU P 190 -11.64 53.61 -43.77
CA LEU P 190 -13.09 53.87 -43.84
C LEU P 190 -13.39 55.22 -43.21
N SER P 191 -14.67 55.52 -42.96
CA SER P 191 -15.15 56.77 -42.32
C SER P 191 -16.59 56.59 -41.83
N SER P 192 -17.18 57.65 -41.25
CA SER P 192 -18.55 57.67 -40.70
C SER P 192 -19.05 59.11 -40.62
N VAL P 193 -20.33 59.33 -40.93
CA VAL P 193 -21.01 60.66 -40.73
C VAL P 193 -22.43 60.40 -40.23
N VAL P 194 -23.14 61.47 -39.85
CA VAL P 194 -24.54 61.41 -39.33
C VAL P 194 -25.24 62.74 -39.59
N THR P 195 -26.54 62.69 -39.94
CA THR P 195 -27.40 63.85 -40.24
C THR P 195 -27.81 64.53 -38.92
N VAL P 196 -27.89 65.86 -38.93
CA VAL P 196 -28.30 66.70 -37.77
C VAL P 196 -28.75 68.06 -38.30
N PRO P 197 -29.57 68.83 -37.54
CA PRO P 197 -29.89 70.21 -37.91
C PRO P 197 -28.65 71.12 -37.89
N SER P 198 -28.55 72.04 -38.86
CA SER P 198 -27.49 73.08 -38.94
C SER P 198 -27.46 73.89 -37.63
N SER P 199 -28.65 74.19 -37.09
CA SER P 199 -28.85 74.88 -35.79
C SER P 199 -28.22 74.07 -34.66
N SER P 200 -28.23 72.74 -34.76
CA SER P 200 -27.66 71.78 -33.78
C SER P 200 -26.13 71.71 -33.93
N LEU P 201 -25.60 72.07 -35.10
CA LEU P 201 -24.15 72.10 -35.40
C LEU P 201 -23.46 73.14 -34.50
N GLY P 202 -23.83 74.41 -34.65
CA GLY P 202 -23.20 75.56 -33.94
C GLY P 202 -23.55 75.60 -32.46
N THR P 203 -24.47 74.76 -31.99
CA THR P 203 -24.97 74.72 -30.59
C THR P 203 -24.50 73.46 -29.88
N GLN P 204 -24.87 72.28 -30.39
CA GLN P 204 -24.60 70.95 -29.77
C GLN P 204 -23.25 70.41 -30.27
N THR P 205 -22.40 69.94 -29.36
CA THR P 205 -21.04 69.42 -29.63
C THR P 205 -21.14 67.97 -30.14
N TYR P 206 -20.39 67.64 -31.19
CA TYR P 206 -20.33 66.31 -31.84
C TYR P 206 -18.87 65.92 -32.04
N ILE P 207 -18.41 64.87 -31.36
CA ILE P 207 -17.00 64.38 -31.36
C ILE P 207 -17.00 62.85 -31.48
N CYS P 208 -16.64 62.33 -32.66
CA CYS P 208 -16.59 60.87 -32.97
C CYS P 208 -15.43 60.21 -32.21
N ASN P 209 -15.74 59.21 -31.37
CA ASN P 209 -14.78 58.41 -30.58
C ASN P 209 -14.34 57.20 -31.42
N VAL P 210 -13.03 56.95 -31.46
CA VAL P 210 -12.37 55.83 -32.21
C VAL P 210 -11.50 55.01 -31.24
N ASN P 211 -11.50 53.69 -31.39
CA ASN P 211 -10.75 52.72 -30.54
C ASN P 211 -10.20 51.59 -31.41
N HIS P 212 -8.91 51.27 -31.26
CA HIS P 212 -8.18 50.23 -32.04
C HIS P 212 -7.26 49.44 -31.11
N LYS P 213 -7.79 48.40 -30.47
CA LYS P 213 -7.16 47.58 -29.40
C LYS P 213 -5.77 47.08 -29.81
N PRO P 214 -5.56 46.62 -31.06
CA PRO P 214 -4.24 46.15 -31.50
C PRO P 214 -3.14 47.19 -31.23
N SER P 215 -3.23 48.37 -31.85
CA SER P 215 -2.38 49.55 -31.57
C SER P 215 -2.78 50.16 -30.22
N ASN P 216 -3.93 49.73 -29.68
CA ASN P 216 -4.51 50.21 -28.40
C ASN P 216 -4.56 51.74 -28.43
N THR P 217 -4.79 52.30 -29.62
CA THR P 217 -4.83 53.77 -29.88
C THR P 217 -6.24 54.27 -29.59
N LYS P 218 -6.36 55.27 -28.72
CA LYS P 218 -7.63 55.99 -28.41
C LYS P 218 -7.62 57.35 -29.11
N VAL P 219 -8.74 57.73 -29.74
CA VAL P 219 -8.89 58.99 -30.50
C VAL P 219 -10.35 59.45 -30.45
N ASP P 220 -10.57 60.69 -30.00
CA ASP P 220 -11.88 61.39 -30.07
C ASP P 220 -11.61 62.85 -30.48
N LYS P 221 -12.19 63.29 -31.60
CA LYS P 221 -12.00 64.66 -32.18
C LYS P 221 -13.37 65.27 -32.52
N LYS P 222 -13.54 66.56 -32.23
CA LYS P 222 -14.82 67.31 -32.37
C LYS P 222 -15.06 67.65 -33.85
N VAL P 223 -16.25 68.21 -34.15
CA VAL P 223 -16.68 68.66 -35.50
C VAL P 223 -17.24 70.09 -35.40
N GLU P 224 -16.87 70.96 -36.34
CA GLU P 224 -17.34 72.38 -36.41
C GLU P 224 -16.96 72.97 -37.76
N PRO P 225 -17.54 74.13 -38.15
CA PRO P 225 -17.18 74.79 -39.41
C PRO P 225 -15.70 75.17 -39.50
N ALA Q 10 38.97 19.10 60.38
CA ALA Q 10 38.44 18.90 58.99
C ALA Q 10 37.65 17.60 58.88
N ILE Q 11 37.87 16.63 59.78
CA ILE Q 11 37.20 15.30 59.80
C ILE Q 11 35.69 15.49 59.71
N PRO Q 12 35.08 16.28 60.63
CA PRO Q 12 33.65 16.56 60.57
C PRO Q 12 33.20 17.20 59.25
N GLY Q 13 33.99 18.15 58.74
CA GLY Q 13 33.73 18.88 57.48
C GLY Q 13 33.24 17.99 56.35
N ILE Q 14 33.97 16.91 56.04
CA ILE Q 14 33.65 15.96 54.93
C ILE Q 14 32.35 15.20 55.24
N ALA Q 15 32.11 14.89 56.52
CA ALA Q 15 30.95 14.10 57.00
C ALA Q 15 29.65 14.81 56.61
N TRP Q 16 29.52 16.11 56.93
CA TRP Q 16 28.38 16.98 56.57
C TRP Q 16 28.28 17.10 55.05
N ILE Q 17 29.42 17.28 54.37
CA ILE Q 17 29.53 17.42 52.89
C ILE Q 17 29.02 16.14 52.22
N ALA Q 18 29.49 14.98 52.73
CA ALA Q 18 29.08 13.64 52.22
C ALA Q 18 27.61 13.39 52.48
N LEU Q 19 27.17 13.79 53.66
CA LEU Q 19 25.72 13.86 53.95
C LEU Q 19 24.98 14.76 52.94
N LEU Q 20 25.54 15.90 52.56
CA LEU Q 20 24.93 16.76 51.51
C LEU Q 20 24.83 15.92 50.24
N LEU Q 21 25.95 15.27 49.96
CA LEU Q 21 26.14 14.35 48.84
C LEU Q 21 25.22 13.15 48.95
N LEU Q 22 25.08 12.61 50.16
CA LEU Q 22 24.13 11.52 50.43
C LEU Q 22 22.73 11.92 50.03
N VAL Q 23 22.29 13.08 50.48
CA VAL Q 23 20.92 13.59 50.28
C VAL Q 23 20.87 14.21 48.91
N ILE Q 24 22.01 14.51 48.33
CA ILE Q 24 22.09 14.97 46.93
C ILE Q 24 21.72 13.78 46.08
N PHE Q 25 22.13 12.61 46.57
CA PHE Q 25 21.74 11.34 45.99
C PHE Q 25 20.25 11.17 46.11
N TYR Q 26 19.75 11.30 47.33
CA TYR Q 26 18.34 11.10 47.65
C TYR Q 26 17.45 11.96 46.75
N VAL Q 27 17.89 13.18 46.48
CA VAL Q 27 17.29 14.11 45.51
C VAL Q 27 17.32 13.54 44.08
N PHE Q 28 18.52 13.26 43.61
CA PHE Q 28 18.70 12.87 42.19
C PHE Q 28 18.05 11.51 42.01
N ALA Q 29 17.85 10.82 43.11
CA ALA Q 29 17.14 9.49 43.05
C ALA Q 29 15.65 9.66 42.88
N VAL Q 30 15.15 10.55 43.72
CA VAL Q 30 13.77 11.12 43.65
C VAL Q 30 13.63 11.78 42.29
N MET Q 31 14.68 12.43 41.79
CA MET Q 31 14.62 13.06 40.45
C MET Q 31 14.50 11.96 39.37
N GLY Q 32 15.46 11.04 39.35
CA GLY Q 32 15.64 10.11 38.22
C GLY Q 32 14.47 9.17 38.05
N THR Q 33 14.13 8.54 39.16
CA THR Q 33 13.32 7.32 39.20
C THR Q 33 11.96 7.58 38.58
N LYS Q 34 11.41 8.75 38.91
CA LYS Q 34 9.99 9.02 38.72
C LYS Q 34 9.77 9.02 37.24
N LEU Q 35 10.61 9.76 36.54
CA LEU Q 35 10.43 10.06 35.12
C LEU Q 35 11.45 9.36 34.25
N PHE Q 36 11.91 8.19 34.67
CA PHE Q 36 12.80 7.41 33.78
C PHE Q 36 12.46 5.93 33.78
N ALA Q 37 11.33 5.60 34.37
CA ALA Q 37 10.98 4.22 34.67
C ALA Q 37 10.33 3.59 33.44
N GLN Q 38 9.08 4.00 33.20
CA GLN Q 38 8.04 3.19 32.61
C GLN Q 38 8.54 2.66 31.28
N SER Q 39 9.47 3.36 30.62
CA SER Q 39 10.09 2.92 29.34
C SER Q 39 11.07 1.78 29.55
N PHE Q 40 11.99 2.03 30.47
CA PHE Q 40 12.98 1.01 30.85
C PHE Q 40 12.93 0.81 32.36
N PRO Q 41 11.85 0.19 32.88
CA PRO Q 41 11.55 0.35 34.29
C PRO Q 41 12.14 -0.76 35.12
N GLU Q 42 13.14 -1.45 34.61
CA GLU Q 42 13.70 -2.60 35.32
C GLU Q 42 14.53 -2.05 36.46
N TRP Q 43 15.24 -0.99 36.11
CA TRP Q 43 16.23 -0.41 37.01
C TRP Q 43 15.97 1.07 37.18
N PHE Q 44 14.72 1.42 37.41
CA PHE Q 44 14.36 2.82 37.63
C PHE Q 44 13.07 2.89 38.40
N GLY Q 45 12.78 1.84 39.14
CA GLY Q 45 11.52 1.79 39.88
C GLY Q 45 11.68 2.41 41.23
N THR Q 46 12.69 1.89 41.92
CA THR Q 46 13.10 2.27 43.26
C THR Q 46 14.27 3.23 43.10
N LEU Q 47 14.33 4.13 44.05
CA LEU Q 47 15.47 5.03 44.32
C LEU Q 47 16.74 4.24 44.45
N GLY Q 48 16.66 3.00 44.90
CA GLY Q 48 17.83 2.11 44.90
C GLY Q 48 18.65 2.18 43.64
N ALA Q 49 18.03 2.51 42.54
CA ALA Q 49 18.53 2.53 41.16
C ALA Q 49 19.58 3.60 41.03
N SER Q 50 19.44 4.61 41.86
CA SER Q 50 20.41 5.73 41.97
C SER Q 50 21.71 5.27 42.60
N MET Q 51 21.58 4.45 43.65
CA MET Q 51 22.77 3.76 44.16
C MET Q 51 23.38 2.88 43.09
N TYR Q 52 22.53 2.21 42.38
CA TYR Q 52 22.90 1.38 41.25
C TYR Q 52 23.59 2.30 40.27
N THR Q 53 22.96 3.42 40.06
CA THR Q 53 23.47 4.49 39.21
C THR Q 53 24.82 4.98 39.65
N LEU Q 54 24.97 5.21 40.92
CA LEU Q 54 26.32 5.42 41.46
C LEU Q 54 27.31 4.32 41.16
N PHE Q 55 26.84 3.15 41.46
CA PHE Q 55 27.57 1.88 41.35
C PHE Q 55 27.86 1.74 39.90
N GLN Q 56 26.86 2.03 39.09
CA GLN Q 56 26.97 2.14 37.64
C GLN Q 56 28.15 3.01 37.25
N VAL Q 57 28.19 4.21 37.80
CA VAL Q 57 29.24 5.21 37.47
C VAL Q 57 30.59 4.79 38.01
N MET Q 58 30.55 4.24 39.21
CA MET Q 58 31.72 3.59 39.84
C MET Q 58 32.20 2.47 38.94
N THR Q 59 31.26 1.74 38.36
CA THR Q 59 31.54 0.60 37.47
C THR Q 59 31.64 1.05 36.02
N LEU Q 60 31.75 2.34 35.80
CA LEU Q 60 31.89 2.91 34.45
C LEU Q 60 30.81 2.31 33.56
N GLU Q 61 29.58 2.61 33.94
CA GLU Q 61 28.36 1.90 33.47
C GLU Q 61 28.48 1.51 31.99
N SER Q 62 28.28 2.49 31.10
CA SER Q 62 28.21 2.27 29.64
C SER Q 62 27.23 1.14 29.36
N TRP Q 63 26.21 1.06 30.22
CA TRP Q 63 25.09 0.12 30.14
C TRP Q 63 23.80 0.93 30.10
N SER Q 64 23.81 2.11 30.73
CA SER Q 64 22.93 3.25 30.43
C SER Q 64 23.25 3.80 29.05
N MET Q 65 24.32 3.36 28.38
CA MET Q 65 24.55 3.62 26.95
C MET Q 65 23.37 2.99 26.27
N GLY Q 66 23.11 1.74 26.63
CA GLY Q 66 21.82 1.10 26.31
C GLY Q 66 20.61 1.96 26.54
N ILE Q 67 20.48 2.43 27.78
CA ILE Q 67 19.39 3.37 28.18
C ILE Q 67 19.51 4.69 27.46
N ALA Q 68 20.75 5.02 27.12
CA ALA Q 68 21.04 6.20 26.30
C ALA Q 68 20.57 5.98 24.87
N ARG Q 69 20.76 4.78 24.34
CA ARG Q 69 20.12 4.36 23.10
C ARG Q 69 18.62 4.35 23.37
N PRO Q 70 18.19 3.88 24.56
CA PRO Q 70 16.78 3.98 24.89
C PRO Q 70 16.24 5.37 25.15
N VAL Q 71 17.10 6.28 25.62
CA VAL Q 71 16.78 7.70 25.74
C VAL Q 71 16.68 8.29 24.34
N ILE Q 72 17.61 7.96 23.41
CA ILE Q 72 17.45 8.28 21.98
C ILE Q 72 16.15 7.71 21.41
N GLU Q 73 15.58 6.70 22.09
CA GLU Q 73 14.32 6.07 21.70
C GLU Q 73 13.19 6.55 22.58
N ALA Q 74 13.49 7.09 23.77
CA ALA Q 74 12.47 7.15 24.83
C ALA Q 74 12.50 8.46 25.59
N TYR Q 75 13.65 9.13 25.64
CA TYR Q 75 13.86 10.32 26.49
C TYR Q 75 15.22 10.93 26.22
N PRO Q 76 15.37 11.53 25.01
CA PRO Q 76 16.68 12.05 24.61
C PRO Q 76 17.18 13.15 25.53
N TRP Q 77 16.23 13.76 26.23
CA TRP Q 77 16.52 14.65 27.36
C TRP Q 77 17.48 14.03 28.38
N ALA Q 78 17.46 12.70 28.46
CA ALA Q 78 18.23 11.93 29.43
C ALA Q 78 19.70 12.17 29.23
N TRP Q 79 20.04 12.72 28.07
CA TRP Q 79 21.41 13.15 27.79
C TRP Q 79 21.82 14.21 28.78
N ILE Q 80 20.86 15.08 29.06
CA ILE Q 80 20.95 16.05 30.17
C ILE Q 80 20.96 15.31 31.51
N TYR Q 81 19.97 14.44 31.70
CA TYR Q 81 19.73 13.65 32.92
C TYR Q 81 20.68 12.47 33.02
N PHE Q 82 21.69 12.50 32.18
CA PHE Q 82 22.92 11.72 32.36
C PHE Q 82 24.08 12.65 32.61
N VAL Q 83 24.11 13.72 31.82
CA VAL Q 83 25.05 14.84 31.99
C VAL Q 83 24.83 15.38 33.39
N SER Q 84 23.58 15.39 33.86
CA SER Q 84 23.20 15.86 35.22
C SER Q 84 23.89 15.09 36.35
N PHE Q 85 23.81 13.77 36.25
CA PHE Q 85 24.44 12.88 37.27
C PHE Q 85 25.94 13.08 37.30
N ILE Q 86 26.48 13.19 36.11
CA ILE Q 86 27.91 13.49 35.84
C ILE Q 86 28.23 14.90 36.32
N LEU Q 87 27.34 15.83 36.00
CA LEU Q 87 27.55 17.25 36.36
C LEU Q 87 27.53 17.38 37.86
N VAL Q 88 26.50 16.81 38.47
CA VAL Q 88 26.32 16.87 39.92
C VAL Q 88 27.49 16.21 40.63
N SER Q 89 27.84 14.99 40.24
CA SER Q 89 28.97 14.27 40.87
C SER Q 89 30.25 15.07 40.86
N SER Q 90 30.73 15.50 39.71
CA SER Q 90 32.06 16.16 39.64
C SER Q 90 32.03 17.41 40.51
N PHE Q 91 31.00 18.25 40.33
CA PHE Q 91 30.83 19.53 41.04
C PHE Q 91 30.96 19.28 42.52
N THR Q 92 30.36 18.17 42.93
CA THR Q 92 30.42 17.78 44.36
C THR Q 92 31.83 17.32 44.79
N VAL Q 93 32.29 16.28 44.11
CA VAL Q 93 33.30 15.33 44.66
C VAL Q 93 34.63 16.02 44.57
N LEU Q 94 34.86 16.72 43.48
CA LEU Q 94 36.10 17.47 43.27
C LEU Q 94 36.30 18.42 44.46
N ASN Q 95 35.27 19.22 44.73
CA ASN Q 95 35.38 20.39 45.64
C ASN Q 95 35.60 19.80 47.00
N LEU Q 96 34.92 18.69 47.28
CA LEU Q 96 35.08 18.09 48.62
C LEU Q 96 36.53 17.67 48.75
N PHE Q 97 37.08 17.21 47.64
CA PHE Q 97 38.50 16.81 47.57
C PHE Q 97 39.36 18.07 47.54
N ILE Q 98 39.09 19.00 46.64
CA ILE Q 98 39.89 20.23 46.49
C ILE Q 98 39.95 20.95 47.82
N GLY Q 99 38.74 21.16 48.32
CA GLY Q 99 38.55 21.69 49.66
C GLY Q 99 39.53 21.13 50.64
N ILE Q 100 39.73 19.82 50.55
CA ILE Q 100 40.65 19.12 51.46
C ILE Q 100 42.08 19.28 50.98
N ILE Q 101 42.32 19.27 49.66
CA ILE Q 101 43.64 19.57 49.06
C ILE Q 101 44.16 20.88 49.61
N ILE Q 102 43.25 21.83 49.74
CA ILE Q 102 43.47 23.22 50.16
C ILE Q 102 43.86 23.25 51.61
N GLU Q 103 43.07 22.54 52.42
CA GLU Q 103 43.32 22.43 53.87
C GLU Q 103 44.61 21.64 54.09
N SER Q 104 44.93 20.84 53.10
CA SER Q 104 46.17 20.06 53.10
C SER Q 104 47.32 20.99 52.76
N MET Q 105 47.11 21.82 51.78
CA MET Q 105 48.12 22.76 51.24
C MET Q 105 48.30 24.01 52.11
N GLN Q 106 47.26 24.33 52.85
CA GLN Q 106 47.16 25.44 53.80
C GLN Q 106 47.98 25.22 55.07
N SER Q 107 48.13 23.97 55.43
CA SER Q 107 48.81 23.57 56.68
C SER Q 107 50.32 23.82 56.60
N ALA Q 108 50.91 23.40 55.48
CA ALA Q 108 52.35 23.26 55.26
C ALA Q 108 53.01 24.60 55.04
N HIS Q 109 52.31 25.55 54.42
CA HIS Q 109 52.79 26.92 54.17
C HIS Q 109 53.02 27.61 55.51
N HIS Q 110 52.08 27.51 56.42
CA HIS Q 110 52.20 28.07 57.79
C HIS Q 110 53.34 27.38 58.51
N ALA Q 111 53.55 26.13 58.16
CA ALA Q 111 54.55 25.25 58.80
C ALA Q 111 55.89 25.56 58.17
N GLU Q 112 55.95 25.65 56.86
CA GLU Q 112 57.17 25.98 56.10
C GLU Q 112 57.74 27.30 56.60
N ASP Q 113 56.86 28.26 56.80
CA ASP Q 113 57.24 29.60 57.30
C ASP Q 113 57.39 29.55 58.80
N GLY Q 114 56.57 28.67 59.41
CA GLY Q 114 56.68 28.31 60.84
C GLY Q 114 58.06 27.78 61.17
N GLU Q 115 58.52 26.88 60.31
CA GLU Q 115 59.82 26.25 60.41
C GLU Q 115 60.89 27.28 60.18
N ARG Q 116 60.69 28.15 59.22
CA ARG Q 116 61.59 29.25 58.92
C ARG Q 116 61.43 30.31 59.99
N THR Q 117 60.29 30.36 60.69
CA THR Q 117 60.00 31.38 61.71
C THR Q 117 60.99 31.24 62.87
N ASP Q 118 61.19 30.04 63.41
CA ASP Q 118 62.09 29.73 64.53
C ASP Q 118 63.53 30.02 64.17
N ALA Q 119 63.83 30.01 62.88
CA ALA Q 119 65.20 30.03 62.36
C ALA Q 119 65.88 31.37 62.54
N TYR Q 120 65.29 32.38 61.93
CA TYR Q 120 65.92 33.69 61.80
C TYR Q 120 66.17 34.30 63.15
N ARG Q 121 65.30 33.98 64.10
CA ARG Q 121 65.44 34.46 65.48
C ARG Q 121 66.61 33.76 66.12
N ASP Q 122 66.78 32.49 65.77
CA ASP Q 122 67.89 31.70 66.37
C ASP Q 122 69.22 32.31 65.99
N GLU Q 123 69.36 32.51 64.70
CA GLU Q 123 70.55 33.09 64.11
C GLU Q 123 70.79 34.48 64.67
N VAL Q 124 69.70 35.15 65.02
CA VAL Q 124 69.76 36.45 65.71
C VAL Q 124 70.19 36.29 67.16
N LEU Q 125 69.47 35.38 67.81
CA LEU Q 125 69.70 35.00 69.21
C LEU Q 125 71.11 34.50 69.30
N ALA Q 126 71.64 34.03 68.19
CA ALA Q 126 73.04 33.60 68.14
C ALA Q 126 73.94 34.83 67.96
N ARG Q 127 73.59 35.65 66.97
CA ARG Q 127 74.44 36.81 66.65
C ARG Q 127 74.66 37.67 67.89
N LEU Q 128 73.73 37.58 68.84
CA LEU Q 128 73.57 38.53 69.96
C LEU Q 128 74.54 38.12 71.07
N GLU Q 129 74.68 36.82 71.31
CA GLU Q 129 75.59 36.36 72.36
C GLU Q 129 76.97 36.22 71.78
N GLN Q 130 77.01 36.33 70.47
CA GLN Q 130 78.23 36.21 69.68
C GLN Q 130 79.16 37.39 69.89
N ILE Q 131 78.54 38.54 70.08
CA ILE Q 131 79.22 39.83 70.23
C ILE Q 131 79.79 39.98 71.63
N ASP Q 132 79.29 39.20 72.57
CA ASP Q 132 79.59 39.31 73.99
C ASP Q 132 80.92 38.68 74.33
N GLN Q 133 81.40 37.79 73.48
CA GLN Q 133 82.55 36.93 73.80
C GLN Q 133 83.69 37.30 72.88
N ARG Q 134 83.37 37.58 71.63
CA ARG Q 134 84.42 37.85 70.63
C ARG Q 134 85.03 39.24 70.86
N LEU Q 135 84.17 40.23 71.13
CA LEU Q 135 84.57 41.58 71.57
C LEU Q 135 85.29 41.46 72.90
N ASN Q 136 84.84 40.55 73.76
CA ASN Q 136 85.48 40.25 75.07
C ASN Q 136 86.81 39.53 74.85
N LEU R 7 35.42 33.32 73.14
CA LEU R 7 34.28 32.95 74.03
C LEU R 7 32.96 33.39 73.36
N LEU R 8 32.75 34.70 73.21
CA LEU R 8 31.51 35.29 72.64
C LEU R 8 31.51 35.15 71.11
N ARG R 9 32.69 35.00 70.49
CA ARG R 9 32.86 34.84 69.02
C ARG R 9 32.14 33.57 68.58
N ALA R 10 32.49 32.43 69.20
CA ALA R 10 31.95 31.09 68.89
C ALA R 10 30.47 30.96 69.29
N ILE R 11 29.99 31.82 70.21
CA ILE R 11 28.59 31.78 70.77
C ILE R 11 27.60 31.77 69.60
N PRO R 12 27.68 32.77 68.69
CA PRO R 12 26.82 32.80 67.51
C PRO R 12 26.93 31.54 66.64
N GLY R 13 28.16 31.05 66.43
CA GLY R 13 28.47 29.85 65.63
C GLY R 13 27.50 28.70 65.86
N ILE R 14 27.30 28.30 67.13
CA ILE R 14 26.43 27.15 67.53
C ILE R 14 24.96 27.48 67.21
N ALA R 15 24.57 28.74 67.36
CA ALA R 15 23.18 29.24 67.17
C ALA R 15 22.72 28.95 65.74
N TRP R 16 23.52 29.36 64.75
CA TRP R 16 23.28 29.09 63.30
C TRP R 16 23.31 27.58 63.02
N ILE R 17 24.27 26.87 63.63
CA ILE R 17 24.45 25.39 63.49
C ILE R 17 23.19 24.69 64.03
N ALA R 18 22.74 25.10 65.22
CA ALA R 18 21.52 24.54 65.87
C ALA R 18 20.27 24.85 65.06
N LEU R 19 20.23 26.08 64.55
CA LEU R 19 19.24 26.43 63.51
C LEU R 19 19.32 25.50 62.29
N LEU R 20 20.53 25.16 61.82
CA LEU R 20 20.68 24.18 60.72
C LEU R 20 20.05 22.88 61.16
N LEU R 21 20.40 22.51 62.39
CA LEU R 21 19.91 21.34 63.11
C LEU R 21 18.41 21.43 63.34
N LEU R 22 17.93 22.60 63.72
CA LEU R 22 16.48 22.85 63.85
C LEU R 22 15.76 22.54 62.56
N VAL R 23 16.24 23.06 61.46
CA VAL R 23 15.61 22.96 60.12
C VAL R 23 16.03 21.61 59.56
N ILE R 24 17.06 21.01 60.09
CA ILE R 24 17.46 19.63 59.73
C ILE R 24 16.37 18.74 60.27
N PHE R 25 15.84 19.15 61.42
CA PHE R 25 14.68 18.51 62.03
C PHE R 25 13.50 18.67 61.11
N TYR R 26 13.22 19.93 60.76
CA TYR R 26 12.06 20.29 59.92
C TYR R 26 12.04 19.46 58.63
N VAL R 27 13.22 19.26 58.05
CA VAL R 27 13.44 18.35 56.91
C VAL R 27 13.09 16.90 57.25
N PHE R 28 13.75 16.36 58.25
CA PHE R 28 13.63 14.92 58.57
C PHE R 28 12.21 14.69 59.07
N ALA R 29 11.56 15.76 59.49
CA ALA R 29 10.13 15.65 59.93
C ALA R 29 9.19 15.54 58.74
N VAL R 30 9.45 16.45 57.81
CA VAL R 30 8.88 16.46 56.44
C VAL R 30 9.28 15.15 55.78
N MET R 31 10.47 14.65 56.03
CA MET R 31 10.90 13.35 55.45
C MET R 31 10.05 12.22 56.07
N GLY R 32 10.08 12.11 57.40
CA GLY R 32 9.54 10.92 58.10
C GLY R 32 8.06 10.75 57.92
N THR R 33 7.36 11.84 58.17
CA THR R 33 5.92 11.84 58.44
C THR R 33 5.16 11.29 57.24
N LYS R 34 5.62 11.70 56.07
CA LYS R 34 4.84 11.58 54.83
C LYS R 34 4.70 10.10 54.59
N LEU R 35 5.83 9.41 54.64
CA LEU R 35 5.93 8.02 54.21
C LEU R 35 6.13 7.08 55.38
N PHE R 36 5.59 7.42 56.54
CA PHE R 36 5.65 6.48 57.67
C PHE R 36 4.32 6.38 58.41
N ALA R 37 3.31 7.02 57.86
CA ALA R 37 2.05 7.28 58.59
C ALA R 37 1.15 6.07 58.47
N GLN R 38 0.57 5.93 57.28
CA GLN R 38 -0.76 5.36 57.06
C GLN R 38 -0.81 3.98 57.69
N SER R 39 0.34 3.30 57.83
CA SER R 39 0.43 1.97 58.48
C SER R 39 0.32 2.07 59.99
N PHE R 40 1.14 2.94 60.54
CA PHE R 40 1.11 3.22 61.99
C PHE R 40 0.96 4.72 62.19
N PRO R 41 -0.24 5.28 61.89
CA PRO R 41 -0.31 6.71 61.67
C PRO R 41 -0.70 7.46 62.92
N GLU R 42 -0.50 6.85 64.09
CA GLU R 42 -0.92 7.47 65.35
C GLU R 42 0.08 8.57 65.63
N TRP R 43 1.32 8.24 65.37
CA TRP R 43 2.43 9.11 65.73
C TRP R 43 3.30 9.38 64.52
N PHE R 44 2.68 9.69 63.41
CA PHE R 44 3.43 9.99 62.19
C PHE R 44 2.58 10.83 61.27
N GLY R 45 1.63 11.54 61.86
CA GLY R 45 0.71 12.33 61.05
C GLY R 45 1.27 13.70 60.82
N THR R 46 1.61 14.32 61.95
CA THR R 46 2.17 15.65 62.07
C THR R 46 3.68 15.48 62.22
N LEU R 47 4.35 16.48 61.72
CA LEU R 47 5.80 16.76 61.92
C LEU R 47 6.11 16.76 63.40
N GLY R 48 5.16 17.11 64.25
CA GLY R 48 5.35 16.99 65.70
C GLY R 48 5.98 15.68 66.14
N ALA R 49 5.79 14.65 65.35
CA ALA R 49 6.18 13.26 65.59
C ALA R 49 7.69 13.15 65.57
N SER R 50 8.30 14.07 64.85
CA SER R 50 9.78 14.20 64.79
C SER R 50 10.34 14.73 66.10
N MET R 51 9.63 15.71 66.67
CA MET R 51 9.97 16.11 68.04
C MET R 51 9.78 14.93 68.98
N TYR R 52 8.71 14.23 68.77
CA TYR R 52 8.41 13.01 69.51
C TYR R 52 9.55 12.07 69.28
N THR R 53 9.93 11.98 68.04
CA THR R 53 11.06 11.19 67.57
C THR R 53 12.35 11.59 68.23
N LEU R 54 12.58 12.87 68.30
CA LEU R 54 13.68 13.36 69.17
C LEU R 54 13.58 12.90 70.61
N PHE R 55 12.41 13.14 71.13
CA PHE R 55 12.02 12.90 72.51
C PHE R 55 12.15 11.42 72.67
N GLN R 56 11.68 10.69 71.68
CA GLN R 56 11.86 9.24 71.55
C GLN R 56 13.31 8.87 71.75
N VAL R 57 14.18 9.50 70.98
CA VAL R 57 15.64 9.20 71.03
C VAL R 57 16.26 9.63 72.33
N MET R 58 15.83 10.78 72.81
CA MET R 58 16.17 11.30 74.14
C MET R 58 15.72 10.28 75.17
N THR R 59 14.55 9.70 74.96
CA THR R 59 13.94 8.71 75.86
C THR R 59 14.37 7.29 75.49
N LEU R 60 15.37 7.18 74.64
CA LEU R 60 15.90 5.87 74.23
C LEU R 60 14.75 4.99 73.77
N GLU R 61 14.08 5.46 72.74
CA GLU R 61 12.75 4.99 72.32
C GLU R 61 12.61 3.48 72.49
N SER R 62 13.20 2.72 71.56
CA SER R 62 13.06 1.25 71.49
C SER R 62 11.58 0.90 71.54
N TRP R 63 10.77 1.79 70.99
CA TRP R 63 9.31 1.65 70.87
C TRP R 63 8.96 1.82 69.39
N SER R 64 9.76 2.62 68.67
CA SER R 64 9.95 2.54 67.20
C SER R 64 10.64 1.25 66.84
N MET R 65 11.14 0.46 67.79
CA MET R 65 11.59 -0.94 67.56
C MET R 65 10.34 -1.62 67.08
N GLY R 66 9.25 -1.45 67.82
CA GLY R 66 7.91 -1.78 67.34
C GLY R 66 7.63 -1.36 65.91
N ILE R 67 7.79 -0.05 65.67
CA ILE R 67 7.64 0.55 64.33
C ILE R 67 8.70 0.03 63.38
N ALA R 68 9.83 -0.32 63.96
CA ALA R 68 10.91 -0.96 63.20
C ALA R 68 10.52 -2.39 62.82
N ARG R 69 9.86 -3.11 63.71
CA ARG R 69 9.18 -4.37 63.37
C ARG R 69 8.09 -4.01 62.38
N PRO R 70 7.38 -2.88 62.58
CA PRO R 70 6.42 -2.45 61.59
C PRO R 70 7.00 -1.96 60.27
N VAL R 71 8.19 -1.40 60.30
CA VAL R 71 8.95 -1.04 59.10
C VAL R 71 9.40 -2.33 58.40
N ILE R 72 9.88 -3.34 59.15
CA ILE R 72 10.10 -4.70 58.60
C ILE R 72 8.80 -5.28 58.01
N GLU R 73 7.64 -4.73 58.42
CA GLU R 73 6.33 -5.14 57.91
C GLU R 73 5.80 -4.13 56.92
N ALA R 74 6.30 -2.89 56.94
CA ALA R 74 5.54 -1.78 56.34
C ALA R 74 6.42 -0.83 55.56
N TYR R 75 7.70 -0.74 55.91
CA TYR R 75 8.61 0.30 55.37
C TYR R 75 10.04 0.03 55.82
N PRO R 76 10.62 -1.08 55.31
CA PRO R 76 11.95 -1.47 55.74
C PRO R 76 13.01 -0.43 55.41
N TRP R 77 12.67 0.41 54.44
CA TRP R 77 13.39 1.68 54.15
C TRP R 77 13.63 2.51 55.40
N ALA R 78 12.75 2.36 56.39
CA ALA R 78 12.78 3.14 57.63
C ALA R 78 14.08 2.88 58.38
N TRP R 79 14.77 1.83 57.98
CA TRP R 79 16.11 1.54 58.48
C TRP R 79 17.04 2.67 58.11
N ILE R 80 16.85 3.16 56.90
CA ILE R 80 17.44 4.43 56.44
C ILE R 80 16.89 5.61 57.22
N TYR R 81 15.56 5.70 57.29
CA TYR R 81 14.80 6.77 57.95
C TYR R 81 14.78 6.61 59.45
N PHE R 82 15.63 5.72 59.93
CA PHE R 82 16.07 5.68 61.32
C PHE R 82 17.55 6.02 61.40
N VAL R 83 18.29 5.42 60.48
CA VAL R 83 19.71 5.73 60.25
C VAL R 83 19.79 7.21 59.95
N SER R 84 18.79 7.76 59.25
CA SER R 84 18.71 9.21 58.90
C SER R 84 18.71 10.14 60.12
N PHE R 85 17.84 9.82 61.07
CA PHE R 85 17.72 10.62 62.32
C PHE R 85 19.02 10.57 63.11
N ILE R 86 19.56 9.38 63.14
CA ILE R 86 20.91 9.07 63.73
C ILE R 86 21.99 9.78 62.94
N LEU R 87 21.88 9.68 61.62
CA LEU R 87 22.90 10.28 60.74
C LEU R 87 22.87 11.79 60.90
N VAL R 88 21.68 12.34 60.82
CA VAL R 88 21.50 13.79 60.93
C VAL R 88 21.97 14.28 62.29
N SER R 89 21.53 13.65 63.37
CA SER R 89 21.95 14.06 64.73
C SER R 89 23.46 14.11 64.88
N SER R 90 24.16 13.02 64.63
CA SER R 90 25.61 12.98 64.90
C SER R 90 26.30 14.07 64.07
N PHE R 91 26.00 14.10 62.77
CA PHE R 91 26.59 15.06 61.80
C PHE R 91 26.46 16.46 62.36
N THR R 92 25.29 16.69 62.94
CA THR R 92 25.01 18.01 63.55
C THR R 92 25.84 18.27 64.83
N VAL R 93 25.67 17.37 65.79
CA VAL R 93 25.96 17.68 67.22
C VAL R 93 27.47 17.66 67.39
N LEU R 94 28.10 16.70 66.75
CA LEU R 94 29.56 16.58 66.78
C LEU R 94 30.18 17.90 66.34
N ASN R 95 29.77 18.38 65.19
CA ASN R 95 30.43 19.49 64.47
C ASN R 95 30.20 20.70 65.31
N LEU R 96 29.02 20.81 65.89
CA LEU R 96 28.74 21.99 66.73
C LEU R 96 29.71 21.96 67.90
N PHE R 97 30.00 20.75 68.36
CA PHE R 97 30.97 20.54 69.44
C PHE R 97 32.38 20.72 68.87
N ILE R 98 32.71 20.02 67.79
CA ILE R 98 34.05 20.06 67.18
C ILE R 98 34.39 21.50 66.85
N GLY R 99 33.45 22.07 66.12
CA GLY R 99 33.48 23.49 65.79
C GLY R 99 33.95 24.31 66.96
N ILE R 100 33.44 23.98 68.14
CA ILE R 100 33.79 24.71 69.36
C ILE R 100 35.12 24.22 69.89
N ILE R 101 35.41 22.92 69.80
CA ILE R 101 36.72 22.33 70.14
C ILE R 101 37.81 23.09 69.41
N ILE R 102 37.52 23.41 68.16
CA ILE R 102 38.41 24.05 67.17
C ILE R 102 38.66 25.48 67.59
N GLU R 103 37.58 26.18 67.92
CA GLU R 103 37.65 27.57 68.39
C GLU R 103 38.34 27.61 69.73
N SER R 104 38.25 26.47 70.42
CA SER R 104 38.91 26.31 71.71
C SER R 104 40.41 26.10 71.46
N MET R 105 40.70 25.29 70.48
CA MET R 105 42.09 24.89 70.11
C MET R 105 42.82 25.95 69.29
N GLN R 106 42.04 26.76 68.62
CA GLN R 106 42.45 27.89 67.76
C GLN R 106 42.96 29.08 68.57
N SER R 107 42.46 29.21 69.78
CA SER R 107 42.77 30.37 70.65
C SER R 107 44.20 30.30 71.17
N ALA R 108 44.60 29.11 71.64
CA ALA R 108 45.82 28.86 72.40
C ALA R 108 47.06 28.86 71.52
N HIS R 109 46.92 28.41 70.28
CA HIS R 109 48.00 28.41 69.27
C HIS R 109 48.44 29.83 68.99
N HIS R 110 47.50 30.75 68.78
CA HIS R 110 47.77 32.19 68.57
C HIS R 110 48.42 32.75 69.82
N ALA R 111 48.02 32.20 70.97
CA ALA R 111 48.45 32.65 72.29
C ALA R 111 49.82 32.09 72.55
N GLU R 112 50.01 30.80 72.29
CA GLU R 112 51.31 30.12 72.42
C GLU R 112 52.36 30.86 71.62
N ASP R 113 52.01 31.24 70.41
CA ASP R 113 52.90 31.99 69.50
C ASP R 113 52.89 33.44 69.87
N GLY R 114 51.72 33.89 70.37
CA GLY R 114 51.55 35.23 70.99
C GLY R 114 52.51 35.42 72.14
N GLU R 115 52.57 34.40 72.98
CA GLU R 115 53.44 34.37 74.15
C GLU R 115 54.89 34.33 73.69
N ARG R 116 55.18 33.56 72.67
CA ARG R 116 56.50 33.47 72.07
C ARG R 116 56.74 34.72 71.25
N THR R 117 55.69 35.42 70.82
CA THR R 117 55.82 36.64 69.98
C THR R 117 56.54 37.73 70.77
N ASP R 118 56.12 38.02 71.99
CA ASP R 118 56.68 39.06 72.89
C ASP R 118 58.13 38.74 73.24
N ALA R 119 58.50 37.47 73.14
CA ALA R 119 59.76 36.95 73.67
C ALA R 119 60.96 37.39 72.86
N TYR R 120 60.96 37.04 71.59
CA TYR R 120 62.13 37.18 70.74
C TYR R 120 62.53 38.63 70.61
N ARG R 121 61.54 39.50 70.67
CA ARG R 121 61.76 40.96 70.61
C ARG R 121 62.42 41.40 71.89
N ASP R 122 61.99 40.78 72.99
CA ASP R 122 62.55 41.16 74.30
C ASP R 122 64.04 40.89 74.35
N GLU R 123 64.36 39.67 73.98
CA GLU R 123 65.74 39.20 73.93
C GLU R 123 66.54 40.05 72.96
N VAL R 124 65.87 40.56 71.95
CA VAL R 124 66.48 41.53 71.00
C VAL R 124 66.65 42.89 71.66
N LEU R 125 65.54 43.34 72.23
CA LEU R 125 65.45 44.61 72.93
C LEU R 125 66.42 44.56 74.07
N ALA R 126 66.78 43.35 74.48
CA ALA R 126 67.81 43.17 75.51
C ALA R 126 69.19 43.25 74.86
N ARG R 127 69.34 42.49 73.78
CA ARG R 127 70.60 42.41 73.04
C ARG R 127 70.94 43.69 72.33
N LEU R 128 70.21 44.75 72.58
CA LEU R 128 70.39 46.08 71.94
C LEU R 128 70.98 47.04 72.98
N GLU R 129 70.46 46.96 74.20
CA GLU R 129 70.88 47.88 75.25
C GLU R 129 72.06 47.27 75.95
N GLN R 130 72.33 46.03 75.61
CA GLN R 130 73.42 45.24 76.16
C GLN R 130 74.77 45.73 75.69
N ILE R 131 74.76 46.22 74.47
CA ILE R 131 75.97 46.69 73.77
C ILE R 131 76.36 48.07 74.21
N ASP R 132 75.42 48.80 74.80
CA ASP R 132 75.66 50.15 75.30
C ASP R 132 76.61 50.11 76.50
N GLN R 133 77.25 48.99 76.78
CA GLN R 133 78.66 49.03 77.30
C GLN R 133 79.56 49.64 76.26
N ARG R 134 79.49 49.10 75.05
CA ARG R 134 80.48 49.40 74.01
C ARG R 134 80.07 50.63 73.17
N LEU S 7 34.87 48.86 56.11
CA LEU S 7 34.36 47.54 56.58
C LEU S 7 33.65 46.82 55.42
N LEU S 8 34.41 46.42 54.40
CA LEU S 8 33.93 45.64 53.23
C LEU S 8 33.69 44.17 53.63
N ARG S 9 34.36 43.70 54.69
CA ARG S 9 34.22 42.32 55.24
C ARG S 9 32.76 42.11 55.67
N ALA S 10 32.27 42.99 56.54
CA ALA S 10 30.91 42.99 57.13
C ALA S 10 29.83 43.22 56.07
N ILE S 11 30.17 43.85 54.93
CA ILE S 11 29.23 44.21 53.84
C ILE S 11 28.49 42.96 53.37
N PRO S 12 29.15 42.03 52.63
CA PRO S 12 28.42 40.95 51.96
C PRO S 12 27.72 40.03 52.97
N GLY S 13 28.41 39.74 54.08
CA GLY S 13 27.94 38.89 55.18
C GLY S 13 26.52 39.18 55.58
N ILE S 14 26.18 40.45 55.84
CA ILE S 14 24.81 40.89 56.30
C ILE S 14 23.79 40.66 55.18
N ALA S 15 24.19 40.83 53.92
CA ALA S 15 23.33 40.73 52.73
C ALA S 15 22.72 39.33 52.63
N TRP S 16 23.56 38.29 52.72
CA TRP S 16 23.14 36.86 52.72
C TRP S 16 22.30 36.58 53.97
N ILE S 17 22.71 37.11 55.13
CA ILE S 17 22.02 36.94 56.44
C ILE S 17 20.62 37.55 56.35
N ALA S 18 20.53 38.77 55.81
CA ALA S 18 19.24 39.50 55.63
C ALA S 18 18.34 38.78 54.63
N LEU S 19 18.98 38.29 53.57
CA LEU S 19 18.30 37.34 52.67
C LEU S 19 17.79 36.10 53.42
N LEU S 20 18.57 35.54 54.34
CA LEU S 20 18.09 34.40 55.19
C LEU S 20 16.86 34.88 55.93
N LEU S 21 17.01 36.06 56.50
CA LEU S 21 15.98 36.79 57.24
C LEU S 21 14.81 37.14 56.35
N LEU S 22 15.08 37.57 55.13
CA LEU S 22 14.03 37.82 54.13
C LEU S 22 13.18 36.57 53.93
N VAL S 23 13.83 35.45 53.68
CA VAL S 23 13.17 34.17 53.36
C VAL S 23 12.74 33.55 54.66
N ILE S 24 13.31 33.98 55.77
CA ILE S 24 12.85 33.56 57.11
C ILE S 24 11.48 34.16 57.30
N PHE S 25 11.32 35.35 56.73
CA PHE S 25 10.03 36.03 56.67
C PHE S 25 9.10 35.20 55.82
N TYR S 26 9.53 34.90 54.61
CA TYR S 26 8.72 34.17 53.62
C TYR S 26 8.18 32.87 54.22
N VAL S 27 9.03 32.19 54.99
CA VAL S 27 8.68 31.01 55.79
C VAL S 27 7.60 31.32 56.84
N PHE S 28 7.91 32.26 57.71
CA PHE S 28 7.04 32.53 58.87
C PHE S 28 5.74 33.12 58.33
N ALA S 29 5.80 33.64 57.12
CA ALA S 29 4.57 34.18 56.47
C ALA S 29 3.67 33.07 55.97
N VAL S 30 4.33 32.15 55.28
CA VAL S 30 3.79 30.84 54.87
C VAL S 30 3.37 30.11 56.13
N MET S 31 4.13 30.23 57.22
CA MET S 31 3.75 29.57 58.48
C MET S 31 2.46 30.22 59.02
N GLY S 32 2.50 31.54 59.24
CA GLY S 32 1.46 32.23 60.04
C GLY S 32 0.11 32.20 59.39
N THR S 33 0.12 32.57 58.12
CA THR S 33 -1.09 33.00 57.39
C THR S 33 -2.10 31.87 57.35
N LYS S 34 -1.57 30.68 57.11
CA LYS S 34 -2.39 29.53 56.68
C LYS S 34 -3.31 29.24 57.84
N LEU S 35 -2.71 29.11 59.01
CA LEU S 35 -3.37 28.60 60.21
C LEU S 35 -3.61 29.68 61.24
N PHE S 36 -3.80 30.92 60.81
CA PHE S 36 -4.17 31.96 61.78
C PHE S 36 -5.25 32.87 61.26
N ALA S 37 -5.84 32.49 60.13
CA ALA S 37 -6.72 33.40 59.38
C ALA S 37 -8.13 33.33 59.95
N GLN S 38 -8.78 32.22 59.64
CA GLN S 38 -10.23 32.14 59.45
C GLN S 38 -10.93 32.68 60.69
N SER S 39 -10.28 32.63 61.86
CA SER S 39 -10.82 33.18 63.13
C SER S 39 -10.75 34.70 63.14
N PHE S 40 -9.55 35.19 62.88
CA PHE S 40 -9.31 36.64 62.78
C PHE S 40 -8.66 36.95 61.45
N PRO S 41 -9.42 36.84 60.34
CA PRO S 41 -8.78 36.72 59.05
C PRO S 41 -8.61 38.05 58.36
N GLU S 42 -8.65 39.13 59.12
CA GLU S 42 -8.59 40.48 58.52
C GLU S 42 -7.16 40.69 58.10
N TRP S 43 -6.28 40.25 58.98
CA TRP S 43 -4.85 40.52 58.82
C TRP S 43 -4.06 39.22 58.88
N PHE S 44 -4.54 38.22 58.17
CA PHE S 44 -3.84 36.94 58.15
C PHE S 44 -4.23 36.18 56.90
N GLY S 45 -4.62 36.92 55.89
CA GLY S 45 -5.07 36.27 54.65
C GLY S 45 -3.92 36.04 53.73
N THR S 46 -3.21 37.14 53.50
CA THR S 46 -2.04 37.26 52.65
C THR S 46 -0.83 37.21 53.55
N LEU S 47 0.23 36.69 52.97
CA LEU S 47 1.61 36.73 53.50
C LEU S 47 2.00 38.15 53.80
N GLY S 48 1.44 39.12 53.11
CA GLY S 48 1.63 40.53 53.46
C GLY S 48 1.55 40.83 54.95
N ALA S 49 0.82 40.02 55.65
CA ALA S 49 0.45 40.12 57.08
C ALA S 49 1.68 39.92 57.92
N SER S 50 2.63 39.19 57.37
CA SER S 50 3.96 38.96 57.97
C SER S 50 4.81 40.21 57.94
N MET S 51 4.74 40.92 56.81
CA MET S 51 5.32 42.26 56.78
C MET S 51 4.65 43.15 57.80
N TYR S 52 3.36 43.03 57.85
CA TYR S 52 2.53 43.72 58.82
C TYR S 52 3.03 43.30 60.18
N THR S 53 3.20 42.02 60.31
CA THR S 53 3.73 41.38 61.50
C THR S 53 5.11 41.90 61.87
N LEU S 54 5.96 42.01 60.90
CA LEU S 54 7.21 42.78 61.13
C LEU S 54 7.00 44.19 61.63
N PHE S 55 6.15 44.85 60.89
CA PHE S 55 5.80 46.26 61.07
C PHE S 55 5.16 46.31 62.42
N GLN S 56 4.32 45.35 62.70
CA GLN S 56 3.73 45.11 64.01
C GLN S 56 4.80 45.11 65.08
N VAL S 57 5.82 44.28 64.89
CA VAL S 57 6.91 44.13 65.88
C VAL S 57 7.77 45.37 65.97
N MET S 58 8.01 45.96 64.82
CA MET S 58 8.67 47.27 64.70
C MET S 58 7.84 48.29 65.46
N THR S 59 6.52 48.17 65.36
CA THR S 59 5.56 49.09 66.01
C THR S 59 5.18 48.57 67.39
N LEU S 60 5.92 47.61 67.90
CA LEU S 60 5.67 47.05 69.23
C LEU S 60 4.20 46.69 69.36
N GLU S 61 3.80 45.76 68.50
CA GLU S 61 2.40 45.47 68.17
C GLU S 61 1.48 45.61 69.38
N SER S 62 1.48 44.60 70.25
CA SER S 62 0.55 44.50 71.40
C SER S 62 -0.87 44.72 70.89
N TRP S 63 -1.09 44.28 69.66
CA TRP S 63 -2.38 44.31 68.96
C TRP S 63 -2.69 42.87 68.53
N SER S 64 -1.65 42.08 68.25
CA SER S 64 -1.64 40.61 68.32
C SER S 64 -1.84 40.15 69.75
N MET S 65 -1.80 41.04 70.76
CA MET S 65 -2.23 40.76 72.14
C MET S 65 -3.68 40.38 71.97
N GLY S 66 -4.42 41.23 71.27
CA GLY S 66 -5.74 40.87 70.76
C GLY S 66 -5.84 39.49 70.16
N ILE S 67 -4.99 39.25 69.15
CA ILE S 67 -4.88 37.93 68.48
C ILE S 67 -4.37 36.89 69.45
N ALA S 68 -3.59 37.35 70.42
CA ALA S 68 -3.13 36.48 71.50
C ALA S 68 -4.28 36.13 72.43
N ARG S 69 -5.17 37.07 72.70
CA ARG S 69 -6.46 36.78 73.34
C ARG S 69 -7.22 35.89 72.36
N PRO S 70 -7.15 36.19 71.04
CA PRO S 70 -7.77 35.29 70.10
C PRO S 70 -7.12 33.93 69.92
N VAL S 71 -5.82 33.86 70.14
CA VAL S 71 -5.07 32.59 70.19
C VAL S 71 -5.49 31.84 71.46
N ILE S 72 -5.61 32.52 72.61
CA ILE S 72 -6.25 31.93 73.82
C ILE S 72 -7.67 31.47 73.53
N GLU S 73 -8.29 31.99 72.45
CA GLU S 73 -9.63 31.61 72.03
C GLU S 73 -9.57 30.68 70.82
N ALA S 74 -8.44 30.67 70.08
CA ALA S 74 -8.48 30.17 68.71
C ALA S 74 -7.27 29.32 68.37
N TYR S 75 -6.14 29.53 69.04
CA TYR S 75 -4.86 28.91 68.67
C TYR S 75 -3.80 29.24 69.72
N PRO S 76 -3.95 28.67 70.93
CA PRO S 76 -3.06 29.01 72.03
C PRO S 76 -1.61 28.65 71.74
N TRP S 77 -1.45 27.73 70.81
CA TRP S 77 -0.15 27.43 70.18
C TRP S 77 0.57 28.69 69.68
N ALA S 78 -0.22 29.70 69.33
CA ALA S 78 0.27 30.94 68.74
C ALA S 78 1.19 31.64 69.71
N TRP S 79 1.16 31.21 70.96
CA TRP S 79 2.11 31.67 71.98
C TRP S 79 3.51 31.30 71.56
N ILE S 80 3.61 30.10 71.00
CA ILE S 80 4.81 29.63 70.29
C ILE S 80 5.03 30.45 69.03
N TYR S 81 4.00 30.56 68.20
CA TYR S 81 3.97 31.25 66.90
C TYR S 81 3.88 32.75 67.06
N PHE S 82 4.10 33.19 68.30
CA PHE S 82 4.46 34.57 68.61
C PHE S 82 5.86 34.62 69.17
N VAL S 83 6.14 33.66 70.05
CA VAL S 83 7.49 33.42 70.58
C VAL S 83 8.38 33.14 69.40
N SER S 84 7.86 32.45 68.38
CA SER S 84 8.59 32.12 67.11
C SER S 84 9.08 33.34 66.36
N PHE S 85 8.18 34.30 66.16
CA PHE S 85 8.52 35.56 65.45
C PHE S 85 9.59 36.33 66.21
N ILE S 86 9.41 36.35 67.50
CA ILE S 86 10.36 36.92 68.50
C ILE S 86 11.65 36.12 68.48
N LEU S 87 11.51 34.80 68.50
CA LEU S 87 12.67 33.91 68.54
C LEU S 87 13.47 34.07 67.26
N VAL S 88 12.77 33.99 66.15
CA VAL S 88 13.42 34.11 64.83
C VAL S 88 14.08 35.45 64.68
N SER S 89 13.37 36.55 64.97
CA SER S 89 13.96 37.90 64.86
C SER S 89 15.26 38.04 65.62
N SER S 90 15.26 37.79 66.92
CA SER S 90 16.48 38.05 67.73
C SER S 90 17.64 37.21 67.18
N PHE S 91 17.38 35.91 67.00
CA PHE S 91 18.39 34.93 66.51
C PHE S 91 19.03 35.48 65.26
N THR S 92 18.17 36.06 64.43
CA THR S 92 18.66 36.66 63.16
C THR S 92 19.49 37.93 63.38
N VAL S 93 18.86 38.91 64.04
CA VAL S 93 19.27 40.33 63.91
C VAL S 93 20.55 40.51 64.72
N LEU S 94 20.58 39.88 65.88
CA LEU S 94 21.75 39.92 66.74
C LEU S 94 22.99 39.50 65.93
N ASN S 95 22.90 38.33 65.31
CA ASN S 95 24.06 37.62 64.72
C ASN S 95 24.47 38.46 63.56
N LEU S 96 23.51 39.02 62.84
CA LEU S 96 23.87 39.84 61.68
C LEU S 96 24.66 41.03 62.19
N PHE S 97 24.28 41.51 63.37
CA PHE S 97 25.00 42.61 64.04
C PHE S 97 26.29 42.07 64.63
N ILE S 98 26.23 40.99 65.40
CA ILE S 98 27.42 40.42 66.07
C ILE S 98 28.47 40.10 65.02
N GLY S 99 27.97 39.35 64.05
CA GLY S 99 28.75 39.02 62.87
C GLY S 99 29.53 40.20 62.38
N ILE S 100 28.90 41.36 62.39
CA ILE S 100 29.55 42.60 61.93
C ILE S 100 30.42 43.18 63.03
N ILE S 101 29.99 43.09 64.29
CA ILE S 101 30.80 43.47 65.47
C ILE S 101 32.14 42.78 65.39
N ILE S 102 32.10 41.52 64.98
CA ILE S 102 33.23 40.58 64.91
C ILE S 102 34.18 41.01 63.81
N GLU S 103 33.58 41.29 62.65
CA GLU S 103 34.34 41.78 61.47
C GLU S 103 34.90 43.16 61.78
N SER S 104 34.23 43.83 62.69
CA SER S 104 34.66 45.15 63.16
C SER S 104 35.83 44.96 64.10
N MET S 105 35.71 43.99 64.97
CA MET S 105 36.70 43.68 66.03
C MET S 105 37.90 42.91 65.51
N GLN S 106 37.69 42.20 64.42
CA GLN S 106 38.67 41.38 63.68
C GLN S 106 39.67 42.22 62.91
N SER S 107 39.25 43.40 62.51
CA SER S 107 40.06 44.30 61.66
C SER S 107 41.23 44.91 62.44
N ALA S 108 40.93 45.37 63.65
CA ALA S 108 41.80 46.22 64.48
C ALA S 108 42.92 45.42 65.14
N HIS S 109 42.64 44.17 65.48
CA HIS S 109 43.59 43.23 66.08
C HIS S 109 44.73 43.00 65.09
N HIS S 110 44.43 42.76 63.82
CA HIS S 110 45.45 42.59 62.75
C HIS S 110 46.21 43.92 62.65
N ALA S 111 45.44 45.02 62.72
CA ALA S 111 45.94 46.39 62.52
C ALA S 111 46.84 46.75 63.70
N GLU S 112 46.38 46.39 64.90
CA GLU S 112 47.19 46.56 66.11
C GLU S 112 48.52 45.82 65.97
N ASP S 113 48.46 44.62 65.45
CA ASP S 113 49.63 43.77 65.19
C ASP S 113 50.35 44.26 63.94
N GLY S 114 49.54 44.77 63.00
CA GLY S 114 50.00 45.43 61.80
C GLY S 114 50.86 46.63 62.13
N GLU S 115 50.37 47.41 63.08
CA GLU S 115 51.04 48.60 63.60
C GLU S 115 52.31 48.16 64.31
N ARG S 116 52.22 47.14 65.13
CA ARG S 116 53.35 46.52 65.81
C ARG S 116 54.22 45.77 64.82
N THR S 117 53.71 45.41 63.66
CA THR S 117 54.44 44.65 62.63
C THR S 117 55.58 45.45 62.06
N ASP S 118 55.36 46.71 61.70
CA ASP S 118 56.37 47.63 61.14
C ASP S 118 57.44 47.92 62.17
N ALA S 119 57.09 47.83 63.45
CA ALA S 119 57.85 48.42 64.56
C ALA S 119 59.14 47.69 64.85
N TYR S 120 59.02 46.42 65.17
CA TYR S 120 60.13 45.65 65.73
C TYR S 120 61.30 45.62 64.78
N ARG S 121 60.98 45.63 63.49
CA ARG S 121 61.99 45.59 62.42
C ARG S 121 62.65 46.95 62.37
N ASP S 122 61.85 48.01 62.61
CA ASP S 122 62.41 49.37 62.57
C ASP S 122 63.50 49.53 63.65
N GLU S 123 63.09 49.15 64.84
CA GLU S 123 63.95 49.22 66.03
C GLU S 123 65.17 48.37 65.82
N VAL S 124 65.03 47.34 65.02
CA VAL S 124 66.12 46.45 64.62
C VAL S 124 66.95 47.13 63.54
N LEU S 125 66.27 47.58 62.50
CA LEU S 125 66.87 48.36 61.43
C LEU S 125 67.55 49.57 61.99
N ALA S 126 67.11 49.98 63.17
CA ALA S 126 67.76 51.10 63.89
C ALA S 126 69.01 50.58 64.61
N ARG S 127 68.80 49.51 65.36
CA ARG S 127 69.87 48.95 66.21
C ARG S 127 71.04 48.56 65.34
N LEU S 128 70.81 48.35 64.05
CA LEU S 128 71.79 47.77 63.12
C LEU S 128 72.76 48.84 62.67
N GLU S 129 72.24 50.02 62.40
CA GLU S 129 73.10 51.09 61.88
C GLU S 129 73.66 51.83 63.07
N GLN S 130 73.10 51.51 64.25
CA GLN S 130 73.52 52.16 65.50
C GLN S 130 74.91 51.70 65.92
N ILE S 131 75.23 50.47 65.56
CA ILE S 131 76.51 49.84 65.88
C ILE S 131 77.61 50.31 64.97
N ASP S 132 77.26 50.89 63.84
CA ASP S 132 78.20 51.27 62.78
C ASP S 132 78.91 52.58 63.12
N GLN S 133 78.73 53.09 64.33
CA GLN S 133 79.28 54.39 64.74
C GLN S 133 80.29 54.14 65.83
N ARG S 134 79.96 53.25 66.75
CA ARG S 134 80.84 52.88 67.86
C ARG S 134 82.00 52.02 67.37
N LEU S 135 82.28 52.03 66.07
CA LEU S 135 83.27 51.17 65.40
C LEU S 135 83.86 51.97 64.26
N ASN S 136 83.00 52.66 63.50
CA ASN S 136 83.46 53.37 62.29
C ASN S 136 82.39 54.39 61.87
N LEU T 7 45.94 29.73 45.17
CA LEU T 7 45.56 30.54 43.97
C LEU T 7 44.19 30.10 43.45
N LEU T 8 44.08 28.84 42.97
CA LEU T 8 42.83 28.27 42.40
C LEU T 8 41.89 27.84 43.53
N ARG T 9 41.99 28.46 44.71
CA ARG T 9 41.13 28.19 45.89
C ARG T 9 39.67 28.49 45.52
N ALA T 10 39.42 29.71 45.04
CA ALA T 10 38.08 30.22 44.67
C ALA T 10 37.54 29.51 43.43
N ILE T 11 38.41 28.92 42.60
CA ILE T 11 38.05 28.26 41.31
C ILE T 11 36.93 27.26 41.55
N PRO T 12 37.11 26.29 42.48
CA PRO T 12 36.02 25.35 42.78
C PRO T 12 34.72 26.04 43.26
N GLY T 13 34.86 27.04 44.13
CA GLY T 13 33.73 27.79 44.72
C GLY T 13 32.71 28.23 43.66
N ILE T 14 33.23 28.92 42.64
CA ILE T 14 32.46 29.72 41.63
C ILE T 14 31.66 28.76 40.74
N ALA T 15 32.20 27.58 40.43
CA ALA T 15 31.59 26.58 39.52
C ALA T 15 30.21 26.17 40.02
N TRP T 16 30.11 25.77 41.29
CA TRP T 16 28.84 25.40 41.97
C TRP T 16 27.91 26.62 42.04
N ILE T 17 28.47 27.79 42.38
CA ILE T 17 27.75 29.10 42.48
C ILE T 17 27.16 29.46 41.12
N ALA T 18 27.97 29.35 40.07
CA ALA T 18 27.56 29.64 38.66
C ALA T 18 26.51 28.64 38.20
N LEU T 19 26.71 27.39 38.57
CA LEU T 19 25.64 26.38 38.43
C LEU T 19 24.36 26.80 39.16
N LEU T 20 24.46 27.34 40.37
CA LEU T 20 23.27 27.87 41.09
C LEU T 20 22.64 28.95 40.21
N LEU T 21 23.52 29.80 39.74
CA LEU T 21 23.23 30.91 38.82
C LEU T 21 22.71 30.40 37.49
N LEU T 22 23.30 29.34 36.98
CA LEU T 22 22.81 28.67 35.76
C LEU T 22 21.36 28.25 35.94
N VAL T 23 21.05 27.58 37.02
CA VAL T 23 19.71 27.01 37.29
C VAL T 23 18.86 28.13 37.84
N ILE T 24 19.48 29.20 38.32
CA ILE T 24 18.75 30.41 38.73
C ILE T 24 18.20 31.01 37.46
N PHE T 25 18.96 30.86 36.40
CA PHE T 25 18.53 31.23 35.05
C PHE T 25 17.35 30.37 34.66
N TYR T 26 17.57 29.07 34.75
CA TYR T 26 16.58 28.04 34.31
C TYR T 26 15.23 28.29 34.95
N VAL T 27 15.25 28.65 36.25
CA VAL T 27 13.97 28.81 37.01
C VAL T 27 13.20 30.04 36.49
N PHE T 28 13.87 31.17 36.52
CA PHE T 28 13.24 32.47 36.19
C PHE T 28 12.83 32.43 34.72
N ALA T 29 13.45 31.54 33.98
CA ALA T 29 13.17 31.40 32.54
C ALA T 29 11.88 30.62 32.33
N VAL T 30 11.83 29.52 33.08
CA VAL T 30 10.76 28.52 32.97
C VAL T 30 9.48 29.21 33.37
N MET T 31 9.48 30.10 34.33
CA MET T 31 8.22 30.82 34.69
C MET T 31 7.89 31.82 33.57
N GLY T 32 8.86 32.69 33.28
CA GLY T 32 8.61 33.93 32.49
C GLY T 32 8.16 33.66 31.09
N THR T 33 8.76 32.65 30.46
CA THR T 33 8.67 32.37 29.05
C THR T 33 7.25 32.16 28.60
N LYS T 34 6.43 31.51 29.43
CA LYS T 34 5.00 31.42 29.10
C LYS T 34 4.49 32.85 29.26
N LEU T 35 4.74 33.41 30.42
CA LEU T 35 3.88 34.49 30.96
C LEU T 35 3.87 35.72 30.09
N PHE T 36 4.75 35.75 29.09
CA PHE T 36 4.90 36.93 28.23
C PHE T 36 5.00 36.53 26.77
N ALA T 37 4.50 35.35 26.47
CA ALA T 37 4.46 34.82 25.11
C ALA T 37 3.34 35.42 24.29
N GLN T 38 2.14 34.98 24.61
CA GLN T 38 1.03 34.85 23.66
C GLN T 38 0.81 36.18 22.97
N SER T 39 1.16 37.30 23.61
CA SER T 39 1.06 38.65 23.03
C SER T 39 2.13 38.90 21.99
N PHE T 40 3.37 38.66 22.41
CA PHE T 40 4.53 38.78 21.51
C PHE T 40 5.31 37.48 21.54
N PRO T 41 4.75 36.40 20.93
CA PRO T 41 5.22 35.07 21.27
C PRO T 41 6.25 34.58 20.27
N GLU T 42 6.98 35.50 19.66
CA GLU T 42 8.00 35.18 18.67
C GLU T 42 9.15 34.58 19.43
N TRP T 43 9.42 35.19 20.57
CA TRP T 43 10.60 34.84 21.34
C TRP T 43 10.24 34.48 22.76
N PHE T 44 9.22 33.65 22.91
CA PHE T 44 8.90 33.09 24.23
C PHE T 44 8.20 31.78 24.05
N GLY T 45 8.46 31.14 22.93
CA GLY T 45 7.79 29.87 22.64
C GLY T 45 8.54 28.72 23.22
N THR T 46 9.82 28.71 22.88
CA THR T 46 10.83 27.75 23.30
C THR T 46 11.59 28.36 24.47
N LEU T 47 12.11 27.46 25.28
CA LEU T 47 13.12 27.70 26.34
C LEU T 47 14.30 28.45 25.76
N GLY T 48 14.60 28.24 24.49
CA GLY T 48 15.63 29.03 23.81
C GLY T 48 15.60 30.50 24.11
N ALA T 49 14.43 31.00 24.45
CA ALA T 49 14.05 32.39 24.69
C ALA T 49 14.80 32.91 25.90
N SER T 50 15.21 31.98 26.76
CA SER T 50 15.88 32.31 28.02
C SER T 50 17.29 32.90 27.81
N MET T 51 17.98 32.24 26.90
CA MET T 51 19.27 32.67 26.41
C MET T 51 19.25 34.11 25.96
N TYR T 52 18.16 34.48 25.34
CA TYR T 52 17.82 35.80 24.90
C TYR T 52 18.20 36.76 25.98
N THR T 53 17.76 36.44 27.19
CA THR T 53 18.03 37.27 28.37
C THR T 53 19.52 37.50 28.57
N LEU T 54 20.29 36.45 28.46
CA LEU T 54 21.75 36.65 28.37
C LEU T 54 22.22 37.62 27.31
N PHE T 55 21.73 37.30 26.13
CA PHE T 55 22.02 37.95 24.87
C PHE T 55 21.52 39.34 25.05
N GLN T 56 20.35 39.45 25.64
CA GLN T 56 19.75 40.73 26.06
C GLN T 56 20.73 41.53 26.87
N VAL T 57 21.32 40.92 27.89
CA VAL T 57 22.27 41.61 28.78
C VAL T 57 23.58 41.95 28.05
N MET T 58 24.02 40.95 27.31
CA MET T 58 25.24 41.01 26.49
C MET T 58 25.10 42.13 25.50
N THR T 59 23.92 42.25 24.91
CA THR T 59 23.64 43.29 23.88
C THR T 59 23.31 44.63 24.50
N LEU T 60 23.23 44.66 25.85
CA LEU T 60 22.56 45.76 26.56
C LEU T 60 21.20 46.05 25.90
N GLU T 61 20.35 45.04 26.01
CA GLU T 61 19.16 44.81 25.17
C GLU T 61 18.52 46.13 24.75
N SER T 62 17.73 46.73 25.63
CA SER T 62 16.90 47.93 25.34
C SER T 62 16.10 47.65 24.07
N TRP T 63 15.73 46.39 23.90
CA TRP T 63 14.91 45.86 22.81
C TRP T 63 13.69 45.17 23.43
N SER T 64 13.85 44.62 24.64
CA SER T 64 12.77 44.39 25.61
C SER T 64 12.22 45.71 26.11
N MET T 65 12.84 46.85 25.79
CA MET T 65 12.23 48.19 25.99
C MET T 65 11.00 48.16 25.14
N GLY T 66 11.16 47.74 23.90
CA GLY T 66 10.04 47.34 23.04
C GLY T 66 9.00 46.48 23.73
N ILE T 67 9.46 45.35 24.26
CA ILE T 67 8.62 44.41 25.04
C ILE T 67 8.13 45.07 26.32
N ALA T 68 8.92 46.00 26.81
CA ALA T 68 8.54 46.81 27.95
C ALA T 68 7.43 47.79 27.56
N ARG T 69 7.51 48.37 26.38
CA ARG T 69 6.39 49.09 25.77
C ARG T 69 5.28 48.06 25.56
N PRO T 70 5.64 46.84 25.12
CA PRO T 70 4.61 45.81 25.03
C PRO T 70 4.07 45.28 26.35
N VAL T 71 4.88 45.30 27.39
CA VAL T 71 4.44 45.01 28.77
C VAL T 71 3.53 46.14 29.23
N ILE T 72 3.87 47.42 28.98
CA ILE T 72 2.94 48.55 29.17
C ILE T 72 1.65 48.36 28.36
N GLU T 73 1.69 47.50 27.34
CA GLU T 73 0.53 47.17 26.51
C GLU T 73 -0.04 45.82 26.87
N ALA T 74 0.77 44.96 27.53
CA ALA T 74 0.46 43.52 27.52
C ALA T 74 0.67 42.87 28.87
N TYR T 75 1.55 43.42 29.71
CA TYR T 75 1.96 42.80 30.98
C TYR T 75 2.87 43.73 31.77
N PRO T 76 2.29 44.84 32.29
CA PRO T 76 3.09 45.85 32.94
C PRO T 76 3.85 45.33 34.16
N TRP T 77 3.33 44.23 34.68
CA TRP T 77 4.03 43.41 35.69
C TRP T 77 5.46 43.06 35.27
N ALA T 78 5.65 42.97 33.95
CA ALA T 78 6.91 42.52 33.35
C ALA T 78 8.02 43.48 33.72
N TRP T 79 7.63 44.65 34.21
CA TRP T 79 8.59 45.62 34.76
C TRP T 79 9.30 45.01 35.94
N ILE T 80 8.54 44.29 36.72
CA ILE T 80 9.06 43.40 37.78
C ILE T 80 9.86 42.25 37.16
N TYR T 81 9.23 41.56 36.21
CA TYR T 81 9.77 40.38 35.51
C TYR T 81 10.78 40.76 34.46
N PHE T 82 11.19 42.02 34.51
CA PHE T 82 12.43 42.49 33.88
C PHE T 82 13.41 42.91 34.95
N VAL T 83 12.89 43.62 35.93
CA VAL T 83 13.62 44.00 37.15
C VAL T 83 14.10 42.71 37.79
N SER T 84 13.28 41.65 37.70
CA SER T 84 13.62 40.30 38.26
C SER T 84 14.90 39.69 37.68
N PHE T 85 14.96 39.70 36.35
CA PHE T 85 16.12 39.14 35.63
C PHE T 85 17.38 39.92 35.97
N ILE T 86 17.20 41.22 36.01
CA ILE T 86 18.21 42.22 36.44
C ILE T 86 18.55 42.01 37.91
N LEU T 87 17.52 41.84 38.72
CA LEU T 87 17.70 41.68 40.17
C LEU T 87 18.45 40.40 40.44
N VAL T 88 17.98 39.33 39.82
CA VAL T 88 18.58 38.01 40.01
C VAL T 88 20.02 38.01 39.52
N SER T 89 20.27 38.51 38.32
CA SER T 89 21.65 38.56 37.79
C SER T 89 22.62 39.27 38.75
N SER T 90 22.35 40.51 39.06
CA SER T 90 23.34 41.36 39.76
C SER T 90 23.66 40.72 41.10
N PHE T 91 22.63 40.36 41.88
CA PHE T 91 22.83 39.84 43.26
C PHE T 91 23.77 38.65 43.17
N THR T 92 23.58 37.89 42.10
CA THR T 92 24.34 36.66 41.89
C THR T 92 25.79 37.00 41.53
N VAL T 93 25.92 37.87 40.57
CA VAL T 93 27.17 38.32 39.97
C VAL T 93 28.14 38.92 40.96
N LEU T 94 27.65 39.85 41.76
CA LEU T 94 28.54 40.61 42.66
C LEU T 94 29.27 39.61 43.57
N ASN T 95 28.45 38.77 44.19
CA ASN T 95 28.79 37.84 45.28
C ASN T 95 29.97 37.01 44.84
N LEU T 96 29.96 36.76 43.54
CA LEU T 96 30.97 35.88 42.92
C LEU T 96 32.18 36.74 42.61
N PHE T 97 31.94 37.92 42.10
CA PHE T 97 32.97 38.92 41.82
C PHE T 97 33.60 39.48 43.09
N ILE T 98 32.83 39.94 44.06
CA ILE T 98 33.33 40.29 45.41
C ILE T 98 34.12 39.12 45.98
N GLY T 99 33.40 38.00 45.94
CA GLY T 99 33.95 36.70 46.26
C GLY T 99 35.37 36.57 45.76
N ILE T 100 35.57 36.98 44.53
CA ILE T 100 36.86 36.89 43.85
C ILE T 100 37.76 38.04 44.29
N ILE T 101 37.20 39.25 44.45
CA ILE T 101 37.90 40.43 45.00
C ILE T 101 38.60 40.05 46.27
N ILE T 102 37.94 39.23 47.08
CA ILE T 102 38.36 38.79 48.41
C ILE T 102 39.58 37.89 48.31
N GLU T 103 39.44 36.90 47.42
CA GLU T 103 40.53 35.93 47.13
C GLU T 103 41.66 36.67 46.46
N SER T 104 41.31 37.77 45.82
CA SER T 104 42.31 38.63 45.18
C SER T 104 43.03 39.43 46.25
N MET T 105 42.28 39.93 47.20
CA MET T 105 42.76 40.80 48.30
C MET T 105 43.43 40.02 49.41
N GLN T 106 43.05 38.76 49.52
CA GLN T 106 43.54 37.76 50.49
C GLN T 106 44.97 37.29 50.17
N SER T 107 45.31 37.32 48.89
CA SER T 107 46.60 36.78 48.40
C SER T 107 47.76 37.72 48.79
N ALA T 108 47.53 39.00 48.59
CA ALA T 108 48.48 40.10 48.58
C ALA T 108 48.94 40.45 49.99
N HIS T 109 48.06 40.30 51.00
CA HIS T 109 48.40 40.52 52.41
C HIS T 109 49.53 39.62 52.85
N HIS T 110 49.47 38.34 52.49
CA HIS T 110 50.53 37.38 52.80
C HIS T 110 51.81 37.82 52.13
N ALA T 111 51.66 38.44 50.98
CA ALA T 111 52.77 38.89 50.15
C ALA T 111 53.44 40.11 50.81
N GLU T 112 52.61 41.03 51.28
CA GLU T 112 53.08 42.22 52.02
C GLU T 112 53.85 41.78 53.24
N ASP T 113 53.35 40.76 53.90
CA ASP T 113 53.97 40.13 55.08
C ASP T 113 55.11 39.23 54.63
N GLY T 114 54.90 38.59 53.50
CA GLY T 114 55.90 37.78 52.80
C GLY T 114 57.12 38.59 52.48
N GLU T 115 56.86 39.79 51.98
CA GLU T 115 57.93 40.74 51.62
C GLU T 115 58.66 41.16 52.90
N ARG T 116 57.89 41.44 53.91
CA ARG T 116 58.34 41.85 55.24
C ARG T 116 58.93 40.63 55.92
N THR T 117 58.53 39.43 55.55
CA THR T 117 59.10 38.17 56.03
C THR T 117 60.40 37.99 55.26
N ASP T 118 60.54 38.62 54.08
CA ASP T 118 61.69 38.49 53.15
C ASP T 118 62.61 39.69 53.34
N ALA T 119 62.07 40.82 53.76
CA ALA T 119 62.87 42.06 53.90
C ALA T 119 63.79 42.01 55.11
N TYR T 120 63.19 41.88 56.28
CA TYR T 120 63.83 42.24 57.54
C TYR T 120 64.66 41.07 57.97
N ARG T 121 64.84 40.01 57.18
CA ARG T 121 65.93 39.06 57.43
C ARG T 121 67.14 39.50 56.63
N ASP T 122 66.86 39.91 55.41
CA ASP T 122 67.92 40.19 54.41
C ASP T 122 68.74 41.35 54.93
N GLU T 123 68.04 42.42 55.31
CA GLU T 123 68.69 43.51 56.05
C GLU T 123 69.35 42.99 57.31
N VAL T 124 68.62 42.32 58.17
CA VAL T 124 69.22 41.75 59.40
C VAL T 124 70.50 40.98 59.09
N LEU T 125 70.52 40.42 57.87
CA LEU T 125 71.61 39.57 57.43
C LEU T 125 72.62 40.42 56.72
N ALA T 126 72.19 41.53 56.17
CA ALA T 126 73.10 42.49 55.53
C ALA T 126 73.94 43.25 56.57
N ARG T 127 73.25 43.54 57.67
CA ARG T 127 73.80 44.24 58.82
C ARG T 127 74.65 43.28 59.64
N LEU T 128 74.25 42.01 59.72
CA LEU T 128 75.03 41.03 60.50
C LEU T 128 76.30 40.69 59.79
N GLU T 129 76.52 41.12 58.56
CA GLU T 129 77.81 40.88 57.90
C GLU T 129 78.80 41.93 58.32
N GLN T 130 78.33 42.95 59.05
CA GLN T 130 79.18 44.14 59.30
C GLN T 130 79.99 43.88 60.52
N ILE T 131 79.38 43.26 61.54
CA ILE T 131 80.03 43.14 62.86
C ILE T 131 81.25 42.24 62.83
N ASP T 132 81.31 41.33 61.88
CA ASP T 132 82.53 40.53 61.66
C ASP T 132 83.39 41.23 60.65
N GLN T 133 82.79 42.07 59.81
CA GLN T 133 83.59 42.90 58.88
C GLN T 133 84.42 43.91 59.64
N ARG T 134 83.91 44.34 60.80
CA ARG T 134 84.64 45.21 61.74
C ARG T 134 85.83 44.50 62.34
N LEU T 135 85.63 43.34 62.97
CA LEU T 135 86.74 42.55 63.51
C LEU T 135 87.86 42.38 62.46
N LEU U 7 -45.65 -21.78 -51.39
CA LEU U 7 -45.35 -20.55 -50.60
C LEU U 7 -44.62 -20.93 -49.31
N LEU U 8 -45.31 -21.64 -48.41
CA LEU U 8 -44.76 -22.08 -47.09
C LEU U 8 -43.79 -23.26 -47.26
N ARG U 9 -43.90 -24.03 -48.35
CA ARG U 9 -42.81 -24.92 -48.86
C ARG U 9 -41.58 -24.06 -49.18
N ALA U 10 -41.76 -23.03 -50.01
CA ALA U 10 -40.71 -22.11 -50.49
C ALA U 10 -40.19 -21.23 -49.34
N ILE U 11 -40.98 -21.04 -48.27
CA ILE U 11 -40.64 -20.15 -47.11
C ILE U 11 -39.25 -20.51 -46.59
N PRO U 12 -39.01 -21.79 -46.23
CA PRO U 12 -37.68 -22.23 -45.78
C PRO U 12 -36.58 -21.96 -46.81
N GLY U 13 -36.85 -22.21 -48.09
CA GLY U 13 -35.91 -22.03 -49.21
C GLY U 13 -35.12 -20.73 -49.12
N ILE U 14 -35.81 -19.59 -48.97
CA ILE U 14 -35.18 -18.23 -48.92
C ILE U 14 -34.34 -18.10 -47.65
N ALA U 15 -34.77 -18.71 -46.55
CA ALA U 15 -34.13 -18.63 -45.21
C ALA U 15 -32.69 -19.16 -45.29
N TRP U 16 -32.51 -20.36 -45.86
CA TRP U 16 -31.19 -20.99 -46.10
C TRP U 16 -30.37 -20.15 -47.08
N ILE U 17 -31.01 -19.66 -48.14
CA ILE U 17 -30.39 -18.80 -49.21
C ILE U 17 -29.88 -17.51 -48.57
N ALA U 18 -30.72 -16.87 -47.74
CA ALA U 18 -30.37 -15.62 -47.03
C ALA U 18 -29.25 -15.86 -46.02
N LEU U 19 -29.36 -16.98 -45.34
CA LEU U 19 -28.22 -17.49 -44.55
C LEU U 19 -26.95 -17.66 -45.38
N LEU U 20 -27.06 -18.17 -46.60
CA LEU U 20 -25.89 -18.26 -47.52
C LEU U 20 -25.36 -16.86 -47.73
N LEU U 21 -26.31 -15.98 -48.01
CA LEU U 21 -26.12 -14.55 -48.22
C LEU U 21 -25.60 -13.88 -46.96
N LEU U 22 -26.14 -14.26 -45.81
CA LEU U 22 -25.63 -13.78 -44.50
C LEU U 22 -24.16 -14.09 -44.36
N VAL U 23 -23.78 -15.34 -44.61
CA VAL U 23 -22.40 -15.84 -44.42
C VAL U 23 -21.62 -15.44 -45.64
N ILE U 24 -22.29 -15.11 -46.72
CA ILE U 24 -21.62 -14.55 -47.93
C ILE U 24 -21.12 -13.18 -47.52
N PHE U 25 -21.92 -12.55 -46.67
CA PHE U 25 -21.54 -11.27 -46.05
C PHE U 25 -20.33 -11.50 -45.18
N TYR U 26 -20.44 -12.45 -44.27
CA TYR U 26 -19.39 -12.77 -43.28
C TYR U 26 -18.05 -13.00 -43.99
N VAL U 27 -18.09 -13.69 -45.12
CA VAL U 27 -16.95 -13.87 -46.04
C VAL U 27 -16.43 -12.54 -46.58
N PHE U 28 -17.29 -11.80 -47.24
CA PHE U 28 -16.87 -10.58 -47.97
C PHE U 28 -16.45 -9.56 -46.92
N ALA U 29 -16.92 -9.77 -45.70
CA ALA U 29 -16.53 -8.86 -44.58
C ALA U 29 -15.11 -9.15 -44.11
N VAL U 30 -14.91 -10.45 -43.91
CA VAL U 30 -13.58 -11.07 -43.67
C VAL U 30 -12.72 -10.74 -44.88
N MET U 31 -13.28 -10.72 -46.09
CA MET U 31 -12.49 -10.36 -47.29
C MET U 31 -12.08 -8.87 -47.20
N GLY U 32 -13.07 -7.99 -47.08
CA GLY U 32 -12.87 -6.54 -47.27
C GLY U 32 -11.95 -5.93 -46.25
N THR U 33 -12.27 -6.23 -45.00
CA THR U 33 -11.82 -5.47 -43.83
C THR U 33 -10.30 -5.53 -43.75
N LYS U 34 -9.77 -6.72 -44.02
CA LYS U 34 -8.39 -7.06 -43.66
C LYS U 34 -7.52 -6.15 -44.47
N LEU U 35 -7.80 -6.13 -45.77
CA LEU U 35 -6.92 -5.49 -46.75
C LEU U 35 -7.53 -4.22 -47.32
N PHE U 36 -8.33 -3.52 -46.54
CA PHE U 36 -8.86 -2.22 -47.02
C PHE U 36 -8.83 -1.17 -45.92
N ALA U 37 -8.18 -1.50 -44.83
CA ALA U 37 -8.26 -0.69 -43.60
C ALA U 37 -7.25 0.44 -43.67
N GLN U 38 -5.99 0.06 -43.50
CA GLN U 38 -4.95 0.88 -42.88
C GLN U 38 -4.88 2.21 -43.60
N SER U 39 -5.26 2.26 -44.89
CA SER U 39 -5.29 3.50 -45.69
C SER U 39 -6.47 4.39 -45.30
N PHE U 40 -7.64 3.79 -45.32
CA PHE U 40 -8.86 4.48 -44.90
C PHE U 40 -9.55 3.66 -43.81
N PRO U 41 -8.96 3.63 -42.59
CA PRO U 41 -9.32 2.57 -41.68
C PRO U 41 -10.41 2.98 -40.72
N GLU U 42 -11.18 4.00 -41.07
CA GLU U 42 -12.21 4.50 -40.17
C GLU U 42 -13.34 3.52 -40.20
N TRP U 43 -13.60 3.06 -41.40
CA TRP U 43 -14.76 2.22 -41.67
C TRP U 43 -14.33 0.95 -42.37
N PHE U 44 -13.30 0.33 -41.86
CA PHE U 44 -12.83 -0.94 -42.44
C PHE U 44 -12.04 -1.70 -41.41
N GLY U 45 -12.34 -1.42 -40.15
CA GLY U 45 -11.59 -2.06 -39.08
C GLY U 45 -12.22 -3.37 -38.71
N THR U 46 -13.51 -3.25 -38.41
CA THR U 46 -14.40 -4.31 -38.01
C THR U 46 -15.18 -4.73 -39.25
N LEU U 47 -15.51 -6.01 -39.25
CA LEU U 47 -16.46 -6.65 -40.18
C LEU U 47 -17.77 -5.90 -40.18
N GLY U 48 -18.13 -5.26 -39.07
CA GLY U 48 -19.30 -4.39 -39.04
C GLY U 48 -19.44 -3.48 -40.25
N ALA U 49 -18.32 -3.15 -40.86
CA ALA U 49 -18.13 -2.19 -41.95
C ALA U 49 -18.78 -2.72 -43.20
N SER U 50 -18.88 -4.04 -43.27
CA SER U 50 -19.57 -4.76 -44.35
C SER U 50 -21.06 -4.58 -44.26
N MET U 51 -21.58 -4.65 -43.03
CA MET U 51 -22.98 -4.25 -42.81
C MET U 51 -23.16 -2.79 -43.21
N TYR U 52 -22.22 -2.00 -42.82
CA TYR U 52 -22.17 -0.59 -43.17
C TYR U 52 -22.15 -0.53 -44.67
N THR U 53 -21.31 -1.35 -45.23
CA THR U 53 -21.15 -1.52 -46.67
C THR U 53 -22.45 -1.92 -47.34
N LEU U 54 -23.13 -2.87 -46.76
CA LEU U 54 -24.53 -3.12 -47.18
C LEU U 54 -25.43 -1.92 -47.13
N PHE U 55 -25.38 -1.32 -45.98
CA PHE U 55 -26.18 -0.17 -45.57
C PHE U 55 -25.78 0.91 -46.52
N GLN U 56 -24.49 1.02 -46.75
CA GLN U 56 -23.90 1.89 -47.77
C GLN U 56 -24.59 1.70 -49.10
N VAL U 57 -24.65 0.45 -49.54
CA VAL U 57 -25.24 0.11 -50.86
C VAL U 57 -26.74 0.33 -50.88
N MET U 58 -27.36 -0.02 -49.77
CA MET U 58 -28.77 0.27 -49.50
C MET U 58 -28.98 1.77 -49.57
N THR U 59 -28.02 2.52 -49.03
CA THR U 59 -28.06 3.99 -48.98
C THR U 59 -27.39 4.60 -50.21
N LEU U 60 -27.15 3.78 -51.22
CA LEU U 60 -26.56 4.24 -52.48
C LEU U 60 -25.31 5.05 -52.17
N GLU U 61 -24.36 4.36 -51.55
CA GLU U 61 -23.21 4.97 -50.84
C GLU U 61 -22.70 6.20 -51.56
N SER U 62 -21.94 6.00 -52.65
CA SER U 62 -21.24 7.08 -53.39
C SER U 62 -20.45 7.91 -52.39
N TRP U 63 -19.98 7.24 -51.35
CA TRP U 63 -19.12 7.80 -50.29
C TRP U 63 -17.85 6.97 -50.24
N SER U 64 -17.95 5.68 -50.58
CA SER U 64 -16.86 4.83 -51.09
C SER U 64 -16.40 5.34 -52.44
N MET U 65 -17.09 6.30 -53.07
CA MET U 65 -16.59 7.03 -54.25
C MET U 65 -15.35 7.71 -53.74
N GLY U 66 -15.49 8.38 -52.61
CA GLY U 66 -14.34 8.83 -51.81
C GLY U 66 -13.25 7.79 -51.66
N ILE U 67 -13.62 6.64 -51.12
CA ILE U 67 -12.71 5.48 -50.96
C ILE U 67 -12.27 4.95 -52.31
N ALA U 68 -13.14 5.14 -53.29
CA ALA U 68 -12.80 4.81 -54.68
C ALA U 68 -11.77 5.78 -55.23
N ARG U 69 -11.88 7.06 -54.89
CA ARG U 69 -10.81 8.04 -55.11
C ARG U 69 -9.64 7.59 -54.25
N PRO U 70 -9.91 7.12 -53.01
CA PRO U 70 -8.82 6.57 -52.23
C PRO U 70 -8.24 5.25 -52.70
N VAL U 71 -9.05 4.44 -53.35
CA VAL U 71 -8.59 3.22 -54.03
C VAL U 71 -7.76 3.63 -55.25
N ILE U 72 -8.19 4.62 -56.04
CA ILE U 72 -7.34 5.25 -57.08
C ILE U 72 -6.04 5.79 -56.47
N GLU U 73 -6.02 6.03 -55.15
CA GLU U 73 -4.84 6.51 -54.44
C GLU U 73 -4.18 5.38 -53.66
N ALA U 74 -4.92 4.29 -53.39
CA ALA U 74 -4.51 3.40 -52.30
C ALA U 74 -4.68 1.93 -52.65
N TYR U 75 -5.59 1.61 -53.56
CA TYR U 75 -5.97 0.20 -53.87
C TYR U 75 -6.92 0.17 -55.06
N PRO U 76 -6.39 0.50 -56.26
CA PRO U 76 -7.24 0.60 -57.44
C PRO U 76 -7.92 -0.71 -57.79
N TRP U 77 -7.32 -1.79 -57.30
CA TRP U 77 -7.94 -3.13 -57.27
C TRP U 77 -9.34 -3.12 -56.69
N ALA U 78 -9.60 -2.17 -55.80
CA ALA U 78 -10.86 -2.05 -55.06
C ALA U 78 -12.00 -1.83 -56.03
N TRP U 79 -11.66 -1.47 -57.26
CA TRP U 79 -12.64 -1.36 -58.34
C TRP U 79 -13.27 -2.71 -58.58
N ILE U 80 -12.41 -3.71 -58.51
CA ILE U 80 -12.84 -5.13 -58.45
C ILE U 80 -13.59 -5.41 -57.17
N TYR U 81 -12.98 -5.05 -56.04
CA TYR U 81 -13.48 -5.26 -54.67
C TYR U 81 -14.56 -4.27 -54.31
N PHE U 82 -15.04 -3.57 -55.32
CA PHE U 82 -16.33 -2.88 -55.28
C PHE U 82 -17.28 -3.52 -56.26
N VAL U 83 -16.76 -3.83 -57.43
CA VAL U 83 -17.45 -4.61 -58.47
C VAL U 83 -17.82 -5.93 -57.84
N SER U 84 -16.95 -6.47 -56.97
CA SER U 84 -17.17 -7.75 -56.24
C SER U 84 -18.44 -7.75 -55.39
N PHE U 85 -18.56 -6.70 -54.58
CA PHE U 85 -19.73 -6.56 -53.67
C PHE U 85 -21.02 -6.45 -54.48
N ILE U 86 -20.91 -5.68 -55.52
CA ILE U 86 -21.96 -5.48 -56.56
C ILE U 86 -22.22 -6.79 -57.29
N LEU U 87 -21.13 -7.46 -57.66
CA LEU U 87 -21.24 -8.71 -58.43
C LEU U 87 -21.89 -9.77 -57.57
N VAL U 88 -21.38 -9.90 -56.35
CA VAL U 88 -21.90 -10.90 -55.41
C VAL U 88 -23.36 -10.63 -55.09
N SER U 89 -23.70 -9.38 -54.73
CA SER U 89 -25.10 -9.03 -54.42
C SER U 89 -26.06 -9.40 -55.53
N SER U 90 -25.86 -8.91 -56.73
CA SER U 90 -26.85 -9.12 -57.80
C SER U 90 -27.02 -10.63 -58.04
N PHE U 91 -25.88 -11.32 -58.21
CA PHE U 91 -25.85 -12.77 -58.48
C PHE U 91 -26.71 -13.48 -57.47
N THR U 92 -26.57 -13.01 -56.24
CA THR U 92 -27.37 -13.60 -55.13
C THR U 92 -28.86 -13.26 -55.22
N VAL U 93 -29.13 -11.96 -55.21
CA VAL U 93 -30.45 -11.41 -54.75
C VAL U 93 -31.43 -11.64 -55.87
N LEU U 94 -30.98 -11.43 -57.09
CA LEU U 94 -31.82 -11.67 -58.27
C LEU U 94 -32.38 -13.08 -58.22
N ASN U 95 -31.48 -14.06 -58.06
CA ASN U 95 -31.80 -15.49 -58.27
C ASN U 95 -32.72 -15.85 -57.16
N LEU U 96 -32.46 -15.30 -55.98
CA LEU U 96 -33.34 -15.64 -54.84
C LEU U 96 -34.73 -15.14 -55.16
N PHE U 97 -34.77 -14.00 -55.84
CA PHE U 97 -36.04 -13.41 -56.30
C PHE U 97 -36.54 -14.19 -57.50
N ILE U 98 -35.72 -14.39 -58.52
CA ILE U 98 -36.12 -15.09 -59.76
C ILE U 98 -36.67 -16.46 -59.40
N GLY U 99 -35.82 -17.14 -58.64
CA GLY U 99 -36.17 -18.42 -58.06
C GLY U 99 -37.59 -18.42 -57.55
N ILE U 100 -37.96 -17.34 -56.88
CA ILE U 100 -39.30 -17.20 -56.31
C ILE U 100 -40.29 -16.77 -57.38
N ILE U 101 -39.88 -15.91 -58.31
CA ILE U 101 -40.68 -15.51 -59.49
C ILE U 101 -41.15 -16.75 -60.20
N ILE U 102 -40.26 -17.72 -60.29
CA ILE U 102 -40.39 -19.01 -61.00
C ILE U 102 -41.42 -19.86 -60.29
N GLU U 103 -41.23 -19.97 -58.97
CA GLU U 103 -42.15 -20.74 -58.11
C GLU U 103 -43.51 -20.04 -58.09
N SER U 104 -43.47 -18.75 -58.35
CA SER U 104 -44.68 -17.95 -58.45
C SER U 104 -45.35 -18.24 -59.78
N MET U 105 -44.55 -18.30 -60.82
CA MET U 105 -45.00 -18.49 -62.22
C MET U 105 -45.34 -19.95 -62.53
N GLN U 106 -44.73 -20.85 -61.77
CA GLN U 106 -44.89 -22.31 -61.84
C GLN U 106 -46.23 -22.78 -61.28
N SER U 107 -46.76 -22.02 -60.35
CA SER U 107 -48.01 -22.38 -59.64
C SER U 107 -49.23 -22.24 -60.55
N ALA U 108 -49.29 -21.12 -61.28
CA ALA U 108 -50.46 -20.62 -62.00
C ALA U 108 -50.67 -21.38 -63.30
N HIS U 109 -49.60 -21.84 -63.94
CA HIS U 109 -49.65 -22.63 -65.18
C HIS U 109 -50.36 -23.95 -64.88
N HIS U 110 -49.99 -24.63 -63.80
CA HIS U 110 -50.64 -25.88 -63.36
C HIS U 110 -52.10 -25.60 -63.03
N ALA U 111 -52.35 -24.39 -62.56
CA ALA U 111 -53.66 -23.94 -62.09
C ALA U 111 -54.46 -23.56 -63.30
N GLU U 112 -53.88 -22.78 -64.20
CA GLU U 112 -54.51 -22.34 -65.45
C GLU U 112 -55.00 -23.54 -66.23
N ASP U 113 -54.16 -24.56 -66.30
CA ASP U 113 -54.46 -25.81 -67.00
C ASP U 113 -55.31 -26.70 -66.12
N GLY U 114 -55.06 -26.56 -64.80
CA GLY U 114 -55.90 -27.16 -63.74
C GLY U 114 -57.34 -26.71 -63.86
N GLU U 115 -57.50 -25.41 -64.05
CA GLU U 115 -58.79 -24.75 -64.20
C GLU U 115 -59.41 -25.21 -65.51
N ARG U 116 -58.62 -25.30 -66.56
CA ARG U 116 -59.05 -25.78 -67.86
C ARG U 116 -59.20 -27.28 -67.78
N THR U 117 -58.55 -27.97 -66.83
CA THR U 117 -58.60 -29.43 -66.70
C THR U 117 -60.03 -29.87 -66.38
N ASP U 118 -60.69 -29.27 -65.39
CA ASP U 118 -62.07 -29.58 -64.94
C ASP U 118 -63.07 -29.31 -66.04
N ALA U 119 -62.70 -28.43 -66.97
CA ALA U 119 -63.63 -27.86 -67.96
C ALA U 119 -64.03 -28.87 -69.02
N TYR U 120 -63.04 -29.34 -69.74
CA TYR U 120 -63.26 -30.13 -70.96
C TYR U 120 -63.98 -31.41 -70.63
N ARG U 121 -63.77 -31.92 -69.44
CA ARG U 121 -64.45 -33.13 -68.96
C ARG U 121 -65.90 -32.81 -68.71
N ASP U 122 -66.13 -31.60 -68.20
CA ASP U 122 -67.52 -31.19 -67.88
C ASP U 122 -68.35 -31.17 -69.15
N GLU U 123 -67.81 -30.45 -70.12
CA GLU U 123 -68.44 -30.32 -71.44
C GLU U 123 -68.62 -31.68 -72.08
N VAL U 124 -67.73 -32.59 -71.76
CA VAL U 124 -67.85 -34.01 -72.18
C VAL U 124 -68.94 -34.72 -71.41
N LEU U 125 -68.83 -34.59 -70.10
CA LEU U 125 -69.77 -35.15 -69.13
C LEU U 125 -71.13 -34.58 -69.44
N ALA U 126 -71.13 -33.42 -70.08
CA ALA U 126 -72.39 -32.82 -70.54
C ALA U 126 -72.82 -33.46 -71.86
N ARG U 127 -71.88 -33.52 -72.80
CA ARG U 127 -72.21 -34.03 -74.14
C ARG U 127 -72.81 -35.42 -74.04
N LEU U 128 -72.50 -36.13 -72.95
CA LEU U 128 -72.71 -37.59 -72.79
C LEU U 128 -74.15 -37.81 -72.35
N GLU U 129 -74.65 -36.96 -71.46
CA GLU U 129 -76.03 -37.13 -70.99
C GLU U 129 -76.96 -36.40 -71.93
N GLN U 130 -76.34 -35.64 -72.81
CA GLN U 130 -77.02 -34.82 -73.81
C GLN U 130 -77.66 -35.68 -74.89
N ILE U 131 -76.98 -36.78 -75.18
CA ILE U 131 -77.38 -37.72 -76.24
C ILE U 131 -78.51 -38.63 -75.77
N ASP U 132 -78.68 -38.73 -74.47
CA ASP U 132 -79.60 -39.68 -73.83
C ASP U 132 -81.02 -39.19 -73.88
N GLN U 133 -81.22 -37.90 -74.11
CA GLN U 133 -82.54 -37.27 -74.10
C GLN U 133 -82.91 -36.84 -75.49
N ARG U 134 -81.92 -36.39 -76.25
CA ARG U 134 -82.14 -36.06 -77.68
C ARG U 134 -82.36 -37.34 -78.50
N LEU U 135 -81.53 -38.36 -78.25
CA LEU U 135 -81.54 -39.60 -79.08
C LEU U 135 -82.81 -40.35 -78.73
N ASN U 136 -83.24 -40.21 -77.47
CA ASN U 136 -84.51 -40.75 -76.94
C ASN U 136 -85.71 -40.09 -77.62
N LEU V 7 -42.13 -42.60 -49.72
CA LEU V 7 -41.60 -43.12 -48.42
C LEU V 7 -40.07 -43.23 -48.50
N LEU V 8 -39.57 -44.13 -49.35
CA LEU V 8 -38.11 -44.41 -49.52
C LEU V 8 -37.45 -43.28 -50.35
N ARG V 9 -38.23 -42.57 -51.16
CA ARG V 9 -37.75 -41.45 -52.02
C ARG V 9 -37.17 -40.36 -51.12
N ALA V 10 -37.96 -39.88 -50.16
CA ALA V 10 -37.61 -38.77 -49.23
C ALA V 10 -36.53 -39.23 -48.24
N ILE V 11 -36.37 -40.54 -48.02
CA ILE V 11 -35.40 -41.12 -47.02
C ILE V 11 -34.01 -40.54 -47.27
N PRO V 12 -33.48 -40.67 -48.51
CA PRO V 12 -32.19 -40.07 -48.85
C PRO V 12 -32.13 -38.55 -48.61
N GLY V 13 -33.19 -37.84 -48.97
CA GLY V 13 -33.33 -36.37 -48.81
C GLY V 13 -32.82 -35.86 -47.48
N ILE V 14 -33.27 -36.42 -46.36
CA ILE V 14 -32.91 -36.00 -44.97
C ILE V 14 -31.42 -36.30 -44.71
N ALA V 15 -30.91 -37.41 -45.28
CA ALA V 15 -29.51 -37.89 -45.09
C ALA V 15 -28.52 -36.83 -45.57
N TRP V 16 -28.71 -36.33 -46.79
CA TRP V 16 -27.89 -35.24 -47.41
C TRP V 16 -28.08 -33.94 -46.60
N ILE V 17 -29.31 -33.64 -46.20
CA ILE V 17 -29.68 -32.44 -45.39
C ILE V 17 -28.97 -32.50 -44.04
N ALA V 18 -29.01 -33.66 -43.38
CA ALA V 18 -28.35 -33.90 -42.06
C ALA V 18 -26.84 -33.81 -42.21
N LEU V 19 -26.34 -34.38 -43.30
CA LEU V 19 -24.96 -34.14 -43.71
C LEU V 19 -24.64 -32.65 -43.89
N LEU V 20 -25.55 -31.87 -44.50
CA LEU V 20 -25.37 -30.41 -44.61
C LEU V 20 -25.26 -29.85 -43.20
N LEU V 21 -26.18 -30.32 -42.37
CA LEU V 21 -26.29 -30.01 -40.95
C LEU V 21 -25.07 -30.49 -40.19
N LEU V 22 -24.60 -31.69 -40.51
CA LEU V 22 -23.34 -32.22 -39.94
C LEU V 22 -22.19 -31.26 -40.20
N VAL V 23 -22.02 -30.85 -41.43
CA VAL V 23 -20.90 -30.00 -41.89
C VAL V 23 -21.26 -28.57 -41.55
N ILE V 24 -22.52 -28.30 -41.31
CA ILE V 24 -22.96 -26.98 -40.80
C ILE V 24 -22.43 -26.86 -39.40
N PHE V 25 -22.39 -28.01 -38.73
CA PHE V 25 -21.77 -28.14 -37.41
C PHE V 25 -20.30 -27.86 -37.55
N TYR V 26 -19.66 -28.60 -38.46
CA TYR V 26 -18.20 -28.52 -38.68
C TYR V 26 -17.77 -27.08 -38.92
N VAL V 27 -18.57 -26.34 -39.68
CA VAL V 27 -18.44 -24.89 -39.90
C VAL V 27 -18.55 -24.10 -38.59
N PHE V 28 -19.68 -24.25 -37.94
CA PHE V 28 -19.98 -23.40 -36.74
C PHE V 28 -19.01 -23.79 -35.65
N ALA V 29 -18.43 -24.98 -35.78
CA ALA V 29 -17.40 -25.42 -34.80
C ALA V 29 -16.06 -24.73 -35.04
N VAL V 30 -15.71 -24.76 -36.31
CA VAL V 30 -14.59 -23.97 -36.90
C VAL V 30 -14.90 -22.51 -36.63
N MET V 31 -16.15 -22.09 -36.71
CA MET V 31 -16.51 -20.68 -36.41
C MET V 31 -16.27 -20.39 -34.93
N GLY V 32 -16.90 -21.17 -34.05
CA GLY V 32 -16.98 -20.83 -32.61
C GLY V 32 -15.63 -20.85 -31.93
N THR V 33 -14.91 -21.93 -32.16
CA THR V 33 -13.77 -22.36 -31.35
C THR V 33 -12.68 -21.29 -31.38
N LYS V 34 -12.47 -20.75 -32.58
CA LYS V 34 -11.28 -19.99 -32.91
C LYS V 34 -11.32 -18.76 -32.05
N LEU V 35 -12.46 -18.09 -32.08
CA LEU V 35 -12.63 -16.76 -31.50
C LEU V 35 -13.53 -16.79 -30.26
N PHE V 36 -13.49 -17.89 -29.52
CA PHE V 36 -14.22 -17.92 -28.24
C PHE V 36 -13.40 -18.55 -27.12
N ALA V 37 -12.15 -18.83 -27.41
CA ALA V 37 -11.34 -19.71 -26.57
C ALA V 37 -10.71 -18.90 -25.44
N GLN V 38 -9.70 -18.12 -25.83
CA GLN V 38 -8.54 -17.78 -25.01
C GLN V 38 -9.04 -17.17 -23.71
N SER V 39 -10.23 -16.56 -23.70
CA SER V 39 -10.85 -15.97 -22.48
C SER V 39 -11.40 -17.04 -21.56
N PHE V 40 -12.21 -17.91 -22.15
CA PHE V 40 -12.78 -19.05 -21.43
C PHE V 40 -12.46 -20.32 -22.19
N PRO V 41 -11.17 -20.75 -22.19
CA PRO V 41 -10.75 -21.68 -23.22
C PRO V 41 -10.83 -23.13 -22.75
N GLU V 42 -11.65 -23.39 -21.74
CA GLU V 42 -11.72 -24.73 -21.16
C GLU V 42 -12.51 -25.56 -22.15
N TRP V 43 -13.54 -24.93 -22.66
CA TRP V 43 -14.51 -25.62 -23.50
C TRP V 43 -14.69 -24.89 -24.82
N PHE V 44 -13.58 -24.52 -25.42
CA PHE V 44 -13.63 -23.83 -26.70
C PHE V 44 -12.32 -24.00 -27.43
N GLY V 45 -11.62 -25.06 -27.08
CA GLY V 45 -10.31 -25.29 -27.68
C GLY V 45 -10.44 -26.07 -28.95
N THR V 46 -11.13 -27.20 -28.80
CA THR V 46 -11.42 -28.16 -29.84
C THR V 46 -12.84 -27.87 -30.32
N LEU V 47 -13.01 -28.20 -31.59
CA LEU V 47 -14.31 -28.28 -32.29
C LEU V 47 -15.24 -29.17 -31.52
N GLY V 48 -14.74 -30.14 -30.79
CA GLY V 48 -15.57 -30.94 -29.89
C GLY V 48 -16.57 -30.15 -29.09
N ALA V 49 -16.25 -28.91 -28.83
CA ALA V 49 -16.95 -27.95 -27.97
C ALA V 49 -18.28 -27.60 -28.60
N SER V 50 -18.32 -27.72 -29.91
CA SER V 50 -19.55 -27.53 -30.72
C SER V 50 -20.53 -28.66 -30.50
N MET V 51 -19.99 -29.89 -30.45
CA MET V 51 -20.83 -31.01 -30.00
C MET V 51 -21.31 -30.76 -28.58
N TYR V 52 -20.42 -30.29 -27.77
CA TYR V 52 -20.72 -29.90 -26.41
C TYR V 52 -21.79 -28.84 -26.49
N THR V 53 -21.57 -27.92 -27.36
CA THR V 53 -22.49 -26.83 -27.67
C THR V 53 -23.84 -27.34 -28.11
N LEU V 54 -23.84 -28.30 -28.99
CA LEU V 54 -25.10 -29.04 -29.26
C LEU V 54 -25.75 -29.64 -28.04
N PHE V 55 -24.92 -30.34 -27.33
CA PHE V 55 -25.25 -31.11 -26.12
C PHE V 55 -25.71 -30.09 -25.15
N GLN V 56 -24.99 -28.98 -25.09
CA GLN V 56 -25.37 -27.79 -24.33
C GLN V 56 -26.79 -27.38 -24.65
N VAL V 57 -27.09 -27.22 -25.93
CA VAL V 57 -28.42 -26.78 -26.38
C VAL V 57 -29.48 -27.82 -26.13
N MET V 58 -29.10 -29.06 -26.37
CA MET V 58 -29.90 -30.24 -26.03
C MET V 58 -30.18 -30.22 -24.53
N THR V 59 -29.17 -29.84 -23.76
CA THR V 59 -29.25 -29.78 -22.29
C THR V 59 -29.71 -28.41 -21.82
N LEU V 60 -30.22 -27.60 -22.74
CA LEU V 60 -30.75 -26.27 -22.41
C LEU V 60 -29.70 -25.52 -21.60
N GLU V 61 -28.56 -25.32 -22.24
CA GLU V 61 -27.30 -24.93 -21.58
C GLU V 61 -27.55 -23.93 -20.46
N SER V 62 -27.78 -22.66 -20.83
CA SER V 62 -27.91 -21.54 -19.88
C SER V 62 -26.71 -21.55 -18.94
N TRP V 63 -25.59 -22.02 -19.47
CA TRP V 63 -24.29 -22.08 -18.78
C TRP V 63 -23.28 -21.32 -19.64
N SER V 64 -23.48 -21.33 -20.95
CA SER V 64 -22.99 -20.31 -21.90
C SER V 64 -23.66 -18.99 -21.63
N MET V 65 -24.69 -18.91 -20.78
CA MET V 65 -25.23 -17.65 -20.26
C MET V 65 -24.07 -17.03 -19.54
N GLY V 66 -23.43 -17.81 -18.69
CA GLY V 66 -22.11 -17.48 -18.15
C GLY V 66 -21.14 -16.95 -19.16
N ILE V 67 -20.90 -17.74 -20.21
CA ILE V 67 -20.04 -17.37 -21.35
C ILE V 67 -20.62 -16.20 -22.10
N ALA V 68 -21.94 -16.11 -22.07
CA ALA V 68 -22.65 -14.96 -22.63
C ALA V 68 -22.40 -13.71 -21.79
N ARG V 69 -22.39 -13.85 -20.47
CA ARG V 69 -21.89 -12.81 -19.59
C ARG V 69 -20.41 -12.62 -19.91
N PRO V 70 -19.68 -13.73 -20.16
CA PRO V 70 -18.30 -13.57 -20.59
C PRO V 70 -18.10 -13.02 -21.99
N VAL V 71 -19.04 -13.27 -22.88
CA VAL V 71 -19.07 -12.64 -24.22
C VAL V 71 -19.39 -11.14 -24.04
N ILE V 72 -20.35 -10.78 -23.17
CA ILE V 72 -20.55 -9.37 -22.77
C ILE V 72 -19.26 -8.78 -22.16
N GLU V 73 -18.34 -9.65 -21.71
CA GLU V 73 -17.06 -9.24 -21.14
C GLU V 73 -15.94 -9.46 -22.14
N ALA V 74 -16.15 -10.32 -23.14
CA ALA V 74 -15.00 -10.91 -23.84
C ALA V 74 -15.21 -10.99 -25.34
N TYR V 75 -16.46 -11.07 -25.80
CA TYR V 75 -16.80 -11.36 -27.21
C TYR V 75 -18.30 -11.19 -27.43
N PRO V 76 -18.77 -9.93 -27.32
CA PRO V 76 -20.20 -9.67 -27.44
C PRO V 76 -20.76 -10.06 -28.80
N TRP V 77 -19.85 -10.16 -29.76
CA TRP V 77 -20.10 -10.81 -31.08
C TRP V 77 -20.74 -12.19 -30.93
N ALA V 78 -20.46 -12.85 -29.81
CA ALA V 78 -20.92 -14.21 -29.54
C ALA V 78 -22.43 -14.26 -29.53
N TRP V 79 -23.05 -13.09 -29.45
CA TRP V 79 -24.50 -12.95 -29.59
C TRP V 79 -24.92 -13.41 -30.97
N ILE V 80 -24.09 -13.07 -31.93
CA ILE V 80 -24.15 -13.62 -33.29
C ILE V 80 -23.81 -15.11 -33.28
N TYR V 81 -22.68 -15.44 -32.67
CA TYR V 81 -22.13 -16.80 -32.57
C TYR V 81 -22.85 -17.63 -31.52
N PHE V 82 -23.97 -17.11 -31.08
CA PHE V 82 -25.01 -17.88 -30.39
C PHE V 82 -26.26 -17.92 -31.26
N VAL V 83 -26.58 -16.76 -31.80
CA VAL V 83 -27.65 -16.61 -32.81
C VAL V 83 -27.30 -17.53 -33.97
N SER V 84 -26.01 -17.68 -34.27
CA SER V 84 -25.51 -18.58 -35.35
C SER V 84 -25.91 -20.04 -35.18
N PHE V 85 -25.65 -20.55 -33.97
CA PHE V 85 -25.98 -21.95 -33.64
C PHE V 85 -27.48 -22.19 -33.72
N ILE V 86 -28.19 -21.21 -33.22
CA ILE V 86 -29.69 -21.11 -33.29
C ILE V 86 -30.11 -20.95 -34.74
N LEU V 87 -29.43 -20.07 -35.45
CA LEU V 87 -29.77 -19.79 -36.85
C LEU V 87 -29.55 -21.03 -37.69
N VAL V 88 -28.37 -21.62 -37.52
CA VAL V 88 -28.01 -22.83 -38.28
C VAL V 88 -28.96 -23.96 -37.96
N SER V 89 -29.20 -24.24 -36.68
CA SER V 89 -30.14 -25.32 -36.28
C SER V 89 -31.50 -25.19 -36.95
N SER V 90 -32.18 -24.08 -36.74
CA SER V 90 -33.58 -23.96 -37.24
C SER V 90 -33.59 -24.13 -38.76
N PHE V 91 -32.70 -23.40 -39.44
CA PHE V 91 -32.58 -23.41 -40.93
C PHE V 91 -32.47 -24.84 -41.39
N THR V 92 -31.69 -25.60 -40.63
CA THR V 92 -31.51 -27.04 -40.94
C THR V 92 -32.77 -27.87 -40.70
N VAL V 93 -33.25 -27.83 -39.46
CA VAL V 93 -34.11 -28.92 -38.90
C VAL V 93 -35.50 -28.74 -39.50
N LEU V 94 -35.92 -27.48 -39.58
CA LEU V 94 -37.22 -27.14 -40.15
C LEU V 94 -37.30 -27.74 -41.56
N ASN V 95 -36.32 -27.44 -42.38
CA ASN V 95 -36.36 -27.69 -43.84
C ASN V 95 -36.33 -29.19 -43.98
N LEU V 96 -35.57 -29.86 -43.14
CA LEU V 96 -35.52 -31.33 -43.24
C LEU V 96 -36.90 -31.86 -42.96
N PHE V 97 -37.59 -31.19 -42.04
CA PHE V 97 -38.98 -31.53 -41.69
C PHE V 97 -39.90 -31.03 -42.82
N ILE V 98 -39.80 -29.76 -43.18
CA ILE V 98 -40.66 -29.15 -44.22
C ILE V 98 -40.54 -29.95 -45.49
N GLY V 99 -39.29 -30.10 -45.87
CA GLY V 99 -38.92 -30.95 -46.98
C GLY V 99 -39.71 -32.22 -47.01
N ILE V 100 -39.88 -32.81 -45.84
CA ILE V 100 -40.64 -34.06 -45.72
C ILE V 100 -42.13 -33.77 -45.70
N ILE V 101 -42.56 -32.69 -45.06
CA ILE V 101 -43.97 -32.22 -45.08
C ILE V 101 -44.42 -32.10 -46.51
N ILE V 102 -43.53 -31.61 -47.35
CA ILE V 102 -43.72 -31.28 -48.78
C ILE V 102 -43.88 -32.57 -49.55
N GLU V 103 -42.97 -33.51 -49.31
CA GLU V 103 -43.00 -34.84 -49.95
C GLU V 103 -44.24 -35.58 -49.47
N SER V 104 -44.69 -35.19 -48.28
CA SER V 104 -45.90 -35.76 -47.70
C SER V 104 -47.10 -35.15 -48.42
N MET V 105 -47.05 -33.85 -48.62
CA MET V 105 -48.13 -33.04 -49.22
C MET V 105 -48.19 -33.16 -50.74
N GLN V 106 -47.06 -33.50 -51.32
CA GLN V 106 -46.81 -33.70 -52.76
C GLN V 106 -47.40 -35.00 -53.28
N SER V 107 -47.55 -35.98 -52.39
CA SER V 107 -48.04 -37.33 -52.75
C SER V 107 -49.52 -37.32 -53.15
N ALA V 108 -50.33 -36.65 -52.33
CA ALA V 108 -51.80 -36.70 -52.41
C ALA V 108 -52.34 -35.85 -53.57
N HIS V 109 -51.68 -34.75 -53.78
CA HIS V 109 -52.13 -33.64 -54.63
C HIS V 109 -52.13 -34.11 -56.06
N HIS V 110 -51.04 -34.76 -56.46
CA HIS V 110 -50.73 -35.29 -57.79
C HIS V 110 -51.94 -35.74 -58.60
N ALA V 111 -52.30 -38.17 -56.27
CA ALA V 111 -53.25 -39.19 -55.81
C ALA V 111 -54.66 -38.65 -56.01
N GLU V 112 -54.89 -37.41 -55.62
CA GLU V 112 -56.18 -36.71 -55.82
C GLU V 112 -56.53 -36.71 -57.30
N ASP V 113 -55.54 -36.46 -58.14
CA ASP V 113 -55.66 -36.45 -59.62
C ASP V 113 -55.67 -37.89 -60.10
N GLY V 114 -54.90 -38.74 -59.42
CA GLY V 114 -54.88 -40.19 -59.62
C GLY V 114 -56.26 -40.78 -59.42
N GLU V 115 -56.90 -40.34 -58.35
CA GLU V 115 -58.26 -40.74 -57.99
C GLU V 115 -59.23 -40.23 -59.05
N ARG V 116 -59.05 -38.99 -59.46
CA ARG V 116 -59.82 -38.34 -60.52
C ARG V 116 -59.41 -38.92 -61.85
N THR V 117 -58.22 -39.50 -61.96
CA THR V 117 -57.70 -40.08 -63.23
C THR V 117 -58.58 -41.24 -63.69
N ASP V 118 -58.87 -42.20 -62.80
CA ASP V 118 -59.67 -43.41 -63.08
C ASP V 118 -61.11 -43.02 -63.44
N ALA V 119 -61.54 -41.85 -63.00
CA ALA V 119 -62.94 -41.40 -63.02
C ALA V 119 -63.41 -41.08 -64.43
N TYR V 120 -62.75 -40.12 -65.06
CA TYR V 120 -63.19 -39.49 -66.30
C TYR V 120 -63.25 -40.55 -67.40
N ARG V 121 -62.38 -41.54 -67.31
CA ARG V 121 -62.34 -42.64 -68.29
C ARG V 121 -63.54 -43.53 -68.05
N ASP V 122 -63.90 -43.70 -66.78
CA ASP V 122 -65.05 -44.57 -66.43
C ASP V 122 -66.33 -44.00 -67.05
N GLU V 123 -66.53 -42.72 -66.77
CA GLU V 123 -67.69 -41.97 -67.27
C GLU V 123 -67.69 -42.00 -68.79
N VAL V 124 -66.50 -42.07 -69.38
CA VAL V 124 -66.34 -42.21 -70.84
C VAL V 124 -66.65 -43.64 -71.26
N LEU V 125 -66.01 -44.58 -70.57
CA LEU V 125 -66.21 -46.01 -70.77
C LEU V 125 -67.68 -46.30 -70.53
N ALA V 126 -68.34 -45.45 -69.77
CA ALA V 126 -69.79 -45.56 -69.56
C ALA V 126 -70.52 -44.97 -70.76
N ARG V 127 -70.14 -43.75 -71.12
CA ARG V 127 -70.77 -42.98 -72.21
C ARG V 127 -70.51 -43.62 -73.56
N LEU V 128 -69.82 -44.76 -73.59
CA LEU V 128 -69.46 -45.47 -74.83
C LEU V 128 -70.43 -46.62 -75.02
N GLU V 129 -70.74 -47.33 -73.94
CA GLU V 129 -71.66 -48.48 -74.03
C GLU V 129 -73.08 -47.96 -73.90
N GLN V 130 -73.18 -46.68 -73.54
CA GLN V 130 -74.48 -46.02 -73.31
C GLN V 130 -75.19 -45.78 -74.64
N ILE V 131 -74.40 -45.56 -75.67
CA ILE V 131 -74.87 -45.09 -76.99
C ILE V 131 -75.48 -46.25 -77.78
N ASP V 132 -75.26 -47.50 -77.37
CA ASP V 132 -75.88 -48.72 -77.95
C ASP V 132 -77.32 -48.86 -77.38
N LEU W 7 -32.45 -42.17 -68.68
CA LEU W 7 -31.15 -42.85 -68.91
C LEU W 7 -30.01 -41.83 -68.81
N LEU W 8 -29.96 -40.89 -69.77
CA LEU W 8 -28.90 -39.84 -69.87
C LEU W 8 -29.15 -38.73 -68.83
N ARG W 9 -30.39 -38.57 -68.39
CA ARG W 9 -30.80 -37.56 -67.38
C ARG W 9 -30.04 -37.81 -66.07
N ALA W 10 -30.15 -39.04 -65.55
CA ALA W 10 -29.56 -39.48 -64.26
C ALA W 10 -28.03 -39.56 -64.37
N ILE W 11 -27.49 -39.70 -65.59
CA ILE W 11 -26.03 -39.87 -65.86
C ILE W 11 -25.25 -38.78 -65.14
N PRO W 12 -25.57 -37.49 -65.39
CA PRO W 12 -24.90 -36.39 -64.69
C PRO W 12 -25.01 -36.48 -63.16
N GLY W 13 -26.20 -36.83 -62.66
CA GLY W 13 -26.51 -36.94 -61.22
C GLY W 13 -25.42 -37.65 -60.43
N ILE W 14 -25.01 -38.84 -60.86
CA ILE W 14 -23.99 -39.70 -60.18
C ILE W 14 -22.61 -39.03 -60.25
N ALA W 15 -22.32 -38.32 -61.34
CA ALA W 15 -21.01 -37.66 -61.62
C ALA W 15 -20.71 -36.64 -60.52
N TRP W 16 -21.66 -35.74 -60.24
CA TRP W 16 -21.57 -34.72 -59.16
C TRP W 16 -21.49 -35.42 -57.80
N ILE W 17 -22.31 -36.46 -57.58
CA ILE W 17 -22.38 -37.27 -56.33
C ILE W 17 -21.02 -37.93 -56.10
N ALA W 18 -20.45 -38.55 -57.14
CA ALA W 18 -19.13 -39.24 -57.10
C ALA W 18 -18.01 -38.22 -56.84
N LEU W 19 -18.14 -37.09 -57.51
CA LEU W 19 -17.30 -35.92 -57.16
C LEU W 19 -17.43 -35.52 -55.68
N LEU W 20 -18.65 -35.52 -55.13
CA LEU W 20 -18.86 -35.27 -53.68
C LEU W 20 -18.07 -36.30 -52.91
N LEU W 21 -18.24 -37.54 -53.36
CA LEU W 21 -17.58 -38.74 -52.85
C LEU W 21 -16.09 -38.67 -53.06
N LEU W 22 -15.66 -38.19 -54.23
CA LEU W 22 -14.23 -37.96 -54.51
C LEU W 22 -13.63 -37.03 -53.47
N VAL W 23 -14.28 -35.91 -53.23
CA VAL W 23 -13.78 -34.84 -52.33
C VAL W 23 -14.15 -35.26 -50.93
N ILE W 24 -15.07 -36.17 -50.78
CA ILE W 24 -15.40 -36.76 -49.46
C ILE W 24 -14.19 -37.57 -49.07
N PHE W 25 -13.57 -38.17 -50.09
CA PHE W 25 -12.31 -38.88 -49.93
C PHE W 25 -11.26 -37.90 -49.51
N TYR W 26 -11.10 -36.83 -50.29
CA TYR W 26 -10.07 -35.81 -50.07
C TYR W 26 -10.13 -35.28 -48.63
N VAL W 27 -11.33 -35.08 -48.14
CA VAL W 27 -11.62 -34.74 -46.73
C VAL W 27 -11.13 -35.83 -45.77
N PHE W 28 -11.65 -37.03 -45.94
CA PHE W 28 -11.38 -38.12 -44.97
C PHE W 28 -9.91 -38.47 -45.07
N ALA W 29 -9.30 -38.10 -46.18
CA ALA W 29 -7.83 -38.33 -46.35
C ALA W 29 -7.02 -37.34 -45.54
N VAL W 30 -7.42 -36.08 -45.72
CA VAL W 30 -6.99 -34.92 -44.90
C VAL W 30 -7.36 -35.23 -43.46
N MET W 31 -8.51 -35.87 -43.22
CA MET W 31 -8.89 -36.23 -41.82
C MET W 31 -7.92 -37.29 -41.29
N GLY W 32 -7.80 -38.41 -41.99
CA GLY W 32 -7.15 -39.62 -41.44
C GLY W 32 -5.69 -39.43 -41.19
N THR W 33 -5.02 -38.90 -42.22
CA THR W 33 -3.56 -38.98 -42.38
C THR W 33 -2.89 -38.27 -41.21
N LYS W 34 -3.46 -37.13 -40.84
CA LYS W 34 -2.77 -36.14 -40.01
C LYS W 34 -2.57 -36.82 -38.68
N LEU W 35 -3.66 -37.37 -38.16
CA LEU W 35 -3.72 -37.85 -36.79
C LEU W 35 -3.79 -39.36 -36.72
N PHE W 36 -3.19 -40.05 -37.67
CA PHE W 36 -3.11 -41.52 -37.58
C PHE W 36 -1.75 -42.05 -37.95
N ALA W 37 -0.80 -41.15 -38.13
CA ALA W 37 0.48 -41.48 -38.75
C ALA W 37 1.43 -42.03 -37.70
N GLN W 38 1.92 -41.11 -36.87
CA GLN W 38 3.24 -41.16 -36.26
C GLN W 38 3.39 -42.48 -35.52
N SER W 39 2.29 -43.08 -35.07
CA SER W 39 2.29 -44.40 -34.38
C SER W 39 2.52 -45.54 -35.36
N PHE W 40 1.70 -45.54 -36.40
CA PHE W 40 1.82 -46.53 -37.47
C PHE W 40 1.93 -45.79 -38.80
N PRO W 41 3.08 -45.14 -39.05
CA PRO W 41 3.08 -44.11 -40.08
C PRO W 41 3.53 -44.63 -41.42
N GLU W 42 3.43 -45.94 -41.63
CA GLU W 42 3.92 -46.55 -42.87
C GLU W 42 2.91 -46.20 -43.94
N TRP W 43 1.66 -46.30 -43.52
CA TRP W 43 0.54 -46.17 -44.44
C TRP W 43 -0.42 -45.11 -43.96
N PHE W 44 0.10 -43.98 -43.56
CA PHE W 44 -0.74 -42.88 -43.09
C PHE W 44 0.00 -41.58 -43.21
N GLY W 45 0.96 -41.55 -44.11
CA GLY W 45 1.79 -40.35 -44.27
C GLY W 45 1.15 -39.40 -45.24
N THR W 46 0.87 -39.97 -46.41
CA THR W 46 0.27 -39.33 -47.55
C THR W 46 -1.21 -39.68 -47.53
N LEU W 47 -1.97 -38.74 -48.05
CA LEU W 47 -3.41 -38.87 -48.39
C LEU W 47 -3.61 -40.07 -49.28
N GLY W 48 -2.61 -40.45 -50.07
CA GLY W 48 -2.68 -41.70 -50.83
C GLY W 48 -3.22 -42.87 -50.05
N ALA W 49 -3.05 -42.85 -48.75
CA ALA W 49 -3.35 -43.90 -47.77
C ALA W 49 -4.85 -44.09 -47.69
N SER W 50 -5.55 -43.02 -48.00
CA SER W 50 -7.03 -43.01 -48.09
C SER W 50 -7.52 -43.79 -49.29
N MET W 51 -6.82 -43.61 -50.41
CA MET W 51 -7.07 -44.49 -51.55
C MET W 51 -6.76 -45.94 -51.16
N TYR W 52 -5.68 -46.10 -50.47
CA TYR W 52 -5.27 -47.37 -49.93
C TYR W 52 -6.39 -47.84 -49.04
N THR W 53 -6.84 -46.94 -48.23
CA THR W 53 -7.97 -47.12 -47.33
C THR W 53 -9.23 -47.53 -48.05
N LEU W 54 -9.52 -46.85 -49.12
CA LEU W 54 -10.57 -47.36 -50.03
C LEU W 54 -10.35 -48.77 -50.52
N PHE W 55 -9.14 -48.93 -51.02
CA PHE W 55 -8.64 -50.16 -51.64
C PHE W 55 -8.68 -51.17 -50.55
N GLN W 56 -8.26 -50.77 -49.37
CA GLN W 56 -8.38 -51.54 -48.13
C GLN W 56 -9.79 -52.05 -47.95
N VAL W 57 -10.75 -51.13 -48.02
CA VAL W 57 -12.18 -51.47 -47.81
C VAL W 57 -12.73 -52.32 -48.92
N MET W 58 -12.31 -51.98 -50.14
CA MET W 58 -12.58 -52.77 -51.33
C MET W 58 -12.00 -54.16 -51.13
N THR W 59 -10.83 -54.23 -50.52
CA THR W 59 -10.11 -55.50 -50.26
C THR W 59 -10.49 -56.06 -48.90
N LEU W 60 -11.54 -55.54 -48.31
CA LEU W 60 -12.04 -56.03 -47.01
C LEU W 60 -10.87 -56.08 -46.03
N GLU W 61 -10.32 -54.90 -45.79
CA GLU W 61 -9.00 -54.71 -45.17
C GLU W 61 -8.73 -55.74 -44.08
N SER W 62 -9.32 -55.55 -42.91
CA SER W 62 -9.06 -56.36 -41.70
C SER W 62 -7.55 -56.44 -41.49
N TRP W 63 -6.87 -55.36 -41.86
CA TRP W 63 -5.43 -55.15 -41.71
C TRP W 63 -5.24 -53.86 -40.92
N SER W 64 -6.17 -52.91 -41.08
CA SER W 64 -6.49 -51.85 -40.10
C SER W 64 -7.07 -52.47 -38.84
N MET W 65 -7.40 -53.77 -38.81
CA MET W 65 -7.70 -54.51 -37.57
C MET W 65 -6.45 -54.38 -36.76
N GLY W 66 -5.33 -54.69 -37.39
CA GLY W 66 -4.01 -54.33 -36.85
C GLY W 66 -3.91 -52.93 -36.30
N ILE W 67 -4.22 -51.97 -37.16
CA ILE W 67 -4.28 -50.52 -36.79
C ILE W 67 -5.35 -50.27 -35.76
N ALA W 68 -6.39 -51.10 -35.83
CA ALA W 68 -7.46 -51.07 -34.83
C ALA W 68 -6.95 -51.59 -33.49
N ARG W 69 -6.13 -52.64 -33.51
CA ARG W 69 -5.37 -53.05 -32.33
C ARG W 69 -4.42 -51.90 -32.01
N PRO W 70 -3.82 -51.26 -33.04
CA PRO W 70 -3.01 -50.09 -32.76
C PRO W 70 -3.77 -48.85 -32.31
N VAL W 71 -5.00 -48.70 -32.74
CA VAL W 71 -5.92 -47.66 -32.24
C VAL W 71 -6.28 -47.98 -30.79
N ILE W 72 -6.58 -49.25 -30.46
CA ILE W 72 -6.70 -49.70 -29.05
C ILE W 72 -5.41 -49.42 -28.27
N GLU W 73 -4.29 -49.22 -28.98
CA GLU W 73 -3.00 -48.91 -28.37
C GLU W 73 -2.67 -47.43 -28.54
N ALA W 74 -3.31 -46.75 -29.51
CA ALA W 74 -2.73 -45.50 -30.02
C ALA W 74 -3.79 -44.44 -30.25
N TYR W 75 -5.03 -44.82 -30.51
CA TYR W 75 -6.10 -43.89 -30.94
C TYR W 75 -7.44 -44.63 -31.00
N PRO W 76 -7.97 -45.01 -29.82
CA PRO W 76 -9.19 -45.80 -29.78
C PRO W 76 -10.38 -45.08 -30.39
N TRP W 77 -10.26 -43.77 -30.44
CA TRP W 77 -11.14 -42.89 -31.24
C TRP W 77 -11.29 -43.37 -32.69
N ALA W 78 -10.27 -44.05 -33.18
CA ALA W 78 -10.20 -44.52 -34.57
C ALA W 78 -11.33 -45.49 -34.85
N TRP W 79 -11.97 -45.96 -33.80
CA TRP W 79 -13.18 -46.77 -33.90
C TRP W 79 -14.27 -45.95 -34.57
N ILE W 80 -14.31 -44.69 -34.18
CA ILE W 80 -15.09 -43.66 -34.88
C ILE W 80 -14.54 -43.42 -36.29
N TYR W 81 -13.24 -43.18 -36.37
CA TYR W 81 -12.49 -42.87 -37.61
C TYR W 81 -12.23 -44.11 -38.43
N PHE W 82 -12.91 -45.19 -38.05
CA PHE W 82 -13.12 -46.35 -38.91
C PHE W 82 -14.60 -46.47 -39.24
N VAL W 83 -15.41 -46.26 -38.23
CA VAL W 83 -16.88 -46.16 -38.35
C VAL W 83 -17.15 -45.02 -39.32
N SER W 84 -16.33 -43.97 -39.27
CA SER W 84 -16.43 -42.77 -40.16
C SER W 84 -16.31 -43.11 -41.64
N PHE W 85 -15.25 -43.88 -41.96
CA PHE W 85 -14.99 -44.29 -43.36
C PHE W 85 -16.13 -45.15 -43.88
N ILE W 86 -16.58 -46.02 -43.01
CA ILE W 86 -17.76 -46.91 -43.20
C ILE W 86 -19.02 -46.06 -43.30
N LEU W 87 -19.13 -45.11 -42.38
CA LEU W 87 -20.33 -44.24 -42.32
C LEU W 87 -20.40 -43.41 -43.59
N VAL W 88 -19.29 -42.77 -43.90
CA VAL W 88 -19.20 -41.90 -45.08
C VAL W 88 -19.47 -42.69 -46.34
N SER W 89 -18.80 -43.82 -46.53
CA SER W 89 -19.02 -44.66 -47.73
C SER W 89 -20.47 -45.01 -47.95
N SER W 90 -21.12 -45.64 -46.99
CA SER W 90 -22.51 -46.14 -47.22
C SER W 90 -23.40 -44.95 -47.56
N PHE W 91 -23.34 -43.89 -46.73
CA PHE W 91 -24.16 -42.67 -46.88
C PHE W 91 -24.04 -42.17 -48.29
N THR W 92 -22.80 -42.24 -48.78
CA THR W 92 -22.52 -41.80 -50.17
C THR W 92 -23.12 -42.74 -51.22
N VAL W 93 -22.70 -44.00 -51.15
CA VAL W 93 -22.72 -44.92 -52.32
C VAL W 93 -24.17 -45.35 -52.52
N LEU W 94 -24.85 -45.60 -51.42
CA LEU W 94 -26.26 -45.98 -51.46
C LEU W 94 -27.04 -44.93 -52.26
N ASN W 95 -26.90 -43.67 -51.85
CA ASN W 95 -27.76 -42.57 -52.29
C ASN W 95 -27.44 -42.38 -53.75
N LEU W 96 -26.17 -42.52 -54.10
CA LEU W 96 -25.81 -42.33 -55.52
C LEU W 96 -26.51 -43.40 -56.32
N PHE W 97 -26.62 -44.57 -55.71
CA PHE W 97 -27.34 -45.70 -56.32
C PHE W 97 -28.85 -45.45 -56.21
N ILE W 98 -29.35 -45.16 -55.02
CA ILE W 98 -30.79 -44.93 -54.79
C ILE W 98 -31.28 -43.84 -55.72
N GLY W 99 -30.55 -42.75 -55.61
CA GLY W 99 -30.74 -41.62 -56.50
C GLY W 99 -30.99 -42.06 -57.91
N ILE W 100 -30.22 -43.03 -58.35
CA ILE W 100 -30.35 -43.55 -59.73
C ILE W 100 -31.50 -44.54 -59.80
N ILE W 101 -31.71 -45.36 -58.77
CA ILE W 101 -32.89 -46.26 -58.66
C ILE W 101 -34.15 -45.45 -58.90
N ILE W 102 -34.17 -44.27 -58.32
CA ILE W 102 -35.28 -43.31 -58.29
C ILE W 102 -35.52 -42.77 -59.68
N GLU W 103 -34.43 -42.34 -60.31
CA GLU W 103 -34.46 -41.82 -61.69
C GLU W 103 -34.83 -42.94 -62.64
N SER W 104 -34.53 -44.15 -62.19
CA SER W 104 -34.87 -45.36 -62.95
C SER W 104 -36.37 -45.61 -62.78
N MET W 105 -36.83 -45.47 -61.57
CA MET W 105 -38.25 -45.74 -61.17
C MET W 105 -39.19 -44.62 -61.57
N GLN W 106 -38.65 -43.44 -61.68
CA GLN W 106 -39.30 -42.18 -62.07
C GLN W 106 -39.67 -42.13 -63.54
N SER W 107 -38.90 -42.82 -64.35
CA SER W 107 -39.05 -42.80 -65.82
C SER W 107 -40.31 -43.55 -66.26
N ALA W 108 -40.51 -44.73 -65.70
CA ALA W 108 -41.47 -45.75 -66.16
C ALA W 108 -42.90 -45.40 -65.78
N HIS W 109 -43.05 -44.78 -64.62
CA HIS W 109 -44.34 -44.34 -64.06
C HIS W 109 -44.93 -43.30 -65.00
N HIS W 110 -44.13 -42.33 -65.46
CA HIS W 110 -44.58 -41.36 -66.50
C HIS W 110 -44.94 -42.15 -67.76
N ALA W 111 -44.05 -43.06 -68.14
CA ALA W 111 -44.14 -43.85 -69.38
C ALA W 111 -45.40 -44.71 -69.32
N GLU W 112 -45.61 -45.29 -68.15
CA GLU W 112 -46.82 -46.11 -67.92
C GLU W 112 -48.09 -45.29 -68.14
N ASP W 113 -48.04 -44.07 -67.64
CA ASP W 113 -49.12 -43.07 -67.77
C ASP W 113 -49.08 -42.46 -69.16
N GLY W 114 -47.84 -42.35 -69.68
CA GLY W 114 -47.57 -41.93 -71.05
C GLY W 114 -48.22 -42.88 -72.03
N GLU W 115 -48.04 -44.17 -71.76
CA GLU W 115 -48.62 -45.25 -72.54
C GLU W 115 -50.13 -45.19 -72.44
N ARG W 116 -50.64 -45.02 -71.24
CA ARG W 116 -52.05 -44.84 -70.95
C ARG W 116 -52.51 -43.49 -71.45
N THR W 117 -51.62 -42.53 -71.63
CA THR W 117 -51.96 -41.16 -72.10
C THR W 117 -52.58 -41.19 -73.49
N ASP W 118 -51.91 -41.84 -74.43
CA ASP W 118 -52.30 -41.96 -75.85
C ASP W 118 -53.60 -42.73 -75.97
N ALA W 119 -53.92 -43.55 -74.97
CA ALA W 119 -54.99 -44.55 -75.06
C ALA W 119 -56.38 -43.96 -75.02
N TYR W 120 -56.66 -43.24 -73.94
CA TYR W 120 -58.02 -42.79 -73.64
C TYR W 120 -58.57 -41.94 -74.76
N ARG W 121 -57.68 -41.18 -75.38
CA ARG W 121 -58.03 -40.27 -76.47
C ARG W 121 -58.33 -41.11 -77.69
N ASP W 122 -57.57 -42.20 -77.86
CA ASP W 122 -57.78 -43.07 -79.03
C ASP W 122 -59.19 -43.65 -79.00
N GLU W 123 -59.49 -44.24 -77.85
CA GLU W 123 -60.78 -44.88 -77.60
C GLU W 123 -61.89 -43.86 -77.76
N VAL W 124 -61.58 -42.63 -77.49
CA VAL W 124 -62.48 -41.49 -77.68
C VAL W 124 -62.54 -41.13 -79.15
N LEU W 125 -61.38 -40.93 -79.74
CA LEU W 125 -61.23 -40.68 -81.18
C LEU W 125 -61.86 -41.82 -81.94
N ALA W 126 -61.97 -42.96 -81.30
CA ALA W 126 -62.67 -44.12 -81.91
C ALA W 126 -64.18 -43.95 -81.74
N ARG W 127 -64.57 -43.68 -80.49
CA ARG W 127 -65.99 -43.62 -80.15
C ARG W 127 -66.64 -42.52 -80.96
N LEU W 128 -65.87 -41.58 -81.48
CA LEU W 128 -66.38 -40.35 -82.11
C LEU W 128 -66.78 -40.64 -83.54
N GLU W 129 -65.97 -41.44 -84.21
CA GLU W 129 -66.23 -41.72 -85.65
C GLU W 129 -67.14 -42.93 -85.70
N GLN W 130 -67.30 -43.57 -84.53
CA GLN W 130 -68.16 -44.76 -84.42
C GLN W 130 -69.63 -44.42 -84.57
N ILE W 131 -69.97 -43.23 -84.12
CA ILE W 131 -71.34 -42.71 -84.15
C ILE W 131 -71.73 -42.25 -85.55
N ASP W 132 -70.76 -42.00 -86.41
CA ASP W 132 -70.92 -41.27 -87.67
C ASP W 132 -71.42 -42.17 -88.77
N GLN W 133 -71.75 -43.42 -88.46
CA GLN W 133 -72.13 -44.42 -89.48
C GLN W 133 -73.60 -44.72 -89.34
N ARG W 134 -74.04 -44.86 -88.10
CA ARG W 134 -75.42 -45.19 -87.80
C ARG W 134 -76.32 -43.99 -88.01
N LEU W 135 -75.81 -42.92 -88.62
CA LEU W 135 -76.56 -41.69 -88.89
C LEU W 135 -76.23 -41.17 -90.27
N ASN W 136 -74.94 -41.04 -90.56
CA ASN W 136 -74.52 -40.55 -91.90
C ASN W 136 -74.57 -41.71 -92.89
N LEU X 7 -38.98 -20.31 -69.49
CA LEU X 7 -37.96 -20.20 -70.58
C LEU X 7 -36.62 -19.78 -69.98
N LEU X 8 -36.54 -18.57 -69.41
CA LEU X 8 -35.31 -17.99 -68.83
C LEU X 8 -35.07 -18.57 -67.43
N ARG X 9 -35.57 -19.77 -67.16
CA ARG X 9 -35.40 -20.50 -65.88
C ARG X 9 -33.89 -20.73 -65.64
N ALA X 10 -33.23 -21.36 -66.61
CA ALA X 10 -31.79 -21.74 -66.55
C ALA X 10 -30.90 -20.48 -66.60
N ILE X 11 -31.41 -19.36 -67.13
CA ILE X 11 -30.64 -18.09 -67.33
C ILE X 11 -29.95 -17.71 -66.01
N PRO X 12 -30.70 -17.58 -64.90
CA PRO X 12 -30.07 -17.28 -63.61
C PRO X 12 -29.03 -18.33 -63.17
N GLY X 13 -29.36 -19.61 -63.36
CA GLY X 13 -28.50 -20.76 -62.98
C GLY X 13 -27.05 -20.56 -63.44
N ILE X 14 -26.91 -20.30 -64.74
CA ILE X 14 -25.63 -20.38 -65.52
C ILE X 14 -24.71 -19.24 -65.06
N ALA X 15 -25.25 -18.07 -64.72
CA ALA X 15 -24.49 -16.85 -64.33
C ALA X 15 -23.60 -17.15 -63.11
N TRP X 16 -24.17 -17.70 -62.05
CA TRP X 16 -23.46 -18.13 -60.81
C TRP X 16 -22.46 -19.25 -61.14
N ILE X 17 -22.89 -20.21 -61.98
CA ILE X 17 -22.06 -21.37 -62.43
C ILE X 17 -20.85 -20.86 -63.21
N ALA X 18 -21.09 -19.93 -64.14
CA ALA X 18 -20.03 -19.31 -64.98
C ALA X 18 -19.08 -18.48 -64.11
N LEU X 19 -19.67 -17.77 -63.16
CA LEU X 19 -18.87 -17.14 -62.09
C LEU X 19 -18.02 -18.16 -61.33
N LEU X 20 -18.57 -19.34 -61.02
CA LEU X 20 -17.77 -20.43 -60.39
C LEU X 20 -16.62 -20.76 -61.32
N LEU X 21 -16.99 -20.91 -62.58
CA LEU X 21 -16.11 -21.18 -63.71
C LEU X 21 -15.14 -20.03 -63.93
N LEU X 22 -15.61 -18.80 -63.81
CA LEU X 22 -14.74 -17.61 -63.87
C LEU X 22 -13.65 -17.70 -62.82
N VAL X 23 -14.01 -17.99 -61.58
CA VAL X 23 -13.09 -18.00 -60.44
C VAL X 23 -12.39 -19.35 -60.44
N ILE X 24 -12.96 -20.32 -61.15
CA ILE X 24 -12.29 -21.62 -61.37
C ILE X 24 -11.10 -21.33 -62.25
N PHE X 25 -11.31 -20.37 -63.15
CA PHE X 25 -10.23 -19.85 -64.00
C PHE X 25 -9.19 -19.20 -63.11
N TYR X 26 -9.66 -18.25 -62.31
CA TYR X 26 -8.80 -17.41 -61.44
C TYR X 26 -7.89 -18.28 -60.60
N VAL X 27 -8.44 -19.39 -60.07
CA VAL X 27 -7.66 -20.26 -59.13
C VAL X 27 -6.52 -20.97 -59.88
N PHE X 28 -6.91 -21.68 -60.93
CA PHE X 28 -5.97 -22.54 -61.68
C PHE X 28 -4.92 -21.64 -62.33
N ALA X 29 -5.29 -20.39 -62.48
CA ALA X 29 -4.39 -19.39 -63.12
C ALA X 29 -3.34 -18.94 -62.14
N VAL X 30 -3.84 -18.63 -60.94
CA VAL X 30 -3.05 -18.04 -59.86
C VAL X 30 -1.99 -19.06 -59.48
N MET X 31 -2.29 -20.34 -59.49
CA MET X 31 -1.23 -21.35 -59.16
C MET X 31 -0.24 -21.41 -60.33
N GLY X 32 -0.79 -21.67 -61.53
CA GLY X 32 0.01 -22.12 -62.70
C GLY X 32 1.02 -21.11 -63.16
N THR X 33 0.60 -19.85 -63.15
CA THR X 33 1.31 -18.75 -63.78
C THR X 33 2.70 -18.59 -63.26
N LYS X 34 2.91 -18.79 -61.96
CA LYS X 34 4.28 -18.80 -61.45
C LYS X 34 4.90 -20.06 -62.04
N LEU X 35 4.24 -21.17 -61.83
CA LEU X 35 4.92 -22.48 -61.80
C LEU X 35 5.56 -22.83 -63.12
N PHE X 36 5.28 -22.05 -64.14
CA PHE X 36 5.76 -22.32 -65.50
C PHE X 36 6.31 -21.09 -66.17
N ALA X 37 6.66 -20.12 -65.34
CA ALA X 37 7.23 -18.85 -65.82
C ALA X 37 8.70 -18.99 -66.17
N GLN X 38 9.51 -19.09 -65.13
CA GLN X 38 10.88 -18.58 -65.10
C GLN X 38 11.66 -19.17 -66.27
N SER X 39 11.25 -20.34 -66.77
CA SER X 39 11.87 -20.99 -67.96
C SER X 39 11.47 -20.30 -69.25
N PHE X 40 10.17 -20.15 -69.41
CA PHE X 40 9.60 -19.45 -70.57
C PHE X 40 8.68 -18.34 -70.07
N PRO X 41 9.24 -17.28 -69.48
CA PRO X 41 8.43 -16.41 -68.65
C PRO X 41 7.92 -15.22 -69.42
N GLU X 42 7.74 -15.37 -70.72
CA GLU X 42 7.27 -14.29 -71.58
C GLU X 42 5.80 -14.12 -71.27
N TRP X 43 5.15 -15.26 -71.11
CA TRP X 43 3.70 -15.28 -70.97
C TRP X 43 3.29 -16.01 -69.71
N PHE X 44 3.95 -15.68 -68.61
CA PHE X 44 3.49 -16.16 -67.30
C PHE X 44 3.93 -15.20 -66.23
N GLY X 45 4.12 -13.96 -66.62
CA GLY X 45 4.58 -12.95 -65.68
C GLY X 45 3.45 -12.32 -64.95
N THR X 46 2.49 -11.87 -65.75
CA THR X 46 1.25 -11.23 -65.36
C THR X 46 0.15 -12.29 -65.40
N LEU X 47 -0.83 -12.05 -64.58
CA LEU X 47 -2.15 -12.73 -64.56
C LEU X 47 -2.77 -12.70 -65.93
N GLY X 48 -2.48 -11.68 -66.73
CA GLY X 48 -2.90 -11.64 -68.12
C GLY X 48 -2.72 -12.95 -68.87
N ALA X 49 -1.78 -13.74 -68.42
CA ALA X 49 -1.29 -15.01 -69.00
C ALA X 49 -2.40 -16.04 -68.93
N SER X 50 -3.33 -15.82 -68.00
CA SER X 50 -4.44 -16.76 -67.75
C SER X 50 -5.45 -16.82 -68.91
N MET X 51 -5.76 -15.61 -69.38
CA MET X 51 -6.56 -15.39 -70.56
C MET X 51 -6.07 -16.19 -71.74
N TYR X 52 -4.77 -16.26 -71.83
CA TYR X 52 -4.01 -17.03 -72.79
C TYR X 52 -4.67 -18.37 -72.91
N THR X 53 -4.90 -18.99 -71.76
CA THR X 53 -5.51 -20.31 -71.69
C THR X 53 -6.85 -20.35 -72.40
N LEU X 54 -7.68 -19.36 -72.15
CA LEU X 54 -8.87 -19.20 -73.00
C LEU X 54 -8.61 -19.16 -74.50
N PHE X 55 -7.71 -18.26 -74.79
CA PHE X 55 -7.25 -17.88 -76.13
C PHE X 55 -6.66 -19.12 -76.67
N GLN X 56 -5.87 -19.78 -75.83
CA GLN X 56 -5.31 -21.12 -76.11
C GLN X 56 -6.38 -22.07 -76.57
N VAL X 57 -7.47 -22.15 -75.82
CA VAL X 57 -8.58 -23.08 -76.16
C VAL X 57 -9.32 -22.64 -77.42
N MET X 58 -9.55 -21.35 -77.45
CA MET X 58 -10.23 -20.65 -78.55
C MET X 58 -9.44 -20.87 -79.82
N THR X 59 -8.14 -20.79 -79.71
CA THR X 59 -7.22 -20.95 -80.87
C THR X 59 -6.96 -22.41 -81.19
N LEU X 60 -7.49 -23.31 -80.35
CA LEU X 60 -7.03 -24.71 -80.31
C LEU X 60 -5.50 -24.74 -80.26
N GLU X 61 -4.99 -24.21 -79.16
CA GLU X 61 -3.62 -23.71 -78.99
C GLU X 61 -2.63 -24.55 -79.79
N SER X 62 -2.24 -25.70 -79.25
CA SER X 62 -1.15 -26.55 -79.81
C SER X 62 0.07 -25.69 -80.05
N TRP X 63 0.23 -24.70 -79.17
CA TRP X 63 1.35 -23.76 -79.14
C TRP X 63 1.99 -23.86 -77.75
N SER X 64 1.18 -24.18 -76.74
CA SER X 64 1.62 -24.82 -75.47
C SER X 64 2.11 -26.22 -75.75
N MET X 65 1.94 -26.77 -76.95
CA MET X 65 2.62 -28.02 -77.39
C MET X 65 4.07 -27.67 -77.31
N GLY X 66 4.43 -26.54 -77.90
CA GLY X 66 5.73 -25.90 -77.64
C GLY X 66 6.15 -25.88 -76.19
N ILE X 67 5.30 -25.28 -75.37
CA ILE X 67 5.48 -25.22 -73.89
C ILE X 67 5.44 -26.62 -73.29
N ALA X 68 4.69 -27.48 -73.96
CA ALA X 68 4.63 -28.89 -73.57
C ALA X 68 5.96 -29.58 -73.92
N ARG X 69 6.55 -29.25 -75.05
CA ARG X 69 7.93 -29.61 -75.35
C ARG X 69 8.80 -28.90 -74.33
N PRO X 70 8.48 -27.64 -73.98
CA PRO X 70 9.22 -26.99 -72.91
C PRO X 70 8.98 -27.52 -71.51
N VAL X 71 7.80 -28.06 -71.26
CA VAL X 71 7.47 -28.79 -70.02
C VAL X 71 8.26 -30.10 -70.03
N ILE X 72 8.31 -30.84 -71.15
CA ILE X 72 9.24 -31.99 -71.31
C ILE X 72 10.69 -31.57 -71.08
N GLU X 73 10.97 -30.25 -71.19
CA GLU X 73 12.31 -29.71 -70.96
C GLU X 73 12.38 -29.01 -69.61
N ALA X 74 11.22 -28.64 -69.03
CA ALA X 74 11.23 -27.61 -67.99
C ALA X 74 10.29 -27.93 -66.83
N TYR X 75 9.26 -28.72 -67.08
CA TYR X 75 8.18 -28.98 -66.09
C TYR X 75 7.21 -30.02 -66.63
N PRO X 76 7.66 -31.28 -66.73
CA PRO X 76 6.84 -32.31 -67.36
C PRO X 76 5.53 -32.55 -66.63
N TRP X 77 5.53 -32.16 -65.37
CA TRP X 77 4.29 -32.06 -64.56
C TRP X 77 3.21 -31.25 -65.26
N ALA X 78 3.64 -30.31 -66.09
CA ALA X 78 2.74 -29.35 -66.75
C ALA X 78 1.77 -30.09 -67.66
N TRP X 79 2.10 -31.35 -67.92
CA TRP X 79 1.20 -32.23 -68.66
C TRP X 79 -0.08 -32.40 -67.90
N ILE X 80 0.09 -32.51 -66.59
CA ILE X 80 -1.02 -32.43 -65.62
C ILE X 80 -1.63 -31.04 -65.63
N TYR X 81 -0.77 -30.03 -65.47
CA TYR X 81 -1.13 -28.60 -65.38
C TYR X 81 -1.44 -28.02 -66.73
N PHE X 82 -1.60 -28.90 -67.70
CA PHE X 82 -2.29 -28.62 -68.97
C PHE X 82 -3.56 -29.43 -69.05
N VAL X 83 -3.43 -30.68 -68.66
CA VAL X 83 -4.57 -31.60 -68.50
C VAL X 83 -5.51 -30.97 -67.50
N SER X 84 -4.96 -30.28 -66.48
CA SER X 84 -5.76 -29.58 -65.44
C SER X 84 -6.71 -28.52 -65.98
N PHE X 85 -6.14 -27.65 -66.82
CA PHE X 85 -6.93 -26.56 -67.44
C PHE X 85 -8.03 -27.13 -68.33
N ILE X 86 -7.65 -28.15 -69.05
CA ILE X 86 -8.55 -28.97 -69.91
C ILE X 86 -9.55 -29.71 -69.03
N LEU X 87 -9.07 -30.30 -67.96
CA LEU X 87 -9.92 -31.09 -67.05
C LEU X 87 -10.93 -30.17 -66.41
N VAL X 88 -10.43 -29.07 -65.87
CA VAL X 88 -11.30 -28.09 -65.18
C VAL X 88 -12.32 -27.52 -66.15
N SER X 89 -11.89 -27.06 -67.32
CA SER X 89 -12.84 -26.51 -68.32
C SER X 89 -13.98 -27.48 -68.64
N SER X 90 -13.66 -28.65 -69.13
CA SER X 90 -14.69 -29.54 -69.71
C SER X 90 -15.69 -29.88 -68.63
N PHE X 91 -15.23 -30.31 -67.45
CA PHE X 91 -16.13 -30.77 -66.36
C PHE X 91 -17.14 -29.68 -66.08
N THR X 92 -16.61 -28.45 -66.15
CA THR X 92 -17.41 -27.26 -65.84
C THR X 92 -18.44 -27.01 -66.94
N VAL X 93 -17.94 -27.01 -68.15
CA VAL X 93 -18.67 -26.73 -69.40
C VAL X 93 -19.85 -27.64 -69.63
N LEU X 94 -19.63 -28.93 -69.51
CA LEU X 94 -20.67 -29.92 -69.88
C LEU X 94 -21.91 -29.63 -69.02
N ASN X 95 -21.64 -29.57 -67.72
CA ASN X 95 -22.62 -29.52 -66.61
C ASN X 95 -23.60 -28.40 -66.90
N LEU X 96 -23.04 -27.38 -67.52
CA LEU X 96 -23.78 -26.14 -67.79
C LEU X 96 -24.53 -26.35 -69.08
N PHE X 97 -23.87 -26.94 -70.06
CA PHE X 97 -24.44 -27.30 -71.34
C PHE X 97 -25.46 -28.42 -71.24
N ILE X 98 -25.15 -29.54 -70.59
CA ILE X 98 -26.15 -30.59 -70.24
C ILE X 98 -27.30 -29.95 -69.50
N GLY X 99 -26.88 -29.24 -68.47
CA GLY X 99 -27.75 -28.38 -67.68
C GLY X 99 -28.78 -27.71 -68.57
N ILE X 100 -28.31 -27.17 -69.66
CA ILE X 100 -29.14 -26.42 -70.61
C ILE X 100 -29.88 -27.38 -71.51
N ILE X 101 -29.25 -28.48 -71.93
CA ILE X 101 -29.88 -29.57 -72.71
C ILE X 101 -31.15 -29.99 -72.01
N ILE X 102 -31.11 -30.04 -70.70
CA ILE X 102 -32.17 -30.51 -69.81
C ILE X 102 -33.35 -29.56 -69.85
N GLU X 103 -33.01 -28.29 -69.68
CA GLU X 103 -34.01 -27.19 -69.71
C GLU X 103 -34.54 -27.06 -71.12
N SER X 104 -33.73 -27.52 -72.06
CA SER X 104 -34.13 -27.54 -73.47
C SER X 104 -35.10 -28.70 -73.67
N MET X 105 -34.78 -29.82 -73.09
CA MET X 105 -35.54 -31.08 -73.22
C MET X 105 -36.80 -31.12 -72.35
N GLN X 106 -36.76 -30.35 -71.29
CA GLN X 106 -37.82 -30.16 -70.30
C GLN X 106 -39.00 -29.35 -70.83
N SER X 107 -38.70 -28.45 -71.77
CA SER X 107 -39.69 -27.50 -72.30
C SER X 107 -40.70 -28.22 -73.21
N ALA X 108 -40.17 -29.06 -74.08
CA ALA X 108 -40.79 -29.67 -75.25
C ALA X 108 -41.76 -30.77 -74.85
N HIS X 109 -41.48 -31.49 -73.76
CA HIS X 109 -42.38 -32.53 -73.21
C HIS X 109 -43.73 -31.95 -72.86
N HIS X 110 -43.75 -30.80 -72.21
CA HIS X 110 -45.00 -30.12 -71.85
C HIS X 110 -45.72 -29.76 -73.12
N ALA X 111 -44.95 -29.45 -74.16
CA ALA X 111 -45.47 -29.02 -75.45
C ALA X 111 -46.13 -30.20 -76.16
N GLU X 112 -45.44 -31.34 -76.13
CA GLU X 112 -45.96 -32.60 -76.69
C GLU X 112 -47.27 -32.94 -76.02
N ASP X 113 -47.32 -32.75 -74.72
CA ASP X 113 -48.51 -32.97 -73.89
C ASP X 113 -49.47 -31.81 -74.05
N GLY X 114 -48.89 -30.62 -74.21
CA GLY X 114 -49.60 -29.38 -74.53
C GLY X 114 -50.37 -29.51 -75.81
N GLU X 115 -49.70 -30.10 -76.80
CA GLU X 115 -50.30 -30.34 -78.12
C GLU X 115 -51.42 -31.35 -77.98
N ARG X 116 -51.16 -32.38 -77.22
CA ARG X 116 -52.07 -33.47 -76.90
C ARG X 116 -53.13 -32.94 -75.96
N THR X 117 -52.83 -31.91 -75.19
CA THR X 117 -53.79 -31.21 -74.32
C THR X 117 -54.60 -30.31 -75.23
N ASP X 118 -54.08 -29.95 -76.41
CA ASP X 118 -54.68 -29.03 -77.40
C ASP X 118 -55.35 -29.84 -78.49
N ALA X 119 -54.86 -31.04 -78.77
CA ALA X 119 -55.38 -31.85 -79.89
C ALA X 119 -56.74 -32.46 -79.55
N TYR X 120 -56.76 -33.28 -78.52
CA TYR X 120 -57.81 -34.28 -78.33
C TYR X 120 -58.98 -33.58 -77.69
N ARG X 121 -58.99 -32.27 -77.48
CA ARG X 121 -60.24 -31.55 -77.19
C ARG X 121 -60.84 -31.08 -78.51
N ASP X 122 -59.96 -30.59 -79.35
CA ASP X 122 -60.37 -29.90 -80.59
C ASP X 122 -61.09 -30.90 -81.47
N GLU X 123 -60.45 -32.05 -81.66
CA GLU X 123 -61.12 -33.18 -82.29
C GLU X 123 -62.36 -33.56 -81.52
N VAL X 124 -62.24 -33.83 -80.22
CA VAL X 124 -63.44 -34.16 -79.42
C VAL X 124 -64.57 -33.17 -79.64
N LEU X 125 -64.15 -31.93 -79.95
CA LEU X 125 -65.07 -30.81 -80.10
C LEU X 125 -65.47 -30.72 -81.55
N ALA X 126 -64.61 -31.20 -82.44
CA ALA X 126 -64.94 -31.25 -83.86
C ALA X 126 -65.99 -32.33 -84.18
N ARG X 127 -65.81 -33.42 -83.44
CA ARG X 127 -66.68 -34.60 -83.53
C ARG X 127 -67.98 -34.33 -82.79
N LEU X 128 -67.91 -33.59 -81.68
CA LEU X 128 -69.13 -33.30 -80.91
C LEU X 128 -69.99 -32.31 -81.64
N GLU X 129 -69.56 -31.72 -82.73
CA GLU X 129 -70.43 -30.83 -83.50
C GLU X 129 -71.28 -31.67 -84.43
N GLN X 130 -71.01 -32.96 -84.51
CA GLN X 130 -71.65 -33.80 -85.55
C GLN X 130 -72.95 -34.31 -85.02
N ILE X 131 -72.95 -34.70 -83.74
CA ILE X 131 -74.11 -35.41 -83.16
C ILE X 131 -75.34 -34.52 -83.05
N ASP X 132 -75.14 -33.22 -83.00
CA ASP X 132 -76.26 -32.27 -83.07
C ASP X 132 -76.48 -31.88 -84.51
N GLN X 133 -75.44 -32.00 -85.33
CA GLN X 133 -75.61 -31.79 -86.79
C GLN X 133 -76.49 -32.85 -87.39
N ARG X 134 -76.45 -34.05 -86.81
CA ARG X 134 -77.35 -35.16 -87.17
C ARG X 134 -78.80 -34.84 -86.82
N LEU X 135 -79.08 -34.53 -85.57
CA LEU X 135 -80.43 -34.13 -85.15
C LEU X 135 -81.02 -33.07 -86.10
#